data_6UJG
#
_entry.id   6UJG
#
_cell.length_a   98.828
_cell.length_b   138.840
_cell.length_c   177.207
_cell.angle_alpha   90.000
_cell.angle_beta   90.034
_cell.angle_gamma   90.000
#
_symmetry.space_group_name_H-M   'P 1 21 1'
#
loop_
_entity.id
_entity.type
_entity.pdbx_description
1 polymer 'Glutaminase kidney isoform, mitochondrial'
2 non-polymer N-{5-[(3S)-3-{[5-(acetylamino)-1,3,4-thiadiazol-2-yl]amino}pyrrolidin-1-yl]-1,3,4-thiadiazol-2-yl}acetamide
#
_entity_poly.entity_id   1
_entity_poly.type   'polypeptide(L)'
_entity_poly.pdbx_seq_one_letter_code
;LSSSPSEILQELGKGSTHPQPGVSPPAAPAAPGPKDGPGETDAFGNSEGKELVASGENKIKQGLLPSLEDLLFYTIAEGQ
EKIPVHKFITALKSTGLRTSDPRLKECMDMLRLTLQTTSDGVMLDKDLFKKCVQSNIVLLTQAFRRKFVIPDFMSFTSHI
DELYESAKKQSGGKVADYIPQLAKFSPDLWGVSVCTADGQRHSTGDTKVPFCLQSCVKPLKYAIAVNDLGTEYVHRYVGK
EPSGLRFNKLFLNEDDKPHNPMVNAGAIVVTSLIKQGVNNAEKFDYVMQFLNKMAGNEYVGFSNATFQSERESGDRNFAI
GYYLKEKKCFPEGTDMVGILDFYFQLCSIEVTCESASVMAATLANGGFCPITGERVLSPEAVRNTLSLMHSCGMYDFSGQ
FAFHVGLPAKSGVAGGILLVVPNVMGMMCWSPPLDKMGNSVKGIHFCHDLVSLCNFHNYDNLRHFAKKLDPRREGGDQRH
SFGPLDYESLQQELALKETVWKKVSPESNEDISTTVVYRMESLGEKS
;
_entity_poly.pdbx_strand_id   A,B,C,D,E,F,G,H
#
loop_
_chem_comp.id
_chem_comp.type
_chem_comp.name
_chem_comp.formula
Q9A non-polymer N-{5-[(3S)-3-{[5-(acetylamino)-1,3,4-thiadiazol-2-yl]amino}pyrrolidin-1-yl]-1,3,4-thiadiazol-2-yl}acetamide 'C12 H16 N8 O2 S2'
#
# COMPACT_ATOMS: atom_id res chain seq x y z
N PRO A 66 -65.70 35.93 26.59
CA PRO A 66 -64.30 35.57 26.88
C PRO A 66 -63.32 36.56 26.25
N SER A 67 -62.02 36.38 26.46
CA SER A 67 -61.01 37.24 25.86
C SER A 67 -59.65 36.57 25.91
N LEU A 68 -58.97 36.48 24.74
CA LEU A 68 -57.75 35.69 24.60
C LEU A 68 -56.65 36.13 25.57
N GLU A 69 -56.34 37.42 25.57
CA GLU A 69 -55.32 37.96 26.47
C GLU A 69 -55.67 37.66 27.93
N ASP A 70 -56.92 37.93 28.31
CA ASP A 70 -57.38 37.56 29.65
C ASP A 70 -57.07 36.10 29.96
N LEU A 71 -57.47 35.18 29.07
CA LEU A 71 -57.33 33.76 29.38
C LEU A 71 -55.87 33.38 29.52
N LEU A 72 -55.03 33.85 28.59
CA LEU A 72 -53.59 33.68 28.71
C LEU A 72 -53.09 34.31 29.99
N PHE A 73 -53.75 35.36 30.46
CA PHE A 73 -53.31 36.04 31.67
C PHE A 73 -53.39 35.11 32.87
N TYR A 74 -54.48 34.33 32.97
CA TYR A 74 -54.58 33.40 34.10
C TYR A 74 -53.58 32.25 33.95
N THR A 75 -53.44 31.75 32.72
CA THR A 75 -52.49 30.67 32.41
C THR A 75 -51.11 30.90 33.03
N ILE A 76 -50.71 32.18 33.16
CA ILE A 76 -49.43 32.55 33.75
C ILE A 76 -49.60 33.18 35.13
N ALA A 77 -50.79 33.68 35.46
CA ALA A 77 -50.97 34.45 36.69
C ALA A 77 -50.70 33.61 37.94
N GLU A 78 -50.89 32.29 37.86
CA GLU A 78 -50.79 31.39 39.00
C GLU A 78 -51.79 31.80 40.08
N GLY A 79 -53.01 32.13 39.64
CA GLY A 79 -54.06 32.51 40.57
C GLY A 79 -53.82 33.84 41.25
N GLN A 80 -52.62 34.39 41.10
CA GLN A 80 -52.31 35.68 41.69
C GLN A 80 -53.01 36.79 40.88
N GLU A 81 -52.81 38.05 41.29
CA GLU A 81 -53.49 39.18 40.65
C GLU A 81 -52.65 39.88 39.59
N LYS A 82 -51.32 39.74 39.64
CA LYS A 82 -50.40 40.50 38.82
C LYS A 82 -49.14 39.68 38.58
N ILE A 83 -48.65 39.67 37.34
CA ILE A 83 -47.46 38.90 36.95
C ILE A 83 -46.25 39.81 36.92
N PRO A 84 -45.13 39.45 37.57
CA PRO A 84 -43.87 40.13 37.30
C PRO A 84 -43.47 40.02 35.84
N VAL A 85 -42.75 41.03 35.33
CA VAL A 85 -42.32 40.97 33.95
C VAL A 85 -41.37 39.79 33.74
N HIS A 86 -40.34 39.68 34.60
CA HIS A 86 -39.36 38.62 34.41
C HIS A 86 -40.00 37.24 34.55
N LYS A 87 -41.11 37.16 35.29
CA LYS A 87 -41.90 35.94 35.28
C LYS A 87 -42.50 35.71 33.90
N PHE A 88 -43.10 36.75 33.32
CA PHE A 88 -43.60 36.63 31.96
C PHE A 88 -42.48 36.33 30.97
N ILE A 89 -41.33 37.00 31.12
CA ILE A 89 -40.20 36.80 30.22
C ILE A 89 -39.71 35.36 30.29
N THR A 90 -39.51 34.83 31.50
CA THR A 90 -38.97 33.48 31.64
C THR A 90 -39.96 32.45 31.09
N ALA A 91 -41.26 32.71 31.27
CA ALA A 91 -42.27 31.86 30.68
C ALA A 91 -42.21 31.89 29.14
N LEU A 92 -41.88 33.04 28.56
CA LEU A 92 -41.81 33.19 27.10
C LEU A 92 -40.59 32.48 26.52
N LYS A 93 -39.41 32.73 27.11
CA LYS A 93 -38.17 32.14 26.61
C LYS A 93 -38.13 30.62 26.79
N SER A 94 -38.84 30.09 27.79
CA SER A 94 -38.87 28.64 27.99
C SER A 94 -39.63 27.95 26.88
N THR A 95 -40.51 28.66 26.21
CA THR A 95 -41.07 28.10 24.99
C THR A 95 -40.09 28.10 23.86
N GLY A 96 -38.82 28.46 24.10
CA GLY A 96 -37.83 28.55 23.05
C GLY A 96 -37.92 29.78 22.19
N LEU A 97 -39.00 30.55 22.28
CA LEU A 97 -39.01 31.82 21.59
C LEU A 97 -37.87 32.66 22.14
N ARG A 98 -37.33 33.52 21.31
CA ARG A 98 -36.37 34.51 21.75
C ARG A 98 -37.07 35.85 21.81
N THR A 99 -36.88 36.57 22.92
CA THR A 99 -37.55 37.84 23.10
C THR A 99 -37.23 38.82 21.96
N SER A 100 -36.08 38.63 21.31
CA SER A 100 -35.67 39.40 20.14
C SER A 100 -36.50 39.11 18.89
N ASP A 101 -37.46 38.19 18.94
CA ASP A 101 -38.21 37.73 17.77
C ASP A 101 -38.88 38.87 17.03
N PRO A 102 -38.72 38.97 15.70
CA PRO A 102 -39.44 39.99 14.94
C PRO A 102 -40.95 39.86 14.96
N ARG A 103 -41.51 38.71 15.29
CA ARG A 103 -42.96 38.63 15.40
C ARG A 103 -43.44 39.10 16.75
N LEU A 104 -42.51 39.40 17.64
CA LEU A 104 -42.78 39.80 19.01
C LEU A 104 -42.40 41.25 19.30
N LYS A 105 -41.78 41.97 18.34
CA LYS A 105 -41.23 43.31 18.63
C LYS A 105 -42.25 44.26 19.23
N GLU A 106 -43.51 44.19 18.81
CA GLU A 106 -44.55 45.06 19.39
C GLU A 106 -44.82 44.69 20.83
N CYS A 107 -44.77 43.40 21.16
CA CYS A 107 -44.91 42.99 22.55
C CYS A 107 -43.77 43.55 23.40
N MET A 108 -42.53 43.43 22.93
CA MET A 108 -41.38 43.90 23.70
C MET A 108 -41.32 45.41 23.75
N ASP A 109 -41.70 46.07 22.64
CA ASP A 109 -41.69 47.53 22.58
C ASP A 109 -42.62 48.14 23.62
N MET A 110 -43.70 47.44 23.97
CA MET A 110 -44.64 47.91 24.98
C MET A 110 -44.18 47.58 26.40
N LEU A 111 -43.60 46.40 26.61
CA LEU A 111 -43.03 46.08 27.92
C LEU A 111 -41.89 47.02 28.27
N ARG A 112 -41.00 47.27 27.30
CA ARG A 112 -39.86 48.17 27.51
C ARG A 112 -40.32 49.58 27.83
N LEU A 113 -41.49 49.99 27.28
CA LEU A 113 -42.00 51.35 27.41
C LEU A 113 -42.77 51.53 28.72
N THR A 114 -43.63 50.58 29.07
CA THR A 114 -44.32 50.71 30.34
C THR A 114 -43.39 50.44 31.52
N LEU A 115 -42.35 49.61 31.34
CA LEU A 115 -41.39 49.57 32.43
C LEU A 115 -40.53 50.82 32.49
N GLN A 116 -40.70 51.73 31.52
CA GLN A 116 -40.29 53.13 31.71
C GLN A 116 -41.35 53.91 32.47
N THR A 117 -42.56 54.04 31.89
CA THR A 117 -43.65 54.86 32.41
C THR A 117 -44.14 54.44 33.79
N THR A 118 -43.63 53.33 34.30
CA THR A 118 -43.83 52.96 35.71
C THR A 118 -42.55 52.25 36.16
N SER A 119 -41.58 53.04 36.62
CA SER A 119 -40.60 52.48 37.55
C SER A 119 -41.33 51.96 38.79
N ASP A 120 -42.51 52.53 39.06
CA ASP A 120 -43.55 52.01 39.94
C ASP A 120 -43.92 50.56 39.63
N GLY A 121 -43.04 49.62 39.92
CA GLY A 121 -43.38 48.22 39.72
C GLY A 121 -42.35 47.25 40.26
N VAL A 122 -41.96 46.30 39.43
CA VAL A 122 -42.49 46.19 38.08
C VAL A 122 -43.49 45.03 38.02
N MET A 123 -44.76 45.31 37.72
CA MET A 123 -45.77 44.26 37.84
C MET A 123 -47.01 44.57 37.02
N LEU A 124 -47.39 43.62 36.15
CA LEU A 124 -48.49 43.80 35.21
C LEU A 124 -49.80 43.31 35.82
N ASP A 125 -50.84 44.15 35.79
CA ASP A 125 -52.17 43.67 36.14
C ASP A 125 -52.89 43.20 34.88
N LYS A 126 -54.10 42.68 35.05
CA LYS A 126 -54.84 42.11 33.92
C LYS A 126 -54.87 43.07 32.72
N ASP A 127 -55.27 44.33 32.94
CA ASP A 127 -55.37 45.31 31.86
C ASP A 127 -54.01 45.80 31.38
N LEU A 128 -52.99 45.79 32.26
CA LEU A 128 -51.65 46.23 31.90
C LEU A 128 -50.91 45.19 31.07
N PHE A 129 -51.06 43.91 31.42
CA PHE A 129 -50.53 42.83 30.59
C PHE A 129 -51.25 42.78 29.26
N LYS A 130 -52.54 43.15 29.23
CA LYS A 130 -53.30 43.08 27.99
C LYS A 130 -52.85 44.14 26.99
N LYS A 131 -52.50 45.34 27.47
CA LYS A 131 -51.93 46.36 26.58
C LYS A 131 -50.65 45.85 25.90
N CYS A 132 -49.85 45.03 26.60
CA CYS A 132 -48.59 44.55 26.02
C CYS A 132 -48.81 43.48 24.96
N VAL A 133 -49.63 42.47 25.26
CA VAL A 133 -49.69 41.28 24.41
C VAL A 133 -50.86 41.32 23.44
N GLN A 134 -51.64 42.40 23.39
CA GLN A 134 -52.75 42.49 22.44
C GLN A 134 -52.29 42.23 21.01
N SER A 135 -51.09 42.69 20.66
CA SER A 135 -50.68 42.76 19.27
C SER A 135 -50.06 41.48 18.77
N ASN A 136 -49.38 40.72 19.63
CA ASN A 136 -48.79 39.43 19.30
C ASN A 136 -49.49 38.29 20.02
N ILE A 137 -50.81 38.40 20.20
CA ILE A 137 -51.51 37.47 21.10
C ILE A 137 -51.57 36.08 20.50
N VAL A 138 -51.85 35.99 19.20
CA VAL A 138 -51.98 34.69 18.55
C VAL A 138 -50.74 33.85 18.81
N LEU A 139 -49.57 34.44 18.61
CA LEU A 139 -48.33 33.69 18.72
C LEU A 139 -47.96 33.46 20.19
N LEU A 140 -48.27 34.41 21.07
CA LEU A 140 -48.00 34.23 22.49
C LEU A 140 -48.86 33.13 23.07
N THR A 141 -50.11 33.04 22.63
CA THR A 141 -50.97 31.99 23.16
C THR A 141 -50.45 30.61 22.77
N GLN A 142 -50.31 30.35 21.46
CA GLN A 142 -49.84 29.04 21.03
C GLN A 142 -48.42 28.74 21.50
N ALA A 143 -47.67 29.76 21.92
CA ALA A 143 -46.42 29.50 22.61
C ALA A 143 -46.68 28.93 24.01
N PHE A 144 -47.72 29.40 24.69
CA PHE A 144 -47.96 29.00 26.07
C PHE A 144 -48.88 27.80 26.17
N ARG A 145 -49.74 27.62 25.18
CA ARG A 145 -50.62 26.46 25.07
C ARG A 145 -49.93 25.28 24.40
N ARG A 146 -48.60 25.20 24.50
CA ARG A 146 -47.82 24.04 24.06
C ARG A 146 -48.16 23.62 22.63
N LYS A 147 -48.59 24.58 21.80
CA LYS A 147 -49.00 24.28 20.44
C LYS A 147 -47.86 24.37 19.41
N PHE A 148 -46.61 24.53 19.84
CA PHE A 148 -45.54 24.52 18.87
C PHE A 148 -45.16 23.09 18.47
N VAL A 149 -44.45 22.98 17.34
CA VAL A 149 -44.08 21.70 16.77
C VAL A 149 -43.33 20.85 17.77
N ILE A 150 -42.37 21.44 18.49
CA ILE A 150 -41.74 20.75 19.61
C ILE A 150 -42.31 21.34 20.89
N PRO A 151 -43.25 20.68 21.60
CA PRO A 151 -43.94 21.34 22.71
C PRO A 151 -43.09 21.49 23.96
N ASP A 152 -42.27 20.49 24.24
CA ASP A 152 -41.35 20.56 25.37
C ASP A 152 -40.00 21.00 24.81
N PHE A 153 -39.86 22.31 24.61
CA PHE A 153 -38.63 22.75 23.98
C PHE A 153 -37.45 22.67 24.93
N MET A 154 -37.67 22.85 26.24
CA MET A 154 -36.54 22.78 27.18
C MET A 154 -35.92 21.39 27.21
N SER A 155 -36.75 20.34 27.19
CA SER A 155 -36.20 18.99 27.25
C SER A 155 -35.47 18.63 25.95
N PHE A 156 -35.93 19.17 24.82
CA PHE A 156 -35.27 18.88 23.55
C PHE A 156 -33.87 19.50 23.49
N THR A 157 -33.72 20.75 23.96
CA THR A 157 -32.41 21.41 23.88
C THR A 157 -31.38 20.74 24.77
N SER A 158 -31.81 20.20 25.92
CA SER A 158 -30.90 19.37 26.70
C SER A 158 -30.43 18.17 25.90
N HIS A 159 -31.32 17.63 25.04
CA HIS A 159 -30.90 16.54 24.16
C HIS A 159 -29.87 17.03 23.15
N ILE A 160 -30.12 18.20 22.56
CA ILE A 160 -29.19 18.75 21.58
C ILE A 160 -27.82 18.96 22.22
N ASP A 161 -27.80 19.47 23.45
CA ASP A 161 -26.54 19.69 24.14
C ASP A 161 -25.79 18.38 24.34
N GLU A 162 -26.51 17.30 24.68
CA GLU A 162 -25.87 16.00 24.82
C GLU A 162 -25.32 15.51 23.49
N LEU A 163 -26.06 15.74 22.39
CA LEU A 163 -25.60 15.24 21.10
C LEU A 163 -24.40 16.04 20.64
N TYR A 164 -24.48 17.35 20.82
CA TYR A 164 -23.35 18.23 20.56
C TYR A 164 -22.12 17.76 21.30
N GLU A 165 -22.23 17.62 22.63
CA GLU A 165 -21.10 17.21 23.47
C GLU A 165 -20.62 15.79 23.21
N SER A 166 -21.45 14.94 22.56
CA SER A 166 -20.92 13.66 22.07
C SER A 166 -20.20 13.84 20.74
N ALA A 167 -20.73 14.67 19.85
CA ALA A 167 -19.99 14.96 18.62
C ALA A 167 -18.65 15.61 18.92
N LYS A 168 -18.53 16.32 20.05
CA LYS A 168 -17.39 17.20 20.34
C LYS A 168 -16.12 16.46 20.70
N LYS A 169 -16.17 15.13 20.84
CA LYS A 169 -15.02 14.33 21.23
C LYS A 169 -14.41 13.57 20.04
N GLN A 170 -14.67 14.03 18.81
CA GLN A 170 -14.30 13.30 17.60
C GLN A 170 -13.27 14.08 16.80
N SER A 171 -12.06 14.18 17.34
CA SER A 171 -11.14 15.20 16.89
C SER A 171 -10.46 14.87 15.57
N GLY A 172 -10.95 13.86 14.84
CA GLY A 172 -10.35 13.52 13.55
C GLY A 172 -10.68 14.49 12.43
N GLY A 173 -9.87 14.43 11.39
CA GLY A 173 -10.13 15.20 10.19
C GLY A 173 -9.10 16.29 9.96
N LYS A 174 -8.96 16.69 8.70
CA LYS A 174 -8.09 17.77 8.25
C LYS A 174 -8.95 18.94 7.78
N VAL A 175 -8.58 20.16 8.20
CA VAL A 175 -9.23 21.35 7.69
C VAL A 175 -8.78 21.61 6.27
N ALA A 176 -9.56 22.40 5.56
CA ALA A 176 -9.24 22.73 4.18
C ALA A 176 -8.11 23.75 4.16
N ASP A 177 -6.92 23.32 3.74
CA ASP A 177 -5.83 24.26 3.46
C ASP A 177 -5.82 24.70 2.01
N TYR A 178 -6.90 24.44 1.27
CA TYR A 178 -6.97 24.74 -0.15
C TYR A 178 -6.67 26.20 -0.43
N ILE A 179 -7.04 27.09 0.50
CA ILE A 179 -6.71 28.51 0.41
C ILE A 179 -6.36 29.02 1.79
N PRO A 180 -5.53 30.09 1.86
CA PRO A 180 -5.06 30.58 3.18
C PRO A 180 -6.18 31.01 4.13
N GLN A 181 -7.44 31.00 3.67
CA GLN A 181 -8.55 31.51 4.46
C GLN A 181 -9.35 30.41 5.16
N LEU A 182 -9.37 29.19 4.64
CA LEU A 182 -9.99 28.09 5.35
C LEU A 182 -9.00 27.38 6.25
N ALA A 183 -7.70 27.48 5.93
CA ALA A 183 -6.63 26.98 6.78
C ALA A 183 -6.43 27.87 8.01
N LYS A 184 -7.01 29.06 8.01
CA LYS A 184 -6.97 29.99 9.14
C LYS A 184 -7.98 29.64 10.24
N PHE A 185 -8.93 28.74 9.99
CA PHE A 185 -9.94 28.35 10.98
C PHE A 185 -9.44 27.22 11.87
N SER A 186 -9.60 27.40 13.19
CA SER A 186 -9.10 26.44 14.15
C SER A 186 -9.94 25.16 14.14
N PRO A 187 -9.30 24.00 14.31
CA PRO A 187 -10.06 22.73 14.35
C PRO A 187 -11.00 22.58 15.55
N ASP A 188 -10.77 23.31 16.64
CA ASP A 188 -11.57 23.12 17.86
C ASP A 188 -12.93 23.78 17.79
N LEU A 189 -13.27 24.46 16.70
CA LEU A 189 -14.56 25.13 16.55
C LEU A 189 -15.64 24.11 16.22
N TRP A 190 -16.80 24.26 16.86
CA TRP A 190 -17.87 23.29 16.68
C TRP A 190 -19.15 23.83 17.30
N GLY A 191 -20.18 23.95 16.46
CA GLY A 191 -21.39 24.66 16.83
C GLY A 191 -22.60 24.10 16.14
N VAL A 192 -23.73 24.07 16.83
CA VAL A 192 -25.01 23.62 16.29
C VAL A 192 -26.06 24.65 16.65
N SER A 193 -26.79 25.13 15.65
CA SER A 193 -27.88 26.07 15.85
C SER A 193 -29.17 25.40 15.39
N VAL A 194 -30.17 25.35 16.27
CA VAL A 194 -31.49 24.83 15.92
C VAL A 194 -32.44 25.99 15.74
N CYS A 195 -33.19 25.98 14.64
CA CYS A 195 -34.34 26.87 14.48
C CYS A 195 -35.53 26.06 13.97
N THR A 196 -36.56 25.91 14.80
CA THR A 196 -37.69 25.09 14.38
C THR A 196 -38.55 25.80 13.34
N ALA A 197 -39.49 25.06 12.77
CA ALA A 197 -40.43 25.67 11.84
C ALA A 197 -41.37 26.64 12.56
N ASP A 198 -41.36 26.68 13.89
CA ASP A 198 -42.16 27.67 14.65
C ASP A 198 -41.35 28.83 15.17
N GLY A 199 -40.02 28.77 15.09
CA GLY A 199 -39.14 29.84 15.54
C GLY A 199 -38.42 29.59 16.85
N GLN A 200 -38.48 28.39 17.41
CA GLN A 200 -37.90 28.15 18.72
C GLN A 200 -36.39 27.94 18.58
N ARG A 201 -35.61 28.93 18.97
CA ARG A 201 -34.18 28.83 18.75
C ARG A 201 -33.49 28.16 19.94
N HIS A 202 -32.37 27.51 19.63
CA HIS A 202 -31.40 27.06 20.62
C HIS A 202 -30.07 26.85 19.91
N SER A 203 -28.98 27.16 20.62
CA SER A 203 -27.69 26.79 20.09
C SER A 203 -26.73 26.54 21.24
N THR A 204 -25.71 25.76 20.94
CA THR A 204 -24.62 25.49 21.87
C THR A 204 -23.34 25.39 21.04
N GLY A 205 -22.28 26.03 21.50
CA GLY A 205 -21.01 25.99 20.81
C GLY A 205 -20.66 27.30 20.12
N ASP A 206 -19.82 27.19 19.10
CA ASP A 206 -19.23 28.36 18.44
C ASP A 206 -20.17 28.84 17.33
N THR A 207 -21.38 29.18 17.77
CA THR A 207 -22.52 29.43 16.91
C THR A 207 -22.61 30.88 16.41
N LYS A 208 -21.65 31.73 16.76
CA LYS A 208 -21.64 33.10 16.23
C LYS A 208 -20.35 33.44 15.52
N VAL A 209 -19.60 32.43 15.06
CA VAL A 209 -18.45 32.66 14.20
C VAL A 209 -18.88 32.70 12.74
N PRO A 210 -18.51 33.73 11.99
CA PRO A 210 -18.81 33.74 10.56
C PRO A 210 -17.92 32.77 9.79
N PHE A 211 -18.55 32.04 8.87
CA PHE A 211 -17.83 31.17 7.96
C PHE A 211 -18.54 31.23 6.62
N CYS A 212 -17.79 30.96 5.55
CA CYS A 212 -18.40 30.98 4.23
C CYS A 212 -19.29 29.77 4.05
N LEU A 213 -20.40 29.98 3.34
CA LEU A 213 -21.28 28.87 3.00
C LEU A 213 -20.57 27.84 2.15
N GLN A 214 -19.74 28.29 1.19
CA GLN A 214 -19.12 27.46 0.14
C GLN A 214 -20.25 26.69 -0.54
N SER A 215 -20.18 25.36 -0.65
CA SER A 215 -21.22 24.61 -1.36
C SER A 215 -22.53 24.53 -0.58
N CYS A 216 -22.61 25.06 0.65
CA CYS A 216 -23.91 25.13 1.33
C CYS A 216 -24.83 26.14 0.66
N VAL A 217 -24.28 26.97 -0.23
CA VAL A 217 -25.11 27.90 -0.97
C VAL A 217 -25.77 27.24 -2.19
N LYS A 218 -25.26 26.07 -2.64
CA LYS A 218 -25.80 25.43 -3.84
C LYS A 218 -27.31 25.18 -3.76
N PRO A 219 -27.87 24.51 -2.76
CA PRO A 219 -29.35 24.46 -2.68
C PRO A 219 -30.00 25.84 -2.61
N LEU A 220 -29.39 26.80 -1.88
CA LEU A 220 -29.97 28.14 -1.76
C LEU A 220 -30.09 28.82 -3.12
N LYS A 221 -29.02 28.80 -3.92
CA LYS A 221 -29.11 29.42 -5.24
C LYS A 221 -30.06 28.64 -6.15
N TYR A 222 -30.01 27.29 -6.07
CA TYR A 222 -30.95 26.48 -6.85
C TYR A 222 -32.40 26.86 -6.53
N ALA A 223 -32.73 26.96 -5.24
CA ALA A 223 -34.10 27.27 -4.84
C ALA A 223 -34.58 28.57 -5.48
N ILE A 224 -33.71 29.59 -5.49
CA ILE A 224 -34.07 30.89 -6.05
C ILE A 224 -34.34 30.77 -7.55
N ALA A 225 -33.55 29.92 -8.25
CA ALA A 225 -33.71 29.83 -9.70
C ALA A 225 -34.98 29.07 -10.09
N VAL A 226 -35.37 28.05 -9.31
CA VAL A 226 -36.69 27.46 -9.50
C VAL A 226 -37.75 28.42 -9.06
N ASN A 227 -37.50 29.14 -7.96
CA ASN A 227 -38.49 30.10 -7.46
C ASN A 227 -38.81 31.16 -8.51
N ASP A 228 -37.80 31.64 -9.23
CA ASP A 228 -38.01 32.68 -10.23
C ASP A 228 -38.27 32.14 -11.62
N LEU A 229 -37.75 30.96 -11.95
CA LEU A 229 -37.82 30.43 -13.31
C LEU A 229 -38.69 29.19 -13.47
N GLY A 230 -38.97 28.45 -12.40
CA GLY A 230 -39.76 27.25 -12.50
C GLY A 230 -38.91 26.01 -12.75
N THR A 231 -39.55 24.85 -12.60
CA THR A 231 -38.79 23.60 -12.66
C THR A 231 -38.40 23.25 -14.09
N GLU A 232 -39.35 23.38 -15.03
CA GLU A 232 -39.10 23.02 -16.42
C GLU A 232 -37.90 23.78 -16.99
N TYR A 233 -37.89 25.10 -16.82
CA TYR A 233 -36.79 25.89 -17.37
C TYR A 233 -35.47 25.46 -16.78
N VAL A 234 -35.37 25.45 -15.45
CA VAL A 234 -34.11 25.17 -14.78
C VAL A 234 -33.61 23.79 -15.14
N HIS A 235 -34.51 22.84 -15.35
CA HIS A 235 -34.10 21.47 -15.64
C HIS A 235 -34.01 21.16 -17.12
N ARG A 236 -34.14 22.17 -17.97
CA ARG A 236 -33.50 22.13 -19.27
C ARG A 236 -31.99 22.20 -19.17
N TYR A 237 -31.46 22.75 -18.07
CA TYR A 237 -30.06 23.10 -18.02
C TYR A 237 -29.24 22.26 -17.06
N VAL A 238 -29.87 21.53 -16.15
CA VAL A 238 -29.17 20.74 -15.15
C VAL A 238 -30.08 19.57 -14.78
N GLY A 239 -29.50 18.40 -14.64
CA GLY A 239 -30.25 17.19 -14.38
C GLY A 239 -30.83 17.18 -12.98
N LYS A 240 -31.41 16.02 -12.65
CA LYS A 240 -32.16 15.81 -11.41
C LYS A 240 -31.59 14.73 -10.50
N GLU A 241 -30.78 13.82 -11.00
CA GLU A 241 -30.38 12.63 -10.24
C GLU A 241 -28.96 12.72 -9.72
N PRO A 242 -28.58 11.88 -8.73
CA PRO A 242 -27.15 11.72 -8.40
C PRO A 242 -26.40 11.12 -9.56
N SER A 243 -25.09 10.94 -9.48
CA SER A 243 -24.38 10.55 -10.68
C SER A 243 -23.88 9.12 -10.68
N GLY A 244 -23.62 8.54 -9.52
CA GLY A 244 -22.97 7.24 -9.50
C GLY A 244 -21.60 7.28 -8.85
N LEU A 245 -21.43 6.46 -7.80
CA LEU A 245 -20.33 6.57 -6.85
C LEU A 245 -18.94 6.56 -7.48
N ARG A 246 -18.81 6.29 -8.78
CA ARG A 246 -17.63 6.70 -9.55
C ARG A 246 -18.11 7.11 -10.94
N PHE A 247 -18.96 8.13 -10.96
CA PHE A 247 -19.05 9.10 -12.04
C PHE A 247 -18.85 10.51 -11.49
N ASN A 248 -18.17 10.61 -10.33
CA ASN A 248 -17.85 11.85 -9.61
C ASN A 248 -16.83 12.71 -10.34
N LYS A 249 -16.18 12.19 -11.37
CA LYS A 249 -15.21 12.98 -12.09
C LYS A 249 -15.77 13.57 -13.37
N LEU A 250 -16.93 13.10 -13.82
CA LEU A 250 -17.55 13.68 -15.01
C LEU A 250 -18.28 14.97 -14.68
N PHE A 251 -18.56 15.76 -15.73
CA PHE A 251 -19.34 16.99 -15.60
C PHE A 251 -20.76 16.82 -16.12
N LEU A 252 -20.88 16.30 -17.33
CA LEU A 252 -22.15 16.11 -18.00
C LEU A 252 -22.62 14.68 -17.81
N ASN A 253 -23.92 14.48 -17.95
CA ASN A 253 -24.54 13.17 -17.97
C ASN A 253 -24.80 12.84 -19.43
N GLU A 254 -25.65 11.86 -19.70
CA GLU A 254 -25.77 11.41 -21.08
C GLU A 254 -26.49 12.41 -21.97
N ASP A 255 -27.29 13.31 -21.42
CA ASP A 255 -27.97 14.32 -22.24
C ASP A 255 -27.17 15.61 -22.36
N ASP A 256 -25.94 15.60 -21.83
CA ASP A 256 -24.94 16.66 -21.96
C ASP A 256 -25.25 17.89 -21.09
N LYS A 257 -26.03 17.70 -20.03
CA LYS A 257 -26.39 18.49 -18.88
C LYS A 257 -25.61 18.02 -17.66
N PRO A 258 -25.25 18.91 -16.74
CA PRO A 258 -24.61 18.45 -15.48
C PRO A 258 -25.58 17.55 -14.74
N HIS A 259 -25.06 16.84 -13.74
CA HIS A 259 -25.83 15.72 -13.23
C HIS A 259 -27.01 16.14 -12.34
N ASN A 260 -26.90 17.29 -11.63
CA ASN A 260 -27.87 17.77 -10.65
C ASN A 260 -27.30 19.06 -10.04
N PRO A 261 -28.09 19.85 -9.30
CA PRO A 261 -27.63 21.17 -8.84
C PRO A 261 -26.64 21.17 -7.69
N MET A 262 -26.27 20.03 -7.09
CA MET A 262 -25.35 20.06 -5.96
C MET A 262 -23.91 19.77 -6.35
N VAL A 263 -23.62 19.60 -7.63
CA VAL A 263 -22.24 19.40 -8.07
C VAL A 263 -21.71 20.71 -8.62
N ASN A 264 -20.38 20.83 -8.61
CA ASN A 264 -19.73 22.07 -9.07
C ASN A 264 -20.26 22.48 -10.43
N ALA A 265 -20.30 21.54 -11.38
CA ALA A 265 -20.74 21.89 -12.73
C ALA A 265 -22.21 22.25 -12.78
N GLY A 266 -23.04 21.60 -11.98
CA GLY A 266 -24.45 21.96 -11.95
C GLY A 266 -24.71 23.27 -11.21
N ALA A 267 -23.94 23.54 -10.16
CA ALA A 267 -24.11 24.79 -9.44
C ALA A 267 -23.82 25.97 -10.37
N ILE A 268 -22.70 25.87 -11.12
CA ILE A 268 -22.25 26.91 -12.04
C ILE A 268 -23.29 27.18 -13.12
N VAL A 269 -23.77 26.13 -13.79
CA VAL A 269 -24.83 26.34 -14.77
C VAL A 269 -26.08 26.94 -14.13
N VAL A 270 -26.45 26.50 -12.91
CA VAL A 270 -27.61 27.11 -12.24
C VAL A 270 -27.36 28.59 -12.01
N THR A 271 -26.15 28.94 -11.55
CA THR A 271 -25.79 30.34 -11.37
C THR A 271 -26.06 31.14 -12.63
N SER A 272 -25.73 30.59 -13.81
CA SER A 272 -25.92 31.36 -15.03
C SER A 272 -27.37 31.54 -15.39
N LEU A 273 -28.33 31.13 -14.53
CA LEU A 273 -29.76 31.34 -14.77
C LEU A 273 -30.36 32.45 -13.89
N ILE A 274 -29.71 32.83 -12.80
CA ILE A 274 -30.28 33.81 -11.88
C ILE A 274 -30.12 35.20 -12.46
N LYS A 275 -31.25 35.87 -12.66
CA LYS A 275 -31.27 37.33 -12.82
C LYS A 275 -30.41 37.75 -14.01
N GLN A 276 -30.68 37.13 -15.15
CA GLN A 276 -29.89 37.37 -16.34
C GLN A 276 -30.04 38.81 -16.84
N GLY A 277 -29.13 39.19 -17.72
CA GLY A 277 -29.17 40.51 -18.34
C GLY A 277 -28.64 41.63 -17.47
N VAL A 278 -28.42 41.39 -16.18
CA VAL A 278 -27.96 42.41 -15.24
C VAL A 278 -26.51 42.13 -14.86
N ASN A 279 -25.75 43.17 -14.55
CA ASN A 279 -24.34 42.99 -14.22
C ASN A 279 -24.16 42.22 -12.91
N ASN A 280 -22.94 41.71 -12.70
CA ASN A 280 -22.68 40.81 -11.56
C ASN A 280 -22.91 41.49 -10.21
N ALA A 281 -22.75 42.80 -10.13
CA ALA A 281 -23.01 43.49 -8.88
C ALA A 281 -24.45 43.33 -8.44
N GLU A 282 -25.40 43.70 -9.33
CA GLU A 282 -26.82 43.66 -8.97
C GLU A 282 -27.33 42.24 -8.84
N LYS A 283 -26.69 41.31 -9.55
CA LYS A 283 -26.93 39.88 -9.30
C LYS A 283 -26.65 39.54 -7.86
N PHE A 284 -25.44 39.83 -7.39
CA PHE A 284 -25.06 39.52 -6.02
C PHE A 284 -26.03 40.13 -5.03
N ASP A 285 -26.36 41.42 -5.20
CA ASP A 285 -27.34 42.03 -4.31
C ASP A 285 -28.65 41.24 -4.34
N TYR A 286 -29.12 40.88 -5.53
CA TYR A 286 -30.32 40.07 -5.64
C TYR A 286 -30.24 38.81 -4.76
N VAL A 287 -29.17 38.01 -4.92
CA VAL A 287 -29.08 36.77 -4.14
C VAL A 287 -28.95 37.05 -2.65
N MET A 288 -28.28 38.14 -2.25
CA MET A 288 -28.15 38.44 -0.83
C MET A 288 -29.47 38.94 -0.24
N GLN A 289 -30.15 39.87 -0.91
CA GLN A 289 -31.45 40.31 -0.43
C GLN A 289 -32.44 39.14 -0.39
N PHE A 290 -32.17 38.11 -1.19
CA PHE A 290 -32.94 36.88 -1.08
C PHE A 290 -32.53 36.10 0.16
N LEU A 291 -31.23 35.86 0.30
CA LEU A 291 -30.71 35.10 1.44
C LEU A 291 -30.92 35.81 2.78
N ASN A 292 -31.24 37.10 2.78
CA ASN A 292 -31.59 37.76 4.04
C ASN A 292 -32.99 37.37 4.48
N LYS A 293 -33.94 37.40 3.56
CA LYS A 293 -35.31 36.98 3.89
C LYS A 293 -35.35 35.54 4.41
N MET A 294 -34.46 34.68 3.96
CA MET A 294 -34.47 33.31 4.43
C MET A 294 -33.98 33.22 5.87
N ALA A 295 -33.03 34.08 6.24
CA ALA A 295 -32.43 34.08 7.57
C ALA A 295 -33.08 35.13 8.49
N GLY A 296 -34.28 35.60 8.16
CA GLY A 296 -34.96 36.54 9.04
C GLY A 296 -34.14 37.76 9.38
N ASN A 297 -33.30 38.19 8.44
CA ASN A 297 -32.44 39.36 8.57
C ASN A 297 -31.38 39.19 9.67
N GLU A 298 -30.95 37.96 9.91
CA GLU A 298 -29.77 37.70 10.72
C GLU A 298 -28.54 37.72 9.82
N TYR A 299 -27.38 37.36 10.35
CA TYR A 299 -26.12 37.70 9.67
C TYR A 299 -25.99 36.99 8.33
N VAL A 300 -25.92 37.77 7.26
CA VAL A 300 -25.57 37.27 5.94
C VAL A 300 -24.46 38.19 5.43
N GLY A 301 -23.22 37.73 5.49
CA GLY A 301 -22.09 38.53 5.09
C GLY A 301 -21.36 38.00 3.87
N PHE A 302 -20.27 38.67 3.55
CA PHE A 302 -19.48 38.35 2.38
C PHE A 302 -18.02 38.52 2.72
N SER A 303 -17.23 37.46 2.54
CA SER A 303 -15.79 37.55 2.70
C SER A 303 -15.13 37.88 1.37
N ASN A 304 -14.30 38.90 1.36
CA ASN A 304 -13.53 39.14 0.15
C ASN A 304 -12.21 38.38 0.16
N ALA A 305 -11.65 38.10 1.35
CA ALA A 305 -10.43 37.31 1.45
C ALA A 305 -10.59 35.94 0.81
N THR A 306 -11.73 35.28 1.05
CA THR A 306 -11.99 33.99 0.43
C THR A 306 -12.26 34.14 -1.04
N PHE A 307 -12.92 35.21 -1.47
CA PHE A 307 -13.24 35.34 -2.88
C PHE A 307 -11.96 35.48 -3.72
N GLN A 308 -11.01 36.30 -3.27
CA GLN A 308 -9.78 36.47 -4.03
C GLN A 308 -8.97 35.19 -4.09
N SER A 309 -8.99 34.38 -3.02
CA SER A 309 -8.31 33.10 -3.05
C SER A 309 -9.01 32.13 -3.98
N GLU A 310 -10.34 32.01 -3.83
CA GLU A 310 -11.11 31.07 -4.62
C GLU A 310 -11.18 31.47 -6.09
N ARG A 311 -10.60 32.60 -6.50
CA ARG A 311 -10.47 32.87 -7.91
C ARG A 311 -9.05 32.66 -8.42
N GLU A 312 -8.04 32.80 -7.57
CA GLU A 312 -6.68 32.56 -8.02
C GLU A 312 -6.28 31.09 -7.96
N SER A 313 -7.25 30.21 -7.74
CA SER A 313 -6.90 28.86 -7.33
C SER A 313 -8.02 27.89 -7.70
N GLY A 314 -9.04 28.39 -8.37
CA GLY A 314 -10.03 27.49 -8.92
C GLY A 314 -9.72 27.09 -10.35
N ASP A 315 -8.63 26.35 -10.56
CA ASP A 315 -8.32 25.94 -11.93
C ASP A 315 -9.41 25.03 -12.49
N ARG A 316 -9.97 24.14 -11.64
CA ARG A 316 -10.90 23.13 -12.11
C ARG A 316 -12.29 23.68 -12.40
N ASN A 317 -12.74 24.70 -11.68
CA ASN A 317 -13.98 25.36 -12.06
C ASN A 317 -13.82 26.05 -13.40
N PHE A 318 -12.64 26.61 -13.65
CA PHE A 318 -12.31 27.09 -15.00
C PHE A 318 -12.26 25.93 -15.97
N ALA A 319 -11.73 24.78 -15.54
CA ALA A 319 -11.86 23.56 -16.32
C ALA A 319 -13.32 23.23 -16.63
N ILE A 320 -14.22 23.26 -15.62
CA ILE A 320 -15.64 22.99 -15.88
C ILE A 320 -16.26 24.10 -16.72
N GLY A 321 -15.81 25.32 -16.52
CA GLY A 321 -16.45 26.44 -17.16
C GLY A 321 -16.32 26.37 -18.66
N TYR A 322 -15.12 26.04 -19.14
CA TYR A 322 -14.89 25.94 -20.58
C TYR A 322 -15.59 24.70 -21.16
N TYR A 323 -15.47 23.54 -20.50
CA TYR A 323 -16.16 22.34 -20.98
C TYR A 323 -17.64 22.61 -21.16
N LEU A 324 -18.21 23.46 -20.31
CA LEU A 324 -19.63 23.77 -20.42
C LEU A 324 -19.90 24.66 -21.63
N LYS A 325 -19.08 25.69 -21.85
CA LYS A 325 -19.29 26.53 -23.03
C LYS A 325 -19.18 25.71 -24.31
N GLU A 326 -18.14 24.89 -24.38
CA GLU A 326 -17.91 24.06 -25.57
C GLU A 326 -19.15 23.25 -25.92
N LYS A 327 -19.73 22.60 -24.91
CA LYS A 327 -20.88 21.73 -25.06
C LYS A 327 -22.21 22.48 -24.99
N LYS A 328 -22.21 23.82 -24.98
CA LYS A 328 -23.44 24.63 -25.16
C LYS A 328 -24.49 24.38 -24.05
N CYS A 329 -24.02 24.48 -22.81
CA CYS A 329 -24.77 24.24 -21.59
C CYS A 329 -25.29 25.51 -20.89
N PHE A 330 -24.73 26.70 -21.19
CA PHE A 330 -25.21 27.95 -20.59
C PHE A 330 -26.26 28.59 -21.45
N PRO A 331 -27.08 29.48 -20.89
CA PRO A 331 -28.10 30.16 -21.70
C PRO A 331 -27.49 31.15 -22.67
N GLU A 332 -28.20 31.38 -23.77
CA GLU A 332 -27.61 32.10 -24.89
C GLU A 332 -27.33 33.53 -24.46
N GLY A 333 -26.13 34.00 -24.78
CA GLY A 333 -25.69 35.30 -24.30
C GLY A 333 -25.01 35.29 -22.95
N THR A 334 -24.67 34.12 -22.44
CA THR A 334 -23.88 33.99 -21.22
C THR A 334 -22.47 34.52 -21.42
N ASP A 335 -21.90 35.11 -20.36
CA ASP A 335 -20.48 35.49 -20.29
C ASP A 335 -19.81 34.52 -19.31
N MET A 336 -19.25 33.43 -19.85
CA MET A 336 -18.84 32.28 -19.04
C MET A 336 -17.85 32.66 -17.94
N VAL A 337 -16.84 33.46 -18.25
CA VAL A 337 -15.85 33.78 -17.23
C VAL A 337 -16.46 34.68 -16.15
N GLY A 338 -17.31 35.63 -16.56
CA GLY A 338 -17.99 36.47 -15.59
C GLY A 338 -18.86 35.69 -14.62
N ILE A 339 -19.38 34.55 -15.06
CA ILE A 339 -20.27 33.75 -14.22
C ILE A 339 -19.47 32.85 -13.30
N LEU A 340 -18.24 32.50 -13.67
CA LEU A 340 -17.35 31.90 -12.68
C LEU A 340 -17.06 32.86 -11.54
N ASP A 341 -17.05 34.16 -11.83
CA ASP A 341 -16.77 35.15 -10.80
C ASP A 341 -17.93 35.29 -9.82
N PHE A 342 -19.15 35.52 -10.35
CA PHE A 342 -20.35 35.41 -9.55
C PHE A 342 -20.37 34.07 -8.80
N TYR A 343 -19.88 33.00 -9.43
CA TYR A 343 -19.83 31.71 -8.75
C TYR A 343 -18.88 31.74 -7.55
N PHE A 344 -17.64 32.16 -7.78
CA PHE A 344 -16.70 32.32 -6.67
C PHE A 344 -17.30 33.20 -5.56
N GLN A 345 -18.06 34.22 -5.94
CA GLN A 345 -18.64 35.15 -4.96
C GLN A 345 -19.63 34.44 -4.04
N LEU A 346 -20.71 33.86 -4.62
CA LEU A 346 -21.74 33.16 -3.84
C LEU A 346 -21.14 32.18 -2.84
N CYS A 347 -20.04 31.51 -3.20
CA CYS A 347 -19.39 30.60 -2.28
C CYS A 347 -18.71 31.32 -1.12
N SER A 348 -18.35 32.59 -1.29
CA SER A 348 -17.65 33.34 -0.26
C SER A 348 -18.60 34.10 0.68
N ILE A 349 -19.89 33.78 0.65
CA ILE A 349 -20.90 34.47 1.45
C ILE A 349 -20.79 33.95 2.88
N GLU A 350 -20.88 34.85 3.84
CA GLU A 350 -20.74 34.44 5.23
C GLU A 350 -22.09 34.29 5.91
N VAL A 351 -22.18 33.26 6.76
CA VAL A 351 -23.23 33.06 7.76
C VAL A 351 -22.55 32.72 9.08
N THR A 352 -23.28 32.96 10.18
CA THR A 352 -22.94 32.28 11.42
C THR A 352 -23.77 31.03 11.51
N CYS A 353 -23.46 30.18 12.47
CA CYS A 353 -24.34 29.03 12.72
C CYS A 353 -25.78 29.47 12.90
N GLU A 354 -25.98 30.58 13.61
CA GLU A 354 -27.33 30.97 13.95
C GLU A 354 -28.10 31.44 12.73
N SER A 355 -27.55 32.43 12.02
CA SER A 355 -28.22 32.95 10.85
C SER A 355 -28.59 31.84 9.87
N ALA A 356 -27.79 30.78 9.81
CA ALA A 356 -28.05 29.76 8.81
C ALA A 356 -29.11 28.77 9.26
N SER A 357 -29.26 28.56 10.57
CA SER A 357 -30.30 27.62 11.01
C SER A 357 -31.68 28.15 10.67
N VAL A 358 -31.83 29.47 10.53
CA VAL A 358 -33.09 30.02 10.07
C VAL A 358 -33.26 29.76 8.58
N MET A 359 -32.17 29.86 7.81
CA MET A 359 -32.18 29.54 6.39
C MET A 359 -32.73 28.13 6.14
N ALA A 360 -32.06 27.11 6.70
CA ALA A 360 -32.58 25.75 6.69
C ALA A 360 -34.02 25.68 7.18
N ALA A 361 -34.31 26.27 8.34
CA ALA A 361 -35.68 26.33 8.85
C ALA A 361 -36.70 26.80 7.81
N THR A 362 -36.31 27.72 6.92
CA THR A 362 -37.22 28.23 5.90
C THR A 362 -37.65 27.12 4.92
N LEU A 363 -36.74 26.21 4.60
CA LEU A 363 -37.06 25.08 3.73
C LEU A 363 -37.81 24.00 4.49
N ALA A 364 -37.49 23.82 5.77
CA ALA A 364 -38.29 23.01 6.67
C ALA A 364 -39.73 23.52 6.81
N ASN A 365 -40.04 24.70 6.28
CA ASN A 365 -41.31 25.31 6.55
C ASN A 365 -42.00 25.73 5.26
N GLY A 366 -41.82 24.95 4.20
CA GLY A 366 -42.47 25.26 2.94
C GLY A 366 -42.15 26.63 2.35
N GLY A 367 -41.06 27.27 2.76
CA GLY A 367 -40.66 28.50 2.15
C GLY A 367 -40.90 29.74 3.00
N PHE A 368 -41.64 29.62 4.09
CA PHE A 368 -41.87 30.73 5.00
C PHE A 368 -40.77 30.80 6.06
N CYS A 369 -40.19 31.98 6.25
CA CYS A 369 -39.20 32.18 7.31
C CYS A 369 -39.86 32.12 8.69
N PRO A 370 -39.48 31.18 9.56
CA PRO A 370 -40.29 30.94 10.76
C PRO A 370 -40.22 32.07 11.78
N ILE A 371 -39.16 32.89 11.75
CA ILE A 371 -39.05 33.97 12.72
C ILE A 371 -39.57 35.27 12.18
N THR A 372 -40.02 35.32 10.93
CA THR A 372 -40.69 36.51 10.46
C THR A 372 -42.06 36.26 9.86
N GLY A 373 -42.40 35.05 9.45
CA GLY A 373 -43.68 34.79 8.80
C GLY A 373 -43.77 35.25 7.36
N GLU A 374 -42.67 35.72 6.79
CA GLU A 374 -42.61 36.23 5.43
C GLU A 374 -42.25 35.12 4.43
N ARG A 375 -42.96 35.08 3.29
CA ARG A 375 -42.86 34.00 2.29
C ARG A 375 -41.67 34.20 1.34
N VAL A 376 -40.58 33.45 1.59
CA VAL A 376 -39.34 33.68 0.83
C VAL A 376 -39.22 32.84 -0.44
N LEU A 377 -39.81 31.64 -0.49
CA LEU A 377 -39.64 30.76 -1.64
C LEU A 377 -40.95 30.04 -1.95
N SER A 378 -41.15 29.72 -3.24
CA SER A 378 -42.31 28.95 -3.64
C SER A 378 -42.26 27.56 -3.00
N PRO A 379 -43.41 26.92 -2.80
CA PRO A 379 -43.37 25.53 -2.32
C PRO A 379 -42.73 24.60 -3.32
N GLU A 380 -42.86 24.94 -4.61
CA GLU A 380 -42.32 24.12 -5.70
C GLU A 380 -40.79 24.16 -5.74
N ALA A 381 -40.18 25.27 -5.33
CA ALA A 381 -38.72 25.37 -5.28
C ALA A 381 -38.14 24.81 -3.98
N VAL A 382 -38.88 24.86 -2.87
CA VAL A 382 -38.41 24.30 -1.62
C VAL A 382 -38.51 22.79 -1.66
N ARG A 383 -39.43 22.28 -2.48
CA ARG A 383 -39.59 20.84 -2.62
C ARG A 383 -38.44 20.26 -3.43
N ASN A 384 -38.18 20.85 -4.59
CA ASN A 384 -37.12 20.38 -5.46
C ASN A 384 -35.79 20.40 -4.74
N THR A 385 -35.53 21.46 -3.97
CA THR A 385 -34.27 21.57 -3.24
C THR A 385 -34.15 20.48 -2.20
N LEU A 386 -35.24 20.20 -1.50
CA LEU A 386 -35.12 19.18 -0.48
C LEU A 386 -34.98 17.81 -1.12
N SER A 387 -35.52 17.60 -2.33
CA SER A 387 -35.34 16.31 -2.99
C SER A 387 -33.87 16.08 -3.38
N LEU A 388 -33.19 17.12 -3.88
CA LEU A 388 -31.84 16.99 -4.42
C LEU A 388 -30.78 17.09 -3.35
N MET A 389 -31.06 17.81 -2.26
CA MET A 389 -30.19 17.72 -1.07
C MET A 389 -30.15 16.28 -0.56
N HIS A 390 -31.33 15.64 -0.47
CA HIS A 390 -31.48 14.25 -0.03
C HIS A 390 -30.37 13.41 -0.62
N SER A 391 -30.46 13.24 -1.95
CA SER A 391 -29.77 12.22 -2.74
C SER A 391 -28.40 12.66 -3.26
N CYS A 392 -28.20 13.94 -3.53
CA CYS A 392 -26.96 14.46 -4.09
C CYS A 392 -26.28 15.45 -3.15
N GLY A 393 -26.64 15.47 -1.87
CA GLY A 393 -26.25 16.59 -1.02
C GLY A 393 -24.92 16.48 -0.31
N MET A 394 -24.24 15.36 -0.38
CA MET A 394 -23.09 15.21 0.51
C MET A 394 -21.92 14.58 -0.23
N TYR A 395 -21.73 14.98 -1.49
CA TYR A 395 -20.55 14.53 -2.22
C TYR A 395 -20.62 13.03 -2.47
N ASP A 396 -19.61 12.26 -2.05
CA ASP A 396 -19.69 10.84 -2.30
C ASP A 396 -20.41 10.06 -1.19
N PHE A 397 -20.78 10.72 -0.10
CA PHE A 397 -21.46 10.10 1.02
C PHE A 397 -22.96 10.21 0.92
N SER A 398 -23.47 10.82 -0.15
CA SER A 398 -24.91 11.09 -0.21
C SER A 398 -25.72 9.80 -0.17
N GLY A 399 -25.20 8.71 -0.74
CA GLY A 399 -25.90 7.45 -0.69
C GLY A 399 -25.98 6.90 0.72
N GLN A 400 -24.82 6.87 1.41
CA GLN A 400 -24.74 6.32 2.75
C GLN A 400 -25.48 7.20 3.74
N PHE A 401 -25.29 8.52 3.61
CA PHE A 401 -26.10 9.48 4.34
C PHE A 401 -27.58 9.29 4.07
N ALA A 402 -27.98 9.15 2.80
CA ALA A 402 -29.41 9.07 2.52
C ALA A 402 -30.02 7.83 3.18
N PHE A 403 -29.23 6.76 3.25
CA PHE A 403 -29.68 5.54 3.90
C PHE A 403 -29.72 5.72 5.41
N HIS A 404 -28.56 5.98 6.04
CA HIS A 404 -28.42 6.01 7.50
C HIS A 404 -28.88 7.30 8.18
N VAL A 405 -29.43 8.28 7.45
CA VAL A 405 -29.88 9.54 8.06
C VAL A 405 -31.23 10.01 7.53
N GLY A 406 -31.42 9.96 6.21
CA GLY A 406 -32.71 10.31 5.69
C GLY A 406 -33.10 11.78 5.76
N LEU A 407 -32.18 12.69 6.10
CA LEU A 407 -32.61 14.09 6.08
C LEU A 407 -31.96 14.85 4.95
N PRO A 408 -32.67 15.78 4.32
CA PRO A 408 -32.01 16.66 3.33
C PRO A 408 -30.84 17.35 4.00
N ALA A 409 -29.69 17.33 3.34
CA ALA A 409 -28.55 18.02 3.93
C ALA A 409 -27.55 18.43 2.86
N LYS A 410 -26.86 19.54 3.11
CA LYS A 410 -25.82 20.05 2.21
C LYS A 410 -24.55 20.39 2.99
N SER A 411 -23.40 20.02 2.44
CA SER A 411 -22.15 20.22 3.16
C SER A 411 -21.27 21.20 2.42
N GLY A 412 -20.47 21.96 3.17
CA GLY A 412 -19.43 22.82 2.66
C GLY A 412 -18.03 22.35 3.09
N VAL A 413 -17.04 23.13 2.67
CA VAL A 413 -15.64 22.84 2.96
C VAL A 413 -15.08 23.78 4.05
N ALA A 414 -15.75 24.90 4.32
CA ALA A 414 -15.61 25.58 5.60
C ALA A 414 -15.87 24.65 6.80
N GLY A 415 -16.59 23.56 6.58
CA GLY A 415 -17.05 22.71 7.65
C GLY A 415 -18.53 22.82 7.97
N GLY A 416 -19.37 23.31 7.01
CA GLY A 416 -20.80 23.40 7.22
C GLY A 416 -21.52 22.15 6.82
N ILE A 417 -22.70 21.98 7.40
CA ILE A 417 -23.70 20.97 7.01
C ILE A 417 -25.07 21.60 7.23
N LEU A 418 -25.74 21.98 6.15
CA LEU A 418 -27.06 22.59 6.24
C LEU A 418 -28.12 21.49 6.33
N LEU A 419 -28.84 21.42 7.45
CA LEU A 419 -29.72 20.30 7.78
C LEU A 419 -31.19 20.70 7.82
N VAL A 420 -32.05 19.89 7.22
CA VAL A 420 -33.48 20.16 7.31
C VAL A 420 -34.22 18.93 7.84
N VAL A 421 -35.04 19.13 8.86
CA VAL A 421 -36.01 18.11 9.22
C VAL A 421 -37.35 18.65 8.74
N PRO A 422 -37.84 18.21 7.59
CA PRO A 422 -39.08 18.78 7.03
C PRO A 422 -40.24 18.75 8.01
N ASN A 423 -40.90 19.90 8.16
CA ASN A 423 -42.05 20.16 9.05
C ASN A 423 -41.66 20.25 10.52
N VAL A 424 -40.38 20.22 10.87
CA VAL A 424 -39.90 20.29 12.25
C VAL A 424 -38.94 21.46 12.42
N MET A 425 -37.72 21.34 11.94
CA MET A 425 -36.75 22.40 12.21
C MET A 425 -35.67 22.44 11.12
N GLY A 426 -34.91 23.53 11.14
CA GLY A 426 -33.69 23.66 10.33
C GLY A 426 -32.49 23.84 11.24
N MET A 427 -31.38 23.20 10.87
CA MET A 427 -30.18 23.25 11.68
C MET A 427 -29.01 23.71 10.81
N MET A 428 -27.89 23.98 11.47
CA MET A 428 -26.63 24.20 10.75
C MET A 428 -25.52 23.87 11.72
N CYS A 429 -24.73 22.88 11.38
CA CYS A 429 -23.63 22.41 12.21
C CYS A 429 -22.33 22.83 11.55
N TRP A 430 -21.34 23.15 12.36
CA TRP A 430 -20.13 23.72 11.79
C TRP A 430 -18.92 23.30 12.61
N SER A 431 -18.15 22.34 12.09
CA SER A 431 -16.80 22.11 12.58
C SER A 431 -15.91 22.13 11.35
N PRO A 432 -14.83 22.89 11.34
CA PRO A 432 -14.02 23.04 10.12
C PRO A 432 -13.35 21.76 9.65
N PRO A 433 -12.75 20.93 10.53
CA PRO A 433 -11.98 19.79 10.00
C PRO A 433 -12.85 18.79 9.27
N LEU A 434 -12.40 18.42 8.05
CA LEU A 434 -13.14 17.55 7.15
C LEU A 434 -12.65 16.11 7.24
N ASP A 435 -13.55 15.16 6.99
CA ASP A 435 -13.11 13.79 6.78
C ASP A 435 -12.67 13.66 5.33
N LYS A 436 -12.25 12.45 4.94
CA LYS A 436 -11.63 12.27 3.63
C LYS A 436 -12.61 12.42 2.46
N MET A 437 -13.91 12.52 2.73
CA MET A 437 -14.89 12.66 1.66
C MET A 437 -15.33 14.09 1.43
N GLY A 438 -14.97 15.03 2.33
CA GLY A 438 -15.28 16.44 2.19
C GLY A 438 -16.24 17.03 3.22
N ASN A 439 -16.47 16.33 4.32
CA ASN A 439 -17.58 16.62 5.23
C ASN A 439 -17.07 16.85 6.63
N SER A 440 -17.68 17.82 7.32
CA SER A 440 -17.34 18.06 8.71
C SER A 440 -17.39 16.75 9.50
N VAL A 441 -16.28 16.44 10.20
CA VAL A 441 -16.27 15.18 10.94
C VAL A 441 -17.32 15.18 12.03
N LYS A 442 -17.30 16.19 12.90
CA LYS A 442 -18.31 16.29 13.96
C LYS A 442 -19.72 16.43 13.39
N GLY A 443 -19.86 17.12 12.26
CA GLY A 443 -21.18 17.25 11.66
C GLY A 443 -21.79 15.91 11.35
N ILE A 444 -21.04 15.03 10.68
CA ILE A 444 -21.56 13.73 10.28
C ILE A 444 -21.85 12.89 11.52
N HIS A 445 -21.04 13.07 12.56
CA HIS A 445 -21.26 12.36 13.82
C HIS A 445 -22.56 12.83 14.48
N PHE A 446 -22.81 14.14 14.48
CA PHE A 446 -24.01 14.68 15.08
C PHE A 446 -25.24 14.20 14.34
N CYS A 447 -25.18 14.16 13.00
CA CYS A 447 -26.38 13.84 12.22
C CYS A 447 -26.77 12.37 12.36
N HIS A 448 -25.80 11.46 12.46
CA HIS A 448 -26.11 10.07 12.86
C HIS A 448 -26.66 10.00 14.28
N ASP A 449 -26.02 10.72 15.23
CA ASP A 449 -26.48 10.71 16.61
C ASP A 449 -27.91 11.21 16.70
N LEU A 450 -28.23 12.30 16.00
CA LEU A 450 -29.60 12.82 15.97
C LEU A 450 -30.58 11.78 15.46
N VAL A 451 -30.27 11.10 14.35
CA VAL A 451 -31.34 10.27 13.81
C VAL A 451 -31.52 9.00 14.65
N SER A 452 -30.43 8.45 15.20
CA SER A 452 -30.58 7.35 16.14
C SER A 452 -31.49 7.73 17.31
N LEU A 453 -31.42 9.00 17.75
CA LEU A 453 -32.21 9.41 18.91
C LEU A 453 -33.67 9.71 18.56
N CYS A 454 -33.93 10.46 17.50
CA CYS A 454 -35.28 10.93 17.20
C CYS A 454 -35.82 10.32 15.91
N ASN A 455 -37.13 10.22 15.83
CA ASN A 455 -37.78 9.63 14.66
C ASN A 455 -37.86 10.63 13.50
N PHE A 456 -36.77 11.30 13.20
CA PHE A 456 -36.77 12.26 12.10
C PHE A 456 -36.29 11.69 10.77
N HIS A 457 -35.66 10.50 10.78
CA HIS A 457 -35.31 9.85 9.53
C HIS A 457 -36.53 9.89 8.64
N ASN A 458 -36.35 10.38 7.42
CA ASN A 458 -37.44 10.52 6.47
C ASN A 458 -38.34 9.27 6.36
N TYR A 459 -37.88 8.12 6.85
CA TYR A 459 -38.62 6.88 6.70
C TYR A 459 -38.79 6.14 8.04
N ASP A 460 -38.63 6.85 9.15
CA ASP A 460 -39.19 6.37 10.40
C ASP A 460 -40.72 6.51 10.34
N ASN A 461 -41.40 5.74 11.16
CA ASN A 461 -42.84 5.90 11.31
C ASN A 461 -43.16 6.89 12.44
N LEU A 462 -44.16 7.74 12.22
CA LEU A 462 -44.63 8.64 13.27
C LEU A 462 -45.34 7.91 14.42
N ARG A 463 -45.83 6.70 14.17
CA ARG A 463 -46.63 5.94 15.12
C ARG A 463 -45.83 4.88 15.86
N HIS A 464 -45.12 4.02 15.16
CA HIS A 464 -44.29 2.99 15.78
C HIS A 464 -42.82 3.29 15.47
N PHE A 465 -42.07 3.63 16.51
CA PHE A 465 -40.69 4.04 16.30
C PHE A 465 -39.76 3.50 17.38
N ALA A 466 -40.10 2.37 17.98
CA ALA A 466 -39.13 1.55 18.73
C ALA A 466 -38.57 2.32 19.92
N LYS A 467 -37.25 2.39 20.08
CA LYS A 467 -36.56 2.99 21.22
C LYS A 467 -36.40 4.50 21.12
N LYS A 468 -36.93 5.12 20.07
CA LYS A 468 -36.59 6.51 19.81
C LYS A 468 -37.58 7.46 20.45
N LEU A 469 -37.07 8.63 20.85
CA LEU A 469 -37.89 9.74 21.33
C LEU A 469 -38.52 10.49 20.16
N ASP A 470 -39.75 10.95 20.33
CA ASP A 470 -40.43 11.79 19.34
C ASP A 470 -40.69 13.15 19.96
N PRO A 471 -39.86 14.16 19.69
CA PRO A 471 -40.05 15.47 20.35
C PRO A 471 -41.26 16.23 19.82
N ARG A 472 -42.00 15.69 18.86
CA ARG A 472 -43.28 16.28 18.48
C ARG A 472 -44.38 15.98 19.47
N ARG A 473 -44.15 15.10 20.44
CA ARG A 473 -45.17 14.66 21.38
C ARG A 473 -44.81 15.07 22.80
N GLU A 474 -45.80 14.95 23.70
CA GLU A 474 -45.64 15.36 25.10
C GLU A 474 -45.34 14.18 26.02
N GLY A 475 -46.28 13.26 26.17
CA GLY A 475 -46.12 12.14 27.09
C GLY A 475 -47.06 10.96 26.86
N PRO B 66 -31.16 28.55 61.83
CA PRO B 66 -29.80 28.03 61.99
C PRO B 66 -28.77 28.75 61.07
N SER B 67 -27.51 28.82 61.51
CA SER B 67 -26.47 29.59 60.82
C SER B 67 -25.14 28.84 60.85
N LEU B 68 -24.51 28.66 59.67
CA LEU B 68 -23.30 27.84 59.55
C LEU B 68 -22.20 28.34 60.47
N GLU B 69 -21.96 29.65 60.45
CA GLU B 69 -21.00 30.25 61.35
C GLU B 69 -21.39 30.04 62.80
N ASP B 70 -22.66 30.27 63.14
CA ASP B 70 -23.18 29.91 64.47
C ASP B 70 -22.87 28.45 64.79
N LEU B 71 -23.16 27.53 63.86
CA LEU B 71 -22.93 26.11 64.08
C LEU B 71 -21.45 25.82 64.29
N LEU B 72 -20.63 26.22 63.32
CA LEU B 72 -19.19 26.05 63.43
C LEU B 72 -18.66 26.66 64.72
N PHE B 73 -19.29 27.73 65.20
CA PHE B 73 -18.89 28.33 66.46
C PHE B 73 -19.00 27.32 67.59
N TYR B 74 -20.17 26.69 67.75
CA TYR B 74 -20.36 25.74 68.84
C TYR B 74 -19.46 24.51 68.68
N THR B 75 -19.28 24.04 67.43
CA THR B 75 -18.36 22.93 67.16
C THR B 75 -16.98 23.20 67.78
N ILE B 76 -16.54 24.45 67.77
CA ILE B 76 -15.27 24.85 68.35
C ILE B 76 -15.45 25.38 69.77
N ALA B 77 -16.65 25.83 70.12
CA ALA B 77 -16.83 26.64 71.32
C ALA B 77 -16.55 25.85 72.59
N GLU B 78 -16.63 24.53 72.55
CA GLU B 78 -16.39 23.71 73.73
C GLU B 78 -17.35 24.08 74.86
N GLY B 79 -18.58 24.45 74.50
CA GLY B 79 -19.56 24.89 75.47
C GLY B 79 -19.29 26.22 76.14
N GLN B 80 -18.12 26.82 75.94
CA GLN B 80 -17.82 28.11 76.55
C GLN B 80 -18.42 29.24 75.67
N GLU B 81 -18.38 30.47 76.20
CA GLU B 81 -19.06 31.62 75.61
C GLU B 81 -18.24 32.33 74.53
N LYS B 82 -16.94 32.50 74.77
CA LYS B 82 -16.04 33.20 73.86
C LYS B 82 -14.83 32.32 73.55
N ILE B 83 -14.44 32.28 72.27
CA ILE B 83 -13.32 31.44 71.79
C ILE B 83 -12.01 32.20 71.86
N PRO B 84 -10.95 31.66 72.46
CA PRO B 84 -9.64 32.28 72.29
C PRO B 84 -9.17 32.18 70.84
N VAL B 85 -8.44 33.21 70.39
CA VAL B 85 -8.01 33.28 69.00
C VAL B 85 -7.06 32.13 68.68
N HIS B 86 -5.98 32.00 69.45
CA HIS B 86 -4.99 30.96 69.16
C HIS B 86 -5.60 29.57 69.24
N LYS B 87 -6.56 29.38 70.14
CA LYS B 87 -7.32 28.13 70.17
C LYS B 87 -7.97 27.87 68.81
N PHE B 88 -8.64 28.88 68.24
CA PHE B 88 -9.27 28.71 66.94
C PHE B 88 -8.23 28.45 65.86
N ILE B 89 -7.10 29.13 65.94
CA ILE B 89 -6.06 28.96 64.92
C ILE B 89 -5.44 27.58 65.00
N THR B 90 -5.13 27.11 66.21
CA THR B 90 -4.53 25.77 66.32
C THR B 90 -5.52 24.71 65.86
N ALA B 91 -6.81 24.89 66.15
CA ALA B 91 -7.83 24.01 65.59
C ALA B 91 -7.83 24.08 64.06
N LEU B 92 -7.57 25.26 63.50
CA LEU B 92 -7.60 25.42 62.05
C LEU B 92 -6.35 24.85 61.40
N LYS B 93 -5.21 24.92 62.09
CA LYS B 93 -3.95 24.40 61.55
C LYS B 93 -3.94 22.86 61.54
N SER B 94 -4.55 22.24 62.56
CA SER B 94 -4.52 20.78 62.65
C SER B 94 -5.35 20.13 61.55
N THR B 95 -6.28 20.86 60.96
CA THR B 95 -6.87 20.39 59.71
C THR B 95 -5.84 20.34 58.61
N GLY B 96 -4.65 20.89 58.84
CA GLY B 96 -3.63 20.95 57.82
C GLY B 96 -3.78 22.10 56.86
N LEU B 97 -4.76 22.97 57.05
CA LEU B 97 -4.72 24.20 56.30
C LEU B 97 -3.62 25.07 56.88
N ARG B 98 -3.07 25.95 56.06
CA ARG B 98 -2.12 26.95 56.51
C ARG B 98 -2.83 28.29 56.64
N THR B 99 -2.56 29.02 57.74
CA THR B 99 -3.18 30.34 57.88
C THR B 99 -2.94 31.21 56.65
N SER B 100 -1.82 30.99 55.96
CA SER B 100 -1.46 31.76 54.79
C SER B 100 -2.18 31.31 53.52
N ASP B 101 -3.03 30.28 53.59
CA ASP B 101 -3.91 29.87 52.48
C ASP B 101 -4.55 31.07 51.77
N PRO B 102 -4.60 31.10 50.43
CA PRO B 102 -5.27 32.20 49.73
C PRO B 102 -6.80 32.16 49.74
N ARG B 103 -7.43 31.04 50.07
CA ARG B 103 -8.89 31.01 50.18
C ARG B 103 -9.32 31.32 51.60
N LEU B 104 -8.36 31.56 52.47
CA LEU B 104 -8.60 31.99 53.83
C LEU B 104 -8.09 33.40 54.11
N LYS B 105 -7.77 34.19 53.07
CA LYS B 105 -7.15 35.49 53.30
C LYS B 105 -8.07 36.45 54.03
N GLU B 106 -9.33 36.51 53.61
CA GLU B 106 -10.31 37.39 54.24
C GLU B 106 -10.49 37.06 55.72
N CYS B 107 -10.53 35.77 56.06
CA CYS B 107 -10.72 35.39 57.45
C CYS B 107 -9.52 35.80 58.31
N MET B 108 -8.33 35.80 57.72
CA MET B 108 -7.13 36.14 58.49
C MET B 108 -6.98 37.65 58.61
N ASP B 109 -7.29 38.38 57.53
CA ASP B 109 -7.25 39.84 57.55
C ASP B 109 -8.24 40.38 58.58
N MET B 110 -9.39 39.73 58.71
CA MET B 110 -10.41 40.14 59.67
C MET B 110 -10.02 39.79 61.10
N LEU B 111 -9.36 38.66 61.31
CA LEU B 111 -8.82 38.37 62.64
C LEU B 111 -7.69 39.33 62.98
N ARG B 112 -6.81 39.60 62.01
CA ARG B 112 -5.69 40.49 62.27
C ARG B 112 -6.17 41.88 62.61
N LEU B 113 -7.20 42.35 61.92
CA LEU B 113 -7.75 43.67 62.20
C LEU B 113 -8.50 43.68 63.52
N THR B 114 -9.10 42.56 63.90
CA THR B 114 -9.86 42.53 65.15
C THR B 114 -8.96 42.47 66.37
N LEU B 115 -7.81 41.77 66.27
CA LEU B 115 -6.80 41.79 67.32
C LEU B 115 -6.17 43.17 67.48
N GLN B 116 -6.36 44.04 66.48
CA GLN B 116 -5.98 45.45 66.61
C GLN B 116 -7.04 46.22 67.38
N THR B 117 -8.27 46.24 66.85
CA THR B 117 -9.38 47.03 67.39
C THR B 117 -9.88 46.55 68.76
N THR B 118 -9.42 45.39 69.23
CA THR B 118 -9.75 44.91 70.57
C THR B 118 -8.53 44.15 71.12
N SER B 119 -7.49 44.90 71.52
CA SER B 119 -6.51 44.32 72.43
C SER B 119 -7.18 43.99 73.76
N ASP B 120 -8.28 44.70 74.03
CA ASP B 120 -9.43 44.29 74.84
C ASP B 120 -9.80 42.83 74.64
N GLY B 121 -8.84 41.93 74.73
CA GLY B 121 -9.08 40.53 74.40
C GLY B 121 -8.03 39.60 74.93
N VAL B 122 -7.80 38.52 74.20
CA VAL B 122 -8.33 38.42 72.85
C VAL B 122 -9.25 37.21 72.65
N MET B 123 -10.56 37.40 72.82
CA MET B 123 -11.51 36.30 72.70
C MET B 123 -12.77 36.69 71.94
N LEU B 124 -13.17 35.79 71.02
CA LEU B 124 -14.22 36.05 70.04
C LEU B 124 -15.60 35.73 70.60
N ASP B 125 -16.50 36.72 70.57
CA ASP B 125 -17.92 36.45 70.79
C ASP B 125 -18.45 35.53 69.69
N LYS B 126 -19.59 34.90 69.94
CA LYS B 126 -20.29 34.26 68.83
C LYS B 126 -20.50 35.25 67.68
N ASP B 127 -20.65 36.54 67.97
CA ASP B 127 -20.93 37.53 66.94
C ASP B 127 -19.68 38.11 66.31
N LEU B 128 -18.59 38.21 67.08
CA LEU B 128 -17.30 38.62 66.53
C LEU B 128 -16.71 37.52 65.66
N PHE B 129 -16.73 36.27 66.14
CA PHE B 129 -16.34 35.13 65.30
C PHE B 129 -17.21 35.08 64.04
N LYS B 130 -18.47 35.52 64.14
CA LYS B 130 -19.31 35.61 62.95
C LYS B 130 -18.70 36.58 61.93
N LYS B 131 -18.13 37.70 62.40
CA LYS B 131 -17.56 38.70 61.49
C LYS B 131 -16.31 38.17 60.76
N CYS B 132 -15.48 37.38 61.45
CA CYS B 132 -14.24 36.93 60.85
C CYS B 132 -14.46 35.83 59.83
N VAL B 133 -15.20 34.77 60.20
CA VAL B 133 -15.25 33.58 59.36
C VAL B 133 -16.36 33.60 58.32
N GLN B 134 -17.26 34.58 58.35
CA GLN B 134 -18.34 34.60 57.37
C GLN B 134 -17.82 34.56 55.95
N SER B 135 -16.64 35.12 55.72
CA SER B 135 -16.13 35.25 54.35
C SER B 135 -15.72 33.89 53.79
N ASN B 136 -14.98 33.12 54.58
CA ASN B 136 -14.41 31.85 54.14
C ASN B 136 -15.05 30.65 54.86
N ILE B 137 -16.34 30.78 55.21
CA ILE B 137 -16.97 29.80 56.12
C ILE B 137 -17.06 28.43 55.47
N VAL B 138 -17.37 28.36 54.18
CA VAL B 138 -17.58 27.06 53.57
C VAL B 138 -16.29 26.25 53.61
N LEU B 139 -15.16 26.91 53.38
CA LEU B 139 -13.88 26.21 53.46
C LEU B 139 -13.58 25.83 54.89
N LEU B 140 -13.82 26.74 55.82
CA LEU B 140 -13.57 26.47 57.23
C LEU B 140 -14.43 25.32 57.76
N THR B 141 -15.56 25.05 57.13
CA THR B 141 -16.44 24.05 57.69
C THR B 141 -16.02 22.64 57.28
N GLN B 142 -15.90 22.39 55.97
CA GLN B 142 -15.32 21.13 55.52
C GLN B 142 -14.02 20.84 56.25
N ALA B 143 -13.23 21.87 56.51
CA ALA B 143 -11.99 21.67 57.26
C ALA B 143 -12.27 21.18 58.67
N PHE B 144 -13.30 21.75 59.33
CA PHE B 144 -13.58 21.42 60.72
C PHE B 144 -14.56 20.25 60.86
N ARG B 145 -15.44 20.03 59.89
CA ARG B 145 -16.25 18.80 59.83
C ARG B 145 -15.54 17.71 59.06
N ARG B 146 -14.24 17.49 59.34
CA ARG B 146 -13.35 16.53 58.68
C ARG B 146 -13.84 16.03 57.33
N LYS B 147 -14.36 16.92 56.50
CA LYS B 147 -14.76 16.55 55.14
C LYS B 147 -13.62 16.68 54.13
N PHE B 148 -12.37 16.84 54.58
CA PHE B 148 -11.26 16.84 53.65
C PHE B 148 -10.90 15.40 53.24
N VAL B 149 -10.16 15.30 52.13
CA VAL B 149 -9.76 14.01 51.56
C VAL B 149 -9.03 13.16 52.59
N ILE B 150 -8.32 13.79 53.52
CA ILE B 150 -7.63 13.11 54.59
C ILE B 150 -8.14 13.67 55.92
N PRO B 151 -9.09 13.00 56.59
CA PRO B 151 -9.71 13.62 57.75
C PRO B 151 -8.77 13.76 58.93
N ASP B 152 -7.89 12.78 59.15
CA ASP B 152 -6.94 12.85 60.25
C ASP B 152 -5.57 13.15 59.65
N PHE B 153 -5.39 14.40 59.29
CA PHE B 153 -4.11 14.87 58.77
C PHE B 153 -3.03 14.85 59.83
N MET B 154 -3.40 14.87 61.11
CA MET B 154 -2.39 15.05 62.14
C MET B 154 -1.51 13.81 62.25
N SER B 155 -2.09 12.64 62.09
CA SER B 155 -1.30 11.43 62.22
C SER B 155 -0.81 10.90 60.88
N PHE B 156 -1.39 11.38 59.77
CA PHE B 156 -0.81 11.09 58.45
C PHE B 156 0.56 11.75 58.33
N THR B 157 0.69 12.98 58.82
CA THR B 157 1.99 13.64 58.82
C THR B 157 2.99 12.93 59.74
N SER B 158 2.54 12.44 60.90
CA SER B 158 3.45 11.65 61.70
C SER B 158 4.00 10.48 60.90
N HIS B 159 3.17 9.93 60.01
CA HIS B 159 3.65 8.85 59.15
C HIS B 159 4.67 9.35 58.14
N ILE B 160 4.38 10.48 57.48
CA ILE B 160 5.27 11.03 56.48
C ILE B 160 6.62 11.38 57.10
N ASP B 161 6.65 11.69 58.39
CA ASP B 161 7.92 11.90 59.08
C ASP B 161 8.71 10.60 59.23
N GLU B 162 8.05 9.51 59.62
CA GLU B 162 8.75 8.23 59.77
C GLU B 162 9.35 7.81 58.44
N LEU B 163 8.59 7.97 57.33
CA LEU B 163 9.07 7.58 56.01
C LEU B 163 10.22 8.45 55.53
N TYR B 164 10.11 9.76 55.77
CA TYR B 164 11.25 10.66 55.55
C TYR B 164 12.45 10.23 56.39
N GLU B 165 12.22 9.93 57.66
CA GLU B 165 13.32 9.51 58.52
C GLU B 165 13.89 8.14 58.15
N SER B 166 13.10 7.29 57.50
CA SER B 166 13.61 5.99 57.06
C SER B 166 14.37 6.09 55.75
N ALA B 167 14.03 7.06 54.90
CA ALA B 167 14.81 7.24 53.68
C ALA B 167 16.05 8.05 53.92
N LYS B 168 16.07 8.90 54.95
CA LYS B 168 17.25 9.71 55.23
C LYS B 168 18.47 8.84 55.53
N LYS B 169 18.25 7.59 55.95
CA LYS B 169 19.31 6.62 56.22
C LYS B 169 19.90 6.00 54.95
N GLN B 170 19.43 6.37 53.76
CA GLN B 170 19.86 5.78 52.49
C GLN B 170 20.81 6.74 51.76
N SER B 171 22.09 6.67 52.12
CA SER B 171 23.08 7.63 51.67
C SER B 171 23.88 7.17 50.46
N GLY B 172 23.27 6.37 49.56
CA GLY B 172 23.89 5.98 48.32
C GLY B 172 23.65 6.98 47.19
N GLY B 173 24.09 6.62 46.00
CA GLY B 173 23.98 7.47 44.83
C GLY B 173 25.15 8.43 44.66
N LYS B 174 25.18 9.08 43.50
CA LYS B 174 26.14 10.14 43.16
C LYS B 174 25.40 11.34 42.59
N VAL B 175 25.72 12.52 43.14
CA VAL B 175 25.15 13.78 42.69
C VAL B 175 25.50 14.06 41.23
N ALA B 176 24.55 14.62 40.49
CA ALA B 176 24.80 14.95 39.09
C ALA B 176 25.93 15.96 38.98
N ASP B 177 27.00 15.62 38.25
CA ASP B 177 28.12 16.55 38.17
C ASP B 177 28.52 16.91 36.73
N TYR B 178 27.63 16.74 35.75
CA TYR B 178 28.01 17.06 34.38
C TYR B 178 28.03 18.56 34.12
N ILE B 179 27.47 19.37 35.03
CA ILE B 179 27.67 20.82 35.03
C ILE B 179 27.88 21.28 36.47
N PRO B 180 28.59 22.40 36.65
CA PRO B 180 28.97 22.80 38.03
C PRO B 180 27.81 23.25 38.89
N GLN B 181 26.61 23.46 38.32
CA GLN B 181 25.48 23.96 39.10
C GLN B 181 24.78 22.87 39.91
N LEU B 182 24.81 21.63 39.43
CA LEU B 182 24.26 20.49 40.15
C LEU B 182 25.27 19.85 41.10
N ALA B 183 26.56 19.99 40.81
CA ALA B 183 27.62 19.42 41.63
C ALA B 183 27.88 20.25 42.87
N LYS B 184 27.21 21.41 43.00
CA LYS B 184 27.32 22.24 44.19
C LYS B 184 26.32 21.85 45.28
N PHE B 185 25.28 21.08 44.95
CA PHE B 185 24.29 20.69 45.93
C PHE B 185 24.85 19.62 46.86
N SER B 186 24.67 19.80 48.16
CA SER B 186 25.11 18.80 49.12
C SER B 186 24.30 17.51 48.92
N PRO B 187 24.88 16.35 49.29
CA PRO B 187 24.13 15.10 49.17
C PRO B 187 23.22 14.81 50.34
N ASP B 188 23.43 15.47 51.49
CA ASP B 188 22.63 15.31 52.69
C ASP B 188 21.41 16.21 52.71
N LEU B 189 21.19 16.95 51.63
CA LEU B 189 19.93 17.60 51.43
C LEU B 189 18.88 16.54 51.05
N TRP B 190 17.68 16.66 51.64
CA TRP B 190 16.59 15.75 51.35
C TRP B 190 15.29 16.32 51.93
N GLY B 191 14.27 16.50 51.08
CA GLY B 191 13.03 17.07 51.53
C GLY B 191 11.82 16.45 50.85
N VAL B 192 10.70 16.51 51.56
CA VAL B 192 9.40 16.08 51.03
C VAL B 192 8.36 17.12 51.41
N SER B 193 7.47 17.45 50.48
CA SER B 193 6.36 18.34 50.76
C SER B 193 5.07 17.72 50.29
N VAL B 194 4.03 17.83 51.11
CA VAL B 194 2.71 17.33 50.75
C VAL B 194 1.75 18.48 50.53
N CYS B 195 0.84 18.28 49.58
CA CYS B 195 -0.30 19.17 49.34
C CYS B 195 -1.48 18.33 48.86
N THR B 196 -2.53 18.24 49.67
CA THR B 196 -3.71 17.48 49.30
C THR B 196 -4.50 18.19 48.19
N ALA B 197 -5.42 17.45 47.56
CA ALA B 197 -6.36 18.06 46.63
C ALA B 197 -7.24 19.12 47.31
N ASP B 198 -7.34 19.10 48.64
CA ASP B 198 -8.04 20.12 49.44
C ASP B 198 -7.10 21.22 49.94
N GLY B 199 -5.80 21.10 49.70
CA GLY B 199 -4.86 22.12 50.10
C GLY B 199 -4.29 21.99 51.50
N GLN B 200 -4.31 20.81 52.09
CA GLN B 200 -3.68 20.59 53.39
C GLN B 200 -2.17 20.37 53.21
N ARG B 201 -1.36 21.05 53.99
CA ARG B 201 0.07 21.07 53.73
C ARG B 201 0.88 20.39 54.84
N HIS B 202 2.00 19.79 54.45
CA HIS B 202 3.03 19.33 55.38
C HIS B 202 4.33 19.13 54.62
N SER B 203 5.43 19.36 55.35
CA SER B 203 6.79 19.25 54.82
C SER B 203 7.69 18.79 55.95
N THR B 204 8.66 17.93 55.65
CA THR B 204 9.82 17.74 56.54
C THR B 204 11.10 17.72 55.71
N GLY B 205 12.16 18.28 56.27
CA GLY B 205 13.43 18.31 55.59
C GLY B 205 13.73 19.62 54.91
N ASP B 206 14.52 19.55 53.84
CA ASP B 206 15.05 20.75 53.17
C ASP B 206 14.13 21.16 52.03
N THR B 207 12.95 21.62 52.42
CA THR B 207 11.84 21.80 51.49
C THR B 207 11.64 23.25 51.08
N LYS B 208 12.55 24.13 51.45
CA LYS B 208 12.54 25.51 50.99
C LYS B 208 13.75 25.85 50.12
N VAL B 209 14.58 24.86 49.75
CA VAL B 209 15.77 25.13 48.95
C VAL B 209 15.40 25.11 47.46
N PRO B 210 15.81 26.10 46.68
CA PRO B 210 15.50 26.08 45.25
C PRO B 210 16.40 25.11 44.52
N PHE B 211 15.79 24.41 43.55
CA PHE B 211 16.51 23.51 42.67
C PHE B 211 15.76 23.50 41.35
N CYS B 212 16.44 23.08 40.30
CA CYS B 212 15.88 23.17 38.97
C CYS B 212 14.97 21.97 38.72
N LEU B 213 13.78 22.25 38.17
CA LEU B 213 12.90 21.16 37.75
C LEU B 213 13.64 20.14 36.87
N GLN B 214 14.49 20.63 35.96
CA GLN B 214 15.15 19.80 34.95
C GLN B 214 14.04 19.02 34.25
N SER B 215 14.19 17.70 34.05
CA SER B 215 13.18 16.94 33.30
C SER B 215 11.83 16.89 33.98
N CYS B 216 11.72 17.29 35.26
CA CYS B 216 10.40 17.43 35.87
C CYS B 216 9.52 18.44 35.14
N VAL B 217 10.13 19.33 34.35
CA VAL B 217 9.33 20.29 33.60
C VAL B 217 8.62 19.61 32.44
N LYS B 218 9.12 18.43 31.98
CA LYS B 218 8.56 17.76 30.79
C LYS B 218 7.05 17.62 30.85
N PRO B 219 6.47 16.95 31.88
CA PRO B 219 5.02 16.77 31.92
C PRO B 219 4.26 18.08 32.09
N LEU B 220 4.90 19.10 32.67
CA LEU B 220 4.26 20.39 32.84
C LEU B 220 4.01 21.08 31.50
N LYS B 221 4.96 20.99 30.56
CA LYS B 221 4.76 21.68 29.29
C LYS B 221 3.96 20.82 28.33
N TYR B 222 4.14 19.50 28.42
CA TYR B 222 3.22 18.60 27.75
C TYR B 222 1.78 18.92 28.12
N ALA B 223 1.54 19.21 29.40
CA ALA B 223 0.21 19.61 29.82
C ALA B 223 -0.18 20.93 29.17
N ILE B 224 0.71 21.93 29.21
CA ILE B 224 0.37 23.22 28.60
C ILE B 224 0.01 23.04 27.14
N ALA B 225 0.80 22.24 26.40
CA ALA B 225 0.55 22.08 24.97
C ALA B 225 -0.82 21.46 24.68
N VAL B 226 -1.16 20.36 25.35
CA VAL B 226 -2.47 19.70 25.19
C VAL B 226 -3.59 20.52 25.81
N ASN B 227 -3.31 21.28 26.86
CA ASN B 227 -4.34 22.20 27.35
C ASN B 227 -4.61 23.33 26.37
N ASP B 228 -3.60 23.75 25.59
CA ASP B 228 -3.75 24.82 24.62
C ASP B 228 -4.11 24.33 23.22
N LEU B 229 -3.84 23.06 22.91
CA LEU B 229 -3.93 22.56 21.54
C LEU B 229 -4.70 21.28 21.43
N GLY B 230 -4.92 20.55 22.51
CA GLY B 230 -5.67 19.33 22.45
C GLY B 230 -4.77 18.15 22.13
N THR B 231 -5.27 16.97 22.47
CA THR B 231 -4.41 15.79 22.35
C THR B 231 -4.10 15.51 20.89
N GLU B 232 -5.13 15.50 20.03
CA GLU B 232 -4.97 15.06 18.64
C GLU B 232 -3.82 15.82 17.96
N TYR B 233 -3.84 17.15 18.06
CA TYR B 233 -2.79 17.96 17.43
C TYR B 233 -1.42 17.58 17.98
N VAL B 234 -1.27 17.56 19.31
CA VAL B 234 0.03 17.34 19.93
C VAL B 234 0.59 15.99 19.52
N HIS B 235 -0.24 14.95 19.54
CA HIS B 235 0.25 13.61 19.24
C HIS B 235 0.36 13.34 17.73
N ARG B 236 0.16 14.38 16.91
CA ARG B 236 0.70 14.37 15.56
C ARG B 236 2.22 14.44 15.59
N TYR B 237 2.78 15.13 16.57
CA TYR B 237 4.22 15.37 16.60
C TYR B 237 4.95 14.46 17.58
N VAL B 238 4.23 13.71 18.41
CA VAL B 238 4.83 12.96 19.51
C VAL B 238 3.93 11.80 19.91
N GLY B 239 4.46 10.58 19.80
CA GLY B 239 3.73 9.40 20.19
C GLY B 239 3.41 9.45 21.67
N LYS B 240 2.88 8.31 22.15
CA LYS B 240 2.25 8.19 23.45
C LYS B 240 2.51 6.87 24.15
N GLU B 241 3.63 6.21 23.89
CA GLU B 241 3.98 4.98 24.57
C GLU B 241 5.39 5.06 25.07
N PRO B 242 5.80 4.16 25.95
CA PRO B 242 7.22 4.05 26.28
C PRO B 242 7.89 3.21 25.19
N SER B 243 9.22 3.24 25.17
CA SER B 243 9.92 2.76 23.99
C SER B 243 10.26 1.27 24.06
N GLY B 244 10.60 0.77 25.24
CA GLY B 244 11.21 -0.54 25.33
C GLY B 244 12.65 -0.41 25.76
N LEU B 245 13.01 -1.08 26.85
CA LEU B 245 14.16 -0.70 27.66
C LEU B 245 15.52 -0.83 26.95
N ARG B 246 15.60 -1.30 25.71
CA ARG B 246 16.81 -1.15 24.90
C ARG B 246 16.50 -0.42 23.60
N PHE B 247 15.51 0.47 23.63
CA PHE B 247 15.30 1.44 22.57
C PHE B 247 15.60 2.87 23.07
N ASN B 248 16.57 2.98 23.98
CA ASN B 248 16.88 4.22 24.68
C ASN B 248 17.77 5.16 23.85
N LYS B 249 18.70 4.60 23.12
CA LYS B 249 19.52 5.44 22.28
C LYS B 249 18.78 5.87 21.02
N LEU B 250 17.62 5.27 20.73
CA LEU B 250 16.82 5.66 19.57
C LEU B 250 15.98 6.89 19.89
N PHE B 251 15.78 7.76 18.91
CA PHE B 251 15.06 9.01 19.13
C PHE B 251 13.60 8.90 18.73
N LEU B 252 13.33 8.37 17.55
CA LEU B 252 11.99 8.33 16.97
C LEU B 252 11.45 6.91 16.95
N ASN B 253 10.14 6.78 17.13
CA ASN B 253 9.48 5.49 17.01
C ASN B 253 9.40 5.12 15.53
N GLU B 254 8.59 4.12 15.19
CA GLU B 254 8.51 3.72 13.80
C GLU B 254 7.75 4.71 12.93
N ASP B 255 6.84 5.51 13.49
CA ASP B 255 6.14 6.51 12.69
C ASP B 255 6.95 7.78 12.48
N ASP B 256 8.22 7.80 12.91
CA ASP B 256 9.11 8.96 12.84
C ASP B 256 8.76 10.09 13.80
N LYS B 257 7.74 9.89 14.69
CA LYS B 257 7.50 10.72 15.87
C LYS B 257 8.41 10.27 17.05
N PRO B 258 8.77 11.16 17.97
CA PRO B 258 9.40 10.69 19.20
C PRO B 258 8.46 9.79 19.99
N HIS B 259 9.03 8.87 20.75
CA HIS B 259 8.23 7.80 21.33
C HIS B 259 7.10 8.34 22.20
N ASN B 260 7.37 9.43 22.90
CA ASN B 260 6.46 10.00 23.90
C ASN B 260 7.08 11.28 24.44
N PRO B 261 6.32 12.08 25.18
CA PRO B 261 6.86 13.36 25.66
C PRO B 261 7.64 13.33 26.98
N MET B 262 8.25 12.22 27.38
CA MET B 262 9.04 12.23 28.61
C MET B 262 10.50 11.87 28.36
N VAL B 263 10.86 11.66 27.10
CA VAL B 263 12.23 11.51 26.61
C VAL B 263 12.69 12.84 26.06
N ASN B 264 13.99 13.12 26.18
CA ASN B 264 14.51 14.41 25.74
C ASN B 264 14.10 14.70 24.30
N ALA B 265 14.08 13.67 23.46
CA ALA B 265 13.70 13.91 22.07
C ALA B 265 12.29 14.46 21.95
N GLY B 266 11.36 14.01 22.80
CA GLY B 266 9.96 14.37 22.62
C GLY B 266 9.56 15.63 23.37
N ALA B 267 10.18 15.82 24.54
CA ALA B 267 10.09 17.11 25.22
C ALA B 267 10.52 18.24 24.30
N ILE B 268 11.64 18.07 23.59
CA ILE B 268 12.09 19.09 22.65
C ILE B 268 11.02 19.36 21.59
N VAL B 269 10.49 18.30 20.98
CA VAL B 269 9.36 18.46 20.06
C VAL B 269 8.26 19.29 20.71
N VAL B 270 7.73 18.83 21.85
CA VAL B 270 6.64 19.57 22.51
C VAL B 270 7.03 21.04 22.69
N THR B 271 8.21 21.30 23.26
CA THR B 271 8.66 22.67 23.43
C THR B 271 8.46 23.49 22.15
N SER B 272 8.54 22.83 20.99
CA SER B 272 8.30 23.53 19.74
C SER B 272 6.83 23.91 19.51
N LEU B 273 5.89 23.23 20.15
CA LEU B 273 4.48 23.46 19.85
C LEU B 273 3.87 24.57 20.70
N ILE B 274 4.47 24.88 21.84
CA ILE B 274 3.90 25.86 22.76
C ILE B 274 4.07 27.25 22.17
N LYS B 275 2.95 27.93 21.91
CA LYS B 275 2.94 29.37 21.74
C LYS B 275 3.75 29.79 20.51
N GLN B 276 3.57 29.06 19.41
CA GLN B 276 4.31 29.30 18.18
C GLN B 276 4.02 30.70 17.65
N GLY B 277 4.96 31.24 16.89
CA GLY B 277 4.80 32.57 16.35
C GLY B 277 5.07 33.73 17.29
N VAL B 278 5.76 33.48 18.41
CA VAL B 278 6.16 34.49 19.38
C VAL B 278 7.66 34.30 19.62
N ASN B 279 8.31 35.31 20.18
CA ASN B 279 9.71 35.12 20.48
C ASN B 279 9.91 34.43 21.84
N ASN B 280 11.15 34.02 22.13
CA ASN B 280 11.42 33.20 23.31
C ASN B 280 11.09 33.92 24.62
N ALA B 281 11.24 35.25 24.68
CA ALA B 281 11.01 35.95 25.94
C ALA B 281 9.55 35.85 26.38
N GLU B 282 8.61 36.00 25.45
CA GLU B 282 7.21 35.87 25.84
C GLU B 282 6.81 34.41 25.97
N LYS B 283 7.34 33.54 25.11
CA LYS B 283 7.09 32.12 25.24
C LYS B 283 7.44 31.65 26.64
N PHE B 284 8.62 32.06 27.13
CA PHE B 284 9.00 31.78 28.52
C PHE B 284 8.04 32.44 29.48
N ASP B 285 7.77 33.74 29.27
CA ASP B 285 6.85 34.46 30.15
C ASP B 285 5.47 33.82 30.14
N TYR B 286 5.05 33.24 29.01
CA TYR B 286 3.78 32.55 28.92
C TYR B 286 3.79 31.31 29.81
N VAL B 287 4.86 30.52 29.73
CA VAL B 287 4.92 29.28 30.51
C VAL B 287 5.11 29.56 31.99
N MET B 288 5.83 30.63 32.35
CA MET B 288 6.06 30.86 33.78
C MET B 288 4.77 31.24 34.49
N GLN B 289 3.88 31.98 33.82
CA GLN B 289 2.66 32.38 34.50
C GLN B 289 1.71 31.20 34.66
N PHE B 290 1.63 30.34 33.64
CA PHE B 290 1.08 29.00 33.81
C PHE B 290 1.58 28.34 35.09
N LEU B 291 2.89 28.21 35.21
CA LEU B 291 3.47 27.51 36.35
C LEU B 291 3.10 28.19 37.65
N ASN B 292 3.03 29.52 37.65
CA ASN B 292 2.64 30.22 38.86
C ASN B 292 1.20 29.88 39.24
N LYS B 293 0.29 29.86 38.27
CA LYS B 293 -1.06 29.40 38.56
C LYS B 293 -1.05 27.96 39.08
N MET B 294 -0.22 27.10 38.50
CA MET B 294 -0.23 25.70 38.91
C MET B 294 0.32 25.51 40.32
N ALA B 295 1.05 26.48 40.86
CA ALA B 295 1.64 26.35 42.19
C ALA B 295 0.99 27.27 43.20
N GLY B 296 -0.18 27.82 42.88
CA GLY B 296 -0.83 28.80 43.71
C GLY B 296 0.03 30.00 44.00
N ASN B 297 0.91 30.37 43.07
CA ASN B 297 1.77 31.56 43.16
C ASN B 297 2.83 31.44 44.27
N GLU B 298 3.22 30.22 44.62
CA GLU B 298 4.37 30.03 45.49
C GLU B 298 5.65 30.03 44.63
N TYR B 299 6.81 29.81 45.25
CA TYR B 299 8.07 30.12 44.58
C TYR B 299 8.30 29.34 43.29
N VAL B 300 8.26 30.03 42.16
CA VAL B 300 8.75 29.49 40.89
C VAL B 300 9.85 30.42 40.41
N GLY B 301 11.11 29.97 40.49
CA GLY B 301 12.24 30.73 40.02
C GLY B 301 12.84 30.24 38.71
N PHE B 302 14.06 30.69 38.47
CA PHE B 302 14.80 30.38 37.24
C PHE B 302 16.26 30.64 37.49
N SER B 303 17.11 29.73 37.08
CA SER B 303 18.52 29.85 37.39
C SER B 303 19.23 30.12 36.07
N ASN B 304 19.74 31.34 35.90
CA ASN B 304 20.47 31.59 34.66
C ASN B 304 21.80 30.84 34.66
N ALA B 305 22.41 30.66 35.83
CA ALA B 305 23.69 29.97 35.90
C ALA B 305 23.60 28.58 35.28
N THR B 306 22.50 27.86 35.53
CA THR B 306 22.37 26.55 34.91
C THR B 306 21.97 26.63 33.44
N PHE B 307 21.23 27.66 33.03
CA PHE B 307 20.88 27.71 31.62
C PHE B 307 22.13 27.97 30.77
N GLN B 308 23.11 28.69 31.30
CA GLN B 308 24.38 28.83 30.60
C GLN B 308 25.10 27.49 30.53
N SER B 309 25.24 26.81 31.66
CA SER B 309 25.97 25.55 31.67
C SER B 309 25.22 24.46 30.92
N GLU B 310 23.92 24.57 30.81
CA GLU B 310 23.18 23.55 30.09
C GLU B 310 23.25 23.73 28.56
N ARG B 311 23.55 24.93 28.07
CA ARG B 311 23.71 25.07 26.62
C ARG B 311 25.15 24.83 26.19
N GLU B 312 26.14 25.23 27.01
CA GLU B 312 27.53 24.98 26.63
C GLU B 312 27.91 23.49 26.63
N SER B 313 27.08 22.63 27.23
CA SER B 313 27.35 21.20 27.30
C SER B 313 26.34 20.32 26.56
N GLY B 314 25.23 20.88 26.11
CA GLY B 314 24.18 20.04 25.56
C GLY B 314 24.44 19.52 24.16
N ASP B 315 25.46 18.68 24.00
CA ASP B 315 25.76 18.17 22.67
C ASP B 315 24.66 17.24 22.17
N ARG B 316 24.26 16.27 23.00
CA ARG B 316 23.21 15.32 22.62
C ARG B 316 21.90 16.03 22.28
N ASN B 317 21.49 17.01 23.11
CA ASN B 317 20.27 17.75 22.81
C ASN B 317 20.38 18.41 21.44
N PHE B 318 21.51 19.05 21.17
CA PHE B 318 21.72 19.58 19.82
C PHE B 318 21.72 18.46 18.78
N ALA B 319 22.48 17.38 19.05
CA ALA B 319 22.40 16.17 18.24
C ALA B 319 20.95 15.80 17.95
N ILE B 320 20.10 15.80 18.99
CA ILE B 320 18.69 15.42 18.80
C ILE B 320 17.96 16.42 17.91
N GLY B 321 18.23 17.71 18.09
CA GLY B 321 17.49 18.72 17.35
C GLY B 321 17.77 18.67 15.87
N TYR B 322 19.03 18.46 15.51
CA TYR B 322 19.34 18.27 14.10
C TYR B 322 18.63 17.05 13.54
N TYR B 323 18.65 15.92 14.25
CA TYR B 323 17.93 14.75 13.74
C TYR B 323 16.47 15.05 13.48
N LEU B 324 15.83 15.80 14.39
CA LEU B 324 14.39 16.04 14.28
C LEU B 324 14.06 16.99 13.13
N LYS B 325 14.93 17.98 12.88
CA LYS B 325 14.78 18.83 11.69
C LYS B 325 15.00 18.03 10.41
N GLU B 326 15.96 17.10 10.44
CA GLU B 326 16.20 16.27 9.25
C GLU B 326 15.00 15.40 8.95
N LYS B 327 14.34 14.88 9.99
CA LYS B 327 13.20 13.99 9.82
C LYS B 327 11.88 14.74 9.81
N LYS B 328 11.93 16.07 9.72
CA LYS B 328 10.75 16.92 9.57
C LYS B 328 9.78 16.75 10.76
N CYS B 329 10.35 16.66 11.96
CA CYS B 329 9.61 16.36 13.18
C CYS B 329 8.95 17.58 13.81
N PHE B 330 9.41 18.79 13.48
CA PHE B 330 8.86 20.02 14.01
C PHE B 330 7.74 20.56 13.11
N PRO B 331 6.97 21.54 13.58
CA PRO B 331 5.97 22.17 12.70
C PRO B 331 6.65 23.13 11.73
N GLU B 332 5.96 23.37 10.61
CA GLU B 332 6.52 24.22 9.58
C GLU B 332 7.00 25.55 10.17
N GLY B 333 8.10 26.07 9.63
CA GLY B 333 8.64 27.33 10.11
C GLY B 333 9.18 27.32 11.53
N THR B 334 9.62 26.17 12.02
CA THR B 334 10.21 26.07 13.35
C THR B 334 11.68 26.45 13.30
N ASP B 335 12.11 27.33 14.21
CA ASP B 335 13.53 27.63 14.41
C ASP B 335 14.12 26.62 15.39
N MET B 336 14.96 25.71 14.87
CA MET B 336 15.45 24.57 15.63
C MET B 336 16.41 24.97 16.77
N VAL B 337 17.41 25.81 16.48
CA VAL B 337 18.36 26.20 17.52
C VAL B 337 17.71 27.11 18.55
N GLY B 338 16.68 27.86 18.17
CA GLY B 338 15.99 28.70 19.14
C GLY B 338 15.06 27.93 20.07
N ILE B 339 14.27 27.00 19.50
CA ILE B 339 13.46 26.06 20.29
C ILE B 339 14.34 25.35 21.30
N LEU B 340 15.57 25.03 20.90
CA LEU B 340 16.51 24.39 21.82
C LEU B 340 16.83 25.28 23.01
N ASP B 341 17.15 26.56 22.76
CA ASP B 341 17.39 27.49 23.85
C ASP B 341 16.22 27.54 24.83
N PHE B 342 15.01 27.77 24.29
CA PHE B 342 13.80 27.72 25.09
C PHE B 342 13.65 26.36 25.80
N TYR B 343 14.22 25.28 25.25
CA TYR B 343 14.22 24.02 25.98
C TYR B 343 15.14 24.08 27.19
N PHE B 344 16.40 24.48 26.97
CA PHE B 344 17.32 24.67 28.09
C PHE B 344 16.78 25.66 29.12
N GLN B 345 16.03 26.67 28.68
CA GLN B 345 15.40 27.59 29.62
C GLN B 345 14.38 26.89 30.53
N LEU B 346 13.39 26.20 29.94
CA LEU B 346 12.37 25.50 30.72
C LEU B 346 12.96 24.48 31.66
N CYS B 347 14.16 23.97 31.39
CA CYS B 347 14.79 23.03 32.30
C CYS B 347 15.50 23.73 33.47
N SER B 348 15.76 25.04 33.37
CA SER B 348 16.47 25.77 34.42
C SER B 348 15.54 26.47 35.42
N ILE B 349 14.22 26.28 35.30
CA ILE B 349 13.24 26.93 36.15
C ILE B 349 13.25 26.33 37.55
N GLU B 350 13.40 27.17 38.56
CA GLU B 350 13.55 26.68 39.94
C GLU B 350 12.21 26.54 40.66
N VAL B 351 12.15 25.59 41.60
CA VAL B 351 11.05 25.43 42.54
C VAL B 351 11.69 25.03 43.85
N THR B 352 10.94 25.19 44.93
CA THR B 352 11.30 24.50 46.17
C THR B 352 10.40 23.30 46.31
N CYS B 353 10.66 22.50 47.33
CA CYS B 353 9.80 21.33 47.49
C CYS B 353 8.37 21.78 47.68
N GLU B 354 8.19 22.86 48.43
CA GLU B 354 6.85 23.32 48.75
C GLU B 354 6.11 23.78 47.50
N SER B 355 6.66 24.77 46.79
CA SER B 355 5.99 25.27 45.59
C SER B 355 5.69 24.17 44.57
N ALA B 356 6.64 23.27 44.31
CA ALA B 356 6.37 22.22 43.34
C ALA B 356 5.41 21.16 43.86
N SER B 357 5.23 21.03 45.18
CA SER B 357 4.24 20.08 45.68
C SER B 357 2.82 20.52 45.34
N VAL B 358 2.58 21.84 45.24
CA VAL B 358 1.29 22.36 44.79
C VAL B 358 1.04 22.03 43.32
N MET B 359 2.06 22.22 42.48
CA MET B 359 2.02 21.79 41.09
C MET B 359 1.47 20.38 40.93
N ALA B 360 2.20 19.39 41.47
CA ALA B 360 1.72 18.02 41.62
C ALA B 360 0.25 17.94 42.01
N ALA B 361 -0.16 18.75 43.00
CA ALA B 361 -1.52 18.65 43.52
C ALA B 361 -2.56 19.14 42.50
N THR B 362 -2.27 20.21 41.75
CA THR B 362 -3.15 20.61 40.65
C THR B 362 -3.41 19.45 39.69
N LEU B 363 -2.43 18.55 39.53
CA LEU B 363 -2.54 17.38 38.69
C LEU B 363 -3.40 16.30 39.34
N ALA B 364 -3.20 16.08 40.64
CA ALA B 364 -4.12 15.25 41.42
C ALA B 364 -5.55 15.77 41.40
N ASN B 365 -5.78 17.03 41.04
CA ASN B 365 -7.05 17.70 41.26
C ASN B 365 -7.72 18.14 39.94
N GLY B 366 -7.66 17.30 38.90
CA GLY B 366 -8.39 17.58 37.67
C GLY B 366 -8.04 18.90 37.01
N GLY B 367 -6.91 19.49 37.39
CA GLY B 367 -6.49 20.75 36.81
C GLY B 367 -6.75 21.96 37.67
N PHE B 368 -7.36 21.77 38.83
CA PHE B 368 -7.70 22.87 39.73
C PHE B 368 -6.65 22.98 40.84
N CYS B 369 -6.00 24.14 40.94
CA CYS B 369 -4.99 24.32 41.98
C CYS B 369 -5.64 24.24 43.37
N PRO B 370 -5.26 23.27 44.21
CA PRO B 370 -6.05 23.00 45.42
C PRO B 370 -5.96 24.10 46.47
N ILE B 371 -5.11 25.11 46.30
CA ILE B 371 -4.99 26.17 47.28
C ILE B 371 -5.42 27.52 46.73
N THR B 372 -5.80 27.62 45.46
CA THR B 372 -6.50 28.83 45.04
C THR B 372 -7.93 28.59 44.56
N GLY B 373 -8.30 27.37 44.17
CA GLY B 373 -9.56 27.14 43.50
C GLY B 373 -9.56 27.49 42.02
N GLU B 374 -8.46 28.06 41.52
CA GLU B 374 -8.29 28.38 40.11
C GLU B 374 -8.23 27.12 39.21
N ARG B 375 -8.88 27.17 38.05
CA ARG B 375 -8.73 26.16 37.01
C ARG B 375 -7.51 26.46 36.14
N VAL B 376 -6.45 25.62 36.23
CA VAL B 376 -5.22 25.91 35.49
C VAL B 376 -5.05 25.04 34.24
N LEU B 377 -5.54 23.81 34.28
CA LEU B 377 -5.38 22.87 33.18
C LEU B 377 -6.70 22.20 32.81
N SER B 378 -6.91 22.05 31.49
CA SER B 378 -8.02 21.28 30.95
C SER B 378 -7.95 19.82 31.40
N PRO B 379 -8.94 19.31 32.16
CA PRO B 379 -8.98 17.89 32.52
C PRO B 379 -8.53 16.88 31.48
N GLU B 380 -8.62 17.27 30.21
CA GLU B 380 -8.12 16.46 29.10
C GLU B 380 -6.59 16.37 29.12
N ALA B 381 -5.93 17.45 29.58
CA ALA B 381 -4.47 17.51 29.62
C ALA B 381 -3.91 16.92 30.89
N VAL B 382 -4.66 16.95 31.98
CA VAL B 382 -4.15 16.39 33.22
C VAL B 382 -4.23 14.88 33.13
N ARG B 383 -5.17 14.39 32.34
CA ARG B 383 -5.26 12.96 32.17
C ARG B 383 -4.08 12.46 31.35
N ASN B 384 -3.91 13.02 30.14
CA ASN B 384 -2.85 12.52 29.27
C ASN B 384 -1.51 12.55 29.99
N THR B 385 -1.29 13.56 30.82
CA THR B 385 0.02 13.72 31.46
C THR B 385 0.21 12.72 32.59
N LEU B 386 -0.81 12.49 33.42
CA LEU B 386 -0.68 11.46 34.46
C LEU B 386 -0.61 10.07 33.83
N SER B 387 -1.15 9.89 32.63
CA SER B 387 -1.03 8.62 31.93
C SER B 387 0.44 8.31 31.63
N LEU B 388 1.16 9.32 31.15
CA LEU B 388 2.50 9.13 30.63
C LEU B 388 3.57 9.29 31.69
N MET B 389 3.29 10.03 32.76
CA MET B 389 4.17 9.95 33.93
C MET B 389 4.18 8.53 34.47
N HIS B 390 3.01 7.91 34.53
CA HIS B 390 2.89 6.50 34.92
C HIS B 390 3.84 5.62 34.12
N SER B 391 3.72 5.63 32.79
CA SER B 391 4.47 4.71 31.96
C SER B 391 5.88 5.17 31.61
N CYS B 392 6.16 6.48 31.62
CA CYS B 392 7.36 6.98 30.97
C CYS B 392 8.23 7.93 31.80
N GLY B 393 7.77 8.37 32.98
CA GLY B 393 8.43 9.48 33.65
C GLY B 393 9.57 9.15 34.59
N MET B 394 9.96 7.89 34.70
CA MET B 394 11.02 7.52 35.64
C MET B 394 12.24 6.96 34.92
N TYR B 395 12.40 7.25 33.63
CA TYR B 395 13.54 6.86 32.80
C TYR B 395 13.51 5.36 32.55
N ASP B 396 14.67 4.69 32.56
CA ASP B 396 14.66 3.24 32.40
C ASP B 396 13.93 2.52 33.54
N PHE B 397 13.71 3.20 34.67
CA PHE B 397 13.04 2.58 35.81
C PHE B 397 11.51 2.67 35.71
N SER B 398 10.98 3.23 34.64
CA SER B 398 9.54 3.46 34.52
C SER B 398 8.73 2.18 34.66
N GLY B 399 9.16 1.11 33.99
CA GLY B 399 8.38 -0.12 34.04
C GLY B 399 8.32 -0.70 35.44
N GLN B 400 9.46 -0.66 36.16
CA GLN B 400 9.48 -1.22 37.51
C GLN B 400 8.81 -0.29 38.52
N PHE B 401 8.89 1.02 38.28
CA PHE B 401 8.17 1.99 39.10
C PHE B 401 6.67 1.87 38.90
N ALA B 402 6.23 1.61 37.67
CA ALA B 402 4.80 1.44 37.44
C ALA B 402 4.31 0.16 38.09
N PHE B 403 5.13 -0.90 38.03
CA PHE B 403 4.80 -2.11 38.77
C PHE B 403 4.79 -1.88 40.28
N HIS B 404 5.95 -1.61 40.89
CA HIS B 404 6.06 -1.64 42.35
C HIS B 404 5.52 -0.39 43.06
N VAL B 405 5.46 0.77 42.40
CA VAL B 405 4.88 1.97 42.99
C VAL B 405 3.51 2.27 42.40
N GLY B 406 3.38 2.21 41.08
CA GLY B 406 2.12 2.46 40.41
C GLY B 406 1.54 3.79 40.82
N LEU B 407 2.13 4.87 40.32
CA LEU B 407 1.78 6.26 40.62
C LEU B 407 2.41 7.12 39.54
N PRO B 408 1.67 8.05 38.95
CA PRO B 408 2.28 9.00 38.00
C PRO B 408 3.36 9.82 38.69
N ALA B 409 4.57 9.79 38.14
CA ALA B 409 5.69 10.48 38.77
C ALA B 409 6.67 10.94 37.71
N LYS B 410 7.54 11.88 38.08
CA LYS B 410 8.53 12.37 37.14
C LYS B 410 9.81 12.73 37.87
N SER B 411 10.95 12.34 37.30
CA SER B 411 12.24 12.60 37.93
C SER B 411 13.03 13.60 37.10
N GLY B 412 14.08 14.13 37.73
CA GLY B 412 15.00 15.05 37.11
C GLY B 412 16.39 14.83 37.68
N VAL B 413 17.37 15.51 37.08
CA VAL B 413 18.75 15.19 37.43
C VAL B 413 19.21 15.98 38.66
N ALA B 414 18.48 17.03 39.02
CA ALA B 414 18.72 17.79 40.24
C ALA B 414 18.36 17.03 41.51
N GLY B 415 17.57 15.95 41.38
CA GLY B 415 17.19 15.13 42.51
C GLY B 415 15.73 15.15 42.85
N GLY B 416 14.89 15.80 42.03
CA GLY B 416 13.47 15.92 42.33
C GLY B 416 12.71 14.72 41.80
N ILE B 417 11.65 14.34 42.52
CA ILE B 417 10.64 13.43 41.99
C ILE B 417 9.29 14.12 42.20
N LEU B 418 8.65 14.52 41.12
CA LEU B 418 7.31 15.10 41.18
C LEU B 418 6.29 13.97 41.14
N LEU B 419 5.55 13.76 42.24
CA LEU B 419 4.71 12.58 42.39
C LEU B 419 3.25 12.96 42.57
N VAL B 420 2.33 12.15 42.05
CA VAL B 420 0.90 12.41 42.18
C VAL B 420 0.20 11.15 42.71
N VAL B 421 -0.75 11.34 43.62
CA VAL B 421 -1.79 10.35 43.84
C VAL B 421 -3.10 10.97 43.35
N PRO B 422 -3.60 10.59 42.22
CA PRO B 422 -4.93 11.04 41.81
C PRO B 422 -5.93 11.14 42.97
N ASN B 423 -6.70 12.23 43.02
CA ASN B 423 -7.84 12.41 43.93
C ASN B 423 -7.44 12.49 45.40
N VAL B 424 -6.15 12.61 45.71
CA VAL B 424 -5.64 12.65 47.08
C VAL B 424 -4.67 13.80 47.25
N MET B 425 -3.52 13.75 46.60
CA MET B 425 -2.48 14.73 46.90
C MET B 425 -1.38 14.71 45.85
N GLY B 426 -0.42 15.61 46.05
CA GLY B 426 0.80 15.62 45.25
C GLY B 426 1.97 15.97 46.14
N MET B 427 3.13 15.41 45.79
CA MET B 427 4.35 15.49 46.58
C MET B 427 5.49 15.93 45.67
N MET B 428 6.59 16.32 46.33
CA MET B 428 7.88 16.55 45.69
C MET B 428 8.93 16.08 46.67
N CYS B 429 9.65 15.02 46.32
CA CYS B 429 10.74 14.47 47.14
C CYS B 429 12.06 14.85 46.50
N TRP B 430 12.90 15.58 47.24
CA TRP B 430 14.15 16.11 46.68
C TRP B 430 15.38 15.74 47.54
N SER B 431 16.29 14.95 46.97
CA SER B 431 17.67 14.71 47.45
C SER B 431 18.55 14.55 46.22
N PRO B 432 19.68 15.26 46.13
CA PRO B 432 20.44 15.33 44.84
C PRO B 432 21.17 14.05 44.45
N PRO B 433 21.56 13.17 45.38
CA PRO B 433 22.25 11.93 44.93
C PRO B 433 21.37 11.08 44.03
N LEU B 434 21.83 10.88 42.78
CA LEU B 434 21.12 10.00 41.86
C LEU B 434 21.71 8.59 41.92
N ASP B 435 20.87 7.61 41.61
CA ASP B 435 21.29 6.23 41.43
C ASP B 435 21.77 6.04 39.99
N LYS B 436 22.09 4.81 39.61
CA LYS B 436 22.67 4.62 38.29
C LYS B 436 21.64 4.67 37.15
N MET B 437 20.35 4.89 37.44
CA MET B 437 19.36 5.01 36.39
C MET B 437 18.86 6.44 36.15
N GLY B 438 19.24 7.39 37.00
CA GLY B 438 18.80 8.78 36.90
C GLY B 438 18.02 9.31 38.10
N ASN B 439 17.66 8.49 39.09
CA ASN B 439 16.58 8.77 40.04
C ASN B 439 17.11 9.01 41.44
N SER B 440 16.57 10.01 42.13
CA SER B 440 16.97 10.27 43.51
C SER B 440 16.94 8.99 44.34
N VAL B 441 18.06 8.69 44.99
CA VAL B 441 18.14 7.47 45.76
C VAL B 441 17.18 7.50 46.93
N LYS B 442 17.03 8.64 47.59
CA LYS B 442 16.11 8.72 48.72
C LYS B 442 14.69 9.01 48.27
N GLY B 443 14.53 9.45 47.02
CA GLY B 443 13.19 9.63 46.48
C GLY B 443 12.56 8.29 46.15
N ILE B 444 13.29 7.45 45.41
CA ILE B 444 12.77 6.15 45.01
C ILE B 444 12.47 5.30 46.24
N HIS B 445 13.35 5.39 47.25
CA HIS B 445 13.10 4.71 48.52
C HIS B 445 11.78 5.16 49.13
N PHE B 446 11.57 6.48 49.17
CA PHE B 446 10.41 7.04 49.86
C PHE B 446 9.12 6.64 49.19
N CYS B 447 9.10 6.59 47.86
CA CYS B 447 7.89 6.18 47.15
C CYS B 447 7.54 4.72 47.41
N HIS B 448 8.55 3.85 47.47
CA HIS B 448 8.30 2.45 47.78
C HIS B 448 7.67 2.31 49.17
N ASP B 449 8.32 2.88 50.19
CA ASP B 449 7.74 2.85 51.53
C ASP B 449 6.32 3.41 51.51
N LEU B 450 6.12 4.56 50.86
CA LEU B 450 4.83 5.20 50.92
C LEU B 450 3.73 4.30 50.40
N VAL B 451 3.99 3.54 49.33
CA VAL B 451 2.89 2.70 48.85
C VAL B 451 2.77 1.42 49.67
N SER B 452 3.87 0.90 50.21
CA SER B 452 3.73 -0.22 51.12
C SER B 452 2.89 0.19 52.32
N LEU B 453 2.97 1.47 52.72
CA LEU B 453 2.24 1.98 53.88
C LEU B 453 0.74 2.15 53.62
N CYS B 454 0.35 2.55 52.40
CA CYS B 454 -0.98 3.11 52.16
C CYS B 454 -1.54 2.64 50.82
N ASN B 455 -2.84 2.33 50.79
CA ASN B 455 -3.50 1.83 49.57
C ASN B 455 -3.54 2.87 48.44
N PHE B 456 -2.40 3.51 48.16
CA PHE B 456 -2.35 4.54 47.13
C PHE B 456 -2.01 4.00 45.76
N HIS B 457 -1.56 2.74 45.69
CA HIS B 457 -1.09 2.19 44.44
C HIS B 457 -2.22 2.23 43.44
N ASN B 458 -1.87 2.55 42.22
CA ASN B 458 -2.85 2.81 41.17
C ASN B 458 -3.84 1.68 41.00
N TYR B 459 -3.55 0.52 41.59
CA TYR B 459 -4.37 -0.67 41.44
C TYR B 459 -4.54 -1.42 42.75
N ASP B 460 -4.36 -0.76 43.91
CA ASP B 460 -4.91 -1.29 45.15
C ASP B 460 -6.42 -1.18 45.14
N ASN B 461 -7.06 -1.95 45.99
CA ASN B 461 -8.50 -1.82 46.16
C ASN B 461 -8.78 -0.85 47.30
N LEU B 462 -9.76 0.04 47.10
CA LEU B 462 -10.16 0.91 48.20
C LEU B 462 -11.06 0.22 49.22
N ARG B 463 -11.46 -1.03 48.97
CA ARG B 463 -12.28 -1.81 49.89
C ARG B 463 -11.49 -2.90 50.60
N HIS B 464 -10.68 -3.68 49.87
CA HIS B 464 -9.90 -4.77 50.47
C HIS B 464 -8.41 -4.57 50.15
N PHE B 465 -7.66 -4.12 51.15
CA PHE B 465 -6.26 -3.72 50.96
C PHE B 465 -5.41 -4.21 52.11
N ALA B 466 -5.72 -5.41 52.62
CA ALA B 466 -4.89 -6.14 53.58
C ALA B 466 -4.59 -5.22 54.76
N LYS B 467 -3.33 -5.12 55.20
CA LYS B 467 -2.95 -4.32 56.34
C LYS B 467 -2.27 -3.01 55.92
N LYS B 468 -2.54 -2.55 54.71
CA LYS B 468 -2.14 -1.21 54.34
C LYS B 468 -3.07 -0.22 55.03
N LEU B 469 -2.48 0.86 55.59
CA LEU B 469 -3.27 1.96 56.13
C LEU B 469 -4.01 2.68 54.99
N ASP B 470 -5.13 3.34 55.34
CA ASP B 470 -5.87 4.20 54.41
C ASP B 470 -6.11 5.55 55.08
N PRO B 471 -5.39 6.58 54.66
CA PRO B 471 -5.66 7.93 55.18
C PRO B 471 -6.97 8.52 54.71
N ARG B 472 -7.62 7.91 53.72
CA ARG B 472 -8.89 8.45 53.25
C ARG B 472 -10.09 8.04 54.09
N ARG B 473 -9.91 7.29 55.18
CA ARG B 473 -11.02 6.93 56.06
C ARG B 473 -10.67 7.21 57.53
N GLU B 474 -11.70 7.22 58.36
CA GLU B 474 -11.46 7.46 59.76
C GLU B 474 -11.19 6.13 60.46
N GLY B 475 -12.16 5.61 61.21
CA GLY B 475 -12.00 4.35 61.93
C GLY B 475 -13.03 3.28 61.59
N PRO C 66 27.95 -27.88 -65.55
CA PRO C 66 27.90 -27.67 -64.10
C PRO C 66 26.75 -28.44 -63.43
N SER C 67 26.85 -28.71 -62.12
CA SER C 67 25.76 -29.37 -61.40
C SER C 67 25.77 -28.98 -59.92
N LEU C 68 24.55 -28.76 -59.39
CA LEU C 68 24.39 -28.17 -58.06
C LEU C 68 25.10 -29.00 -57.00
N GLU C 69 24.94 -30.32 -57.06
CA GLU C 69 25.62 -31.19 -56.11
C GLU C 69 27.13 -31.12 -56.28
N ASP C 70 27.60 -31.08 -57.53
CA ASP C 70 29.03 -31.00 -57.81
C ASP C 70 29.66 -29.81 -57.09
N LEU C 71 29.07 -28.62 -57.25
CA LEU C 71 29.73 -27.41 -56.73
C LEU C 71 29.52 -27.27 -55.22
N LEU C 72 28.31 -27.59 -54.75
CA LEU C 72 28.11 -27.70 -53.31
C LEU C 72 29.11 -28.67 -52.68
N PHE C 73 29.53 -29.70 -53.44
CA PHE C 73 30.55 -30.62 -52.95
C PHE C 73 31.87 -29.89 -52.72
N TYR C 74 32.33 -29.12 -53.71
CA TYR C 74 33.61 -28.42 -53.54
C TYR C 74 33.53 -27.40 -52.41
N THR C 75 32.37 -26.74 -52.22
CA THR C 75 32.25 -25.77 -51.13
C THR C 75 32.43 -26.44 -49.76
N ILE C 76 32.24 -27.75 -49.67
CA ILE C 76 32.45 -28.46 -48.41
C ILE C 76 33.77 -29.22 -48.50
N ALA C 77 34.12 -29.65 -49.72
CA ALA C 77 35.29 -30.53 -49.89
C ALA C 77 36.55 -29.87 -49.34
N GLU C 78 36.67 -28.55 -49.49
CA GLU C 78 37.87 -27.81 -49.10
C GLU C 78 39.11 -28.42 -49.74
N GLY C 79 39.00 -28.66 -51.05
CA GLY C 79 40.08 -29.19 -51.84
C GLY C 79 40.21 -30.70 -51.82
N GLN C 80 39.91 -31.31 -50.67
CA GLN C 80 40.15 -32.73 -50.47
C GLN C 80 39.33 -33.58 -51.44
N GLU C 81 39.74 -34.84 -51.60
CA GLU C 81 39.08 -35.75 -52.53
C GLU C 81 37.78 -36.31 -51.97
N LYS C 82 37.72 -36.54 -50.65
CA LYS C 82 36.55 -37.14 -50.03
C LYS C 82 36.23 -36.43 -48.71
N ILE C 83 34.94 -36.17 -48.48
CA ILE C 83 34.43 -35.57 -47.25
C ILE C 83 34.08 -36.62 -46.22
N PRO C 84 34.62 -36.55 -45.01
CA PRO C 84 34.09 -37.38 -43.92
C PRO C 84 32.60 -37.09 -43.72
N VAL C 85 31.85 -38.11 -43.35
CA VAL C 85 30.41 -37.92 -43.20
C VAL C 85 30.11 -37.05 -41.98
N HIS C 86 30.86 -37.22 -40.89
CA HIS C 86 30.60 -36.42 -39.70
C HIS C 86 30.94 -34.95 -39.95
N LYS C 87 31.99 -34.69 -40.75
CA LYS C 87 32.29 -33.33 -41.19
C LYS C 87 31.09 -32.73 -41.91
N PHE C 88 30.57 -33.42 -42.91
CA PHE C 88 29.39 -32.92 -43.63
C PHE C 88 28.26 -32.62 -42.67
N ILE C 89 28.03 -33.51 -41.69
CA ILE C 89 26.93 -33.32 -40.76
C ILE C 89 27.15 -32.07 -39.92
N THR C 90 28.37 -31.89 -39.42
CA THR C 90 28.61 -30.73 -38.57
C THR C 90 28.53 -29.44 -39.38
N ALA C 91 28.92 -29.48 -40.65
CA ALA C 91 28.66 -28.34 -41.53
C ALA C 91 27.17 -28.10 -41.71
N LEU C 92 26.37 -29.15 -41.62
CA LEU C 92 24.95 -29.02 -41.87
C LEU C 92 24.18 -28.60 -40.62
N LYS C 93 24.67 -28.97 -39.44
CA LYS C 93 24.05 -28.58 -38.19
C LYS C 93 24.37 -27.14 -37.79
N SER C 94 25.51 -26.60 -38.28
CA SER C 94 25.88 -25.22 -37.97
C SER C 94 25.06 -24.21 -38.76
N THR C 95 24.45 -24.63 -39.86
CA THR C 95 23.41 -23.81 -40.43
C THR C 95 22.20 -23.81 -39.60
N GLY C 96 22.21 -24.44 -38.42
CA GLY C 96 21.02 -24.53 -37.62
C GLY C 96 19.95 -25.45 -38.14
N LEU C 97 20.15 -26.09 -39.30
CA LEU C 97 19.20 -27.10 -39.69
C LEU C 97 19.35 -28.25 -38.70
N ARG C 98 18.24 -28.93 -38.44
CA ARG C 98 18.25 -30.09 -37.56
C ARG C 98 18.32 -31.33 -38.42
N THR C 99 19.25 -32.23 -38.09
CA THR C 99 19.39 -33.44 -38.89
C THR C 99 18.07 -34.22 -39.02
N SER C 100 17.11 -33.96 -38.12
CA SER C 100 15.80 -34.60 -38.17
C SER C 100 14.83 -33.95 -39.18
N ASP C 101 15.08 -32.72 -39.61
CA ASP C 101 14.24 -31.92 -40.50
C ASP C 101 13.45 -32.76 -41.52
N PRO C 102 12.12 -32.63 -41.58
CA PRO C 102 11.32 -33.43 -42.55
C PRO C 102 11.64 -33.15 -44.02
N ARG C 103 12.24 -32.01 -44.38
CA ARG C 103 12.56 -31.76 -45.78
C ARG C 103 13.91 -32.31 -46.15
N LEU C 104 14.60 -32.92 -45.19
CA LEU C 104 15.89 -33.51 -45.40
C LEU C 104 15.87 -35.03 -45.24
N LYS C 105 14.69 -35.66 -45.20
CA LYS C 105 14.62 -37.05 -44.74
C LYS C 105 15.24 -38.00 -45.73
N GLU C 106 15.04 -37.77 -47.03
CA GLU C 106 15.67 -38.60 -48.06
C GLU C 106 17.19 -38.58 -47.96
N CYS C 107 17.76 -37.45 -47.54
CA CYS C 107 19.21 -37.33 -47.48
C CYS C 107 19.77 -38.08 -46.29
N MET C 108 19.09 -38.02 -45.15
CA MET C 108 19.56 -38.72 -43.97
C MET C 108 19.33 -40.22 -44.07
N ASP C 109 18.24 -40.64 -44.72
CA ASP C 109 18.03 -42.07 -44.97
C ASP C 109 19.18 -42.61 -45.80
N MET C 110 19.48 -41.94 -46.92
CA MET C 110 20.51 -42.36 -47.85
C MET C 110 21.93 -42.25 -47.28
N LEU C 111 22.14 -41.40 -46.27
CA LEU C 111 23.43 -41.41 -45.58
C LEU C 111 23.58 -42.65 -44.71
N ARG C 112 22.55 -42.97 -43.93
CA ARG C 112 22.56 -44.19 -43.13
C ARG C 112 22.70 -45.41 -44.02
N LEU C 113 22.04 -45.42 -45.18
CA LEU C 113 22.06 -46.60 -46.03
C LEU C 113 23.47 -46.85 -46.57
N THR C 114 24.21 -45.81 -46.94
CA THR C 114 25.55 -46.09 -47.40
C THR C 114 26.53 -46.25 -46.23
N LEU C 115 26.21 -45.70 -45.05
CA LEU C 115 26.98 -46.04 -43.86
C LEU C 115 26.83 -47.50 -43.47
N GLN C 116 25.78 -48.15 -43.95
CA GLN C 116 25.66 -49.61 -43.83
C GLN C 116 26.43 -50.28 -44.94
N THR C 117 26.14 -49.91 -46.19
CA THR C 117 26.62 -50.63 -47.38
C THR C 117 28.13 -50.49 -47.59
N THR C 118 28.83 -49.67 -46.82
CA THR C 118 30.30 -49.63 -46.83
C THR C 118 30.73 -49.14 -45.45
N SER C 119 30.94 -50.09 -44.52
CA SER C 119 31.73 -49.75 -43.34
C SER C 119 33.14 -49.38 -43.75
N ASP C 120 33.63 -50.04 -44.80
CA ASP C 120 34.55 -49.52 -45.80
C ASP C 120 34.45 -48.00 -45.89
N GLY C 121 35.06 -47.28 -44.95
CA GLY C 121 35.04 -45.83 -45.02
C GLY C 121 35.45 -45.11 -43.75
N VAL C 122 34.68 -44.09 -43.38
CA VAL C 122 33.45 -43.76 -44.09
C VAL C 122 33.52 -42.36 -44.68
N MET C 123 33.86 -42.26 -45.97
CA MET C 123 34.11 -40.98 -46.59
C MET C 123 33.57 -40.93 -48.01
N LEU C 124 32.97 -39.79 -48.32
CA LEU C 124 32.10 -39.59 -49.47
C LEU C 124 32.90 -38.96 -50.61
N ASP C 125 33.05 -39.68 -51.72
CA ASP C 125 33.61 -39.04 -52.90
C ASP C 125 32.51 -38.22 -53.60
N LYS C 126 32.92 -37.36 -54.53
CA LYS C 126 31.96 -36.51 -55.23
C LYS C 126 30.76 -37.30 -55.79
N ASP C 127 30.95 -38.59 -56.13
CA ASP C 127 29.87 -39.38 -56.70
C ASP C 127 28.97 -40.05 -55.66
N LEU C 128 29.47 -40.37 -54.48
CA LEU C 128 28.60 -40.88 -53.42
C LEU C 128 27.92 -39.72 -52.68
N PHE C 129 28.61 -38.59 -52.52
CA PHE C 129 27.93 -37.39 -52.05
C PHE C 129 26.85 -36.98 -53.04
N LYS C 130 27.09 -37.16 -54.34
CA LYS C 130 26.03 -36.98 -55.31
C LYS C 130 24.81 -37.82 -54.95
N LYS C 131 25.00 -39.15 -54.89
CA LYS C 131 23.93 -40.11 -54.58
C LYS C 131 23.07 -39.73 -53.35
N CYS C 132 23.58 -38.93 -52.42
CA CYS C 132 22.83 -38.68 -51.21
C CYS C 132 22.04 -37.39 -51.20
N VAL C 133 22.57 -36.31 -51.80
CA VAL C 133 21.97 -34.99 -51.64
C VAL C 133 21.13 -34.56 -52.83
N GLN C 134 21.08 -35.34 -53.93
CA GLN C 134 20.21 -34.97 -55.04
C GLN C 134 18.78 -34.73 -54.57
N SER C 135 18.30 -35.57 -53.66
CA SER C 135 16.91 -35.51 -53.21
C SER C 135 16.58 -34.15 -52.62
N ASN C 136 17.46 -33.64 -51.75
CA ASN C 136 17.22 -32.41 -51.00
C ASN C 136 18.26 -31.33 -51.31
N ILE C 137 18.67 -31.23 -52.57
CA ILE C 137 19.84 -30.42 -52.92
C ILE C 137 19.55 -28.94 -52.74
N VAL C 138 18.36 -28.49 -53.16
CA VAL C 138 18.08 -27.06 -53.16
C VAL C 138 18.10 -26.54 -51.72
N LEU C 139 17.38 -27.22 -50.83
CA LEU C 139 17.37 -26.81 -49.42
C LEU C 139 18.77 -26.81 -48.85
N LEU C 140 19.56 -27.82 -49.20
CA LEU C 140 20.94 -27.92 -48.70
C LEU C 140 21.82 -26.79 -49.20
N THR C 141 21.62 -26.31 -50.42
CA THR C 141 22.51 -25.29 -50.94
C THR C 141 22.22 -23.94 -50.27
N GLN C 142 20.94 -23.53 -50.22
CA GLN C 142 20.59 -22.31 -49.49
C GLN C 142 21.14 -22.34 -48.08
N ALA C 143 21.26 -23.53 -47.51
CA ALA C 143 21.76 -23.65 -46.14
C ALA C 143 23.26 -23.45 -46.08
N PHE C 144 23.99 -23.93 -47.08
CA PHE C 144 25.45 -23.84 -47.12
C PHE C 144 25.94 -22.56 -47.81
N ARG C 145 25.12 -21.93 -48.65
CA ARG C 145 25.43 -20.64 -49.24
C ARG C 145 24.83 -19.47 -48.44
N ARG C 146 24.76 -19.62 -47.10
CA ARG C 146 24.33 -18.56 -46.17
C ARG C 146 23.10 -17.80 -46.68
N LYS C 147 22.25 -18.46 -47.45
CA LYS C 147 21.04 -17.82 -47.95
C LYS C 147 19.86 -17.86 -46.97
N PHE C 148 20.02 -18.43 -45.78
CA PHE C 148 18.90 -18.42 -44.85
C PHE C 148 18.70 -17.03 -44.25
N VAL C 149 17.50 -16.81 -43.69
CA VAL C 149 17.12 -15.51 -43.13
C VAL C 149 18.17 -15.02 -42.16
N ILE C 150 18.73 -15.93 -41.37
CA ILE C 150 19.78 -15.62 -40.41
C ILE C 150 21.08 -16.29 -40.87
N PRO C 151 21.98 -15.59 -41.58
CA PRO C 151 23.13 -16.30 -42.18
C PRO C 151 24.06 -16.92 -41.14
N ASP C 152 24.39 -16.17 -40.09
CA ASP C 152 25.34 -16.64 -39.08
C ASP C 152 24.54 -17.08 -37.86
N PHE C 153 24.02 -18.30 -37.96
CA PHE C 153 23.17 -18.83 -36.92
C PHE C 153 23.98 -19.21 -35.67
N MET C 154 25.24 -19.62 -35.83
CA MET C 154 25.99 -20.06 -34.66
C MET C 154 26.25 -18.90 -33.71
N SER C 155 26.42 -17.69 -34.28
CA SER C 155 26.62 -16.49 -33.47
C SER C 155 25.34 -16.11 -32.73
N PHE C 156 24.22 -16.10 -33.47
CA PHE C 156 22.90 -15.73 -32.94
C PHE C 156 22.54 -16.53 -31.69
N THR C 157 22.74 -17.86 -31.75
CA THR C 157 22.40 -18.72 -30.61
C THR C 157 23.29 -18.46 -29.40
N SER C 158 24.55 -18.12 -29.61
CA SER C 158 25.33 -17.66 -28.46
C SER C 158 24.63 -16.48 -27.79
N HIS C 159 24.05 -15.57 -28.59
CA HIS C 159 23.30 -14.44 -28.04
C HIS C 159 22.05 -14.90 -27.31
N ILE C 160 21.23 -15.73 -27.96
CA ILE C 160 20.00 -16.24 -27.35
C ILE C 160 20.31 -16.90 -26.02
N ASP C 161 21.43 -17.62 -25.93
CA ASP C 161 21.85 -18.18 -24.66
C ASP C 161 22.14 -17.08 -23.64
N GLU C 162 22.85 -16.03 -24.07
CA GLU C 162 23.20 -14.95 -23.14
C GLU C 162 21.94 -14.37 -22.53
N LEU C 163 20.96 -14.02 -23.39
CA LEU C 163 19.70 -13.41 -22.93
C LEU C 163 18.92 -14.37 -22.03
N TYR C 164 18.84 -15.64 -22.44
CA TYR C 164 18.29 -16.69 -21.60
C TYR C 164 18.96 -16.74 -20.24
N GLU C 165 20.29 -16.76 -20.23
CA GLU C 165 21.02 -16.74 -18.97
C GLU C 165 20.81 -15.43 -18.20
N SER C 166 20.44 -14.34 -18.89
CA SER C 166 20.14 -13.10 -18.19
C SER C 166 18.74 -13.11 -17.59
N ALA C 167 17.78 -13.75 -18.25
CA ALA C 167 16.46 -13.84 -17.64
C ALA C 167 16.44 -14.84 -16.49
N LYS C 168 17.28 -15.87 -16.56
CA LYS C 168 17.26 -16.93 -15.55
C LYS C 168 17.47 -16.38 -14.15
N LYS C 169 18.12 -15.23 -14.02
CA LYS C 169 18.36 -14.58 -12.73
C LYS C 169 17.16 -13.79 -12.20
N GLN C 170 16.03 -13.74 -12.91
CA GLN C 170 14.86 -12.94 -12.54
C GLN C 170 13.80 -13.84 -11.89
N SER C 171 13.88 -13.96 -10.57
CA SER C 171 13.24 -15.06 -9.85
C SER C 171 11.90 -14.69 -9.23
N GLY C 172 11.29 -13.58 -9.63
CA GLY C 172 10.04 -13.14 -9.04
C GLY C 172 8.80 -13.78 -9.65
N GLY C 173 7.65 -13.42 -9.09
CA GLY C 173 6.38 -13.90 -9.57
C GLY C 173 5.78 -14.98 -8.70
N LYS C 174 4.52 -15.30 -8.99
CA LYS C 174 3.83 -16.41 -8.36
C LYS C 174 3.38 -17.37 -9.46
N VAL C 175 3.72 -18.64 -9.28
CA VAL C 175 3.13 -19.69 -10.10
C VAL C 175 1.62 -19.70 -9.93
N ALA C 176 0.91 -19.82 -11.04
CA ALA C 176 -0.55 -19.86 -11.00
C ALA C 176 -0.99 -21.11 -10.26
N ASP C 177 -1.86 -20.95 -9.26
CA ASP C 177 -2.25 -22.11 -8.47
C ASP C 177 -3.75 -22.29 -8.36
N TYR C 178 -4.55 -21.62 -9.19
CA TYR C 178 -5.99 -21.78 -9.03
C TYR C 178 -6.45 -23.20 -9.34
N ILE C 179 -5.63 -24.00 -10.02
CA ILE C 179 -5.90 -25.44 -10.11
C ILE C 179 -4.62 -26.21 -9.78
N PRO C 180 -4.70 -27.47 -9.32
CA PRO C 180 -3.50 -28.16 -8.85
C PRO C 180 -2.55 -28.58 -9.95
N GLN C 181 -2.95 -28.52 -11.22
CA GLN C 181 -2.09 -28.92 -12.33
C GLN C 181 -1.17 -27.81 -12.80
N LEU C 182 -1.43 -26.56 -12.40
CA LEU C 182 -0.54 -25.43 -12.63
C LEU C 182 0.37 -25.16 -11.45
N ALA C 183 -0.09 -25.43 -10.23
CA ALA C 183 0.76 -25.32 -9.05
C ALA C 183 1.80 -26.43 -9.01
N LYS C 184 1.58 -27.47 -9.82
CA LYS C 184 2.45 -28.63 -9.91
C LYS C 184 3.82 -28.30 -10.49
N PHE C 185 3.93 -27.21 -11.25
CA PHE C 185 5.15 -26.89 -11.98
C PHE C 185 6.12 -26.06 -11.13
N SER C 186 7.41 -26.37 -11.26
CA SER C 186 8.43 -25.66 -10.51
C SER C 186 8.58 -24.22 -11.03
N PRO C 187 9.00 -23.29 -10.16
CA PRO C 187 9.23 -21.91 -10.63
C PRO C 187 10.56 -21.71 -11.36
N ASP C 188 11.49 -22.65 -11.23
CA ASP C 188 12.81 -22.57 -11.83
C ASP C 188 12.88 -23.21 -13.21
N LEU C 189 11.81 -23.86 -13.65
CA LEU C 189 11.66 -24.17 -15.05
C LEU C 189 11.71 -22.89 -15.91
N TRP C 190 12.52 -22.91 -16.97
CA TRP C 190 12.65 -21.75 -17.84
C TRP C 190 13.24 -22.22 -19.16
N GLY C 191 12.42 -22.17 -20.21
CA GLY C 191 12.86 -22.59 -21.53
C GLY C 191 12.60 -21.54 -22.60
N VAL C 192 13.44 -21.58 -23.65
CA VAL C 192 13.24 -20.81 -24.88
C VAL C 192 13.54 -21.73 -26.06
N SER C 193 12.75 -21.64 -27.12
CA SER C 193 13.03 -22.39 -28.34
C SER C 193 12.83 -21.48 -29.54
N VAL C 194 13.83 -21.46 -30.42
CA VAL C 194 13.78 -20.68 -31.65
C VAL C 194 13.51 -21.60 -32.82
N CYS C 195 12.72 -21.13 -33.78
CA CYS C 195 12.63 -21.72 -35.12
C CYS C 195 12.42 -20.59 -36.12
N THR C 196 13.23 -20.57 -37.17
CA THR C 196 13.15 -19.50 -38.15
C THR C 196 12.12 -19.81 -39.25
N ALA C 197 11.95 -18.85 -40.17
CA ALA C 197 11.14 -19.10 -41.36
C ALA C 197 11.78 -20.18 -42.25
N ASP C 198 13.10 -20.41 -42.13
CA ASP C 198 13.82 -21.45 -42.89
C ASP C 198 13.97 -22.76 -42.12
N GLY C 199 13.44 -22.85 -40.90
CA GLY C 199 13.57 -24.07 -40.14
C GLY C 199 14.85 -24.21 -39.36
N GLN C 200 15.59 -23.14 -39.16
CA GLN C 200 16.77 -23.22 -38.31
C GLN C 200 16.35 -23.19 -36.85
N ARG C 201 16.97 -24.04 -36.04
CA ARG C 201 16.47 -24.33 -34.70
C ARG C 201 17.51 -24.06 -33.63
N HIS C 202 17.03 -23.72 -32.43
CA HIS C 202 17.85 -23.64 -31.23
C HIS C 202 16.95 -23.56 -30.01
N SER C 203 17.37 -24.23 -28.93
CA SER C 203 16.68 -24.17 -27.64
C SER C 203 17.71 -24.14 -26.53
N THR C 204 17.33 -23.55 -25.40
CA THR C 204 18.16 -23.61 -24.21
C THR C 204 17.27 -23.56 -22.97
N GLY C 205 17.49 -24.50 -22.05
CA GLY C 205 16.64 -24.60 -20.88
C GLY C 205 15.74 -25.81 -20.95
N ASP C 206 14.58 -25.72 -20.28
CA ASP C 206 13.63 -26.83 -20.17
C ASP C 206 12.62 -26.79 -21.33
N THR C 207 13.08 -27.20 -22.50
CA THR C 207 12.33 -26.98 -23.73
C THR C 207 11.68 -28.24 -24.27
N LYS C 208 11.78 -29.37 -23.56
CA LYS C 208 11.01 -30.56 -23.88
C LYS C 208 9.98 -30.88 -22.82
N VAL C 209 9.84 -30.03 -21.80
CA VAL C 209 8.76 -30.22 -20.81
C VAL C 209 7.43 -29.81 -21.45
N PRO C 210 6.37 -30.57 -21.22
CA PRO C 210 5.07 -30.16 -21.76
C PRO C 210 4.32 -29.32 -20.76
N PHE C 211 3.49 -28.44 -21.31
CA PHE C 211 2.65 -27.53 -20.54
C PHE C 211 1.50 -27.11 -21.44
N CYS C 212 0.40 -26.67 -20.83
CA CYS C 212 -0.79 -26.36 -21.59
C CYS C 212 -0.71 -24.96 -22.20
N LEU C 213 -1.17 -24.84 -23.44
CA LEU C 213 -1.20 -23.53 -24.08
C LEU C 213 -2.01 -22.55 -23.27
N GLN C 214 -3.20 -22.95 -22.84
CA GLN C 214 -4.13 -22.10 -22.12
C GLN C 214 -4.47 -20.97 -23.09
N SER C 215 -4.36 -19.69 -22.70
CA SER C 215 -4.72 -18.60 -23.60
C SER C 215 -3.84 -18.54 -24.84
N CYS C 216 -2.69 -19.22 -24.84
CA CYS C 216 -1.88 -19.30 -26.05
C CYS C 216 -2.66 -19.92 -27.21
N VAL C 217 -3.67 -20.73 -26.91
CA VAL C 217 -4.49 -21.34 -27.94
C VAL C 217 -5.35 -20.31 -28.68
N LYS C 218 -5.69 -19.18 -28.02
CA LYS C 218 -6.64 -18.23 -28.60
C LYS C 218 -6.28 -17.78 -30.01
N PRO C 219 -5.06 -17.27 -30.28
CA PRO C 219 -4.73 -16.86 -31.65
C PRO C 219 -4.68 -18.05 -32.60
N LEU C 220 -4.28 -19.23 -32.13
CA LEU C 220 -4.25 -20.40 -32.99
C LEU C 220 -5.63 -20.77 -33.50
N LYS C 221 -6.67 -20.63 -32.65
CA LYS C 221 -8.00 -21.02 -33.09
C LYS C 221 -8.69 -19.91 -33.86
N TYR C 222 -8.44 -18.67 -33.42
CA TYR C 222 -8.81 -17.52 -34.23
C TYR C 222 -8.31 -17.68 -35.66
N ALA C 223 -7.03 -18.07 -35.81
CA ALA C 223 -6.53 -18.26 -37.17
C ALA C 223 -7.29 -19.35 -37.89
N ILE C 224 -7.57 -20.48 -37.21
CA ILE C 224 -8.33 -21.56 -37.86
C ILE C 224 -9.67 -21.03 -38.35
N ALA C 225 -10.37 -20.28 -37.49
CA ALA C 225 -11.73 -19.85 -37.84
C ALA C 225 -11.72 -18.87 -39.02
N VAL C 226 -10.76 -17.95 -39.06
CA VAL C 226 -10.67 -17.00 -40.17
C VAL C 226 -10.16 -17.67 -41.44
N ASN C 227 -9.25 -18.64 -41.30
CA ASN C 227 -8.83 -19.43 -42.46
C ASN C 227 -10.00 -20.20 -43.05
N ASP C 228 -10.88 -20.73 -42.20
CA ASP C 228 -12.04 -21.50 -42.64
C ASP C 228 -13.22 -20.63 -43.08
N LEU C 229 -13.30 -19.38 -42.61
CA LEU C 229 -14.49 -18.57 -42.76
C LEU C 229 -14.21 -17.17 -43.27
N GLY C 230 -12.96 -16.77 -43.37
CA GLY C 230 -12.68 -15.43 -43.80
C GLY C 230 -12.89 -14.42 -42.69
N THR C 231 -12.36 -13.23 -42.90
CA THR C 231 -12.47 -12.16 -41.92
C THR C 231 -13.92 -11.76 -41.69
N GLU C 232 -14.65 -11.48 -42.77
CA GLU C 232 -15.91 -10.77 -42.67
C GLU C 232 -16.89 -11.55 -41.80
N TYR C 233 -16.96 -12.86 -41.99
CA TYR C 233 -17.87 -13.68 -41.19
C TYR C 233 -17.43 -13.71 -39.73
N VAL C 234 -16.15 -13.98 -39.49
CA VAL C 234 -15.67 -14.12 -38.13
C VAL C 234 -15.97 -12.86 -37.35
N HIS C 235 -15.80 -11.70 -37.97
CA HIS C 235 -15.92 -10.45 -37.22
C HIS C 235 -17.35 -9.92 -37.15
N ARG C 236 -18.31 -10.67 -37.69
CA ARG C 236 -19.69 -10.52 -37.26
C ARG C 236 -19.84 -10.91 -35.79
N TYR C 237 -19.00 -11.80 -35.30
CA TYR C 237 -19.22 -12.32 -33.95
C TYR C 237 -18.23 -11.79 -32.93
N VAL C 238 -17.15 -11.13 -33.36
CA VAL C 238 -16.11 -10.67 -32.45
C VAL C 238 -15.42 -9.47 -33.09
N GLY C 239 -15.33 -8.38 -32.33
CA GLY C 239 -14.71 -7.18 -32.78
C GLY C 239 -13.24 -7.41 -32.94
N LYS C 240 -12.50 -6.29 -33.11
CA LYS C 240 -11.10 -6.40 -33.50
C LYS C 240 -10.23 -5.31 -32.89
N GLU C 241 -10.53 -4.82 -31.69
CA GLU C 241 -9.70 -3.81 -31.04
C GLU C 241 -9.50 -4.17 -29.58
N PRO C 242 -8.43 -3.68 -28.96
CA PRO C 242 -8.29 -3.86 -27.51
C PRO C 242 -9.24 -2.92 -26.80
N SER C 243 -9.83 -3.42 -25.71
CA SER C 243 -10.99 -2.78 -25.12
C SER C 243 -10.68 -1.39 -24.57
N GLY C 244 -9.56 -1.26 -23.87
CA GLY C 244 -9.33 -0.08 -23.05
C GLY C 244 -8.95 -0.46 -21.63
N LEU C 245 -7.84 0.12 -21.14
CA LEU C 245 -7.05 -0.44 -20.04
C LEU C 245 -7.80 -0.58 -18.71
N ARG C 246 -9.08 -0.18 -18.65
CA ARG C 246 -9.92 -0.56 -17.51
C ARG C 246 -11.37 -0.74 -17.96
N PHE C 247 -11.57 -1.23 -19.16
CA PHE C 247 -12.80 -1.91 -19.56
C PHE C 247 -12.52 -3.40 -19.71
N ASN C 248 -11.63 -3.90 -18.83
CA ASN C 248 -11.14 -5.28 -18.72
C ASN C 248 -12.14 -6.23 -18.09
N LYS C 249 -13.13 -5.68 -17.42
CA LYS C 249 -14.10 -6.53 -16.79
C LYS C 249 -15.35 -6.67 -17.63
N LEU C 250 -15.63 -5.69 -18.50
CA LEU C 250 -16.78 -5.79 -19.39
C LEU C 250 -16.55 -6.90 -20.43
N PHE C 251 -17.64 -7.52 -20.86
CA PHE C 251 -17.51 -8.66 -21.77
C PHE C 251 -17.64 -8.22 -23.24
N LEU C 252 -18.49 -7.24 -23.51
CA LEU C 252 -18.82 -6.85 -24.86
C LEU C 252 -18.47 -5.39 -25.09
N ASN C 253 -18.22 -5.07 -26.35
CA ASN C 253 -18.00 -3.68 -26.76
C ASN C 253 -19.37 -3.05 -27.00
N GLU C 254 -19.38 -1.86 -27.60
CA GLU C 254 -20.64 -1.14 -27.80
C GLU C 254 -21.57 -1.82 -28.78
N ASP C 255 -21.06 -2.67 -29.67
CA ASP C 255 -21.90 -3.37 -30.65
C ASP C 255 -22.43 -4.70 -30.14
N ASP C 256 -22.27 -4.99 -28.86
CA ASP C 256 -22.72 -6.23 -28.22
C ASP C 256 -22.00 -7.47 -28.72
N LYS C 257 -20.84 -7.30 -29.51
CA LYS C 257 -19.80 -8.27 -29.84
C LYS C 257 -18.71 -8.22 -28.77
N PRO C 258 -18.01 -9.32 -28.48
CA PRO C 258 -16.87 -9.22 -27.57
C PRO C 258 -15.81 -8.32 -28.18
N HIS C 259 -14.90 -7.84 -27.33
CA HIS C 259 -13.98 -6.80 -27.79
C HIS C 259 -13.06 -7.30 -28.92
N ASN C 260 -12.46 -8.46 -28.72
CA ASN C 260 -11.51 -9.01 -29.69
C ASN C 260 -11.35 -10.49 -29.40
N PRO C 261 -10.69 -11.23 -30.28
CA PRO C 261 -10.51 -12.67 -30.09
C PRO C 261 -9.43 -13.09 -29.08
N MET C 262 -8.93 -12.20 -28.24
CA MET C 262 -7.88 -12.56 -27.29
C MET C 262 -8.33 -12.43 -25.85
N VAL C 263 -9.58 -12.03 -25.63
CA VAL C 263 -10.16 -11.94 -24.30
C VAL C 263 -11.04 -13.17 -24.08
N ASN C 264 -11.16 -13.58 -22.81
CA ASN C 264 -11.75 -14.88 -22.51
C ASN C 264 -13.13 -15.00 -23.13
N ALA C 265 -13.86 -13.88 -23.25
CA ALA C 265 -15.18 -13.92 -23.87
C ALA C 265 -15.07 -13.99 -25.39
N GLY C 266 -14.16 -13.23 -26.00
CA GLY C 266 -14.01 -13.32 -27.45
C GLY C 266 -13.52 -14.67 -27.93
N ALA C 267 -12.54 -15.24 -27.22
CA ALA C 267 -12.10 -16.60 -27.50
C ALA C 267 -13.28 -17.57 -27.52
N ILE C 268 -14.15 -17.47 -26.50
CA ILE C 268 -15.30 -18.38 -26.38
C ILE C 268 -16.19 -18.31 -27.63
N VAL C 269 -16.58 -17.10 -28.06
CA VAL C 269 -17.48 -17.04 -29.21
C VAL C 269 -16.81 -17.57 -30.47
N VAL C 270 -15.51 -17.31 -30.64
CA VAL C 270 -14.81 -17.88 -31.79
C VAL C 270 -14.91 -19.39 -31.77
N THR C 271 -14.55 -20.00 -30.64
CA THR C 271 -14.71 -21.43 -30.44
C THR C 271 -16.04 -21.91 -30.99
N SER C 272 -17.08 -21.08 -30.86
CA SER C 272 -18.38 -21.47 -31.38
C SER C 272 -18.46 -21.42 -32.90
N LEU C 273 -17.47 -20.84 -33.60
CA LEU C 273 -17.56 -20.78 -35.05
C LEU C 273 -16.78 -21.88 -35.76
N ILE C 274 -15.83 -22.53 -35.07
CA ILE C 274 -15.04 -23.60 -35.68
C ILE C 274 -15.89 -24.84 -35.86
N LYS C 275 -16.03 -25.29 -37.11
CA LYS C 275 -16.56 -26.61 -37.42
C LYS C 275 -17.92 -26.83 -36.77
N GLN C 276 -18.84 -25.88 -37.01
CA GLN C 276 -20.20 -25.97 -36.50
C GLN C 276 -20.94 -27.13 -37.13
N GLY C 277 -21.78 -27.80 -36.34
CA GLY C 277 -22.60 -28.89 -36.84
C GLY C 277 -22.09 -30.29 -36.55
N VAL C 278 -21.01 -30.42 -35.78
CA VAL C 278 -20.39 -31.71 -35.49
C VAL C 278 -20.17 -31.81 -33.98
N ASN C 279 -20.03 -33.03 -33.47
CA ASN C 279 -19.86 -33.19 -32.03
C ASN C 279 -18.47 -32.71 -31.59
N ASN C 280 -18.27 -32.69 -30.27
CA ASN C 280 -17.03 -32.13 -29.70
C ASN C 280 -15.80 -32.97 -30.02
N ALA C 281 -15.94 -34.31 -30.01
CA ALA C 281 -14.80 -35.16 -30.31
C ALA C 281 -14.23 -34.87 -31.70
N GLU C 282 -15.11 -34.75 -32.70
CA GLU C 282 -14.65 -34.42 -34.04
C GLU C 282 -14.09 -33.00 -34.10
N LYS C 283 -14.80 -32.03 -33.50
CA LYS C 283 -14.32 -30.65 -33.49
C LYS C 283 -12.90 -30.59 -32.96
N PHE C 284 -12.65 -31.27 -31.85
CA PHE C 284 -11.29 -31.38 -31.31
C PHE C 284 -10.34 -32.02 -32.33
N ASP C 285 -10.73 -33.15 -32.92
CA ASP C 285 -9.88 -33.78 -33.94
C ASP C 285 -9.60 -32.82 -35.08
N TYR C 286 -10.60 -32.00 -35.45
CA TYR C 286 -10.38 -31.03 -36.52
C TYR C 286 -9.35 -30.00 -36.08
N VAL C 287 -9.45 -29.53 -34.84
CA VAL C 287 -8.53 -28.48 -34.39
C VAL C 287 -7.13 -29.05 -34.23
N MET C 288 -7.01 -30.28 -33.74
CA MET C 288 -5.65 -30.78 -33.52
C MET C 288 -4.99 -31.26 -34.82
N GLN C 289 -5.79 -31.65 -35.82
CA GLN C 289 -5.28 -31.77 -37.18
C GLN C 289 -4.42 -30.56 -37.52
N PHE C 290 -5.04 -29.38 -37.39
CA PHE C 290 -4.40 -28.12 -37.72
C PHE C 290 -3.11 -27.94 -36.93
N LEU C 291 -3.17 -28.11 -35.60
CA LEU C 291 -2.02 -27.77 -34.77
C LEU C 291 -0.82 -28.65 -35.09
N ASN C 292 -1.04 -29.96 -35.23
CA ASN C 292 0.03 -30.84 -35.67
C ASN C 292 0.68 -30.34 -36.95
N LYS C 293 -0.12 -29.89 -37.91
CA LYS C 293 0.48 -29.38 -39.14
C LYS C 293 1.30 -28.11 -38.89
N MET C 294 0.84 -27.23 -37.99
CA MET C 294 1.55 -25.99 -37.73
C MET C 294 2.87 -26.21 -37.01
N ALA C 295 3.03 -27.35 -36.34
CA ALA C 295 4.27 -27.64 -35.61
C ALA C 295 5.08 -28.75 -36.28
N GLY C 296 4.82 -29.01 -37.57
CA GLY C 296 5.49 -30.05 -38.31
C GLY C 296 5.41 -31.39 -37.62
N ASN C 297 4.30 -31.66 -36.96
CA ASN C 297 4.03 -32.95 -36.32
C ASN C 297 5.01 -33.21 -35.17
N GLU C 298 5.38 -32.14 -34.45
CA GLU C 298 6.09 -32.32 -33.18
C GLU C 298 5.06 -32.42 -32.07
N TYR C 299 5.48 -32.30 -30.81
CA TYR C 299 4.57 -32.67 -29.74
C TYR C 299 3.41 -31.69 -29.67
N VAL C 300 2.22 -32.18 -29.98
CA VAL C 300 0.96 -31.55 -29.60
C VAL C 300 0.19 -32.57 -28.77
N GLY C 301 -0.06 -32.24 -27.50
CA GLY C 301 -0.80 -33.14 -26.65
C GLY C 301 -1.91 -32.55 -25.80
N PHE C 302 -2.38 -33.29 -24.81
CA PHE C 302 -3.58 -32.87 -24.10
C PHE C 302 -3.58 -33.39 -22.67
N SER C 303 -3.77 -32.49 -21.73
CA SER C 303 -3.86 -32.87 -20.33
C SER C 303 -5.34 -33.00 -20.01
N ASN C 304 -5.82 -34.25 -19.89
CA ASN C 304 -7.18 -34.40 -19.41
C ASN C 304 -7.26 -34.03 -17.93
N ALA C 305 -6.16 -34.16 -17.19
CA ALA C 305 -6.13 -33.69 -15.80
C ALA C 305 -6.41 -32.20 -15.70
N THR C 306 -6.07 -31.43 -16.73
CA THR C 306 -6.25 -29.98 -16.67
C THR C 306 -7.62 -29.57 -17.18
N PHE C 307 -8.13 -30.27 -18.17
CA PHE C 307 -9.47 -29.99 -18.64
C PHE C 307 -10.50 -30.24 -17.54
N GLN C 308 -10.27 -31.26 -16.71
CA GLN C 308 -11.18 -31.53 -15.61
C GLN C 308 -11.21 -30.37 -14.63
N SER C 309 -10.02 -29.92 -14.20
CA SER C 309 -9.94 -28.82 -13.24
C SER C 309 -10.38 -27.51 -13.86
N GLU C 310 -10.20 -27.35 -15.17
CA GLU C 310 -10.60 -26.11 -15.81
C GLU C 310 -12.12 -25.97 -15.84
N ARG C 311 -12.86 -27.06 -16.00
CA ARG C 311 -14.32 -26.94 -16.07
C ARG C 311 -14.94 -26.90 -14.68
N GLU C 312 -14.34 -27.57 -13.69
CA GLU C 312 -14.94 -27.55 -12.38
C GLU C 312 -14.79 -26.20 -11.69
N SER C 313 -13.81 -25.40 -12.09
CA SER C 313 -13.53 -24.12 -11.46
C SER C 313 -13.90 -22.91 -12.31
N GLY C 314 -14.40 -23.13 -13.52
CA GLY C 314 -14.59 -22.04 -14.46
C GLY C 314 -15.87 -21.26 -14.28
N ASP C 315 -16.07 -20.70 -13.09
CA ASP C 315 -17.33 -20.00 -12.82
C ASP C 315 -17.50 -18.78 -13.72
N ARG C 316 -16.43 -17.96 -13.84
CA ARG C 316 -16.52 -16.78 -14.71
C ARG C 316 -16.67 -17.15 -16.17
N ASN C 317 -15.95 -18.18 -16.64
CA ASN C 317 -16.15 -18.65 -18.02
C ASN C 317 -17.61 -19.04 -18.26
N PHE C 318 -18.23 -19.70 -17.29
CA PHE C 318 -19.65 -19.96 -17.38
C PHE C 318 -20.47 -18.67 -17.27
N ALA C 319 -20.13 -17.82 -16.32
CA ALA C 319 -20.70 -16.48 -16.22
C ALA C 319 -20.66 -15.79 -17.58
N ILE C 320 -19.52 -15.89 -18.26
CA ILE C 320 -19.40 -15.30 -19.60
C ILE C 320 -20.33 -16.01 -20.59
N GLY C 321 -20.36 -17.34 -20.54
CA GLY C 321 -21.12 -18.08 -21.54
C GLY C 321 -22.60 -17.77 -21.48
N TYR C 322 -23.14 -17.71 -20.27
CA TYR C 322 -24.54 -17.33 -20.14
C TYR C 322 -24.78 -15.92 -20.65
N TYR C 323 -23.94 -14.95 -20.25
CA TYR C 323 -24.16 -13.58 -20.73
C TYR C 323 -24.18 -13.52 -22.25
N LEU C 324 -23.28 -14.27 -22.91
CA LEU C 324 -23.21 -14.19 -24.38
C LEU C 324 -24.45 -14.77 -25.03
N LYS C 325 -25.00 -15.85 -24.44
CA LYS C 325 -26.24 -16.43 -24.96
C LYS C 325 -27.40 -15.43 -24.86
N GLU C 326 -27.44 -14.64 -23.78
CA GLU C 326 -28.56 -13.73 -23.59
C GLU C 326 -28.50 -12.59 -24.60
N LYS C 327 -27.29 -12.09 -24.88
CA LYS C 327 -27.06 -11.03 -25.85
C LYS C 327 -26.90 -11.56 -27.27
N LYS C 328 -27.25 -12.83 -27.48
CA LYS C 328 -27.36 -13.45 -28.80
C LYS C 328 -26.07 -13.29 -29.60
N CYS C 329 -24.94 -13.50 -28.91
CA CYS C 329 -23.61 -13.32 -29.46
C CYS C 329 -23.12 -14.51 -30.29
N PHE C 330 -23.67 -15.74 -30.08
CA PHE C 330 -23.29 -16.93 -30.81
C PHE C 330 -24.08 -17.10 -32.10
N PRO C 331 -23.61 -17.96 -33.01
CA PRO C 331 -24.45 -18.32 -34.16
C PRO C 331 -25.68 -19.09 -33.73
N GLU C 332 -26.70 -19.06 -34.59
CA GLU C 332 -27.92 -19.78 -34.30
C GLU C 332 -27.62 -21.25 -34.03
N GLY C 333 -28.44 -21.86 -33.17
CA GLY C 333 -28.26 -23.26 -32.86
C GLY C 333 -26.99 -23.61 -32.10
N THR C 334 -26.51 -22.71 -31.25
CA THR C 334 -25.25 -22.92 -30.55
C THR C 334 -25.53 -23.52 -29.19
N ASP C 335 -25.11 -24.76 -29.00
CA ASP C 335 -25.10 -25.33 -27.65
C ASP C 335 -24.03 -24.62 -26.84
N MET C 336 -24.46 -23.82 -25.87
CA MET C 336 -23.57 -22.92 -25.14
C MET C 336 -22.69 -23.67 -24.14
N VAL C 337 -23.27 -24.64 -23.41
CA VAL C 337 -22.47 -25.42 -22.47
C VAL C 337 -21.50 -26.34 -23.22
N GLY C 338 -21.94 -26.89 -24.34
CA GLY C 338 -21.03 -27.71 -25.14
C GLY C 338 -19.86 -26.93 -25.72
N ILE C 339 -20.13 -25.72 -26.23
CA ILE C 339 -19.08 -24.83 -26.70
C ILE C 339 -18.16 -24.48 -25.56
N LEU C 340 -18.68 -24.43 -24.32
CA LEU C 340 -17.82 -24.17 -23.18
C LEU C 340 -16.87 -25.34 -22.90
N ASP C 341 -17.39 -26.58 -22.90
CA ASP C 341 -16.55 -27.77 -22.78
C ASP C 341 -15.41 -27.73 -23.78
N PHE C 342 -15.77 -27.68 -25.08
CA PHE C 342 -14.81 -27.55 -26.17
C PHE C 342 -13.80 -26.41 -25.91
N TYR C 343 -14.24 -25.30 -25.29
CA TYR C 343 -13.31 -24.24 -24.92
C TYR C 343 -12.30 -24.73 -23.88
N PHE C 344 -12.78 -25.38 -22.82
CA PHE C 344 -11.86 -25.89 -21.80
C PHE C 344 -10.88 -26.90 -22.38
N GLN C 345 -11.32 -27.75 -23.31
CA GLN C 345 -10.40 -28.65 -23.97
C GLN C 345 -9.28 -27.88 -24.69
N LEU C 346 -9.62 -27.04 -25.67
CA LEU C 346 -8.63 -26.22 -26.38
C LEU C 346 -7.63 -25.55 -25.45
N CYS C 347 -8.05 -25.15 -24.25
CA CYS C 347 -7.14 -24.55 -23.29
C CYS C 347 -6.22 -25.58 -22.60
N SER C 348 -6.51 -26.88 -22.66
CA SER C 348 -5.70 -27.88 -21.98
C SER C 348 -4.74 -28.64 -22.91
N ILE C 349 -4.64 -28.21 -24.17
CA ILE C 349 -3.76 -28.81 -25.18
C ILE C 349 -2.30 -28.52 -24.86
N GLU C 350 -1.48 -29.58 -24.77
CA GLU C 350 -0.08 -29.43 -24.38
C GLU C 350 0.83 -29.18 -25.57
N VAL C 351 2.00 -28.59 -25.28
CA VAL C 351 3.09 -28.39 -26.23
C VAL C 351 4.36 -28.44 -25.40
N THR C 352 5.50 -28.58 -26.05
CA THR C 352 6.74 -28.21 -25.39
C THR C 352 7.25 -26.94 -26.02
N CYS C 353 8.30 -26.39 -25.42
CA CYS C 353 8.86 -25.16 -25.96
C CYS C 353 9.24 -25.38 -27.40
N GLU C 354 9.79 -26.55 -27.71
CA GLU C 354 10.26 -26.79 -29.05
C GLU C 354 9.08 -26.86 -30.02
N SER C 355 8.15 -27.80 -29.79
CA SER C 355 7.02 -27.96 -30.69
C SER C 355 6.24 -26.65 -30.87
N ALA C 356 6.09 -25.86 -29.80
CA ALA C 356 5.33 -24.62 -29.92
C ALA C 356 6.11 -23.51 -30.65
N SER C 357 7.45 -23.60 -30.72
CA SER C 357 8.22 -22.60 -31.47
C SER C 357 7.98 -22.71 -32.97
N VAL C 358 7.52 -23.88 -33.45
CA VAL C 358 7.19 -24.10 -34.85
C VAL C 358 5.80 -23.53 -35.17
N MET C 359 4.85 -23.69 -34.24
CA MET C 359 3.58 -22.97 -34.34
C MET C 359 3.81 -21.49 -34.62
N ALA C 360 4.45 -20.81 -33.67
CA ALA C 360 4.87 -19.42 -33.84
C ALA C 360 5.49 -19.16 -35.21
N ALA C 361 6.40 -20.03 -35.63
CA ALA C 361 7.13 -19.80 -36.88
C ALA C 361 6.21 -19.85 -38.09
N THR C 362 5.21 -20.73 -38.09
CA THR C 362 4.24 -20.77 -39.20
C THR C 362 3.55 -19.42 -39.39
N LEU C 363 3.47 -18.61 -38.34
CA LEU C 363 2.91 -17.26 -38.35
C LEU C 363 3.90 -16.22 -38.88
N ALA C 364 5.16 -16.32 -38.45
CA ALA C 364 6.21 -15.57 -39.11
C ALA C 364 6.31 -15.85 -40.61
N ASN C 365 5.68 -16.91 -41.11
CA ASN C 365 6.02 -17.44 -42.42
C ASN C 365 4.80 -17.49 -43.37
N GLY C 366 3.89 -16.51 -43.29
CA GLY C 366 2.80 -16.42 -44.25
C GLY C 366 1.80 -17.55 -44.22
N GLY C 367 1.84 -18.39 -43.19
CA GLY C 367 1.01 -19.55 -43.07
C GLY C 367 1.70 -20.86 -43.39
N PHE C 368 2.85 -20.81 -44.06
CA PHE C 368 3.62 -22.01 -44.38
C PHE C 368 4.43 -22.50 -43.18
N CYS C 369 4.37 -23.80 -42.89
CA CYS C 369 5.14 -24.32 -41.76
C CYS C 369 6.61 -24.44 -42.17
N PRO C 370 7.53 -23.79 -41.45
CA PRO C 370 8.87 -23.57 -42.02
C PRO C 370 9.68 -24.85 -42.14
N ILE C 371 9.28 -25.93 -41.45
CA ILE C 371 10.03 -27.18 -41.44
C ILE C 371 9.34 -28.29 -42.21
N THR C 372 8.15 -28.07 -42.73
CA THR C 372 7.63 -29.06 -43.66
C THR C 372 7.40 -28.52 -45.07
N GLY C 373 7.44 -27.19 -45.26
CA GLY C 373 7.03 -26.56 -46.51
C GLY C 373 5.53 -26.55 -46.79
N GLU C 374 4.72 -27.00 -45.83
CA GLU C 374 3.29 -27.20 -45.99
C GLU C 374 2.52 -25.90 -45.70
N ARG C 375 1.51 -25.62 -46.54
CA ARG C 375 0.62 -24.47 -46.33
C ARG C 375 -0.47 -24.82 -45.31
N VAL C 376 -0.43 -24.20 -44.12
CA VAL C 376 -1.35 -24.52 -43.04
C VAL C 376 -2.43 -23.46 -42.87
N LEU C 377 -2.07 -22.18 -43.00
CA LEU C 377 -3.00 -21.08 -42.79
C LEU C 377 -2.99 -20.15 -43.99
N SER C 378 -4.17 -19.59 -44.29
CA SER C 378 -4.29 -18.58 -45.35
C SER C 378 -3.62 -17.28 -44.93
N PRO C 379 -2.74 -16.68 -45.77
CA PRO C 379 -2.18 -15.35 -45.50
C PRO C 379 -3.10 -14.31 -44.87
N GLU C 380 -4.40 -14.34 -45.23
CA GLU C 380 -5.38 -13.49 -44.57
C GLU C 380 -5.56 -13.88 -43.10
N ALA C 381 -5.58 -15.18 -42.82
CA ALA C 381 -5.69 -15.66 -41.43
C ALA C 381 -4.48 -15.25 -40.60
N VAL C 382 -3.29 -15.33 -41.17
CA VAL C 382 -2.07 -15.11 -40.39
C VAL C 382 -1.85 -13.62 -40.19
N ARG C 383 -2.30 -12.81 -41.14
CA ARG C 383 -2.23 -11.38 -40.96
C ARG C 383 -3.08 -10.98 -39.74
N ASN C 384 -4.36 -11.34 -39.75
CA ASN C 384 -5.26 -10.88 -38.69
C ASN C 384 -4.76 -11.34 -37.32
N THR C 385 -4.27 -12.57 -37.22
CA THR C 385 -3.82 -13.06 -35.92
C THR C 385 -2.61 -12.30 -35.42
N LEU C 386 -1.68 -11.93 -36.32
CA LEU C 386 -0.51 -11.19 -35.86
C LEU C 386 -0.89 -9.77 -35.46
N SER C 387 -1.82 -9.16 -36.20
CA SER C 387 -2.34 -7.85 -35.82
C SER C 387 -2.92 -7.87 -34.42
N LEU C 388 -3.81 -8.83 -34.15
CA LEU C 388 -4.49 -8.89 -32.88
C LEU C 388 -3.57 -9.35 -31.77
N MET C 389 -2.54 -10.13 -32.08
CA MET C 389 -1.57 -10.49 -31.05
C MET C 389 -0.77 -9.27 -30.62
N HIS C 390 -0.36 -8.45 -31.59
CA HIS C 390 0.39 -7.23 -31.30
C HIS C 390 -0.37 -6.32 -30.33
N SER C 391 -1.67 -6.13 -30.55
CA SER C 391 -2.39 -5.15 -29.72
C SER C 391 -3.13 -5.76 -28.52
N CYS C 392 -3.54 -7.03 -28.58
CA CYS C 392 -4.45 -7.58 -27.58
C CYS C 392 -3.89 -8.81 -26.85
N GLY C 393 -2.66 -9.23 -27.15
CA GLY C 393 -2.22 -10.54 -26.75
C GLY C 393 -1.60 -10.70 -25.39
N MET C 394 -1.39 -9.63 -24.66
CA MET C 394 -0.57 -9.73 -23.44
C MET C 394 -1.35 -9.31 -22.21
N TYR C 395 -2.67 -9.48 -22.25
CA TYR C 395 -3.55 -9.08 -21.13
C TYR C 395 -3.41 -7.56 -20.95
N ASP C 396 -3.55 -7.07 -19.73
CA ASP C 396 -3.47 -5.63 -19.52
C ASP C 396 -2.09 -5.05 -19.86
N PHE C 397 -1.08 -5.90 -20.10
CA PHE C 397 0.24 -5.40 -20.48
C PHE C 397 0.35 -5.11 -21.96
N SER C 398 -0.73 -5.37 -22.72
CA SER C 398 -0.65 -5.30 -24.17
C SER C 398 -0.22 -3.91 -24.65
N GLY C 399 -0.70 -2.86 -23.99
CA GLY C 399 -0.31 -1.53 -24.42
C GLY C 399 1.18 -1.32 -24.30
N GLN C 400 1.74 -1.63 -23.12
CA GLN C 400 3.16 -1.43 -22.86
C GLN C 400 4.01 -2.40 -23.67
N PHE C 401 3.52 -3.62 -23.89
CA PHE C 401 4.28 -4.62 -24.62
C PHE C 401 4.44 -4.22 -26.07
N ALA C 402 3.36 -3.72 -26.69
CA ALA C 402 3.48 -3.27 -28.07
C ALA C 402 4.41 -2.08 -28.16
N PHE C 403 4.27 -1.14 -27.21
CA PHE C 403 5.20 -0.03 -27.17
C PHE C 403 6.64 -0.52 -27.02
N HIS C 404 6.98 -1.19 -25.91
CA HIS C 404 8.39 -1.44 -25.64
C HIS C 404 8.98 -2.63 -26.40
N VAL C 405 8.18 -3.64 -26.73
CA VAL C 405 8.65 -4.78 -27.52
C VAL C 405 8.20 -4.69 -28.97
N GLY C 406 6.93 -4.36 -29.21
CA GLY C 406 6.44 -4.27 -30.57
C GLY C 406 6.61 -5.54 -31.34
N LEU C 407 6.14 -6.65 -30.79
CA LEU C 407 6.10 -7.91 -31.51
C LEU C 407 4.76 -8.56 -31.22
N PRO C 408 4.20 -9.29 -32.19
CA PRO C 408 3.01 -10.11 -31.93
C PRO C 408 3.29 -11.20 -30.92
N ALA C 409 2.73 -11.14 -29.72
CA ALA C 409 2.98 -12.17 -28.72
C ALA C 409 1.69 -12.54 -28.00
N LYS C 410 1.64 -13.74 -27.47
CA LYS C 410 0.48 -14.17 -26.69
C LYS C 410 0.93 -14.91 -25.44
N SER C 411 0.47 -14.47 -24.29
CA SER C 411 0.81 -15.12 -23.04
C SER C 411 -0.28 -16.09 -22.61
N GLY C 412 0.02 -16.84 -21.54
CA GLY C 412 -0.89 -17.80 -20.95
C GLY C 412 -0.54 -18.03 -19.50
N VAL C 413 -1.47 -18.64 -18.77
CA VAL C 413 -1.34 -18.75 -17.33
C VAL C 413 -0.34 -19.84 -16.91
N ALA C 414 -0.11 -20.82 -17.78
CA ALA C 414 0.92 -21.83 -17.55
C ALA C 414 2.33 -21.27 -17.57
N GLY C 415 2.54 -20.10 -18.18
CA GLY C 415 3.85 -19.49 -18.23
C GLY C 415 4.41 -19.28 -19.63
N GLY C 416 3.71 -19.73 -20.68
CA GLY C 416 4.21 -19.59 -22.03
C GLY C 416 4.02 -18.18 -22.57
N ILE C 417 4.85 -17.81 -23.55
CA ILE C 417 4.60 -16.61 -24.34
C ILE C 417 4.86 -16.94 -25.80
N LEU C 418 3.83 -17.25 -26.57
CA LEU C 418 4.00 -17.47 -28.00
C LEU C 418 4.43 -16.16 -28.66
N LEU C 419 5.55 -16.17 -29.38
CA LEU C 419 6.18 -14.95 -29.88
C LEU C 419 6.50 -15.07 -31.37
N VAL C 420 6.42 -13.95 -32.08
CA VAL C 420 6.62 -13.95 -33.52
C VAL C 420 7.47 -12.74 -33.90
N VAL C 421 8.44 -12.94 -34.78
CA VAL C 421 9.05 -11.87 -35.53
C VAL C 421 8.75 -12.12 -37.00
N PRO C 422 7.79 -11.41 -37.57
CA PRO C 422 7.45 -11.61 -38.97
C PRO C 422 8.70 -11.62 -39.85
N ASN C 423 8.73 -12.57 -40.79
CA ASN C 423 9.74 -12.70 -41.84
C ASN C 423 11.09 -13.19 -41.31
N VAL C 424 11.17 -13.54 -40.02
CA VAL C 424 12.37 -14.02 -39.36
C VAL C 424 12.11 -15.35 -38.65
N MET C 425 11.41 -15.33 -37.53
CA MET C 425 11.36 -16.52 -36.69
C MET C 425 10.16 -16.46 -35.75
N GLY C 426 9.99 -17.55 -34.98
CA GLY C 426 9.04 -17.58 -33.90
C GLY C 426 9.63 -18.34 -32.71
N MET C 427 9.07 -18.07 -31.54
CA MET C 427 9.67 -18.50 -30.28
C MET C 427 8.60 -19.01 -29.34
N MET C 428 9.04 -19.61 -28.23
CA MET C 428 8.17 -19.91 -27.10
C MET C 428 9.04 -19.86 -25.85
N CYS C 429 8.75 -18.90 -24.98
CA CYS C 429 9.46 -18.72 -23.70
C CYS C 429 8.56 -19.24 -22.60
N TRP C 430 9.05 -20.21 -21.84
CA TRP C 430 8.25 -20.85 -20.80
C TRP C 430 8.93 -20.75 -19.44
N SER C 431 8.21 -20.16 -18.47
CA SER C 431 8.61 -20.04 -17.07
C SER C 431 7.36 -19.85 -16.21
N PRO C 432 6.99 -20.82 -15.37
CA PRO C 432 5.63 -20.85 -14.77
C PRO C 432 5.30 -19.65 -13.87
N PRO C 433 6.28 -19.02 -13.19
CA PRO C 433 5.92 -17.89 -12.31
C PRO C 433 5.39 -16.71 -13.11
N LEU C 434 4.15 -16.28 -12.80
CA LEU C 434 3.49 -15.13 -13.40
C LEU C 434 3.71 -13.86 -12.58
N ASP C 435 3.59 -12.72 -13.26
CA ASP C 435 3.64 -11.43 -12.59
C ASP C 435 2.21 -10.99 -12.24
N LYS C 436 2.05 -9.76 -11.74
CA LYS C 436 0.73 -9.34 -11.30
C LYS C 436 -0.25 -9.12 -12.45
N MET C 437 0.18 -9.20 -13.71
CA MET C 437 -0.75 -9.02 -14.82
C MET C 437 -1.07 -10.32 -15.54
N GLY C 438 -0.28 -11.39 -15.34
CA GLY C 438 -0.56 -12.69 -15.91
C GLY C 438 0.59 -13.27 -16.71
N ASN C 439 1.69 -12.51 -16.85
CA ASN C 439 2.73 -12.78 -17.84
C ASN C 439 3.98 -13.38 -17.19
N SER C 440 4.51 -14.46 -17.77
CA SER C 440 5.78 -15.02 -17.32
C SER C 440 6.79 -13.93 -17.00
N VAL C 441 7.36 -13.99 -15.80
CA VAL C 441 8.32 -12.98 -15.38
C VAL C 441 9.59 -13.05 -16.23
N LYS C 442 10.03 -14.26 -16.55
CA LYS C 442 11.22 -14.43 -17.37
C LYS C 442 10.90 -14.19 -18.83
N GLY C 443 9.64 -14.42 -19.24
CA GLY C 443 9.29 -14.23 -20.63
C GLY C 443 9.29 -12.77 -21.00
N ILE C 444 8.59 -11.96 -20.19
CA ILE C 444 8.56 -10.52 -20.43
C ILE C 444 9.97 -9.96 -20.37
N HIS C 445 10.77 -10.46 -19.44
CA HIS C 445 12.15 -10.01 -19.31
C HIS C 445 12.94 -10.33 -20.57
N PHE C 446 12.77 -11.54 -21.11
CA PHE C 446 13.52 -12.00 -22.27
C PHE C 446 13.17 -11.19 -23.50
N CYS C 447 11.88 -10.92 -23.72
CA CYS C 447 11.48 -10.14 -24.88
C CYS C 447 12.01 -8.71 -24.83
N HIS C 448 11.97 -8.07 -23.65
CA HIS C 448 12.57 -6.74 -23.54
C HIS C 448 14.04 -6.78 -23.94
N ASP C 449 14.84 -7.58 -23.20
CA ASP C 449 16.24 -7.78 -23.55
C ASP C 449 16.39 -8.09 -25.03
N LEU C 450 15.58 -9.01 -25.56
CA LEU C 450 15.80 -9.46 -26.92
C LEU C 450 15.73 -8.30 -27.88
N VAL C 451 14.76 -7.39 -27.68
CA VAL C 451 14.59 -6.35 -28.68
C VAL C 451 15.50 -5.14 -28.44
N SER C 452 15.95 -4.93 -27.20
CA SER C 452 17.06 -4.01 -26.99
C SER C 452 18.28 -4.44 -27.82
N LEU C 453 18.43 -5.75 -28.02
CA LEU C 453 19.62 -6.30 -28.68
C LEU C 453 19.51 -6.28 -30.20
N CYS C 454 18.32 -6.49 -30.74
CA CYS C 454 18.15 -6.75 -32.17
C CYS C 454 17.13 -5.78 -32.76
N ASN C 455 17.18 -5.57 -34.07
CA ASN C 455 16.27 -4.63 -34.72
C ASN C 455 14.98 -5.34 -35.18
N PHE C 456 14.38 -6.11 -34.26
CA PHE C 456 13.15 -6.84 -34.54
C PHE C 456 11.88 -6.10 -34.16
N HIS C 457 12.01 -5.00 -33.40
CA HIS C 457 10.85 -4.23 -32.99
C HIS C 457 10.06 -3.84 -34.21
N ASN C 458 8.75 -4.01 -34.13
CA ASN C 458 7.90 -3.85 -35.30
C ASN C 458 8.19 -2.59 -36.08
N TYR C 459 8.68 -1.55 -35.40
CA TYR C 459 8.89 -0.26 -36.04
C TYR C 459 10.34 0.19 -35.86
N ASP C 460 11.27 -0.75 -35.72
CA ASP C 460 12.68 -0.45 -35.92
C ASP C 460 12.97 -0.26 -37.41
N ASN C 461 14.09 0.38 -37.71
CA ASN C 461 14.47 0.55 -39.10
C ASN C 461 15.49 -0.51 -39.48
N LEU C 462 15.32 -1.12 -40.65
CA LEU C 462 16.26 -2.12 -41.13
C LEU C 462 17.50 -1.53 -41.79
N ARG C 463 17.59 -0.20 -41.89
CA ARG C 463 18.76 0.49 -42.45
C ARG C 463 19.54 1.28 -41.40
N HIS C 464 18.87 2.10 -40.60
CA HIS C 464 19.53 2.92 -39.57
C HIS C 464 18.96 2.53 -38.19
N PHE C 465 19.60 1.58 -37.52
CA PHE C 465 19.11 0.99 -36.28
C PHE C 465 20.13 1.15 -35.16
N ALA C 466 20.97 2.16 -35.25
CA ALA C 466 21.81 2.56 -34.12
C ALA C 466 22.74 1.41 -33.74
N LYS C 467 22.94 1.16 -32.45
CA LYS C 467 23.87 0.13 -32.01
C LYS C 467 23.18 -1.19 -31.74
N LYS C 468 22.04 -1.43 -32.37
CA LYS C 468 21.42 -2.73 -32.33
C LYS C 468 22.08 -3.66 -33.33
N LEU C 469 22.19 -4.92 -32.96
CA LEU C 469 22.67 -5.95 -33.86
C LEU C 469 21.54 -6.42 -34.79
N ASP C 470 21.86 -6.75 -36.04
CA ASP C 470 20.88 -7.23 -37.01
C ASP C 470 21.27 -8.62 -37.48
N PRO C 471 20.68 -9.64 -36.94
CA PRO C 471 21.04 -11.01 -37.37
C PRO C 471 20.60 -11.37 -38.77
N ARG C 472 20.11 -10.42 -39.55
CA ARG C 472 19.72 -10.73 -40.91
C ARG C 472 20.76 -10.34 -41.95
N ARG C 473 21.88 -9.78 -41.52
CA ARG C 473 22.97 -9.46 -42.44
C ARG C 473 24.28 -10.09 -41.99
N GLU C 474 25.38 -9.72 -42.64
CA GLU C 474 26.61 -10.45 -42.38
C GLU C 474 27.68 -9.52 -41.81
N GLY C 475 28.53 -8.94 -42.65
CA GLY C 475 29.64 -8.11 -42.20
C GLY C 475 29.55 -6.63 -42.49
N PRO D 66 61.60 -35.00 -30.87
CA PRO D 66 61.68 -34.93 -29.40
C PRO D 66 60.88 -36.04 -28.71
N SER D 67 60.98 -36.15 -27.38
CA SER D 67 60.28 -37.19 -26.62
C SER D 67 60.19 -36.77 -25.16
N LEU D 68 58.97 -36.48 -24.67
CA LEU D 68 58.78 -35.90 -23.34
C LEU D 68 59.39 -36.75 -22.25
N GLU D 69 59.19 -38.07 -22.34
CA GLU D 69 59.80 -39.02 -21.41
C GLU D 69 61.33 -38.99 -21.48
N ASP D 70 61.87 -38.78 -22.69
CA ASP D 70 63.31 -38.66 -22.83
C ASP D 70 63.84 -37.39 -22.18
N LEU D 71 63.23 -36.23 -22.50
CA LEU D 71 63.71 -34.96 -21.98
C LEU D 71 63.69 -34.96 -20.45
N LEU D 72 62.56 -35.38 -19.87
CA LEU D 72 62.46 -35.57 -18.43
C LEU D 72 63.55 -36.51 -17.93
N PHE D 73 63.88 -37.54 -18.71
CA PHE D 73 64.87 -38.50 -18.26
C PHE D 73 66.22 -37.82 -18.00
N TYR D 74 66.55 -36.79 -18.79
CA TYR D 74 67.86 -36.17 -18.64
C TYR D 74 67.89 -35.19 -17.48
N THR D 75 66.82 -34.38 -17.33
CA THR D 75 66.74 -33.41 -16.25
C THR D 75 66.86 -34.07 -14.88
N ILE D 76 66.61 -35.37 -14.81
CA ILE D 76 66.83 -36.15 -13.60
C ILE D 76 68.08 -37.03 -13.70
N ALA D 77 68.58 -37.26 -14.93
CA ALA D 77 69.68 -38.21 -15.14
C ALA D 77 70.99 -37.67 -14.62
N GLU D 78 71.14 -36.34 -14.57
CA GLU D 78 72.37 -35.71 -14.08
C GLU D 78 73.58 -36.23 -14.85
N GLY D 79 73.44 -36.30 -16.17
CA GLY D 79 74.49 -36.77 -17.05
C GLY D 79 74.76 -38.26 -16.99
N GLN D 80 74.36 -38.94 -15.91
CA GLN D 80 74.59 -40.37 -15.77
C GLN D 80 73.70 -41.16 -16.74
N GLU D 81 73.91 -42.48 -16.80
CA GLU D 81 73.18 -43.30 -17.77
C GLU D 81 71.93 -43.96 -17.21
N LYS D 82 71.90 -44.29 -15.91
CA LYS D 82 70.74 -44.90 -15.27
C LYS D 82 70.42 -44.15 -13.98
N ILE D 83 69.13 -43.90 -13.76
CA ILE D 83 68.63 -43.28 -12.53
C ILE D 83 68.25 -44.38 -11.55
N PRO D 84 68.75 -44.37 -10.32
CA PRO D 84 68.22 -45.30 -9.32
C PRO D 84 66.81 -44.89 -8.95
N VAL D 85 65.99 -45.89 -8.61
CA VAL D 85 64.57 -45.65 -8.37
C VAL D 85 64.37 -44.66 -7.23
N HIS D 86 65.08 -44.87 -6.12
CA HIS D 86 64.86 -44.00 -4.96
C HIS D 86 65.22 -42.56 -5.29
N LYS D 87 66.28 -42.34 -6.07
CA LYS D 87 66.59 -41.00 -6.51
C LYS D 87 65.59 -40.48 -7.54
N PHE D 88 64.83 -41.35 -8.19
CA PHE D 88 63.64 -40.84 -8.85
C PHE D 88 62.57 -40.53 -7.82
N ILE D 89 62.44 -41.39 -6.80
CA ILE D 89 61.39 -41.26 -5.78
C ILE D 89 61.56 -39.96 -5.01
N THR D 90 62.80 -39.66 -4.59
CA THR D 90 63.07 -38.49 -3.77
C THR D 90 62.92 -37.21 -4.57
N ALA D 91 63.35 -37.23 -5.83
CA ALA D 91 63.06 -36.10 -6.71
C ALA D 91 61.55 -35.92 -6.89
N LEU D 92 60.77 -36.99 -6.75
CA LEU D 92 59.32 -36.90 -6.90
C LEU D 92 58.65 -36.33 -5.65
N LYS D 93 58.98 -36.86 -4.47
CA LYS D 93 58.34 -36.41 -3.25
C LYS D 93 58.67 -34.95 -2.91
N SER D 94 59.83 -34.47 -3.37
CA SER D 94 60.27 -33.11 -3.08
C SER D 94 59.45 -32.08 -3.84
N THR D 95 58.82 -32.49 -4.94
CA THR D 95 57.86 -31.65 -5.66
C THR D 95 56.60 -31.43 -4.83
N GLY D 96 56.54 -32.07 -3.67
CA GLY D 96 55.34 -32.11 -2.86
C GLY D 96 54.34 -33.17 -3.27
N LEU D 97 54.54 -33.84 -4.39
CA LEU D 97 53.59 -34.88 -4.73
C LEU D 97 53.72 -36.00 -3.72
N ARG D 98 52.66 -36.78 -3.60
CA ARG D 98 52.66 -37.97 -2.76
C ARG D 98 52.60 -39.18 -3.66
N THR D 99 53.67 -39.97 -3.66
CA THR D 99 53.75 -41.26 -4.35
C THR D 99 52.42 -42.02 -4.41
N SER D 100 51.54 -41.84 -3.43
CA SER D 100 50.25 -42.49 -3.43
C SER D 100 49.21 -41.80 -4.32
N ASP D 101 49.50 -40.59 -4.84
CA ASP D 101 48.63 -39.77 -5.68
C ASP D 101 47.82 -40.59 -6.69
N PRO D 102 46.48 -40.55 -6.62
CA PRO D 102 45.66 -41.27 -7.60
C PRO D 102 45.93 -40.89 -9.05
N ARG D 103 46.55 -39.75 -9.33
CA ARG D 103 46.90 -39.35 -10.68
C ARG D 103 48.21 -39.99 -11.13
N LEU D 104 48.80 -40.81 -10.26
CA LEU D 104 50.09 -41.41 -10.48
C LEU D 104 50.09 -42.92 -10.30
N LYS D 105 48.92 -43.56 -10.08
CA LYS D 105 48.89 -44.98 -9.75
C LYS D 105 49.58 -45.82 -10.83
N GLU D 106 49.44 -45.43 -12.10
CA GLU D 106 50.05 -46.19 -13.20
C GLU D 106 51.57 -46.14 -13.12
N CYS D 107 52.14 -44.95 -12.92
CA CYS D 107 53.59 -44.84 -12.78
C CYS D 107 54.12 -45.66 -11.59
N MET D 108 53.33 -45.82 -10.51
CA MET D 108 53.83 -46.53 -9.34
C MET D 108 53.67 -48.03 -9.48
N ASP D 109 52.53 -48.44 -10.05
CA ASP D 109 52.32 -49.86 -10.37
C ASP D 109 53.44 -50.39 -11.26
N MET D 110 53.79 -49.64 -12.31
CA MET D 110 54.89 -50.03 -13.19
C MET D 110 56.22 -50.17 -12.46
N LEU D 111 56.50 -49.26 -11.53
CA LEU D 111 57.75 -49.33 -10.77
C LEU D 111 57.77 -50.52 -9.83
N ARG D 112 56.67 -50.78 -9.12
CA ARG D 112 56.60 -51.93 -8.22
C ARG D 112 56.79 -53.24 -8.99
N LEU D 113 56.36 -53.25 -10.26
CA LEU D 113 56.39 -54.44 -11.11
C LEU D 113 57.72 -54.66 -11.77
N THR D 114 58.46 -53.60 -12.08
CA THR D 114 59.81 -53.80 -12.55
C THR D 114 60.77 -53.99 -11.38
N LEU D 115 60.47 -53.39 -10.22
CA LEU D 115 61.18 -53.78 -9.01
C LEU D 115 61.06 -55.27 -8.78
N GLN D 116 59.94 -55.84 -9.22
CA GLN D 116 59.74 -57.29 -9.16
C GLN D 116 60.49 -58.03 -10.25
N THR D 117 60.26 -57.66 -11.52
CA THR D 117 60.81 -58.35 -12.69
C THR D 117 62.31 -58.17 -12.87
N THR D 118 62.97 -57.39 -12.00
CA THR D 118 64.43 -57.33 -11.95
C THR D 118 64.82 -57.01 -10.50
N SER D 119 65.06 -58.07 -9.72
CA SER D 119 65.96 -57.91 -8.60
C SER D 119 67.36 -57.54 -9.12
N ASP D 120 67.59 -57.74 -10.43
CA ASP D 120 68.73 -57.23 -11.19
C ASP D 120 68.62 -55.72 -11.40
N GLY D 121 69.04 -54.96 -10.39
CA GLY D 121 69.06 -53.52 -10.53
C GLY D 121 69.72 -52.76 -9.40
N VAL D 122 68.98 -51.81 -8.84
CA VAL D 122 67.63 -51.54 -9.29
C VAL D 122 67.57 -50.15 -9.95
N MET D 123 68.02 -50.07 -11.21
CA MET D 123 68.25 -48.80 -11.87
C MET D 123 67.64 -48.79 -13.27
N LEU D 124 66.92 -47.71 -13.59
CA LEU D 124 66.19 -47.58 -14.84
C LEU D 124 67.10 -46.99 -15.92
N ASP D 125 67.22 -47.70 -17.05
CA ASP D 125 67.79 -47.05 -18.23
C ASP D 125 66.73 -46.17 -18.88
N LYS D 126 67.14 -45.38 -19.88
CA LYS D 126 66.22 -44.40 -20.46
C LYS D 126 64.92 -45.04 -20.94
N ASP D 127 64.98 -46.27 -21.48
CA ASP D 127 63.76 -46.91 -21.99
C ASP D 127 62.97 -47.61 -20.90
N LEU D 128 63.65 -48.15 -19.88
CA LEU D 128 62.94 -48.70 -18.72
C LEU D 128 62.30 -47.58 -17.88
N PHE D 129 63.00 -46.44 -17.76
CA PHE D 129 62.36 -45.26 -17.18
C PHE D 129 61.15 -44.85 -18.00
N LYS D 130 61.27 -44.95 -19.34
CA LYS D 130 60.18 -44.49 -20.20
C LYS D 130 58.95 -45.35 -20.05
N LYS D 131 59.15 -46.68 -19.99
CA LYS D 131 58.05 -47.63 -19.77
C LYS D 131 57.23 -47.27 -18.54
N CYS D 132 57.86 -46.69 -17.51
CA CYS D 132 57.20 -46.41 -16.24
C CYS D 132 56.39 -45.12 -16.28
N VAL D 133 56.97 -44.04 -16.81
CA VAL D 133 56.36 -42.71 -16.71
C VAL D 133 55.56 -42.33 -17.94
N GLN D 134 55.41 -43.23 -18.93
CA GLN D 134 54.65 -42.88 -20.11
C GLN D 134 53.23 -42.47 -19.75
N SER D 135 52.62 -43.20 -18.81
CA SER D 135 51.20 -43.05 -18.51
C SER D 135 50.89 -41.70 -17.90
N ASN D 136 51.75 -41.23 -17.00
CA ASN D 136 51.51 -40.01 -16.22
C ASN D 136 52.49 -38.90 -16.58
N ILE D 137 52.97 -38.86 -17.83
CA ILE D 137 54.11 -38.00 -18.14
C ILE D 137 53.74 -36.54 -18.02
N VAL D 138 52.54 -36.18 -18.47
CA VAL D 138 52.13 -34.77 -18.43
C VAL D 138 52.36 -34.22 -17.04
N LEU D 139 51.88 -34.94 -16.03
CA LEU D 139 51.86 -34.43 -14.66
C LEU D 139 53.21 -34.59 -13.98
N LEU D 140 53.99 -35.61 -14.37
CA LEU D 140 55.33 -35.75 -13.79
C LEU D 140 56.27 -34.67 -14.28
N THR D 141 56.02 -34.10 -15.46
CA THR D 141 56.93 -33.08 -15.93
C THR D 141 56.62 -31.72 -15.30
N GLN D 142 55.35 -31.36 -15.22
CA GLN D 142 55.00 -30.14 -14.50
C GLN D 142 55.58 -30.13 -13.09
N ALA D 143 55.80 -31.31 -12.51
CA ALA D 143 56.40 -31.39 -11.19
C ALA D 143 57.91 -31.18 -11.21
N PHE D 144 58.60 -31.73 -12.20
CA PHE D 144 60.04 -31.57 -12.28
C PHE D 144 60.47 -30.29 -12.97
N ARG D 145 59.61 -29.76 -13.86
CA ARG D 145 59.80 -28.50 -14.55
C ARG D 145 59.19 -27.33 -13.78
N ARG D 146 59.04 -27.48 -12.46
CA ARG D 146 58.65 -26.40 -11.56
C ARG D 146 57.49 -25.58 -12.11
N LYS D 147 56.48 -26.28 -12.62
CA LYS D 147 55.26 -25.64 -13.11
C LYS D 147 54.13 -25.68 -12.09
N PHE D 148 54.41 -26.07 -10.85
CA PHE D 148 53.35 -26.10 -9.85
C PHE D 148 53.17 -24.73 -9.19
N VAL D 149 51.92 -24.45 -8.79
CA VAL D 149 51.56 -23.12 -8.26
C VAL D 149 52.57 -22.68 -7.22
N ILE D 150 53.04 -23.60 -6.39
CA ILE D 150 54.11 -23.32 -5.43
C ILE D 150 55.37 -24.02 -5.93
N PRO D 151 56.29 -23.30 -6.60
CA PRO D 151 57.36 -24.00 -7.32
C PRO D 151 58.43 -24.55 -6.41
N ASP D 152 58.82 -23.82 -5.37
CA ASP D 152 59.72 -24.35 -4.36
C ASP D 152 58.84 -24.85 -3.22
N PHE D 153 58.39 -26.10 -3.30
CA PHE D 153 57.49 -26.60 -2.28
C PHE D 153 58.21 -27.01 -1.00
N MET D 154 59.52 -27.25 -1.07
CA MET D 154 60.22 -27.64 0.15
C MET D 154 60.36 -26.47 1.11
N SER D 155 60.66 -25.27 0.60
CA SER D 155 60.81 -24.14 1.50
C SER D 155 59.47 -23.68 2.05
N PHE D 156 58.39 -23.88 1.29
CA PHE D 156 57.07 -23.48 1.78
C PHE D 156 56.67 -24.30 3.00
N THR D 157 56.88 -25.61 2.93
CA THR D 157 56.58 -26.47 4.08
C THR D 157 57.38 -26.04 5.30
N SER D 158 58.66 -25.70 5.11
CA SER D 158 59.40 -25.20 6.25
C SER D 158 58.76 -23.93 6.81
N HIS D 159 58.15 -23.12 5.95
CA HIS D 159 57.41 -21.96 6.46
C HIS D 159 56.18 -22.40 7.24
N ILE D 160 55.46 -23.39 6.71
CA ILE D 160 54.28 -23.90 7.42
C ILE D 160 54.67 -24.47 8.77
N ASP D 161 55.80 -25.16 8.84
CA ASP D 161 56.24 -25.72 10.11
C ASP D 161 56.53 -24.62 11.11
N GLU D 162 57.28 -23.58 10.71
CA GLU D 162 57.55 -22.49 11.63
C GLU D 162 56.27 -21.86 12.12
N LEU D 163 55.26 -21.72 11.24
CA LEU D 163 54.01 -21.08 11.64
C LEU D 163 53.21 -22.00 12.54
N TYR D 164 53.23 -23.30 12.24
CA TYR D 164 52.57 -24.28 13.08
C TYR D 164 53.11 -24.24 14.51
N GLU D 165 54.44 -24.37 14.70
CA GLU D 165 55.03 -24.20 16.03
C GLU D 165 54.95 -22.77 16.57
N SER D 166 54.67 -21.77 15.75
CA SER D 166 54.40 -20.47 16.33
C SER D 166 53.01 -20.47 16.97
N ALA D 167 52.05 -21.13 16.34
CA ALA D 167 50.75 -21.22 16.99
C ALA D 167 50.74 -22.22 18.14
N LYS D 168 51.69 -23.15 18.19
CA LYS D 168 51.61 -24.29 19.10
C LYS D 168 51.75 -23.88 20.56
N LYS D 169 52.29 -22.69 20.83
CA LYS D 169 52.53 -22.21 22.18
C LYS D 169 51.41 -21.30 22.69
N GLN D 170 50.27 -21.25 22.00
CA GLN D 170 49.12 -20.44 22.43
C GLN D 170 48.10 -21.32 23.14
N SER D 171 48.44 -21.71 24.36
CA SER D 171 47.67 -22.73 25.07
C SER D 171 46.46 -22.13 25.77
N GLY D 172 45.84 -21.10 25.19
CA GLY D 172 44.58 -20.59 25.71
C GLY D 172 43.35 -21.30 25.13
N GLY D 173 42.19 -21.02 25.71
CA GLY D 173 40.92 -21.50 25.20
C GLY D 173 40.38 -22.66 26.01
N LYS D 174 39.09 -22.95 25.76
CA LYS D 174 38.38 -24.06 26.39
C LYS D 174 37.82 -25.00 25.33
N VAL D 175 38.06 -26.30 25.55
CA VAL D 175 37.46 -27.31 24.70
C VAL D 175 35.95 -27.24 24.84
N ALA D 176 35.22 -27.52 23.76
CA ALA D 176 33.78 -27.56 23.85
C ALA D 176 33.34 -28.76 24.69
N ASP D 177 32.70 -28.50 25.82
CA ASP D 177 32.15 -29.56 26.67
C ASP D 177 30.66 -29.77 26.44
N TYR D 178 30.10 -29.15 25.39
CA TYR D 178 28.66 -29.18 25.12
C TYR D 178 28.11 -30.59 25.10
N ILE D 179 28.91 -31.55 24.64
CA ILE D 179 28.59 -32.97 24.71
C ILE D 179 29.82 -33.73 25.16
N PRO D 180 29.64 -34.93 25.75
CA PRO D 180 30.80 -35.67 26.26
C PRO D 180 31.80 -36.07 25.20
N GLN D 181 31.42 -36.04 23.92
CA GLN D 181 32.26 -36.56 22.85
C GLN D 181 33.23 -35.53 22.28
N LEU D 182 32.99 -34.23 22.50
CA LEU D 182 33.99 -33.23 22.19
C LEU D 182 34.78 -32.81 23.41
N ALA D 183 34.21 -33.00 24.63
CA ALA D 183 34.95 -32.90 25.89
C ALA D 183 35.87 -34.13 26.13
N LYS D 184 35.99 -34.95 25.09
CA LYS D 184 36.84 -36.12 25.06
C LYS D 184 38.17 -35.88 24.34
N PHE D 185 38.26 -34.81 23.52
CA PHE D 185 39.47 -34.48 22.77
C PHE D 185 40.39 -33.60 23.61
N SER D 186 41.70 -33.96 23.64
CA SER D 186 42.66 -33.26 24.48
C SER D 186 43.13 -31.94 23.85
N PRO D 187 43.36 -30.91 24.68
CA PRO D 187 43.78 -29.60 24.19
C PRO D 187 45.16 -29.54 23.54
N ASP D 188 45.95 -30.60 23.54
CA ASP D 188 47.27 -30.56 22.93
C ASP D 188 47.27 -31.08 21.50
N LEU D 189 46.12 -31.54 21.01
CA LEU D 189 45.98 -31.89 19.60
C LEU D 189 46.10 -30.62 18.78
N TRP D 190 46.92 -30.65 17.72
CA TRP D 190 47.08 -29.48 16.87
C TRP D 190 47.76 -29.89 15.59
N GLY D 191 47.08 -29.65 14.47
CA GLY D 191 47.55 -30.12 13.17
C GLY D 191 47.13 -29.20 12.06
N VAL D 192 47.95 -29.14 11.02
CA VAL D 192 47.68 -28.37 9.81
C VAL D 192 48.01 -29.25 8.61
N SER D 193 47.08 -29.36 7.66
CA SER D 193 47.33 -30.11 6.43
C SER D 193 47.17 -29.19 5.22
N VAL D 194 48.19 -29.13 4.39
CA VAL D 194 48.15 -28.32 3.17
C VAL D 194 47.93 -29.24 1.98
N CYS D 195 46.93 -28.89 1.17
CA CYS D 195 46.73 -29.46 -0.16
C CYS D 195 46.57 -28.34 -1.15
N THR D 196 47.49 -28.24 -2.13
CA THR D 196 47.41 -27.18 -3.14
C THR D 196 46.47 -27.54 -4.29
N ALA D 197 46.16 -26.54 -5.12
CA ALA D 197 45.39 -26.81 -6.34
C ALA D 197 46.12 -27.79 -7.28
N ASP D 198 47.43 -27.99 -7.12
CA ASP D 198 48.14 -28.95 -7.96
C ASP D 198 48.29 -30.32 -7.33
N GLY D 199 47.92 -30.46 -6.05
CA GLY D 199 48.00 -31.71 -5.33
C GLY D 199 49.18 -31.89 -4.39
N GLN D 200 49.90 -30.83 -4.04
CA GLN D 200 51.15 -30.97 -3.29
C GLN D 200 50.82 -31.03 -1.79
N ARG D 201 51.03 -32.17 -1.17
CA ARG D 201 50.61 -32.35 0.20
C ARG D 201 51.74 -32.01 1.18
N HIS D 202 51.38 -31.36 2.28
CA HIS D 202 52.27 -31.31 3.43
C HIS D 202 51.42 -31.19 4.68
N SER D 203 51.85 -31.87 5.75
CA SER D 203 51.16 -31.74 7.01
C SER D 203 52.14 -32.03 8.13
N THR D 204 52.02 -31.27 9.23
CA THR D 204 52.73 -31.54 10.48
C THR D 204 51.77 -31.38 11.65
N GLY D 205 51.89 -32.27 12.61
CA GLY D 205 51.02 -32.28 13.76
C GLY D 205 50.07 -33.45 13.77
N ASP D 206 49.03 -33.33 14.59
CA ASP D 206 48.07 -34.40 14.81
C ASP D 206 47.03 -34.33 13.71
N THR D 207 47.51 -34.67 12.50
CA THR D 207 46.76 -34.49 11.27
C THR D 207 46.02 -35.74 10.82
N LYS D 208 46.31 -36.90 11.41
CA LYS D 208 45.54 -38.10 11.10
C LYS D 208 44.55 -38.46 12.21
N VAL D 209 44.30 -37.56 13.15
CA VAL D 209 43.29 -37.77 14.19
C VAL D 209 41.93 -37.36 13.65
N PRO D 210 40.92 -38.21 13.77
CA PRO D 210 39.59 -37.87 13.22
C PRO D 210 38.76 -37.01 14.17
N PHE D 211 38.00 -36.10 13.57
CA PHE D 211 37.19 -35.12 14.29
C PHE D 211 36.03 -34.70 13.42
N CYS D 212 34.89 -34.43 14.05
CA CYS D 212 33.68 -34.09 13.30
C CYS D 212 33.80 -32.73 12.66
N LEU D 213 33.23 -32.60 11.46
CA LEU D 213 33.18 -31.30 10.82
C LEU D 213 32.42 -30.29 11.66
N GLN D 214 31.20 -30.63 12.04
CA GLN D 214 30.23 -29.73 12.70
C GLN D 214 29.99 -28.61 11.69
N SER D 215 29.92 -27.34 12.12
CA SER D 215 29.65 -26.24 11.18
C SER D 215 30.64 -26.20 10.00
N CYS D 216 31.79 -26.86 10.10
CA CYS D 216 32.64 -26.99 8.92
C CYS D 216 31.93 -27.69 7.76
N VAL D 217 30.82 -28.39 8.03
CA VAL D 217 30.10 -29.04 6.95
C VAL D 217 29.10 -28.08 6.30
N LYS D 218 28.75 -26.97 6.97
CA LYS D 218 27.76 -26.03 6.42
C LYS D 218 28.14 -25.61 5.00
N PRO D 219 29.31 -24.99 4.75
CA PRO D 219 29.62 -24.62 3.35
C PRO D 219 29.71 -25.81 2.39
N LEU D 220 30.21 -26.96 2.87
CA LEU D 220 30.25 -28.15 2.03
C LEU D 220 28.87 -28.52 1.53
N LYS D 221 27.88 -28.58 2.43
CA LYS D 221 26.54 -28.91 1.94
C LYS D 221 25.90 -27.77 1.15
N TYR D 222 26.21 -26.51 1.50
CA TYR D 222 25.73 -25.40 0.67
C TYR D 222 26.23 -25.55 -0.76
N ALA D 223 27.51 -25.90 -0.92
CA ALA D 223 28.07 -26.11 -2.26
C ALA D 223 27.24 -27.12 -3.05
N ILE D 224 27.02 -28.31 -2.46
CA ILE D 224 26.24 -29.39 -3.07
C ILE D 224 24.84 -28.90 -3.46
N ALA D 225 24.23 -28.08 -2.61
CA ALA D 225 22.84 -27.68 -2.87
C ALA D 225 22.75 -26.67 -4.01
N VAL D 226 23.65 -25.68 -4.06
CA VAL D 226 23.76 -24.81 -5.23
C VAL D 226 24.13 -25.64 -6.45
N ASN D 227 25.12 -26.51 -6.30
CA ASN D 227 25.57 -27.35 -7.42
C ASN D 227 24.42 -28.13 -8.03
N ASP D 228 23.55 -28.71 -7.19
CA ASP D 228 22.43 -29.52 -7.67
C ASP D 228 21.19 -28.71 -8.05
N LEU D 229 21.05 -27.47 -7.55
CA LEU D 229 19.78 -26.75 -7.61
C LEU D 229 19.88 -25.36 -8.21
N GLY D 230 21.07 -24.81 -8.38
CA GLY D 230 21.22 -23.46 -8.89
C GLY D 230 21.13 -22.41 -7.80
N THR D 231 21.65 -21.23 -8.12
CA THR D 231 21.66 -20.14 -7.14
C THR D 231 20.26 -19.64 -6.82
N GLU D 232 19.48 -19.34 -7.87
CA GLU D 232 18.16 -18.73 -7.72
C GLU D 232 17.26 -19.54 -6.83
N TYR D 233 17.26 -20.87 -7.00
CA TYR D 233 16.44 -21.70 -6.13
C TYR D 233 16.92 -21.59 -4.68
N VAL D 234 18.18 -21.93 -4.44
CA VAL D 234 18.65 -22.02 -3.05
C VAL D 234 18.42 -20.71 -2.34
N HIS D 235 18.48 -19.58 -3.05
CA HIS D 235 18.48 -18.27 -2.42
C HIS D 235 17.11 -17.62 -2.43
N ARG D 236 16.08 -18.40 -2.72
CA ARG D 236 14.74 -18.03 -2.28
C ARG D 236 14.39 -18.71 -0.96
N TYR D 237 15.35 -19.35 -0.32
CA TYR D 237 15.12 -20.03 0.95
C TYR D 237 16.06 -19.54 2.04
N VAL D 238 17.25 -19.08 1.65
CA VAL D 238 18.23 -18.50 2.57
C VAL D 238 18.83 -17.27 1.89
N GLY D 239 19.06 -16.22 2.67
CA GLY D 239 19.70 -15.03 2.17
C GLY D 239 21.21 -15.22 2.02
N LYS D 240 21.91 -14.10 1.72
CA LYS D 240 23.32 -14.18 1.34
C LYS D 240 24.20 -13.06 1.92
N GLU D 241 23.89 -12.55 3.11
CA GLU D 241 24.69 -11.52 3.76
C GLU D 241 24.91 -11.90 5.21
N PRO D 242 25.98 -11.40 5.84
CA PRO D 242 26.13 -11.56 7.30
C PRO D 242 25.14 -10.67 8.03
N SER D 243 24.51 -11.23 9.04
CA SER D 243 23.36 -10.59 9.68
C SER D 243 23.67 -9.26 10.37
N GLY D 244 24.93 -8.99 10.72
CA GLY D 244 25.25 -7.82 11.51
C GLY D 244 25.49 -8.15 12.98
N LEU D 245 26.58 -7.64 13.55
CA LEU D 245 27.02 -8.04 14.89
C LEU D 245 25.99 -7.74 15.98
N ARG D 246 24.81 -7.23 15.60
CA ARG D 246 23.68 -7.04 16.51
C ARG D 246 22.70 -8.21 16.46
N PHE D 247 22.46 -8.77 15.27
CA PHE D 247 21.37 -9.71 15.05
C PHE D 247 21.87 -11.14 14.84
N ASN D 248 23.04 -11.47 15.43
CA ASN D 248 23.57 -12.84 15.60
C ASN D 248 22.77 -13.69 16.65
N LYS D 249 21.62 -13.19 17.11
CA LYS D 249 20.71 -13.97 17.93
C LYS D 249 19.37 -14.23 17.25
N LEU D 250 19.00 -13.46 16.21
CA LEU D 250 17.79 -13.72 15.43
C LEU D 250 17.99 -14.89 14.47
N PHE D 251 16.87 -15.42 13.95
CA PHE D 251 16.91 -16.47 12.94
C PHE D 251 16.63 -15.94 11.55
N LEU D 252 15.71 -14.98 11.45
CA LEU D 252 15.19 -14.48 10.21
C LEU D 252 15.70 -13.06 9.99
N ASN D 253 15.71 -12.66 8.72
CA ASN D 253 16.17 -11.35 8.31
C ASN D 253 14.95 -10.56 7.86
N GLU D 254 15.18 -9.54 7.03
CA GLU D 254 14.08 -8.70 6.58
C GLU D 254 12.97 -9.53 5.93
N ASP D 255 13.33 -10.48 5.08
CA ASP D 255 12.35 -11.14 4.23
C ASP D 255 11.92 -12.49 4.77
N ASP D 256 12.10 -12.71 6.07
CA ASP D 256 11.70 -13.92 6.77
C ASP D 256 12.38 -15.18 6.23
N LYS D 257 13.49 -15.00 5.46
CA LYS D 257 14.53 -15.97 5.14
C LYS D 257 15.58 -15.92 6.23
N PRO D 258 16.31 -17.01 6.46
CA PRO D 258 17.47 -16.93 7.37
C PRO D 258 18.49 -15.94 6.84
N HIS D 259 19.60 -15.77 7.56
CA HIS D 259 20.49 -14.69 7.15
C HIS D 259 21.53 -15.10 6.10
N ASN D 260 22.11 -16.31 6.22
CA ASN D 260 23.04 -16.82 5.21
C ASN D 260 23.23 -18.32 5.46
N PRO D 261 23.92 -19.06 4.58
CA PRO D 261 24.08 -20.50 4.81
C PRO D 261 25.10 -20.91 5.86
N MET D 262 25.74 -20.00 6.59
CA MET D 262 26.72 -20.39 7.59
C MET D 262 26.22 -20.21 9.01
N VAL D 263 24.92 -19.87 9.20
CA VAL D 263 24.32 -19.78 10.53
C VAL D 263 23.41 -20.97 10.74
N ASN D 264 23.29 -21.41 12.01
CA ASN D 264 22.62 -22.67 12.32
C ASN D 264 21.28 -22.75 11.63
N ALA D 265 20.57 -21.62 11.55
CA ALA D 265 19.24 -21.58 10.93
C ALA D 265 19.32 -21.78 9.42
N GLY D 266 20.12 -21.00 8.72
CA GLY D 266 20.21 -21.18 7.29
C GLY D 266 20.88 -22.47 6.87
N ALA D 267 21.77 -23.01 7.72
CA ALA D 267 22.31 -24.34 7.44
C ALA D 267 21.19 -25.37 7.40
N ILE D 268 20.28 -25.28 8.38
CA ILE D 268 19.14 -26.18 8.51
C ILE D 268 18.18 -26.05 7.34
N VAL D 269 17.82 -24.82 6.97
CA VAL D 269 17.04 -24.60 5.76
C VAL D 269 17.73 -25.20 4.52
N VAL D 270 19.03 -24.91 4.34
CA VAL D 270 19.75 -25.46 3.18
C VAL D 270 19.68 -26.98 3.17
N THR D 271 19.80 -27.59 4.35
CA THR D 271 19.71 -29.04 4.47
C THR D 271 18.38 -29.58 3.96
N SER D 272 17.29 -28.83 4.09
CA SER D 272 16.01 -29.33 3.61
C SER D 272 15.83 -29.12 2.12
N LEU D 273 16.90 -28.80 1.38
CA LEU D 273 16.87 -28.70 -0.07
C LEU D 273 17.62 -29.83 -0.77
N ILE D 274 18.56 -30.45 -0.08
CA ILE D 274 19.40 -31.49 -0.69
C ILE D 274 18.58 -32.76 -0.84
N LYS D 275 18.39 -33.18 -2.09
CA LYS D 275 17.97 -34.55 -2.36
C LYS D 275 16.58 -34.80 -1.79
N GLN D 276 15.66 -33.89 -2.09
CA GLN D 276 14.30 -33.99 -1.58
C GLN D 276 13.58 -35.22 -2.14
N GLY D 277 12.62 -35.72 -1.37
CA GLY D 277 11.82 -36.86 -1.82
C GLY D 277 12.48 -38.20 -1.68
N VAL D 278 13.39 -38.36 -0.73
CA VAL D 278 14.21 -39.55 -0.54
C VAL D 278 14.43 -39.69 0.96
N ASN D 279 14.49 -40.93 1.47
CA ASN D 279 14.59 -41.08 2.90
C ASN D 279 15.96 -40.60 3.41
N ASN D 280 16.04 -40.40 4.73
CA ASN D 280 17.26 -39.85 5.34
C ASN D 280 18.49 -40.75 5.15
N ALA D 281 18.30 -42.06 5.05
CA ALA D 281 19.43 -42.98 4.84
C ALA D 281 20.11 -42.75 3.51
N GLU D 282 19.32 -42.51 2.45
CA GLU D 282 19.90 -42.27 1.14
C GLU D 282 20.46 -40.86 1.01
N LYS D 283 19.77 -39.88 1.62
CA LYS D 283 20.30 -38.52 1.69
C LYS D 283 21.74 -38.53 2.19
N PHE D 284 21.96 -39.15 3.35
CA PHE D 284 23.31 -39.22 3.92
C PHE D 284 24.29 -39.85 2.95
N ASP D 285 23.88 -40.95 2.30
CA ASP D 285 24.75 -41.53 1.29
C ASP D 285 25.03 -40.55 0.16
N TYR D 286 24.03 -39.75 -0.21
CA TYR D 286 24.24 -38.79 -1.29
C TYR D 286 25.31 -37.78 -0.91
N VAL D 287 25.24 -37.25 0.31
CA VAL D 287 26.19 -36.22 0.74
C VAL D 287 27.58 -36.82 0.94
N MET D 288 27.66 -38.04 1.49
CA MET D 288 28.96 -38.64 1.77
C MET D 288 29.70 -39.02 0.50
N GLN D 289 29.00 -39.41 -0.56
CA GLN D 289 29.70 -39.70 -1.80
C GLN D 289 30.22 -38.40 -2.44
N PHE D 290 29.44 -37.33 -2.34
CA PHE D 290 29.94 -36.00 -2.67
C PHE D 290 31.19 -35.66 -1.88
N LEU D 291 31.07 -35.70 -0.54
CA LEU D 291 32.20 -35.40 0.34
C LEU D 291 33.37 -36.34 0.15
N ASN D 292 33.13 -37.52 -0.43
CA ASN D 292 34.25 -38.38 -0.72
C ASN D 292 34.96 -37.94 -1.99
N LYS D 293 34.26 -37.25 -2.89
CA LYS D 293 34.91 -36.84 -4.12
C LYS D 293 35.78 -35.60 -3.92
N MET D 294 35.30 -34.63 -3.13
CA MET D 294 36.13 -33.48 -2.78
C MET D 294 37.42 -33.89 -2.09
N ALA D 295 37.41 -35.03 -1.41
CA ALA D 295 38.55 -35.50 -0.65
C ALA D 295 39.33 -36.59 -1.39
N GLY D 296 39.10 -36.75 -2.69
CA GLY D 296 39.89 -37.69 -3.46
C GLY D 296 39.94 -39.06 -2.83
N ASN D 297 38.83 -39.43 -2.19
CA ASN D 297 38.60 -40.73 -1.56
C ASN D 297 39.49 -40.94 -0.34
N GLU D 298 39.94 -39.86 0.30
CA GLU D 298 40.56 -39.96 1.61
C GLU D 298 39.49 -40.00 2.68
N TYR D 299 39.91 -40.25 3.92
CA TYR D 299 38.97 -40.51 5.01
C TYR D 299 37.82 -39.50 5.12
N VAL D 300 36.62 -39.94 4.76
CA VAL D 300 35.37 -39.30 5.18
C VAL D 300 34.64 -40.31 6.06
N GLY D 301 34.24 -39.89 7.25
CA GLY D 301 33.71 -40.83 8.20
C GLY D 301 32.45 -40.35 8.87
N PHE D 302 32.11 -40.94 10.01
CA PHE D 302 30.89 -40.59 10.70
C PHE D 302 30.93 -41.12 12.14
N SER D 303 30.65 -40.25 13.10
CA SER D 303 30.58 -40.65 14.50
C SER D 303 29.13 -40.77 14.93
N ASN D 304 28.71 -41.98 15.29
CA ASN D 304 27.39 -42.09 15.88
C ASN D 304 27.35 -41.50 17.29
N ALA D 305 28.43 -41.67 18.07
CA ALA D 305 28.48 -41.12 19.43
C ALA D 305 28.14 -39.63 19.48
N THR D 306 28.83 -38.82 18.68
CA THR D 306 28.53 -37.39 18.63
C THR D 306 27.17 -37.11 18.01
N PHE D 307 26.62 -38.04 17.25
CA PHE D 307 25.30 -37.81 16.69
C PHE D 307 24.21 -37.93 17.76
N GLN D 308 24.28 -38.98 18.57
CA GLN D 308 23.28 -39.15 19.62
C GLN D 308 23.28 -37.99 20.60
N SER D 309 24.47 -37.48 20.93
CA SER D 309 24.56 -36.35 21.83
C SER D 309 24.00 -35.09 21.17
N GLU D 310 24.27 -34.88 19.88
CA GLU D 310 23.71 -33.73 19.18
C GLU D 310 22.20 -33.73 19.26
N ARG D 311 21.56 -34.88 19.01
CA ARG D 311 20.10 -34.89 18.95
C ARG D 311 19.49 -34.70 20.33
N GLU D 312 20.18 -35.16 21.38
CA GLU D 312 19.63 -34.95 22.71
C GLU D 312 19.83 -33.50 23.18
N SER D 313 21.08 -33.01 23.13
CA SER D 313 21.42 -31.70 23.69
C SER D 313 21.09 -30.57 22.75
N GLY D 314 20.12 -30.78 21.86
CA GLY D 314 19.85 -29.78 20.85
C GLY D 314 18.51 -29.09 20.97
N ASP D 315 18.27 -28.38 22.08
CA ASP D 315 16.99 -27.67 22.16
C ASP D 315 16.96 -26.49 21.19
N ARG D 316 18.09 -25.80 21.01
CA ARG D 316 18.10 -24.58 20.21
C ARG D 316 17.81 -24.86 18.73
N ASN D 317 18.40 -25.92 18.16
CA ASN D 317 18.13 -26.20 16.76
C ASN D 317 16.70 -26.66 16.56
N PHE D 318 16.16 -27.39 17.55
CA PHE D 318 14.72 -27.62 17.57
C PHE D 318 13.96 -26.30 17.70
N ALA D 319 14.43 -25.41 18.58
CA ALA D 319 13.86 -24.06 18.65
C ALA D 319 13.88 -23.36 17.28
N ILE D 320 15.04 -23.36 16.59
CA ILE D 320 15.11 -22.80 15.23
C ILE D 320 14.20 -23.57 14.28
N GLY D 321 14.03 -24.86 14.53
CA GLY D 321 13.33 -25.69 13.57
C GLY D 321 11.85 -25.37 13.50
N TYR D 322 11.22 -25.22 14.66
CA TYR D 322 9.79 -24.92 14.70
C TYR D 322 9.52 -23.48 14.21
N TYR D 323 10.30 -22.49 14.67
CA TYR D 323 10.15 -21.13 14.17
C TYR D 323 10.19 -21.12 12.65
N LEU D 324 10.98 -22.01 12.07
CA LEU D 324 11.09 -22.04 10.62
C LEU D 324 9.82 -22.56 9.99
N LYS D 325 9.23 -23.63 10.56
CA LYS D 325 7.99 -24.16 10.00
C LYS D 325 6.88 -23.11 10.07
N GLU D 326 6.68 -22.51 11.27
CA GLU D 326 5.64 -21.51 11.48
C GLU D 326 5.72 -20.40 10.43
N LYS D 327 6.94 -19.93 10.17
CA LYS D 327 7.17 -18.86 9.22
C LYS D 327 7.41 -19.36 7.81
N LYS D 328 7.18 -20.66 7.56
CA LYS D 328 7.08 -21.26 6.21
C LYS D 328 8.29 -20.96 5.32
N CYS D 329 9.46 -21.41 5.82
CA CYS D 329 10.74 -21.22 5.17
C CYS D 329 11.32 -22.50 4.55
N PHE D 330 10.77 -23.67 4.87
CA PHE D 330 11.11 -24.95 4.28
C PHE D 330 10.28 -25.17 3.03
N PRO D 331 10.74 -26.02 2.12
CA PRO D 331 9.93 -26.30 0.92
C PRO D 331 8.74 -27.16 1.28
N GLU D 332 7.64 -26.95 0.55
CA GLU D 332 6.40 -27.68 0.82
C GLU D 332 6.69 -29.16 0.86
N GLY D 333 6.12 -29.83 1.86
CA GLY D 333 6.32 -31.25 2.01
C GLY D 333 7.51 -31.64 2.86
N THR D 334 7.93 -30.76 3.77
CA THR D 334 9.16 -30.93 4.53
C THR D 334 8.87 -31.51 5.91
N ASP D 335 9.46 -32.66 6.22
CA ASP D 335 9.39 -33.28 7.55
C ASP D 335 10.45 -32.63 8.42
N MET D 336 10.08 -31.49 9.02
CA MET D 336 10.99 -30.64 9.79
C MET D 336 11.76 -31.40 10.88
N VAL D 337 11.06 -32.18 11.70
CA VAL D 337 11.79 -32.91 12.74
C VAL D 337 12.75 -33.94 12.13
N GLY D 338 12.40 -34.51 10.97
CA GLY D 338 13.31 -35.42 10.28
C GLY D 338 14.48 -34.71 9.62
N ILE D 339 14.22 -33.54 9.01
CA ILE D 339 15.30 -32.68 8.51
C ILE D 339 16.31 -32.38 9.62
N LEU D 340 15.81 -32.16 10.85
CA LEU D 340 16.68 -31.87 11.99
C LEU D 340 17.63 -33.02 12.28
N ASP D 341 17.17 -34.25 12.06
CA ASP D 341 18.01 -35.43 12.30
C ASP D 341 19.07 -35.56 11.22
N PHE D 342 18.67 -35.38 9.97
CA PHE D 342 19.65 -35.25 8.89
C PHE D 342 20.67 -34.15 9.23
N TYR D 343 20.19 -32.99 9.73
CA TYR D 343 21.07 -31.91 10.17
C TYR D 343 22.06 -32.39 11.24
N PHE D 344 21.56 -32.96 12.33
CA PHE D 344 22.48 -33.48 13.34
C PHE D 344 23.48 -34.47 12.73
N GLN D 345 23.05 -35.26 11.74
CA GLN D 345 23.92 -36.29 11.15
C GLN D 345 25.06 -35.67 10.38
N LEU D 346 24.76 -34.69 9.50
CA LEU D 346 25.81 -34.03 8.74
C LEU D 346 26.86 -33.40 9.65
N CYS D 347 26.46 -32.90 10.81
CA CYS D 347 27.41 -32.31 11.74
C CYS D 347 28.29 -33.35 12.42
N SER D 348 27.92 -34.63 12.36
CA SER D 348 28.67 -35.69 13.00
C SER D 348 29.64 -36.39 12.04
N ILE D 349 29.78 -35.90 10.80
CA ILE D 349 30.64 -36.55 9.81
C ILE D 349 32.10 -36.30 10.16
N GLU D 350 32.90 -37.35 10.12
CA GLU D 350 34.28 -37.22 10.55
C GLU D 350 35.20 -37.00 9.36
N VAL D 351 36.28 -36.24 9.62
CA VAL D 351 37.42 -36.06 8.73
C VAL D 351 38.70 -36.07 9.57
N THR D 352 39.84 -36.21 8.91
CA THR D 352 41.12 -35.86 9.53
C THR D 352 41.62 -34.58 8.89
N CYS D 353 42.63 -33.98 9.49
CA CYS D 353 43.22 -32.78 8.89
C CYS D 353 43.57 -33.02 7.43
N GLU D 354 44.22 -34.15 7.16
CA GLU D 354 44.64 -34.44 5.80
C GLU D 354 43.43 -34.49 4.89
N SER D 355 42.57 -35.49 5.11
CA SER D 355 41.41 -35.66 4.23
C SER D 355 40.68 -34.35 4.00
N ALA D 356 40.58 -33.49 5.03
CA ALA D 356 39.82 -32.26 4.86
C ALA D 356 40.57 -31.21 4.06
N SER D 357 41.91 -31.23 4.10
CA SER D 357 42.66 -30.26 3.30
C SER D 357 42.40 -30.44 1.82
N VAL D 358 41.89 -31.60 1.40
CA VAL D 358 41.58 -31.84 0.00
C VAL D 358 40.16 -31.40 -0.33
N MET D 359 39.26 -31.46 0.65
CA MET D 359 37.97 -30.79 0.53
C MET D 359 38.16 -29.30 0.26
N ALA D 360 38.80 -28.58 1.19
CA ALA D 360 39.18 -27.18 0.98
C ALA D 360 39.94 -26.96 -0.33
N ALA D 361 40.91 -27.82 -0.63
CA ALA D 361 41.64 -27.69 -1.88
C ALA D 361 40.69 -27.73 -3.08
N THR D 362 39.65 -28.56 -3.05
CA THR D 362 38.69 -28.61 -4.17
C THR D 362 38.01 -27.25 -4.39
N LEU D 363 37.68 -26.55 -3.31
CA LEU D 363 37.13 -25.20 -3.41
C LEU D 363 38.18 -24.22 -3.90
N ALA D 364 39.45 -24.42 -3.54
CA ALA D 364 40.54 -23.61 -4.05
C ALA D 364 40.80 -23.81 -5.56
N ASN D 365 40.11 -24.76 -6.18
CA ASN D 365 40.47 -25.22 -7.50
C ASN D 365 39.24 -25.27 -8.41
N GLY D 366 38.32 -24.32 -8.23
CA GLY D 366 37.16 -24.21 -9.08
C GLY D 366 36.26 -25.43 -9.10
N GLY D 367 36.38 -26.27 -8.08
CA GLY D 367 35.51 -27.41 -7.98
C GLY D 367 36.13 -28.72 -8.43
N PHE D 368 37.39 -28.71 -8.84
CA PHE D 368 38.09 -29.90 -9.30
C PHE D 368 38.96 -30.46 -8.18
N CYS D 369 38.67 -31.70 -7.74
CA CYS D 369 39.54 -32.35 -6.75
C CYS D 369 40.98 -32.42 -7.25
N PRO D 370 41.89 -31.66 -6.63
CA PRO D 370 43.24 -31.55 -7.16
C PRO D 370 44.03 -32.85 -7.16
N ILE D 371 43.66 -33.85 -6.35
CA ILE D 371 44.41 -35.08 -6.35
C ILE D 371 43.75 -36.17 -7.16
N THR D 372 42.61 -35.90 -7.78
CA THR D 372 42.10 -36.85 -8.75
C THR D 372 41.79 -36.24 -10.11
N GLY D 373 41.52 -34.94 -10.20
CA GLY D 373 41.15 -34.33 -11.47
C GLY D 373 39.68 -34.43 -11.80
N GLU D 374 38.89 -35.05 -10.93
CA GLU D 374 37.46 -35.19 -11.11
C GLU D 374 36.73 -33.89 -10.73
N ARG D 375 35.64 -33.58 -11.44
CA ARG D 375 34.84 -32.37 -11.24
C ARG D 375 33.71 -32.64 -10.23
N VAL D 376 33.80 -31.99 -9.06
CA VAL D 376 32.94 -32.30 -7.93
C VAL D 376 31.83 -31.27 -7.73
N LEU D 377 32.05 -30.05 -8.19
CA LEU D 377 31.14 -28.95 -7.89
C LEU D 377 31.14 -27.94 -9.03
N SER D 378 29.97 -27.42 -9.36
CA SER D 378 29.90 -26.41 -10.40
C SER D 378 30.68 -25.19 -9.95
N PRO D 379 31.34 -24.50 -10.89
CA PRO D 379 32.05 -23.25 -10.52
C PRO D 379 31.12 -22.22 -9.89
N GLU D 380 29.83 -22.26 -10.24
CA GLU D 380 28.85 -21.35 -9.65
C GLU D 380 28.66 -21.64 -8.17
N ALA D 381 28.78 -22.90 -7.76
CA ALA D 381 28.63 -23.30 -6.37
C ALA D 381 29.91 -23.13 -5.56
N VAL D 382 31.08 -23.15 -6.19
CA VAL D 382 32.29 -22.93 -5.41
C VAL D 382 32.52 -21.44 -5.22
N ARG D 383 31.90 -20.63 -6.07
CA ARG D 383 31.99 -19.19 -5.91
C ARG D 383 31.15 -18.73 -4.74
N ASN D 384 29.84 -19.05 -4.78
CA ASN D 384 28.96 -18.65 -3.70
C ASN D 384 29.47 -19.12 -2.35
N THR D 385 30.16 -20.27 -2.33
CA THR D 385 30.61 -20.82 -1.06
C THR D 385 31.80 -20.03 -0.53
N LEU D 386 32.82 -19.85 -1.36
CA LEU D 386 33.94 -19.01 -0.95
C LEU D 386 33.46 -17.59 -0.69
N SER D 387 32.40 -17.14 -1.38
CA SER D 387 31.89 -15.79 -1.14
C SER D 387 31.30 -15.66 0.25
N LEU D 388 30.59 -16.70 0.71
CA LEU D 388 29.87 -16.63 1.98
C LEU D 388 30.72 -17.10 3.15
N MET D 389 31.70 -17.98 2.89
CA MET D 389 32.69 -18.33 3.90
C MET D 389 33.47 -17.08 4.34
N HIS D 390 33.87 -16.25 3.37
CA HIS D 390 34.50 -14.95 3.58
C HIS D 390 33.83 -14.21 4.73
N SER D 391 32.60 -13.74 4.49
CA SER D 391 31.92 -12.76 5.32
C SER D 391 31.09 -13.35 6.47
N CYS D 392 30.68 -14.61 6.37
CA CYS D 392 29.86 -15.22 7.42
C CYS D 392 30.50 -16.50 7.94
N GLY D 393 31.84 -16.59 7.90
CA GLY D 393 32.50 -17.85 8.15
C GLY D 393 32.89 -18.19 9.56
N MET D 394 32.88 -17.25 10.48
CA MET D 394 33.54 -17.51 11.74
C MET D 394 32.75 -16.95 12.89
N TYR D 395 31.43 -17.12 12.84
CA TYR D 395 30.60 -16.63 13.93
C TYR D 395 30.90 -15.13 14.08
N ASP D 396 30.76 -14.56 15.28
CA ASP D 396 30.84 -13.10 15.37
C ASP D 396 32.22 -12.52 14.99
N PHE D 397 33.19 -13.37 14.66
CA PHE D 397 34.51 -12.88 14.29
C PHE D 397 34.68 -12.68 12.80
N SER D 398 33.67 -13.06 12.00
CA SER D 398 33.84 -13.04 10.55
C SER D 398 34.25 -11.67 10.05
N GLY D 399 33.68 -10.63 10.68
CA GLY D 399 34.01 -9.26 10.40
C GLY D 399 35.48 -8.97 10.57
N GLN D 400 36.02 -9.28 11.76
CA GLN D 400 37.43 -9.01 12.04
C GLN D 400 38.33 -9.94 11.23
N PHE D 401 37.96 -11.22 11.15
CA PHE D 401 38.70 -12.17 10.33
C PHE D 401 38.76 -11.74 8.87
N ALA D 402 37.61 -11.32 8.29
CA ALA D 402 37.62 -10.93 6.88
C ALA D 402 38.54 -9.74 6.63
N PHE D 403 38.60 -8.81 7.58
CA PHE D 403 39.49 -7.68 7.47
C PHE D 403 40.93 -8.14 7.52
N HIS D 404 41.37 -8.68 8.67
CA HIS D 404 42.80 -8.97 8.92
C HIS D 404 43.34 -10.20 8.18
N VAL D 405 42.50 -11.14 7.72
CA VAL D 405 42.99 -12.36 7.09
C VAL D 405 42.59 -12.44 5.62
N GLY D 406 41.36 -12.06 5.28
CA GLY D 406 41.01 -12.04 3.89
C GLY D 406 40.86 -13.39 3.19
N LEU D 407 40.86 -14.49 3.92
CA LEU D 407 40.68 -15.79 3.27
C LEU D 407 39.32 -16.38 3.61
N PRO D 408 38.64 -16.98 2.63
CA PRO D 408 37.44 -17.73 2.96
C PRO D 408 37.80 -18.79 4.00
N ALA D 409 37.12 -18.76 5.14
CA ALA D 409 37.38 -19.78 6.15
C ALA D 409 36.07 -20.29 6.71
N LYS D 410 36.14 -21.35 7.50
CA LYS D 410 34.94 -21.85 8.18
C LYS D 410 35.34 -22.59 9.45
N SER D 411 34.83 -22.15 10.59
CA SER D 411 35.21 -22.78 11.84
C SER D 411 34.10 -23.72 12.31
N GLY D 412 34.51 -24.69 13.14
CA GLY D 412 33.60 -25.55 13.84
C GLY D 412 34.03 -25.70 15.30
N VAL D 413 33.23 -26.45 16.05
CA VAL D 413 33.39 -26.53 17.50
C VAL D 413 34.23 -27.73 17.96
N ALA D 414 34.39 -28.76 17.12
CA ALA D 414 35.45 -29.73 17.35
C ALA D 414 36.82 -29.07 17.43
N GLY D 415 37.01 -27.97 16.70
CA GLY D 415 38.28 -27.27 16.67
C GLY D 415 38.86 -27.11 15.28
N GLY D 416 38.01 -27.14 14.25
CA GLY D 416 38.46 -27.08 12.88
C GLY D 416 38.27 -25.71 12.31
N ILE D 417 39.07 -25.40 11.29
CA ILE D 417 38.92 -24.20 10.47
C ILE D 417 39.25 -24.61 9.05
N LEU D 418 38.24 -24.71 8.19
CA LEU D 418 38.45 -25.05 6.78
C LEU D 418 38.88 -23.78 6.06
N LEU D 419 40.12 -23.74 5.60
CA LEU D 419 40.74 -22.54 5.02
C LEU D 419 40.98 -22.71 3.53
N VAL D 420 40.59 -21.71 2.75
CA VAL D 420 40.83 -21.76 1.32
C VAL D 420 41.64 -20.53 0.89
N VAL D 421 42.70 -20.76 0.13
CA VAL D 421 43.36 -19.69 -0.59
C VAL D 421 43.05 -19.89 -2.07
N PRO D 422 42.09 -19.15 -2.63
CA PRO D 422 41.70 -19.35 -4.03
C PRO D 422 42.89 -19.32 -4.98
N ASN D 423 42.98 -20.35 -5.82
CA ASN D 423 43.98 -20.55 -6.87
C ASN D 423 45.33 -21.01 -6.33
N VAL D 424 45.51 -21.13 -5.01
CA VAL D 424 46.74 -21.66 -4.42
C VAL D 424 46.46 -23.01 -3.77
N MET D 425 45.85 -23.01 -2.59
CA MET D 425 45.78 -24.25 -1.81
C MET D 425 44.55 -24.27 -0.93
N GLY D 426 44.34 -25.42 -0.27
CA GLY D 426 43.30 -25.57 0.74
C GLY D 426 43.93 -26.12 2.01
N MET D 427 43.38 -25.71 3.15
CA MET D 427 43.96 -26.15 4.41
C MET D 427 42.87 -26.68 5.34
N MET D 428 43.32 -27.21 6.48
CA MET D 428 42.43 -27.55 7.58
C MET D 428 43.31 -27.59 8.82
N CYS D 429 43.20 -26.55 9.63
CA CYS D 429 43.84 -26.52 10.94
C CYS D 429 42.87 -27.05 11.98
N TRP D 430 43.40 -27.73 12.98
CA TRP D 430 42.52 -28.34 13.97
C TRP D 430 43.17 -28.37 15.34
N SER D 431 42.67 -27.54 16.27
CA SER D 431 43.01 -27.71 17.67
C SER D 431 41.70 -27.48 18.41
N PRO D 432 41.34 -28.36 19.33
CA PRO D 432 39.98 -28.35 19.92
C PRO D 432 39.68 -27.11 20.77
N PRO D 433 40.59 -26.66 21.66
CA PRO D 433 40.20 -25.57 22.58
C PRO D 433 39.76 -24.31 21.84
N LEU D 434 38.51 -23.88 22.10
CA LEU D 434 37.92 -22.72 21.45
C LEU D 434 38.16 -21.44 22.26
N ASP D 435 38.15 -20.30 21.55
CA ASP D 435 38.09 -19.03 22.26
C ASP D 435 36.62 -18.70 22.53
N LYS D 436 36.37 -17.57 23.19
CA LYS D 436 34.99 -17.31 23.59
C LYS D 436 34.05 -16.98 22.43
N MET D 437 34.55 -16.89 21.20
CA MET D 437 33.67 -16.61 20.08
C MET D 437 33.31 -17.86 19.28
N GLY D 438 33.93 -19.02 19.55
CA GLY D 438 33.62 -20.26 18.86
C GLY D 438 34.71 -20.85 17.96
N ASN D 439 35.94 -20.33 18.06
CA ASN D 439 36.97 -20.52 17.06
C ASN D 439 38.24 -21.06 17.71
N SER D 440 38.77 -22.14 17.14
CA SER D 440 40.02 -22.73 17.56
C SER D 440 41.06 -21.65 17.85
N VAL D 441 41.69 -21.71 19.01
CA VAL D 441 42.64 -20.66 19.35
C VAL D 441 43.84 -20.70 18.43
N LYS D 442 44.58 -21.82 18.42
CA LYS D 442 45.72 -21.97 17.51
C LYS D 442 45.33 -21.73 16.06
N GLY D 443 44.13 -22.12 15.69
CA GLY D 443 43.68 -21.89 14.34
C GLY D 443 43.75 -20.44 13.94
N ILE D 444 43.03 -19.57 14.66
CA ILE D 444 42.99 -18.14 14.33
C ILE D 444 44.37 -17.52 14.42
N HIS D 445 45.18 -18.03 15.36
CA HIS D 445 46.59 -17.62 15.46
C HIS D 445 47.37 -17.96 14.19
N PHE D 446 47.25 -19.21 13.74
CA PHE D 446 47.96 -19.65 12.54
C PHE D 446 47.53 -18.82 11.35
N CYS D 447 46.21 -18.66 11.16
CA CYS D 447 45.70 -17.94 9.99
C CYS D 447 46.18 -16.48 9.93
N HIS D 448 46.26 -15.78 11.09
CA HIS D 448 46.85 -14.44 11.11
C HIS D 448 48.38 -14.47 10.88
N ASP D 449 49.08 -15.43 11.50
CA ASP D 449 50.50 -15.60 11.24
C ASP D 449 50.74 -15.85 9.77
N LEU D 450 49.84 -16.60 9.13
CA LEU D 450 50.02 -17.01 7.74
C LEU D 450 49.92 -15.82 6.81
N VAL D 451 48.93 -14.96 7.01
CA VAL D 451 48.76 -13.88 6.04
C VAL D 451 49.83 -12.79 6.22
N SER D 452 50.26 -12.53 7.46
CA SER D 452 51.36 -11.59 7.65
C SER D 452 52.59 -12.01 6.86
N LEU D 453 52.85 -13.32 6.78
CA LEU D 453 53.99 -13.86 6.04
C LEU D 453 53.75 -13.93 4.53
N CYS D 454 52.59 -14.39 4.08
CA CYS D 454 52.37 -14.61 2.65
C CYS D 454 51.33 -13.65 2.09
N ASN D 455 51.47 -13.32 0.81
CA ASN D 455 50.61 -12.35 0.16
C ASN D 455 49.33 -13.01 -0.33
N PHE D 456 48.69 -13.78 0.53
CA PHE D 456 47.47 -14.51 0.17
C PHE D 456 46.19 -13.80 0.58
N HIS D 457 46.29 -12.75 1.42
CA HIS D 457 45.12 -11.95 1.73
C HIS D 457 44.43 -11.62 0.43
N ASN D 458 43.15 -11.91 0.38
CA ASN D 458 42.29 -11.57 -0.75
C ASN D 458 42.64 -10.24 -1.43
N TYR D 459 43.10 -9.28 -0.65
CA TYR D 459 43.37 -7.94 -1.14
C TYR D 459 44.82 -7.50 -0.87
N ASP D 460 45.74 -8.47 -0.82
CA ASP D 460 47.12 -8.12 -1.10
C ASP D 460 47.26 -7.93 -2.61
N ASN D 461 48.34 -7.29 -3.01
CA ASN D 461 48.68 -7.14 -4.42
C ASN D 461 49.76 -8.15 -4.81
N LEU D 462 49.63 -8.75 -6.00
CA LEU D 462 50.59 -9.74 -6.47
C LEU D 462 51.92 -9.14 -6.93
N ARG D 463 51.94 -7.86 -7.30
CA ARG D 463 53.14 -7.19 -7.78
C ARG D 463 53.90 -6.51 -6.64
N HIS D 464 53.22 -5.63 -5.90
CA HIS D 464 53.83 -4.91 -4.79
C HIS D 464 53.22 -5.42 -3.48
N PHE D 465 54.02 -6.15 -2.71
CA PHE D 465 53.55 -6.70 -1.44
C PHE D 465 54.55 -6.45 -0.33
N ALA D 466 55.31 -5.38 -0.41
CA ALA D 466 56.15 -4.93 0.71
C ALA D 466 57.03 -6.08 1.18
N LYS D 467 57.13 -6.36 2.47
CA LYS D 467 58.07 -7.32 3.05
C LYS D 467 57.54 -8.74 3.10
N LYS D 468 56.40 -9.03 2.48
CA LYS D 468 55.88 -10.38 2.51
C LYS D 468 56.72 -11.28 1.59
N LEU D 469 56.38 -12.57 1.60
CA LEU D 469 56.95 -13.59 0.74
C LEU D 469 55.87 -14.09 -0.21
N ASP D 470 56.23 -14.36 -1.49
CA ASP D 470 55.24 -14.90 -2.42
C ASP D 470 55.58 -16.31 -2.85
N PRO D 471 54.99 -17.33 -2.22
CA PRO D 471 55.28 -18.72 -2.60
C PRO D 471 54.95 -19.06 -4.04
N ARG D 472 54.19 -18.22 -4.74
CA ARG D 472 53.87 -18.53 -6.13
C ARG D 472 55.05 -18.29 -7.06
N ARG D 473 56.10 -17.61 -6.60
CA ARG D 473 57.23 -17.19 -7.43
C ARG D 473 58.50 -17.95 -7.05
N GLU D 474 59.57 -17.66 -7.77
CA GLU D 474 60.79 -18.45 -7.70
C GLU D 474 61.91 -17.79 -6.91
N GLY D 475 62.40 -16.63 -7.36
CA GLY D 475 63.48 -15.92 -6.69
C GLY D 475 63.59 -14.43 -6.98
N PRO E 66 73.68 -8.63 -29.52
CA PRO E 66 72.24 -8.42 -29.30
C PRO E 66 71.95 -7.04 -28.68
N SER E 67 70.72 -6.51 -28.79
CA SER E 67 70.40 -5.19 -28.21
C SER E 67 68.91 -4.89 -28.16
N LEU E 68 68.41 -4.48 -26.99
CA LEU E 68 66.96 -4.49 -26.75
C LEU E 68 66.24 -3.36 -27.51
N GLU E 69 66.93 -2.25 -27.83
CA GLU E 69 66.31 -1.19 -28.64
C GLU E 69 66.20 -1.58 -30.10
N ASP E 70 67.28 -2.14 -30.67
CA ASP E 70 67.27 -2.52 -32.06
C ASP E 70 66.30 -3.65 -32.33
N LEU E 71 66.16 -4.58 -31.37
CA LEU E 71 65.23 -5.70 -31.54
C LEU E 71 63.79 -5.23 -31.74
N LEU E 72 63.30 -4.40 -30.81
CA LEU E 72 61.97 -3.78 -30.97
C LEU E 72 61.84 -3.04 -32.30
N PHE E 73 62.96 -2.46 -32.79
CA PHE E 73 62.95 -1.76 -34.06
C PHE E 73 62.63 -2.68 -35.22
N TYR E 74 63.10 -3.93 -35.17
CA TYR E 74 62.73 -4.90 -36.18
C TYR E 74 61.29 -5.33 -36.04
N THR E 75 60.80 -5.45 -34.80
CA THR E 75 59.46 -5.99 -34.56
C THR E 75 58.37 -5.02 -35.02
N ILE E 76 58.68 -3.74 -35.16
CA ILE E 76 57.72 -2.82 -35.80
C ILE E 76 58.05 -2.66 -37.28
N ALA E 77 59.30 -2.90 -37.65
CA ALA E 77 59.82 -2.57 -38.97
C ALA E 77 59.25 -3.49 -40.03
N GLU E 78 58.45 -4.48 -39.63
CA GLU E 78 57.82 -5.44 -40.54
C GLU E 78 58.83 -6.03 -41.53
N GLY E 79 60.12 -5.97 -41.18
CA GLY E 79 61.17 -6.30 -42.11
C GLY E 79 61.59 -5.17 -43.04
N GLN E 80 60.89 -4.04 -43.05
CA GLN E 80 61.15 -2.96 -43.98
C GLN E 80 62.30 -2.08 -43.47
N GLU E 81 62.72 -1.10 -44.31
CA GLU E 81 63.96 -0.37 -44.11
C GLU E 81 63.80 0.78 -43.13
N LYS E 82 62.64 1.42 -43.09
CA LYS E 82 62.39 2.48 -42.13
C LYS E 82 60.98 2.30 -41.56
N ILE E 83 60.64 3.17 -40.62
CA ILE E 83 59.36 3.11 -39.91
C ILE E 83 58.69 4.48 -40.02
N PRO E 84 57.52 4.58 -40.65
CA PRO E 84 56.84 5.87 -40.74
C PRO E 84 56.51 6.42 -39.36
N VAL E 85 56.40 7.74 -39.28
CA VAL E 85 56.11 8.40 -38.01
C VAL E 85 54.91 7.71 -37.34
N HIS E 86 53.80 7.62 -38.06
CA HIS E 86 52.54 7.19 -37.50
C HIS E 86 52.48 5.67 -37.28
N LYS E 87 53.21 4.89 -38.07
CA LYS E 87 53.17 3.44 -37.85
C LYS E 87 53.63 3.09 -36.44
N PHE E 88 54.50 3.91 -35.86
CA PHE E 88 54.87 3.74 -34.47
C PHE E 88 53.76 4.21 -33.54
N ILE E 89 53.17 5.37 -33.84
CA ILE E 89 52.13 5.94 -32.99
C ILE E 89 50.90 5.02 -32.91
N THR E 90 50.38 4.59 -34.05
CA THR E 90 49.28 3.63 -34.02
C THR E 90 49.68 2.34 -33.31
N ALA E 91 50.88 1.83 -33.60
CA ALA E 91 51.36 0.64 -32.92
C ALA E 91 51.42 0.82 -31.40
N LEU E 92 51.69 2.05 -30.95
CA LEU E 92 51.70 2.30 -29.52
C LEU E 92 50.27 2.49 -28.99
N LYS E 93 49.49 3.34 -29.66
CA LYS E 93 48.11 3.59 -29.24
C LYS E 93 47.29 2.32 -29.17
N SER E 94 47.74 1.26 -29.85
CA SER E 94 47.03 -0.02 -29.90
C SER E 94 47.45 -0.99 -28.81
N THR E 95 48.54 -0.69 -28.07
CA THR E 95 48.77 -1.44 -26.83
C THR E 95 47.86 -0.97 -25.71
N GLY E 96 47.15 0.15 -25.92
CA GLY E 96 46.34 0.79 -24.91
C GLY E 96 46.99 2.00 -24.28
N LEU E 97 48.31 2.10 -24.37
CA LEU E 97 48.98 3.26 -23.83
C LEU E 97 48.53 4.50 -24.58
N ARG E 98 48.39 5.60 -23.85
CA ARG E 98 48.08 6.88 -24.45
C ARG E 98 49.37 7.62 -24.74
N THR E 99 49.39 8.35 -25.85
CA THR E 99 50.61 9.04 -26.28
C THR E 99 51.06 10.02 -25.20
N SER E 100 50.11 10.56 -24.44
CA SER E 100 50.29 11.46 -23.31
C SER E 100 50.74 10.77 -22.02
N ASP E 101 51.17 9.51 -22.04
CA ASP E 101 51.58 8.86 -20.81
C ASP E 101 52.76 9.59 -20.17
N PRO E 102 52.67 9.94 -18.89
CA PRO E 102 53.83 10.52 -18.19
C PRO E 102 55.12 9.72 -18.31
N ARG E 103 55.05 8.39 -18.23
CA ARG E 103 56.27 7.59 -18.25
C ARG E 103 56.96 7.60 -19.59
N LEU E 104 56.33 8.19 -20.61
CA LEU E 104 56.80 8.16 -21.98
C LEU E 104 57.33 9.49 -22.46
N LYS E 105 57.13 10.58 -21.69
CA LYS E 105 57.46 11.93 -22.13
C LYS E 105 58.80 11.99 -22.83
N GLU E 106 59.86 11.47 -22.19
CA GLU E 106 61.22 11.51 -22.74
C GLU E 106 61.26 10.91 -24.14
N CYS E 107 60.48 9.85 -24.38
CA CYS E 107 60.33 9.34 -25.73
C CYS E 107 59.55 10.32 -26.60
N MET E 108 58.40 10.79 -26.13
CA MET E 108 57.67 11.76 -26.94
C MET E 108 58.46 13.06 -27.11
N ASP E 109 59.37 13.37 -26.20
CA ASP E 109 60.18 14.55 -26.39
C ASP E 109 61.15 14.38 -27.54
N MET E 110 61.80 13.21 -27.60
CA MET E 110 62.68 12.93 -28.72
C MET E 110 61.90 12.76 -30.03
N LEU E 111 60.58 12.59 -29.96
CA LEU E 111 59.76 12.59 -31.16
C LEU E 111 59.29 14.00 -31.53
N ARG E 112 58.88 14.80 -30.56
CA ARG E 112 58.57 16.20 -30.81
C ARG E 112 59.80 16.95 -31.32
N LEU E 113 60.97 16.58 -30.80
CA LEU E 113 62.22 17.08 -31.36
C LEU E 113 62.40 16.65 -32.81
N THR E 114 62.46 15.34 -33.06
CA THR E 114 62.78 14.81 -34.40
C THR E 114 61.85 15.35 -35.50
N LEU E 115 60.61 15.71 -35.17
CA LEU E 115 59.63 15.98 -36.21
C LEU E 115 59.69 17.41 -36.76
N GLN E 116 60.76 18.17 -36.49
CA GLN E 116 61.02 19.47 -37.10
C GLN E 116 62.36 19.54 -37.84
N THR E 117 63.36 18.76 -37.40
CA THR E 117 64.71 18.82 -37.95
C THR E 117 64.74 18.45 -39.42
N THR E 118 64.25 17.26 -39.73
CA THR E 118 64.24 16.69 -41.07
C THR E 118 62.77 16.51 -41.43
N SER E 119 62.13 17.59 -41.89
CA SER E 119 60.74 17.45 -42.34
C SER E 119 60.61 16.50 -43.53
N ASP E 120 61.72 16.14 -44.20
CA ASP E 120 61.76 15.14 -45.28
C ASP E 120 62.05 13.75 -44.69
N GLY E 121 60.99 13.14 -44.16
CA GLY E 121 60.99 11.73 -43.87
C GLY E 121 59.60 11.23 -44.15
N VAL E 122 58.77 11.15 -43.12
CA VAL E 122 59.26 11.29 -41.76
C VAL E 122 59.47 9.88 -41.24
N MET E 123 60.67 9.35 -41.52
CA MET E 123 61.00 7.95 -41.33
C MET E 123 62.13 7.81 -40.33
N LEU E 124 62.00 6.84 -39.43
CA LEU E 124 62.99 6.58 -38.40
C LEU E 124 63.84 5.39 -38.83
N ASP E 125 65.15 5.57 -38.89
CA ASP E 125 66.06 4.48 -39.20
C ASP E 125 66.38 3.70 -37.92
N LYS E 126 67.32 2.77 -37.99
CA LYS E 126 67.73 2.03 -36.79
C LYS E 126 68.24 2.96 -35.70
N ASP E 127 69.13 3.89 -36.07
CA ASP E 127 69.73 4.78 -35.06
C ASP E 127 68.72 5.80 -34.55
N LEU E 128 67.83 6.27 -35.43
CA LEU E 128 66.90 7.34 -35.09
C LEU E 128 65.77 6.85 -34.21
N PHE E 129 65.15 5.73 -34.59
CA PHE E 129 64.17 5.07 -33.73
C PHE E 129 64.76 4.86 -32.34
N LYS E 130 65.97 4.30 -32.29
CA LYS E 130 66.67 4.16 -31.02
C LYS E 130 66.92 5.52 -30.37
N LYS E 131 67.16 6.57 -31.17
CA LYS E 131 67.35 7.90 -30.59
C LYS E 131 66.16 8.30 -29.71
N CYS E 132 64.95 7.85 -30.03
CA CYS E 132 63.78 8.25 -29.29
C CYS E 132 63.41 7.30 -28.15
N VAL E 133 63.73 6.01 -28.27
CA VAL E 133 63.13 4.99 -27.43
C VAL E 133 64.06 4.47 -26.34
N GLN E 134 65.30 4.98 -26.27
CA GLN E 134 66.20 4.59 -25.18
C GLN E 134 65.55 4.79 -23.82
N SER E 135 65.25 6.06 -23.52
CA SER E 135 64.77 6.45 -22.19
C SER E 135 63.64 5.57 -21.69
N ASN E 136 62.79 5.06 -22.58
CA ASN E 136 61.62 4.28 -22.20
C ASN E 136 61.56 2.93 -22.97
N ILE E 137 62.69 2.23 -23.07
CA ILE E 137 62.68 1.00 -23.87
C ILE E 137 62.04 -0.14 -23.07
N VAL E 138 62.27 -0.18 -21.76
CA VAL E 138 61.80 -1.31 -20.97
C VAL E 138 60.29 -1.39 -21.03
N LEU E 139 59.61 -0.24 -20.92
CA LEU E 139 58.15 -0.20 -20.98
C LEU E 139 57.62 -0.30 -22.40
N LEU E 140 58.34 0.25 -23.38
CA LEU E 140 57.91 0.14 -24.77
C LEU E 140 57.89 -1.31 -25.24
N THR E 141 58.90 -2.12 -24.85
CA THR E 141 58.91 -3.49 -25.35
C THR E 141 57.95 -4.37 -24.60
N GLN E 142 57.76 -4.11 -23.30
CA GLN E 142 56.71 -4.79 -22.57
C GLN E 142 55.35 -4.53 -23.22
N ALA E 143 55.12 -3.31 -23.70
CA ALA E 143 53.89 -3.04 -24.43
C ALA E 143 53.85 -3.81 -25.74
N PHE E 144 54.98 -3.89 -26.42
CA PHE E 144 54.98 -4.45 -27.76
C PHE E 144 55.20 -5.95 -27.75
N ARG E 145 55.70 -6.51 -26.64
CA ARG E 145 55.79 -7.94 -26.48
C ARG E 145 54.62 -8.48 -25.68
N ARG E 146 53.57 -7.67 -25.52
CA ARG E 146 52.31 -8.12 -24.96
C ARG E 146 52.46 -8.60 -23.52
N LYS E 147 53.41 -8.02 -22.78
CA LYS E 147 53.56 -8.35 -21.37
C LYS E 147 52.50 -7.67 -20.48
N PHE E 148 51.76 -6.71 -21.01
CA PHE E 148 50.75 -6.02 -20.22
C PHE E 148 49.67 -6.97 -19.75
N VAL E 149 49.02 -6.59 -18.65
CA VAL E 149 48.25 -7.51 -17.82
C VAL E 149 47.07 -8.07 -18.59
N ILE E 150 46.42 -7.24 -19.40
CA ILE E 150 45.52 -7.67 -20.47
C ILE E 150 46.30 -7.56 -21.78
N PRO E 151 46.78 -8.67 -22.37
CA PRO E 151 47.74 -8.54 -23.48
C PRO E 151 47.11 -8.02 -24.78
N ASP E 152 45.98 -8.60 -25.17
CA ASP E 152 45.19 -8.11 -26.30
C ASP E 152 44.22 -7.04 -25.78
N PHE E 153 44.76 -5.83 -25.63
CA PHE E 153 43.91 -4.77 -25.12
C PHE E 153 42.89 -4.29 -26.15
N MET E 154 43.14 -4.51 -27.43
CA MET E 154 42.22 -4.01 -28.46
C MET E 154 40.88 -4.74 -28.39
N SER E 155 40.90 -6.06 -28.19
CA SER E 155 39.66 -6.81 -28.03
C SER E 155 38.89 -6.38 -26.79
N PHE E 156 39.58 -6.35 -25.64
CA PHE E 156 38.96 -6.06 -24.36
C PHE E 156 38.14 -4.78 -24.41
N THR E 157 38.74 -3.68 -24.90
CA THR E 157 38.02 -2.40 -24.98
C THR E 157 36.76 -2.51 -25.83
N SER E 158 36.72 -3.43 -26.79
CA SER E 158 35.52 -3.61 -27.60
C SER E 158 34.40 -4.21 -26.76
N HIS E 159 34.73 -5.17 -25.90
CA HIS E 159 33.74 -5.70 -24.96
C HIS E 159 33.28 -4.62 -24.00
N ILE E 160 34.20 -3.75 -23.55
CA ILE E 160 33.80 -2.63 -22.69
C ILE E 160 32.74 -1.79 -23.38
N ASP E 161 32.85 -1.64 -24.69
CA ASP E 161 31.88 -0.88 -25.45
C ASP E 161 30.57 -1.62 -25.56
N GLU E 162 30.62 -2.92 -25.90
CA GLU E 162 29.39 -3.71 -25.81
C GLU E 162 28.78 -3.60 -24.41
N LEU E 163 29.62 -3.68 -23.35
CA LEU E 163 29.09 -3.57 -22.00
C LEU E 163 28.54 -2.17 -21.73
N TYR E 164 29.30 -1.15 -22.12
CA TYR E 164 28.84 0.25 -21.99
C TYR E 164 27.49 0.46 -22.66
N GLU E 165 27.39 0.10 -23.94
CA GLU E 165 26.14 0.26 -24.67
C GLU E 165 24.98 -0.45 -24.00
N SER E 166 25.25 -1.61 -23.39
CA SER E 166 24.14 -2.35 -22.79
C SER E 166 23.61 -1.65 -21.55
N ALA E 167 24.47 -0.97 -20.79
CA ALA E 167 23.94 -0.23 -19.65
C ALA E 167 23.24 1.05 -20.11
N LYS E 168 23.74 1.66 -21.19
CA LYS E 168 23.21 2.91 -21.72
C LYS E 168 21.72 2.84 -22.04
N LYS E 169 21.12 1.64 -22.05
CA LYS E 169 19.69 1.47 -22.29
C LYS E 169 18.90 1.31 -21.01
N GLN E 170 19.57 1.36 -19.85
CA GLN E 170 18.94 1.22 -18.54
C GLN E 170 18.60 2.61 -17.99
N SER E 171 17.48 3.14 -18.45
CA SER E 171 17.16 4.53 -18.25
C SER E 171 16.37 4.77 -16.97
N GLY E 172 16.08 3.72 -16.20
CA GLY E 172 15.45 3.91 -14.92
C GLY E 172 16.34 4.67 -13.95
N GLY E 173 15.70 5.25 -12.92
CA GLY E 173 16.40 5.91 -11.84
C GLY E 173 16.08 7.39 -11.77
N LYS E 174 16.50 7.99 -10.65
CA LYS E 174 16.23 9.39 -10.31
C LYS E 174 17.53 10.11 -10.00
N VAL E 175 17.81 11.20 -10.72
CA VAL E 175 18.97 12.00 -10.38
C VAL E 175 18.81 12.53 -8.97
N ALA E 176 19.87 12.48 -8.19
CA ALA E 176 19.80 13.09 -6.87
C ALA E 176 19.36 14.53 -7.01
N ASP E 177 18.37 14.94 -6.19
CA ASP E 177 17.83 16.29 -6.30
C ASP E 177 17.89 17.05 -4.96
N TYR E 178 18.51 16.48 -3.94
CA TYR E 178 18.48 17.17 -2.65
C TYR E 178 19.29 18.46 -2.68
N ILE E 179 20.20 18.61 -3.63
CA ILE E 179 20.86 19.89 -3.89
C ILE E 179 20.53 20.29 -5.32
N PRO E 180 20.48 21.60 -5.64
CA PRO E 180 20.24 22.01 -7.04
C PRO E 180 21.35 21.65 -8.02
N GLN E 181 22.57 21.37 -7.54
CA GLN E 181 23.68 21.10 -8.46
C GLN E 181 23.50 19.77 -9.18
N LEU E 182 23.11 18.72 -8.46
CA LEU E 182 22.97 17.40 -9.05
C LEU E 182 21.62 17.21 -9.73
N ALA E 183 20.65 18.11 -9.50
CA ALA E 183 19.38 18.11 -10.22
C ALA E 183 19.44 18.86 -11.54
N LYS E 184 20.60 19.45 -11.87
CA LYS E 184 20.88 20.04 -13.17
C LYS E 184 21.74 19.16 -14.08
N PHE E 185 22.23 18.03 -13.57
CA PHE E 185 22.96 17.08 -14.39
C PHE E 185 21.97 16.22 -15.17
N SER E 186 22.19 16.09 -16.47
CA SER E 186 21.25 15.37 -17.32
C SER E 186 21.29 13.87 -17.01
N PRO E 187 20.14 13.23 -16.77
CA PRO E 187 20.11 11.76 -16.65
C PRO E 187 20.65 11.02 -17.88
N ASP E 188 20.93 11.73 -18.97
CA ASP E 188 21.41 11.09 -20.17
C ASP E 188 22.89 10.77 -20.14
N LEU E 189 23.64 11.22 -19.12
CA LEU E 189 25.10 11.11 -19.09
C LEU E 189 25.53 9.74 -18.57
N TRP E 190 26.65 9.24 -19.12
CA TRP E 190 27.06 7.88 -18.86
C TRP E 190 28.45 7.69 -19.46
N GLY E 191 29.46 7.59 -18.61
CA GLY E 191 30.81 7.29 -19.06
C GLY E 191 31.40 6.15 -18.25
N VAL E 192 32.29 5.38 -18.90
CA VAL E 192 33.11 4.38 -18.22
C VAL E 192 34.54 4.55 -18.70
N SER E 193 35.48 4.62 -17.75
CA SER E 193 36.90 4.70 -18.05
C SER E 193 37.60 3.47 -17.48
N VAL E 194 38.55 2.93 -18.24
CA VAL E 194 39.38 1.82 -17.81
C VAL E 194 40.82 2.30 -17.74
N CYS E 195 41.48 2.01 -16.64
CA CYS E 195 42.92 2.16 -16.52
C CYS E 195 43.46 0.88 -15.91
N THR E 196 44.36 0.20 -16.62
CA THR E 196 44.90 -1.07 -16.14
C THR E 196 46.00 -0.83 -15.14
N ALA E 197 46.40 -1.91 -14.46
CA ALA E 197 47.58 -1.82 -13.62
C ALA E 197 48.83 -1.52 -14.45
N ASP E 198 48.71 -1.44 -15.78
CA ASP E 198 49.87 -1.25 -16.64
C ASP E 198 49.80 0.03 -17.46
N GLY E 199 48.70 0.78 -17.33
CA GLY E 199 48.54 2.07 -17.96
C GLY E 199 47.65 2.07 -19.18
N GLN E 200 47.19 0.90 -19.62
CA GLN E 200 46.42 0.79 -20.85
C GLN E 200 45.06 1.45 -20.68
N ARG E 201 44.82 2.57 -21.34
CA ARG E 201 43.59 3.31 -21.09
C ARG E 201 42.54 3.03 -22.14
N HIS E 202 41.29 2.99 -21.70
CA HIS E 202 40.18 3.06 -22.64
C HIS E 202 39.02 3.83 -22.03
N SER E 203 38.38 4.69 -22.84
CA SER E 203 37.17 5.38 -22.41
C SER E 203 36.08 5.18 -23.45
N THR E 204 34.82 5.29 -23.01
CA THR E 204 33.68 5.56 -23.89
C THR E 204 32.64 6.32 -23.10
N GLY E 205 31.85 7.12 -23.81
CA GLY E 205 30.85 7.95 -23.18
C GLY E 205 31.46 9.25 -22.68
N ASP E 206 30.67 9.95 -21.89
CA ASP E 206 31.07 11.24 -21.34
C ASP E 206 32.06 11.03 -20.21
N THR E 207 33.30 10.72 -20.57
CA THR E 207 34.33 10.41 -19.60
C THR E 207 35.15 11.62 -19.18
N LYS E 208 34.95 12.78 -19.81
CA LYS E 208 35.65 14.01 -19.44
C LYS E 208 34.73 15.08 -18.85
N VAL E 209 33.51 14.74 -18.45
CA VAL E 209 32.57 15.69 -17.84
C VAL E 209 32.83 15.69 -16.33
N PRO E 210 33.41 16.74 -15.77
CA PRO E 210 33.66 16.73 -14.32
C PRO E 210 32.36 16.57 -13.52
N PHE E 211 32.45 15.76 -12.46
CA PHE E 211 31.39 15.57 -11.48
C PHE E 211 32.04 15.44 -10.12
N CYS E 212 31.23 15.41 -9.07
CA CYS E 212 31.75 15.28 -7.73
C CYS E 212 31.82 13.82 -7.29
N LEU E 213 32.79 13.51 -6.42
CA LEU E 213 32.94 12.16 -5.91
C LEU E 213 31.89 11.81 -4.90
N GLN E 214 31.48 12.81 -4.11
CA GLN E 214 30.58 12.69 -2.98
C GLN E 214 31.11 11.59 -2.07
N SER E 215 30.57 10.38 -2.13
CA SER E 215 31.03 9.33 -1.22
C SER E 215 32.02 8.39 -1.88
N CYS E 216 32.18 8.46 -3.21
CA CYS E 216 33.33 7.83 -3.86
C CYS E 216 34.66 8.31 -3.26
N VAL E 217 34.66 9.47 -2.58
CA VAL E 217 35.88 9.95 -1.93
C VAL E 217 36.10 9.35 -0.56
N LYS E 218 35.10 8.67 0.01
CA LYS E 218 35.28 8.10 1.35
C LYS E 218 36.47 7.18 1.42
N PRO E 219 36.61 6.16 0.55
CA PRO E 219 37.81 5.30 0.65
C PRO E 219 39.09 6.01 0.34
N LEU E 220 39.07 6.98 -0.59
CA LEU E 220 40.26 7.73 -0.95
C LEU E 220 40.86 8.42 0.27
N LYS E 221 40.01 9.10 1.06
CA LYS E 221 40.52 9.71 2.28
C LYS E 221 40.81 8.71 3.38
N TYR E 222 40.15 7.53 3.37
CA TYR E 222 40.51 6.47 4.32
C TYR E 222 41.92 5.96 4.06
N ALA E 223 42.27 5.75 2.79
CA ALA E 223 43.61 5.27 2.49
C ALA E 223 44.65 6.30 2.93
N ILE E 224 44.33 7.58 2.77
CA ILE E 224 45.26 8.60 3.22
C ILE E 224 45.51 8.43 4.71
N ALA E 225 44.43 8.28 5.47
CA ALA E 225 44.56 8.25 6.93
C ALA E 225 45.38 7.05 7.39
N VAL E 226 45.06 5.86 6.87
CA VAL E 226 45.84 4.66 7.20
C VAL E 226 47.27 4.80 6.71
N ASN E 227 47.46 5.45 5.56
CA ASN E 227 48.82 5.58 5.01
C ASN E 227 49.73 6.35 5.95
N ASP E 228 49.19 7.38 6.62
CA ASP E 228 49.96 8.29 7.44
C ASP E 228 49.96 7.93 8.92
N LEU E 229 48.91 7.29 9.41
CA LEU E 229 48.75 7.07 10.83
C LEU E 229 48.83 5.62 11.25
N GLY E 230 48.59 4.66 10.35
CA GLY E 230 48.57 3.26 10.73
C GLY E 230 47.18 2.70 10.97
N THR E 231 46.95 1.46 10.55
CA THR E 231 45.73 0.70 10.83
C THR E 231 45.21 0.89 12.26
N GLU E 232 46.12 0.92 13.25
CA GLU E 232 45.71 0.81 14.64
C GLU E 232 45.25 2.14 15.20
N TYR E 233 45.95 3.23 14.88
CA TYR E 233 45.42 4.52 15.30
C TYR E 233 44.09 4.78 14.64
N VAL E 234 43.95 4.42 13.36
CA VAL E 234 42.73 4.73 12.64
C VAL E 234 41.58 3.83 13.11
N HIS E 235 41.89 2.67 13.66
CA HIS E 235 40.82 1.77 14.03
C HIS E 235 40.61 1.71 15.54
N ARG E 236 41.00 2.75 16.26
CA ARG E 236 40.44 3.00 17.57
C ARG E 236 39.41 4.11 17.53
N TYR E 237 39.22 4.73 16.37
CA TYR E 237 38.16 5.70 16.14
C TYR E 237 37.02 5.18 15.26
N VAL E 238 37.26 4.15 14.44
CA VAL E 238 36.30 3.63 13.45
C VAL E 238 36.42 2.11 13.42
N GLY E 239 35.27 1.40 13.37
CA GLY E 239 35.29 -0.05 13.27
C GLY E 239 35.68 -0.54 11.89
N LYS E 240 35.80 -1.86 11.72
CA LYS E 240 36.19 -2.41 10.42
C LYS E 240 35.16 -3.34 9.75
N GLU E 241 33.99 -3.55 10.34
CA GLU E 241 32.95 -4.40 9.77
C GLU E 241 31.84 -3.55 9.16
N PRO E 242 30.90 -4.15 8.44
CA PRO E 242 29.63 -3.46 8.14
C PRO E 242 28.58 -3.69 9.23
N SER E 243 27.45 -3.00 9.08
CA SER E 243 26.52 -2.78 10.20
C SER E 243 25.41 -3.81 10.32
N GLY E 244 24.63 -4.00 9.25
CA GLY E 244 23.42 -4.81 9.28
C GLY E 244 22.24 -4.16 8.58
N LEU E 245 21.55 -4.91 7.69
CA LEU E 245 20.71 -4.29 6.66
C LEU E 245 19.55 -3.46 7.19
N ARG E 246 19.19 -3.57 8.47
CA ARG E 246 18.46 -2.49 9.14
C ARG E 246 19.15 -2.22 10.47
N PHE E 247 20.44 -1.93 10.36
CA PHE E 247 21.19 -1.20 11.37
C PHE E 247 21.98 -0.06 10.75
N ASN E 248 21.70 0.27 9.47
CA ASN E 248 22.27 1.41 8.74
C ASN E 248 21.69 2.75 9.19
N LYS E 249 20.75 2.73 10.14
CA LYS E 249 20.17 3.93 10.73
C LYS E 249 21.00 4.46 11.89
N LEU E 250 21.71 3.57 12.59
CA LEU E 250 22.55 3.98 13.71
C LEU E 250 23.87 4.57 13.23
N PHE E 251 24.54 5.25 14.14
CA PHE E 251 25.83 5.86 13.86
C PHE E 251 26.99 5.03 14.40
N LEU E 252 26.82 4.56 15.64
CA LEU E 252 27.82 3.82 16.37
C LEU E 252 27.41 2.37 16.47
N ASN E 253 28.40 1.52 16.63
CA ASN E 253 28.22 0.13 16.97
C ASN E 253 28.32 -0.02 18.49
N GLU E 254 28.66 -1.22 18.97
CA GLU E 254 28.64 -1.43 20.42
C GLU E 254 29.92 -0.98 21.11
N ASP E 255 30.94 -0.53 20.39
CA ASP E 255 32.13 0.02 21.03
C ASP E 255 32.16 1.53 20.96
N ASP E 256 31.09 2.13 20.42
CA ASP E 256 30.86 3.58 20.36
C ASP E 256 31.81 4.27 19.37
N LYS E 257 32.24 3.54 18.35
CA LYS E 257 32.90 3.92 17.13
C LYS E 257 31.92 3.75 15.98
N PRO E 258 31.89 4.61 14.97
CA PRO E 258 31.06 4.30 13.78
C PRO E 258 31.52 3.00 13.16
N HIS E 259 30.69 2.47 12.27
CA HIS E 259 30.80 1.04 11.95
C HIS E 259 31.98 0.71 11.04
N ASN E 260 32.40 1.65 10.16
CA ASN E 260 33.42 1.50 9.13
C ASN E 260 33.67 2.84 8.42
N PRO E 261 34.75 2.99 7.66
CA PRO E 261 35.00 4.27 7.00
C PRO E 261 34.10 4.58 5.81
N MET E 262 33.26 3.65 5.34
CA MET E 262 32.39 3.98 4.21
C MET E 262 31.04 4.52 4.63
N VAL E 263 30.72 4.55 5.93
CA VAL E 263 29.44 5.11 6.35
C VAL E 263 29.64 6.58 6.71
N ASN E 264 28.57 7.38 6.51
CA ASN E 264 28.66 8.84 6.68
C ASN E 264 29.08 9.20 8.10
N ALA E 265 28.60 8.45 9.10
CA ALA E 265 29.13 8.65 10.45
C ALA E 265 30.61 8.31 10.54
N GLY E 266 31.03 7.23 9.88
CA GLY E 266 32.43 6.82 9.97
C GLY E 266 33.37 7.71 9.16
N ALA E 267 32.89 8.22 8.02
CA ALA E 267 33.73 9.07 7.19
C ALA E 267 34.04 10.38 7.92
N ILE E 268 33.01 11.04 8.43
CA ILE E 268 33.14 12.21 9.30
C ILE E 268 34.20 12.00 10.37
N VAL E 269 34.41 10.76 10.81
CA VAL E 269 35.43 10.51 11.82
C VAL E 269 36.80 10.32 11.19
N VAL E 270 36.86 9.64 10.03
CA VAL E 270 38.15 9.53 9.34
C VAL E 270 38.69 10.91 9.02
N THR E 271 37.79 11.84 8.67
CA THR E 271 38.17 13.21 8.32
C THR E 271 38.91 13.90 9.47
N SER E 272 38.46 13.73 10.71
CA SER E 272 39.22 14.41 11.76
C SER E 272 40.58 13.79 12.01
N LEU E 273 41.00 12.77 11.27
CA LEU E 273 42.31 12.16 11.48
C LEU E 273 43.41 12.76 10.61
N ILE E 274 43.04 13.35 9.47
CA ILE E 274 44.00 13.68 8.43
C ILE E 274 44.64 15.01 8.76
N LYS E 275 45.95 15.01 8.97
CA LYS E 275 46.72 16.24 9.12
C LYS E 275 46.17 17.11 10.25
N GLN E 276 46.04 16.50 11.42
CA GLN E 276 45.68 17.25 12.61
C GLN E 276 46.74 18.31 12.89
N GLY E 277 46.33 19.36 13.61
CA GLY E 277 47.21 20.45 13.96
C GLY E 277 47.36 21.54 12.92
N VAL E 278 47.02 21.25 11.67
CA VAL E 278 46.98 22.21 10.57
C VAL E 278 45.55 22.72 10.48
N ASN E 279 45.29 23.81 9.75
CA ASN E 279 43.92 24.30 9.61
C ASN E 279 43.23 23.68 8.40
N ASN E 280 41.95 23.99 8.23
CA ASN E 280 41.19 23.29 7.19
C ASN E 280 41.64 23.70 5.78
N ALA E 281 42.04 24.95 5.58
CA ALA E 281 42.48 25.37 4.25
C ALA E 281 43.63 24.49 3.74
N GLU E 282 44.60 24.18 4.61
CA GLU E 282 45.78 23.43 4.20
C GLU E 282 45.61 21.92 4.29
N LYS E 283 44.82 21.44 5.26
CA LYS E 283 44.35 20.05 5.23
C LYS E 283 43.83 19.69 3.84
N PHE E 284 42.84 20.47 3.37
CA PHE E 284 42.29 20.30 2.03
C PHE E 284 43.38 20.23 0.97
N ASP E 285 44.28 21.23 0.94
CA ASP E 285 45.41 21.25 0.00
C ASP E 285 46.14 19.91 -0.03
N TYR E 286 46.45 19.38 1.15
CA TYR E 286 47.15 18.10 1.26
C TYR E 286 46.34 16.96 0.65
N VAL E 287 45.03 16.92 0.90
CA VAL E 287 44.21 15.86 0.31
C VAL E 287 44.13 16.07 -1.20
N MET E 288 44.08 17.32 -1.65
CA MET E 288 44.25 17.62 -3.06
C MET E 288 45.58 17.09 -3.57
N GLN E 289 46.70 17.41 -2.89
CA GLN E 289 48.01 16.88 -3.30
C GLN E 289 48.01 15.36 -3.39
N PHE E 290 47.39 14.69 -2.41
CA PHE E 290 47.38 13.23 -2.38
C PHE E 290 46.49 12.68 -3.48
N LEU E 291 45.27 13.20 -3.62
CA LEU E 291 44.42 12.75 -4.74
C LEU E 291 45.05 13.04 -6.10
N ASN E 292 45.92 14.05 -6.21
CA ASN E 292 46.66 14.27 -7.45
C ASN E 292 47.66 13.15 -7.72
N LYS E 293 48.41 12.74 -6.69
CA LYS E 293 49.39 11.67 -6.87
C LYS E 293 48.75 10.38 -7.35
N MET E 294 47.50 10.11 -6.94
CA MET E 294 46.81 8.88 -7.32
C MET E 294 46.35 8.91 -8.77
N ALA E 295 45.73 10.01 -9.19
CA ALA E 295 45.24 10.06 -10.56
C ALA E 295 46.34 10.55 -11.52
N GLY E 296 47.60 10.36 -11.15
CA GLY E 296 48.68 10.70 -12.09
C GLY E 296 48.55 12.08 -12.69
N ASN E 297 48.06 13.02 -11.90
CA ASN E 297 47.96 14.45 -12.22
C ASN E 297 47.01 14.70 -13.37
N GLU E 298 45.97 13.87 -13.46
CA GLU E 298 44.83 14.15 -14.30
C GLU E 298 43.81 14.92 -13.48
N TYR E 299 42.59 15.07 -13.99
CA TYR E 299 41.68 16.08 -13.46
C TYR E 299 41.26 15.80 -12.02
N VAL E 300 41.62 16.70 -11.11
CA VAL E 300 41.05 16.75 -9.78
C VAL E 300 40.61 18.18 -9.52
N GLY E 301 39.38 18.37 -9.07
CA GLY E 301 38.92 19.72 -8.85
C GLY E 301 37.85 19.90 -7.79
N PHE E 302 37.29 21.11 -7.73
CA PHE E 302 36.42 21.46 -6.63
C PHE E 302 35.28 22.32 -7.13
N SER E 303 34.06 21.96 -6.77
CA SER E 303 32.84 22.67 -7.15
C SER E 303 32.27 23.42 -5.94
N ASN E 304 32.79 24.64 -5.69
CA ASN E 304 32.36 25.40 -4.52
C ASN E 304 30.85 25.46 -4.36
N ALA E 305 30.10 25.42 -5.47
CA ALA E 305 28.65 25.36 -5.47
C ALA E 305 28.11 24.15 -4.73
N THR E 306 28.36 22.93 -5.24
CA THR E 306 27.99 21.68 -4.58
C THR E 306 28.30 21.79 -3.09
N PHE E 307 29.41 22.48 -2.78
CA PHE E 307 29.89 22.57 -1.41
C PHE E 307 28.98 23.42 -0.54
N GLN E 308 28.54 24.58 -1.05
CA GLN E 308 27.59 25.42 -0.32
C GLN E 308 26.29 24.66 -0.04
N SER E 309 25.69 24.08 -1.07
CA SER E 309 24.46 23.32 -0.84
C SER E 309 24.67 22.23 0.20
N GLU E 310 25.78 21.50 0.09
CA GLU E 310 26.07 20.43 1.04
C GLU E 310 26.29 20.96 2.45
N ARG E 311 26.69 22.23 2.63
CA ARG E 311 26.88 22.79 3.97
C ARG E 311 25.67 23.55 4.47
N GLU E 312 24.65 23.78 3.65
CA GLU E 312 23.42 24.34 4.17
C GLU E 312 22.43 23.25 4.59
N SER E 313 22.52 22.08 3.97
CA SER E 313 21.51 21.04 4.09
C SER E 313 21.99 19.82 4.87
N GLY E 314 23.14 19.91 5.51
CA GLY E 314 23.68 18.73 6.16
C GLY E 314 23.16 18.56 7.57
N ASP E 315 21.87 18.84 7.75
CA ASP E 315 21.26 18.65 9.06
C ASP E 315 21.53 17.25 9.61
N ARG E 316 21.57 16.24 8.74
CA ARG E 316 21.92 14.90 9.21
C ARG E 316 23.40 14.81 9.58
N ASN E 317 24.26 15.33 8.72
CA ASN E 317 25.69 15.29 9.03
C ASN E 317 25.99 16.09 10.28
N PHE E 318 25.26 17.19 10.48
CA PHE E 318 25.37 17.93 11.74
C PHE E 318 24.83 17.10 12.89
N ALA E 319 23.66 16.48 12.70
CA ALA E 319 23.14 15.51 13.67
C ALA E 319 24.19 14.45 14.02
N ILE E 320 24.67 13.72 13.01
CA ILE E 320 25.78 12.78 13.20
C ILE E 320 26.95 13.45 13.90
N GLY E 321 27.31 14.65 13.44
CA GLY E 321 28.45 15.33 14.00
C GLY E 321 28.34 15.49 15.50
N TYR E 322 27.21 16.05 15.96
CA TYR E 322 27.07 16.31 17.39
C TYR E 322 27.04 15.02 18.20
N TYR E 323 26.39 13.96 17.66
CA TYR E 323 26.34 12.68 18.37
C TYR E 323 27.75 12.18 18.70
N LEU E 324 28.67 12.27 17.73
CA LEU E 324 30.04 11.82 17.95
C LEU E 324 30.72 12.63 19.05
N LYS E 325 30.47 13.96 19.11
CA LYS E 325 31.08 14.78 20.14
C LYS E 325 30.59 14.38 21.52
N GLU E 326 29.27 14.29 21.69
CA GLU E 326 28.70 13.79 22.95
C GLU E 326 29.37 12.48 23.36
N LYS E 327 29.21 11.42 22.56
CA LYS E 327 29.82 10.14 22.89
C LYS E 327 31.32 10.07 22.63
N LYS E 328 31.98 11.20 22.33
CA LYS E 328 33.43 11.43 22.52
C LYS E 328 34.32 10.57 21.61
N CYS E 329 34.01 10.61 20.31
CA CYS E 329 34.63 9.74 19.31
C CYS E 329 35.65 10.43 18.39
N PHE E 330 35.85 11.74 18.49
CA PHE E 330 36.92 12.41 17.75
C PHE E 330 38.20 12.37 18.56
N PRO E 331 39.31 12.84 18.01
CA PRO E 331 40.54 12.94 18.80
C PRO E 331 40.60 14.24 19.60
N GLU E 332 41.36 14.17 20.69
CA GLU E 332 41.45 15.27 21.64
C GLU E 332 41.75 16.56 20.89
N GLY E 333 41.00 17.61 21.20
CA GLY E 333 41.22 18.88 20.53
C GLY E 333 40.69 18.95 19.12
N THR E 334 39.47 18.50 18.92
CA THR E 334 38.82 18.56 17.62
C THR E 334 37.83 19.73 17.60
N ASP E 335 37.87 20.53 16.54
CA ASP E 335 36.80 21.50 16.29
C ASP E 335 35.77 20.79 15.41
N MET E 336 34.79 20.18 16.07
CA MET E 336 33.78 19.39 15.37
C MET E 336 33.18 20.14 14.19
N VAL E 337 32.63 21.34 14.42
CA VAL E 337 31.85 21.97 13.37
C VAL E 337 32.70 22.28 12.14
N GLY E 338 33.97 22.61 12.36
CA GLY E 338 34.88 22.80 11.23
C GLY E 338 35.21 21.53 10.49
N ILE E 339 35.31 20.41 11.21
CA ILE E 339 35.47 19.11 10.56
C ILE E 339 34.34 18.87 9.56
N LEU E 340 33.11 19.17 9.95
CA LEU E 340 32.00 19.00 9.02
C LEU E 340 32.20 19.80 7.75
N ASP E 341 32.72 21.02 7.89
CA ASP E 341 33.08 21.84 6.73
C ASP E 341 34.12 21.14 5.85
N PHE E 342 35.25 20.76 6.44
CA PHE E 342 36.24 19.97 5.71
C PHE E 342 35.59 18.75 5.07
N TYR E 343 34.65 18.10 5.78
CA TYR E 343 33.93 16.96 5.22
C TYR E 343 33.08 17.37 4.03
N PHE E 344 32.33 18.46 4.13
CA PHE E 344 31.53 18.90 2.99
C PHE E 344 32.39 19.25 1.78
N GLN E 345 33.52 19.92 2.01
CA GLN E 345 34.44 20.19 0.90
C GLN E 345 34.85 18.89 0.21
N LEU E 346 35.39 17.94 0.98
CA LEU E 346 35.89 16.67 0.46
C LEU E 346 34.84 15.90 -0.34
N CYS E 347 33.55 16.14 -0.13
CA CYS E 347 32.52 15.47 -0.93
C CYS E 347 32.28 16.20 -2.24
N SER E 348 32.70 17.46 -2.33
CA SER E 348 32.52 18.27 -3.52
C SER E 348 33.79 18.38 -4.35
N ILE E 349 34.77 17.52 -4.09
CA ILE E 349 35.93 17.39 -4.98
C ILE E 349 35.45 16.87 -6.32
N GLU E 350 36.04 17.38 -7.39
CA GLU E 350 35.61 17.04 -8.73
C GLU E 350 36.61 16.10 -9.39
N VAL E 351 36.07 15.13 -10.14
CA VAL E 351 36.82 14.20 -10.97
C VAL E 351 36.11 14.11 -12.33
N THR E 352 36.79 13.48 -13.30
CA THR E 352 36.15 13.02 -14.52
C THR E 352 36.25 11.50 -14.52
N CYS E 353 35.37 10.85 -15.28
CA CYS E 353 35.47 9.39 -15.36
C CYS E 353 36.93 8.98 -15.53
N GLU E 354 37.61 9.63 -16.49
CA GLU E 354 38.98 9.23 -16.78
C GLU E 354 39.89 9.39 -15.57
N SER E 355 39.91 10.58 -14.96
CA SER E 355 40.85 10.82 -13.87
C SER E 355 40.65 9.82 -12.75
N ALA E 356 39.39 9.51 -12.44
CA ALA E 356 39.12 8.64 -11.31
C ALA E 356 39.55 7.21 -11.60
N SER E 357 39.33 6.72 -12.81
CA SER E 357 39.81 5.37 -13.16
C SER E 357 41.30 5.22 -12.90
N VAL E 358 42.04 6.32 -12.91
CA VAL E 358 43.45 6.22 -12.56
C VAL E 358 43.62 6.12 -11.06
N MET E 359 42.82 6.89 -10.31
CA MET E 359 42.78 6.72 -8.86
C MET E 359 42.43 5.27 -8.48
N ALA E 360 41.44 4.69 -9.17
CA ALA E 360 41.07 3.29 -8.94
C ALA E 360 42.18 2.32 -9.34
N ALA E 361 42.93 2.65 -10.41
CA ALA E 361 44.03 1.79 -10.79
C ALA E 361 45.20 1.88 -9.82
N THR E 362 45.32 3.00 -9.10
CA THR E 362 46.31 3.11 -8.04
C THR E 362 46.03 2.13 -6.89
N LEU E 363 44.76 1.78 -6.67
CA LEU E 363 44.39 0.80 -5.65
C LEU E 363 44.50 -0.63 -6.15
N ALA E 364 44.26 -0.85 -7.44
CA ALA E 364 44.49 -2.16 -8.05
C ALA E 364 45.98 -2.50 -8.15
N ASN E 365 46.87 -1.64 -7.70
CA ASN E 365 48.28 -1.79 -7.96
C ASN E 365 49.14 -1.71 -6.72
N GLY E 366 48.65 -2.15 -5.57
CA GLY E 366 49.49 -2.09 -4.39
C GLY E 366 49.82 -0.68 -3.91
N GLY E 367 49.10 0.30 -4.45
CA GLY E 367 49.34 1.68 -4.11
C GLY E 367 50.36 2.42 -4.96
N PHE E 368 50.92 1.81 -6.01
CA PHE E 368 51.78 2.50 -6.98
C PHE E 368 50.93 3.03 -8.12
N CYS E 369 51.10 4.31 -8.47
CA CYS E 369 50.32 4.90 -9.56
C CYS E 369 50.78 4.33 -10.91
N PRO E 370 49.85 3.79 -11.73
CA PRO E 370 50.26 3.06 -12.94
C PRO E 370 50.67 3.93 -14.12
N ILE E 371 50.16 5.18 -14.25
CA ILE E 371 50.62 5.99 -15.37
C ILE E 371 51.84 6.82 -14.99
N THR E 372 52.32 6.73 -13.76
CA THR E 372 53.54 7.42 -13.37
C THR E 372 54.54 6.56 -12.63
N GLY E 373 54.11 5.48 -11.96
CA GLY E 373 55.02 4.58 -11.27
C GLY E 373 55.41 5.01 -9.88
N GLU E 374 54.78 6.05 -9.36
CA GLU E 374 55.08 6.56 -8.03
C GLU E 374 54.33 5.77 -6.95
N ARG E 375 55.04 5.43 -5.88
CA ARG E 375 54.41 4.87 -4.69
C ARG E 375 53.61 5.97 -3.99
N VAL E 376 52.28 5.86 -4.03
CA VAL E 376 51.39 6.89 -3.50
C VAL E 376 50.81 6.51 -2.15
N LEU E 377 50.47 5.23 -1.97
CA LEU E 377 49.82 4.71 -0.78
C LEU E 377 50.56 3.46 -0.32
N SER E 378 50.73 3.32 1.00
CA SER E 378 51.37 2.12 1.52
C SER E 378 50.48 0.90 1.25
N PRO E 379 51.07 -0.29 1.18
CA PRO E 379 50.24 -1.44 0.84
C PRO E 379 49.26 -1.77 1.94
N GLU E 380 49.62 -1.44 3.18
CA GLU E 380 48.70 -1.55 4.31
C GLU E 380 47.43 -0.75 4.07
N ALA E 381 47.57 0.48 3.57
CA ALA E 381 46.40 1.34 3.39
C ALA E 381 45.50 0.86 2.25
N VAL E 382 46.06 0.31 1.17
CA VAL E 382 45.19 -0.07 0.05
C VAL E 382 44.57 -1.44 0.29
N ARG E 383 45.21 -2.33 1.06
CA ARG E 383 44.54 -3.58 1.42
C ARG E 383 43.35 -3.29 2.32
N ASN E 384 43.58 -2.55 3.40
CA ASN E 384 42.52 -2.09 4.27
C ASN E 384 41.36 -1.51 3.47
N THR E 385 41.64 -0.62 2.53
CA THR E 385 40.58 0.04 1.76
C THR E 385 39.82 -0.93 0.89
N LEU E 386 40.55 -1.83 0.22
CA LEU E 386 39.89 -2.76 -0.66
C LEU E 386 39.02 -3.75 0.13
N SER E 387 39.46 -4.12 1.34
CA SER E 387 38.61 -4.95 2.21
C SER E 387 37.29 -4.24 2.52
N LEU E 388 37.34 -2.94 2.82
CA LEU E 388 36.16 -2.25 3.31
C LEU E 388 35.25 -1.78 2.18
N MET E 389 35.79 -1.63 0.96
CA MET E 389 34.91 -1.45 -0.19
C MET E 389 34.15 -2.73 -0.51
N HIS E 390 34.79 -3.90 -0.33
CA HIS E 390 34.16 -5.19 -0.62
C HIS E 390 32.88 -5.41 0.18
N SER E 391 32.72 -4.79 1.34
CA SER E 391 31.69 -5.17 2.29
C SER E 391 30.79 -4.04 2.76
N CYS E 392 31.24 -2.78 2.66
CA CYS E 392 30.55 -1.60 3.15
C CYS E 392 30.46 -0.51 2.08
N GLY E 393 30.68 -0.87 0.80
CA GLY E 393 30.89 0.10 -0.25
C GLY E 393 29.65 0.68 -0.87
N MET E 394 28.61 -0.13 -0.99
CA MET E 394 27.48 0.22 -1.85
C MET E 394 26.20 0.38 -1.06
N TYR E 395 26.31 0.97 0.13
CA TYR E 395 25.15 1.28 0.96
C TYR E 395 24.41 -0.02 1.26
N ASP E 396 23.08 -0.04 1.21
CA ASP E 396 22.38 -1.28 1.57
C ASP E 396 22.54 -2.37 0.50
N PHE E 397 23.08 -2.02 -0.64
CA PHE E 397 23.32 -3.00 -1.67
C PHE E 397 24.66 -3.69 -1.49
N SER E 398 25.46 -3.25 -0.51
CA SER E 398 26.80 -3.79 -0.31
C SER E 398 26.77 -5.31 -0.24
N GLY E 399 25.85 -5.86 0.55
CA GLY E 399 25.77 -7.30 0.71
C GLY E 399 25.45 -8.02 -0.58
N GLN E 400 24.38 -7.58 -1.26
CA GLN E 400 24.05 -8.19 -2.56
C GLN E 400 25.14 -7.92 -3.57
N PHE E 401 25.72 -6.72 -3.52
CA PHE E 401 26.74 -6.37 -4.50
C PHE E 401 27.95 -7.26 -4.36
N ALA E 402 28.38 -7.55 -3.12
CA ALA E 402 29.59 -8.35 -2.96
C ALA E 402 29.37 -9.77 -3.44
N PHE E 403 28.20 -10.34 -3.14
CA PHE E 403 27.89 -11.68 -3.56
C PHE E 403 27.98 -11.81 -5.08
N HIS E 404 27.27 -10.95 -5.81
CA HIS E 404 27.15 -11.16 -7.26
C HIS E 404 28.35 -10.63 -8.04
N VAL E 405 28.83 -9.45 -7.70
CA VAL E 405 29.95 -8.84 -8.44
C VAL E 405 31.30 -9.24 -7.85
N GLY E 406 31.40 -9.22 -6.52
CA GLY E 406 32.63 -9.53 -5.84
C GLY E 406 33.80 -8.73 -6.35
N LEU E 407 33.67 -7.40 -6.42
CA LEU E 407 34.77 -6.48 -6.70
C LEU E 407 34.66 -5.32 -5.74
N PRO E 408 35.77 -4.84 -5.18
CA PRO E 408 35.70 -3.66 -4.30
C PRO E 408 35.14 -2.48 -5.08
N ALA E 409 34.10 -1.85 -4.54
CA ALA E 409 33.55 -0.68 -5.22
C ALA E 409 33.12 0.40 -4.22
N LYS E 410 32.95 1.63 -4.70
CA LYS E 410 32.37 2.68 -3.85
C LYS E 410 31.45 3.55 -4.69
N SER E 411 30.32 3.92 -4.11
CA SER E 411 29.32 4.69 -4.84
C SER E 411 29.19 6.09 -4.26
N GLY E 412 28.48 6.93 -5.02
CA GLY E 412 28.25 8.32 -4.67
C GLY E 412 27.03 8.83 -5.41
N VAL E 413 26.33 9.79 -4.80
CA VAL E 413 25.02 10.24 -5.31
C VAL E 413 25.08 11.11 -6.57
N ALA E 414 26.20 11.81 -6.81
CA ALA E 414 26.48 12.38 -8.12
C ALA E 414 26.39 11.34 -9.25
N GLY E 415 26.18 10.07 -8.91
CA GLY E 415 26.10 8.99 -9.87
C GLY E 415 27.40 8.24 -10.12
N GLY E 416 28.44 8.40 -9.26
CA GLY E 416 29.68 7.69 -9.45
C GLY E 416 29.62 6.25 -9.01
N ILE E 417 30.54 5.44 -9.56
CA ILE E 417 30.96 4.15 -8.99
C ILE E 417 32.44 3.97 -9.30
N LEU E 418 33.28 4.02 -8.27
CA LEU E 418 34.71 3.81 -8.38
C LEU E 418 34.98 2.34 -8.13
N LEU E 419 35.49 1.65 -9.13
CA LEU E 419 35.59 0.20 -9.14
C LEU E 419 37.04 -0.25 -9.25
N VAL E 420 37.39 -1.31 -8.52
CA VAL E 420 38.72 -1.88 -8.61
C VAL E 420 38.57 -3.35 -9.01
N VAL E 421 39.40 -3.79 -9.94
CA VAL E 421 39.57 -5.22 -10.20
C VAL E 421 41.02 -5.51 -9.86
N PRO E 422 41.29 -5.93 -8.62
CA PRO E 422 42.67 -6.00 -8.11
C PRO E 422 43.60 -6.77 -9.03
N ASN E 423 44.78 -6.19 -9.26
CA ASN E 423 45.83 -6.76 -10.07
C ASN E 423 45.48 -6.81 -11.57
N VAL E 424 44.47 -6.05 -12.00
CA VAL E 424 44.08 -5.92 -13.41
C VAL E 424 43.95 -4.46 -13.80
N MET E 425 42.92 -3.81 -13.26
CA MET E 425 42.52 -2.47 -13.65
C MET E 425 41.64 -1.86 -12.56
N GLY E 426 41.55 -0.54 -12.57
CA GLY E 426 40.57 0.19 -11.79
C GLY E 426 39.72 0.99 -12.75
N MET E 427 38.42 1.14 -12.42
CA MET E 427 37.43 1.78 -13.30
C MET E 427 36.86 3.04 -12.66
N MET E 428 35.93 3.67 -13.40
CA MET E 428 35.03 4.67 -12.84
C MET E 428 33.86 4.78 -13.79
N CYS E 429 32.65 4.70 -13.25
CA CYS E 429 31.44 4.66 -14.07
C CYS E 429 30.50 5.69 -13.51
N TRP E 430 29.87 6.46 -14.38
CA TRP E 430 29.18 7.66 -13.95
C TRP E 430 27.91 7.87 -14.76
N SER E 431 26.74 7.64 -14.13
CA SER E 431 25.44 8.01 -14.69
C SER E 431 24.53 8.50 -13.58
N PRO E 432 24.18 9.78 -13.56
CA PRO E 432 23.67 10.44 -12.34
C PRO E 432 22.37 9.83 -11.80
N PRO E 433 21.51 9.20 -12.61
CA PRO E 433 20.32 8.56 -12.01
C PRO E 433 20.69 7.38 -11.11
N LEU E 434 20.19 7.43 -9.86
CA LEU E 434 20.42 6.38 -8.89
C LEU E 434 19.20 5.48 -8.75
N ASP E 435 19.45 4.25 -8.29
CA ASP E 435 18.35 3.37 -7.94
C ASP E 435 17.88 3.80 -6.56
N LYS E 436 17.01 2.97 -5.94
CA LYS E 436 16.32 3.26 -4.70
C LYS E 436 17.20 3.11 -3.48
N MET E 437 18.35 2.46 -3.63
CA MET E 437 19.37 2.41 -2.59
C MET E 437 20.46 3.44 -2.79
N GLY E 438 20.39 4.28 -3.82
CA GLY E 438 21.39 5.33 -4.02
C GLY E 438 22.56 5.02 -4.96
N ASN E 439 22.39 4.08 -5.89
CA ASN E 439 23.47 3.55 -6.69
C ASN E 439 23.24 3.84 -8.18
N SER E 440 24.29 4.34 -8.85
CA SER E 440 24.25 4.59 -10.28
C SER E 440 23.68 3.39 -11.00
N VAL E 441 22.49 3.55 -11.58
CA VAL E 441 21.74 2.41 -12.13
C VAL E 441 22.52 1.72 -13.24
N LYS E 442 22.94 2.48 -14.26
CA LYS E 442 23.81 1.92 -15.31
C LYS E 442 25.09 1.39 -14.69
N GLY E 443 25.71 2.18 -13.82
CA GLY E 443 26.81 1.74 -13.00
C GLY E 443 26.59 0.33 -12.49
N ILE E 444 25.49 0.10 -11.76
CA ILE E 444 25.24 -1.24 -11.21
C ILE E 444 25.12 -2.26 -12.33
N HIS E 445 24.34 -1.92 -13.36
CA HIS E 445 24.09 -2.83 -14.47
C HIS E 445 25.39 -3.17 -15.18
N PHE E 446 26.25 -2.17 -15.38
CA PHE E 446 27.54 -2.42 -15.99
C PHE E 446 28.36 -3.41 -15.17
N CYS E 447 28.38 -3.22 -13.85
CA CYS E 447 29.21 -4.04 -12.97
C CYS E 447 28.81 -5.50 -13.03
N HIS E 448 27.50 -5.78 -12.95
CA HIS E 448 27.05 -7.16 -13.13
C HIS E 448 27.51 -7.74 -14.46
N ASP E 449 27.34 -6.98 -15.55
CA ASP E 449 27.73 -7.50 -16.86
C ASP E 449 29.21 -7.82 -16.91
N LEU E 450 30.05 -6.93 -16.38
CA LEU E 450 31.49 -7.17 -16.39
C LEU E 450 31.85 -8.48 -15.68
N VAL E 451 31.29 -8.72 -14.49
CA VAL E 451 31.60 -9.98 -13.81
C VAL E 451 30.99 -11.19 -14.55
N SER E 452 29.76 -11.06 -15.03
CA SER E 452 29.19 -12.12 -15.86
C SER E 452 30.15 -12.51 -16.97
N LEU E 453 30.69 -11.52 -17.69
CA LEU E 453 31.51 -11.80 -18.86
C LEU E 453 32.90 -12.30 -18.46
N CYS E 454 33.51 -11.68 -17.46
CA CYS E 454 34.91 -11.90 -17.18
C CYS E 454 35.08 -12.53 -15.81
N ASN E 455 36.04 -13.46 -15.71
CA ASN E 455 36.35 -14.13 -14.44
C ASN E 455 37.00 -13.14 -13.48
N PHE E 456 36.43 -11.96 -13.36
CA PHE E 456 36.98 -10.92 -12.50
C PHE E 456 36.47 -11.00 -11.07
N HIS E 457 35.38 -11.77 -10.84
CA HIS E 457 34.81 -11.92 -9.51
C HIS E 457 35.87 -12.42 -8.54
N ASN E 458 35.98 -11.76 -7.40
CA ASN E 458 36.96 -12.02 -6.36
C ASN E 458 37.19 -13.50 -6.10
N TYR E 459 36.16 -14.31 -6.34
CA TYR E 459 36.19 -15.71 -5.97
C TYR E 459 35.92 -16.64 -7.15
N ASP E 460 36.18 -16.14 -8.35
CA ASP E 460 36.24 -17.02 -9.50
C ASP E 460 37.53 -17.80 -9.44
N ASN E 461 37.55 -18.92 -10.14
CA ASN E 461 38.81 -19.63 -10.31
C ASN E 461 39.53 -19.10 -11.55
N LEU E 462 40.84 -18.84 -11.41
CA LEU E 462 41.63 -18.37 -12.53
C LEU E 462 41.84 -19.45 -13.59
N ARG E 463 41.70 -20.73 -13.20
CA ARG E 463 41.98 -21.91 -14.01
C ARG E 463 40.72 -22.57 -14.59
N HIS E 464 39.70 -22.80 -13.76
CA HIS E 464 38.47 -23.46 -14.19
C HIS E 464 37.33 -22.48 -13.98
N PHE E 465 37.00 -21.74 -15.04
CA PHE E 465 36.06 -20.63 -14.90
C PHE E 465 34.93 -20.72 -15.91
N ALA E 466 34.57 -21.92 -16.32
CA ALA E 466 33.32 -22.13 -17.06
C ALA E 466 33.36 -21.36 -18.39
N LYS E 467 32.19 -20.87 -18.82
CA LYS E 467 32.04 -20.20 -20.10
C LYS E 467 32.60 -18.78 -20.10
N LYS E 468 32.98 -18.27 -18.94
CA LYS E 468 33.47 -16.91 -18.85
C LYS E 468 34.77 -16.75 -19.63
N LEU E 469 35.05 -15.49 -19.98
CA LEU E 469 36.24 -15.02 -20.68
C LEU E 469 37.27 -14.40 -19.74
N ASP E 470 38.55 -14.62 -20.02
CA ASP E 470 39.65 -14.11 -19.18
C ASP E 470 40.53 -13.16 -20.00
N PRO E 471 40.47 -11.86 -19.74
CA PRO E 471 41.26 -10.91 -20.55
C PRO E 471 42.77 -11.01 -20.37
N ARG E 472 43.25 -11.72 -19.36
CA ARG E 472 44.69 -11.83 -19.13
C ARG E 472 45.34 -12.90 -19.98
N ARG E 473 44.56 -13.80 -20.55
CA ARG E 473 45.10 -14.88 -21.35
C ARG E 473 45.07 -14.49 -22.81
N GLU E 474 45.97 -15.11 -23.57
CA GLU E 474 45.98 -14.98 -25.03
C GLU E 474 44.95 -15.93 -25.63
N GLY E 475 45.39 -16.91 -26.42
CA GLY E 475 44.51 -17.97 -26.90
C GLY E 475 44.55 -19.24 -26.07
N PRO F 66 39.01 -0.83 -64.63
CA PRO F 66 37.64 -0.56 -64.18
C PRO F 66 37.45 0.88 -63.65
N SER F 67 36.27 1.48 -63.80
CA SER F 67 36.03 2.79 -63.19
C SER F 67 34.54 3.12 -63.14
N LEU F 68 34.13 3.74 -62.03
CA LEU F 68 32.72 3.76 -61.66
C LEU F 68 31.94 4.75 -62.52
N GLU F 69 32.53 5.91 -62.78
CA GLU F 69 31.90 6.90 -63.67
C GLU F 69 31.76 6.35 -65.07
N ASP F 70 32.80 5.71 -65.60
CA ASP F 70 32.81 5.30 -67.00
C ASP F 70 31.85 4.15 -67.23
N LEU F 71 31.85 3.17 -66.33
CA LEU F 71 30.95 2.03 -66.45
C LEU F 71 29.51 2.50 -66.61
N LEU F 72 28.99 3.17 -65.57
CA LEU F 72 27.73 3.90 -65.65
C LEU F 72 27.51 4.59 -67.00
N PHE F 73 28.49 5.41 -67.42
CA PHE F 73 28.39 6.11 -68.71
C PHE F 73 28.11 5.17 -69.85
N TYR F 74 28.78 4.03 -69.90
CA TYR F 74 28.45 3.03 -70.90
C TYR F 74 27.02 2.53 -70.74
N THR F 75 26.59 2.27 -69.49
CA THR F 75 25.28 1.66 -69.28
C THR F 75 24.17 2.50 -69.89
N ILE F 76 24.25 3.83 -69.73
CA ILE F 76 23.29 4.73 -70.35
C ILE F 76 23.68 5.19 -71.76
N ALA F 77 24.96 5.12 -72.12
CA ALA F 77 25.36 5.39 -73.50
C ALA F 77 24.60 4.50 -74.47
N GLU F 78 24.45 3.22 -74.11
CA GLU F 78 23.97 2.19 -75.03
C GLU F 78 24.91 2.08 -76.23
N GLY F 79 26.20 2.00 -75.92
CA GLY F 79 27.24 1.69 -76.88
C GLY F 79 27.62 2.78 -77.87
N GLN F 80 26.78 3.79 -78.02
CA GLN F 80 27.06 4.82 -79.01
C GLN F 80 28.08 5.82 -78.46
N GLU F 81 28.62 6.63 -79.39
CA GLU F 81 29.76 7.48 -79.06
C GLU F 81 29.38 8.62 -78.14
N LYS F 82 28.18 9.15 -78.27
CA LYS F 82 27.87 10.37 -77.54
C LYS F 82 26.46 10.33 -76.97
N ILE F 83 26.33 10.75 -75.71
CA ILE F 83 25.05 10.79 -74.99
C ILE F 83 24.48 12.19 -75.08
N PRO F 84 23.22 12.36 -75.52
CA PRO F 84 22.59 13.68 -75.45
C PRO F 84 22.27 14.07 -74.01
N VAL F 85 21.91 15.33 -73.82
CA VAL F 85 21.72 15.85 -72.48
C VAL F 85 20.39 15.39 -71.89
N HIS F 86 19.30 15.52 -72.65
CA HIS F 86 17.98 15.08 -72.20
C HIS F 86 17.90 13.58 -71.98
N LYS F 87 18.61 12.81 -72.81
CA LYS F 87 18.60 11.35 -72.70
C LYS F 87 19.11 10.91 -71.33
N PHE F 88 20.08 11.63 -70.79
CA PHE F 88 20.48 11.44 -69.40
C PHE F 88 19.40 11.92 -68.44
N ILE F 89 18.96 13.16 -68.60
CA ILE F 89 18.00 13.73 -67.67
C ILE F 89 16.74 12.86 -67.61
N THR F 90 16.35 12.28 -68.74
CA THR F 90 15.20 11.37 -68.73
C THR F 90 15.53 10.06 -68.02
N ALA F 91 16.64 9.42 -68.42
CA ALA F 91 17.10 8.22 -67.73
C ALA F 91 17.15 8.44 -66.21
N LEU F 92 17.53 9.63 -65.76
CA LEU F 92 17.59 9.93 -64.35
C LEU F 92 16.20 10.06 -63.74
N LYS F 93 15.30 10.78 -64.44
CA LYS F 93 13.94 11.01 -63.92
C LYS F 93 13.15 9.71 -63.83
N SER F 94 13.26 8.84 -64.84
CA SER F 94 12.55 7.58 -64.77
C SER F 94 13.07 6.66 -63.67
N THR F 95 14.15 7.01 -62.98
CA THR F 95 14.41 6.31 -61.73
C THR F 95 13.64 6.93 -60.58
N GLY F 96 12.92 8.03 -60.83
CA GLY F 96 12.11 8.67 -59.81
C GLY F 96 12.80 9.74 -58.99
N LEU F 97 14.12 9.92 -59.12
CA LEU F 97 14.74 11.05 -58.47
C LEU F 97 14.29 12.32 -59.18
N ARG F 98 13.99 13.34 -58.39
CA ARG F 98 13.64 14.63 -58.99
C ARG F 98 14.91 15.38 -59.33
N THR F 99 14.94 15.95 -60.52
CA THR F 99 16.11 16.67 -60.98
C THR F 99 16.60 17.69 -59.94
N SER F 100 15.70 18.15 -59.06
CA SER F 100 16.01 19.10 -58.00
C SER F 100 16.35 18.43 -56.66
N ASP F 101 16.78 17.17 -56.66
CA ASP F 101 17.21 16.52 -55.43
C ASP F 101 18.42 17.25 -54.83
N PRO F 102 18.37 17.62 -53.54
CA PRO F 102 19.55 18.23 -52.91
C PRO F 102 20.86 17.45 -53.07
N ARG F 103 20.85 16.13 -53.07
CA ARG F 103 22.06 15.33 -53.16
C ARG F 103 22.61 15.22 -54.59
N LEU F 104 21.96 15.86 -55.55
CA LEU F 104 22.44 15.89 -56.92
C LEU F 104 22.92 17.27 -57.36
N LYS F 105 22.97 18.24 -56.44
CA LYS F 105 23.24 19.63 -56.81
C LYS F 105 24.56 19.75 -57.57
N GLU F 106 25.67 19.33 -56.94
CA GLU F 106 26.99 19.38 -57.56
C GLU F 106 26.91 18.87 -58.99
N CYS F 107 26.23 17.74 -59.18
CA CYS F 107 26.04 17.20 -60.52
C CYS F 107 25.24 18.15 -61.40
N MET F 108 24.06 18.56 -60.94
CA MET F 108 23.25 19.43 -61.80
C MET F 108 23.92 20.79 -62.01
N ASP F 109 24.73 21.24 -61.06
CA ASP F 109 25.53 22.45 -61.22
C ASP F 109 26.52 22.30 -62.35
N MET F 110 27.38 21.27 -62.26
CA MET F 110 28.33 21.00 -63.32
C MET F 110 27.62 20.73 -64.64
N LEU F 111 26.31 20.46 -64.62
CA LEU F 111 25.53 20.35 -65.85
C LEU F 111 25.06 21.71 -66.36
N ARG F 112 24.76 22.66 -65.47
CA ARG F 112 24.32 23.96 -65.98
C ARG F 112 25.53 24.83 -66.36
N LEU F 113 26.65 24.64 -65.67
CA LEU F 113 27.92 25.15 -66.19
C LEU F 113 28.08 24.68 -67.62
N THR F 114 28.26 23.36 -67.81
CA THR F 114 28.60 22.82 -69.12
C THR F 114 27.65 23.27 -70.22
N LEU F 115 26.38 23.49 -69.90
CA LEU F 115 25.38 23.79 -70.93
C LEU F 115 25.32 25.27 -71.32
N GLN F 116 26.42 26.01 -71.15
CA GLN F 116 26.65 27.34 -71.74
C GLN F 116 27.94 27.40 -72.56
N THR F 117 29.02 26.79 -72.06
CA THR F 117 30.33 26.71 -72.71
C THR F 117 30.21 26.34 -74.18
N THR F 118 29.89 25.09 -74.44
CA THR F 118 29.72 24.56 -75.80
C THR F 118 28.22 24.34 -76.02
N SER F 119 27.53 25.40 -76.44
CA SER F 119 26.13 25.29 -76.88
C SER F 119 25.99 24.44 -78.14
N ASP F 120 27.11 24.17 -78.84
CA ASP F 120 27.17 23.32 -80.03
C ASP F 120 27.32 21.84 -79.65
N GLY F 121 26.31 21.35 -78.92
CA GLY F 121 26.24 19.95 -78.57
C GLY F 121 24.87 19.39 -78.90
N VAL F 122 24.04 19.22 -77.88
CA VAL F 122 24.43 19.48 -76.49
C VAL F 122 24.66 18.12 -75.84
N MET F 123 25.87 17.60 -76.03
CA MET F 123 26.16 16.19 -75.79
C MET F 123 27.51 16.02 -75.10
N LEU F 124 27.63 14.94 -74.33
CA LEU F 124 28.77 14.67 -73.46
C LEU F 124 29.51 13.42 -73.91
N ASP F 125 30.72 13.24 -73.39
CA ASP F 125 31.51 12.04 -73.66
C ASP F 125 32.16 11.52 -72.38
N LYS F 126 32.61 10.26 -72.44
CA LYS F 126 33.34 9.54 -71.40
C LYS F 126 34.05 10.42 -70.37
N ASP F 127 34.62 11.54 -70.85
CA ASP F 127 35.37 12.51 -70.06
C ASP F 127 34.45 13.54 -69.41
N LEU F 128 33.52 14.10 -70.21
CA LEU F 128 32.72 15.27 -69.80
C LEU F 128 31.52 14.86 -68.94
N PHE F 129 30.83 13.78 -69.32
CA PHE F 129 29.90 13.10 -68.43
C PHE F 129 30.53 12.91 -67.06
N LYS F 130 31.70 12.25 -67.05
CA LYS F 130 32.42 11.99 -65.81
C LYS F 130 32.73 13.27 -65.04
N LYS F 131 32.95 14.37 -65.77
CA LYS F 131 33.17 15.67 -65.12
C LYS F 131 31.98 16.05 -64.24
N CYS F 132 30.76 15.80 -64.71
CA CYS F 132 29.59 16.23 -63.94
C CYS F 132 29.15 15.19 -62.92
N VAL F 133 29.15 13.92 -63.31
CA VAL F 133 28.55 12.88 -62.45
C VAL F 133 29.48 12.38 -61.36
N GLN F 134 30.76 12.73 -61.38
CA GLN F 134 31.68 12.08 -60.45
C GLN F 134 31.31 12.40 -59.01
N SER F 135 31.04 13.68 -58.72
CA SER F 135 30.76 14.10 -57.35
C SER F 135 29.56 13.38 -56.74
N ASN F 136 28.67 12.83 -57.57
CA ASN F 136 27.40 12.22 -57.17
C ASN F 136 27.25 10.80 -57.71
N ILE F 137 28.37 10.05 -57.77
CA ILE F 137 28.38 8.82 -58.55
C ILE F 137 27.76 7.64 -57.79
N VAL F 138 27.88 7.63 -56.46
CA VAL F 138 27.26 6.54 -55.70
C VAL F 138 25.74 6.60 -55.82
N LEU F 139 25.14 7.78 -55.63
CA LEU F 139 23.69 7.89 -55.72
C LEU F 139 23.22 7.71 -57.15
N LEU F 140 23.89 8.34 -58.11
CA LEU F 140 23.51 8.18 -59.51
C LEU F 140 23.53 6.72 -59.95
N THR F 141 24.47 5.93 -59.41
CA THR F 141 24.62 4.52 -59.82
C THR F 141 23.49 3.66 -59.29
N GLN F 142 23.29 3.68 -57.97
CA GLN F 142 22.21 2.92 -57.35
C GLN F 142 20.90 3.14 -58.08
N ALA F 143 20.54 4.41 -58.33
CA ALA F 143 19.36 4.71 -59.14
C ALA F 143 19.37 3.97 -60.46
N PHE F 144 20.55 3.82 -61.06
CA PHE F 144 20.68 3.29 -62.41
C PHE F 144 21.00 1.80 -62.47
N ARG F 145 21.57 1.23 -61.41
CA ARG F 145 21.59 -0.23 -61.27
C ARG F 145 20.39 -0.74 -60.47
N ARG F 146 19.28 0.00 -60.49
CA ARG F 146 18.00 -0.42 -59.94
C ARG F 146 18.16 -0.99 -58.54
N LYS F 147 18.90 -0.27 -57.72
CA LYS F 147 19.13 -0.64 -56.33
C LYS F 147 18.15 0.03 -55.38
N PHE F 148 17.38 0.99 -55.86
CA PHE F 148 16.45 1.70 -55.00
C PHE F 148 15.35 0.75 -54.50
N VAL F 149 14.77 1.10 -53.34
CA VAL F 149 13.88 0.20 -52.62
C VAL F 149 12.73 -0.23 -53.49
N ILE F 150 12.34 0.61 -54.44
CA ILE F 150 11.40 0.23 -55.50
C ILE F 150 12.19 0.19 -56.80
N PRO F 151 12.62 -0.98 -57.29
CA PRO F 151 13.42 -0.99 -58.53
C PRO F 151 12.67 -0.45 -59.73
N ASP F 152 11.44 -0.95 -59.97
CA ASP F 152 10.59 -0.47 -61.05
C ASP F 152 9.61 0.57 -60.50
N PHE F 153 10.15 1.76 -60.25
CA PHE F 153 9.36 2.90 -59.83
C PHE F 153 8.48 3.45 -60.96
N MET F 154 8.71 3.06 -62.21
CA MET F 154 7.87 3.62 -63.26
C MET F 154 6.51 2.95 -63.28
N SER F 155 6.44 1.65 -63.00
CA SER F 155 5.12 1.05 -62.96
C SER F 155 4.42 1.37 -61.65
N PHE F 156 5.18 1.50 -60.55
CA PHE F 156 4.59 1.79 -59.24
C PHE F 156 3.76 3.07 -59.28
N THR F 157 4.28 4.10 -59.95
CA THR F 157 3.53 5.34 -60.04
C THR F 157 2.29 5.19 -60.93
N SER F 158 2.32 4.28 -61.91
CA SER F 158 1.08 3.98 -62.63
C SER F 158 0.00 3.48 -61.66
N HIS F 159 0.35 2.51 -60.81
CA HIS F 159 -0.60 2.01 -59.82
C HIS F 159 -1.04 3.10 -58.84
N ILE F 160 -0.15 4.05 -58.52
CA ILE F 160 -0.53 5.13 -57.63
C ILE F 160 -1.48 6.08 -58.34
N ASP F 161 -1.56 5.99 -59.68
CA ASP F 161 -2.48 6.84 -60.42
C ASP F 161 -3.89 6.27 -60.39
N GLU F 162 -4.02 4.97 -60.67
CA GLU F 162 -5.31 4.31 -60.53
C GLU F 162 -5.85 4.46 -59.12
N LEU F 163 -5.02 4.20 -58.10
CA LEU F 163 -5.46 4.40 -56.72
C LEU F 163 -5.98 5.81 -56.50
N TYR F 164 -5.30 6.81 -57.05
CA TYR F 164 -5.78 8.20 -56.95
C TYR F 164 -7.08 8.40 -57.73
N GLU F 165 -7.25 7.72 -58.88
CA GLU F 165 -8.49 7.88 -59.63
C GLU F 165 -9.65 7.15 -58.96
N SER F 166 -9.40 6.02 -58.33
CA SER F 166 -10.50 5.35 -57.66
C SER F 166 -10.93 6.12 -56.44
N ALA F 167 -10.06 6.96 -55.90
CA ALA F 167 -10.40 7.70 -54.69
C ALA F 167 -11.15 8.98 -55.03
N LYS F 168 -10.78 9.65 -56.13
CA LYS F 168 -11.48 10.87 -56.47
C LYS F 168 -12.92 10.60 -56.87
N LYS F 169 -13.24 9.34 -57.17
CA LYS F 169 -14.63 8.88 -57.33
C LYS F 169 -15.41 8.81 -56.01
N GLN F 170 -14.75 8.92 -54.86
CA GLN F 170 -15.40 8.74 -53.55
C GLN F 170 -15.81 10.08 -52.95
N SER F 171 -17.04 10.50 -53.28
CA SER F 171 -17.45 11.91 -53.32
C SER F 171 -17.99 12.44 -52.00
N GLY F 172 -18.17 11.59 -50.99
CA GLY F 172 -18.89 11.98 -49.79
C GLY F 172 -18.02 12.63 -48.75
N GLY F 173 -18.63 12.91 -47.61
CA GLY F 173 -17.97 13.56 -46.50
C GLY F 173 -18.29 15.05 -46.43
N LYS F 174 -18.05 15.62 -45.25
CA LYS F 174 -18.27 17.04 -44.99
C LYS F 174 -16.92 17.69 -44.70
N VAL F 175 -16.65 18.79 -45.41
CA VAL F 175 -15.51 19.62 -45.07
C VAL F 175 -15.74 20.28 -43.70
N ALA F 176 -14.67 20.29 -42.89
CA ALA F 176 -14.73 20.95 -41.58
C ALA F 176 -15.13 22.41 -41.75
N ASP F 177 -16.09 22.86 -40.94
CA ASP F 177 -16.59 24.22 -41.04
C ASP F 177 -16.54 24.97 -39.71
N TYR F 178 -15.96 24.38 -38.65
CA TYR F 178 -16.01 25.05 -37.36
C TYR F 178 -15.23 26.36 -37.37
N ILE F 179 -14.27 26.54 -38.26
CA ILE F 179 -13.64 27.85 -38.49
C ILE F 179 -13.66 28.18 -39.98
N PRO F 180 -13.69 29.47 -40.34
CA PRO F 180 -13.86 29.84 -41.76
C PRO F 180 -12.66 29.55 -42.66
N GLN F 181 -11.52 29.08 -42.12
CA GLN F 181 -10.34 28.80 -42.93
C GLN F 181 -10.25 27.35 -43.40
N LEU F 182 -10.87 26.41 -42.68
CA LEU F 182 -11.02 25.06 -43.18
C LEU F 182 -12.24 24.91 -44.06
N ALA F 183 -13.22 25.80 -43.91
CA ALA F 183 -14.46 25.75 -44.68
C ALA F 183 -14.35 26.42 -46.03
N LYS F 184 -13.37 27.31 -46.21
CA LYS F 184 -13.15 27.95 -47.51
C LYS F 184 -12.63 26.97 -48.55
N PHE F 185 -11.95 25.91 -48.13
CA PHE F 185 -11.35 24.98 -49.09
C PHE F 185 -12.43 24.22 -49.85
N SER F 186 -12.12 23.89 -51.11
CA SER F 186 -13.03 23.16 -51.97
C SER F 186 -13.05 21.66 -51.64
N PRO F 187 -14.21 21.01 -51.79
CA PRO F 187 -14.30 19.56 -51.49
C PRO F 187 -13.77 18.65 -52.59
N ASP F 188 -13.30 19.19 -53.71
CA ASP F 188 -12.74 18.39 -54.80
C ASP F 188 -11.22 18.42 -54.84
N LEU F 189 -10.59 19.30 -54.07
CA LEU F 189 -9.15 19.20 -53.83
C LEU F 189 -8.80 17.85 -53.24
N TRP F 190 -7.79 17.21 -53.81
CA TRP F 190 -7.43 15.85 -53.43
C TRP F 190 -6.04 15.56 -53.98
N GLY F 191 -5.11 15.18 -53.11
CA GLY F 191 -3.79 14.87 -53.63
C GLY F 191 -2.95 13.82 -52.91
N VAL F 192 -2.20 13.04 -53.65
CA VAL F 192 -1.28 12.11 -53.01
C VAL F 192 0.13 12.43 -53.45
N SER F 193 1.07 12.26 -52.54
CA SER F 193 2.49 12.49 -52.78
C SER F 193 3.28 11.35 -52.16
N VAL F 194 4.19 10.78 -52.92
CA VAL F 194 5.00 9.66 -52.50
C VAL F 194 6.45 10.11 -52.45
N CYS F 195 7.20 9.52 -51.52
CA CYS F 195 8.64 9.78 -51.42
C CYS F 195 9.26 8.61 -50.66
N THR F 196 10.25 7.96 -51.27
CA THR F 196 10.77 6.72 -50.72
C THR F 196 11.95 6.99 -49.77
N ALA F 197 12.43 5.93 -49.13
CA ALA F 197 13.65 5.99 -48.33
C ALA F 197 14.88 6.31 -49.20
N ASP F 198 14.72 6.32 -50.52
CA ASP F 198 15.79 6.69 -51.46
C ASP F 198 15.50 7.99 -52.17
N GLY F 199 14.37 8.64 -51.90
CA GLY F 199 14.09 9.93 -52.48
C GLY F 199 13.38 9.91 -53.81
N GLN F 200 12.96 8.74 -54.29
CA GLN F 200 12.16 8.69 -55.52
C GLN F 200 10.81 9.37 -55.26
N ARG F 201 10.43 10.29 -56.14
CA ARG F 201 9.25 11.13 -55.91
C ARG F 201 8.16 10.90 -56.96
N HIS F 202 6.91 10.89 -56.51
CA HIS F 202 5.79 10.94 -57.43
C HIS F 202 4.59 11.60 -56.78
N SER F 203 3.81 12.33 -57.60
CA SER F 203 2.61 13.03 -57.14
C SER F 203 1.54 13.00 -58.23
N THR F 204 0.29 12.80 -57.84
CA THR F 204 -0.85 13.15 -58.68
C THR F 204 -1.87 13.94 -57.88
N GLY F 205 -2.62 14.78 -58.60
CA GLY F 205 -3.53 15.71 -57.97
C GLY F 205 -2.89 17.02 -57.53
N ASP F 206 -3.48 17.59 -56.49
CA ASP F 206 -3.18 18.94 -55.99
C ASP F 206 -2.20 18.85 -54.83
N THR F 207 -0.93 18.73 -55.18
CA THR F 207 0.05 18.38 -54.17
C THR F 207 0.93 19.55 -53.73
N LYS F 208 0.87 20.69 -54.42
CA LYS F 208 1.57 21.91 -54.03
C LYS F 208 0.62 22.98 -53.46
N VAL F 209 -0.56 22.59 -52.99
CA VAL F 209 -1.52 23.52 -52.39
C VAL F 209 -1.24 23.59 -50.89
N PRO F 210 -0.82 24.73 -50.35
CA PRO F 210 -0.58 24.80 -48.90
C PRO F 210 -1.87 24.57 -48.12
N PHE F 211 -1.78 23.71 -47.11
CA PHE F 211 -2.88 23.47 -46.18
C PHE F 211 -2.29 23.24 -44.79
N CYS F 212 -3.16 22.97 -43.82
CA CYS F 212 -2.74 23.04 -42.43
C CYS F 212 -2.58 21.63 -41.88
N LEU F 213 -1.45 21.40 -41.22
CA LEU F 213 -1.17 20.11 -40.60
C LEU F 213 -2.26 19.72 -39.62
N GLN F 214 -2.66 20.65 -38.76
CA GLN F 214 -3.60 20.37 -37.67
C GLN F 214 -3.05 19.17 -36.90
N SER F 215 -3.85 18.15 -36.62
CA SER F 215 -3.40 17.11 -35.69
C SER F 215 -2.38 16.20 -36.33
N CYS F 216 -2.07 16.39 -37.61
CA CYS F 216 -0.92 15.72 -38.21
C CYS F 216 0.38 16.13 -37.55
N VAL F 217 0.44 17.33 -36.95
CA VAL F 217 1.66 17.78 -36.31
C VAL F 217 1.91 17.08 -34.98
N LYS F 218 0.90 16.40 -34.43
CA LYS F 218 1.05 15.75 -33.13
C LYS F 218 2.22 14.76 -33.10
N PRO F 219 2.39 13.88 -34.10
CA PRO F 219 3.58 12.99 -34.07
C PRO F 219 4.87 13.76 -34.25
N LEU F 220 4.89 14.75 -35.14
CA LEU F 220 6.14 15.48 -35.43
C LEU F 220 6.72 16.14 -34.19
N LYS F 221 5.87 16.66 -33.28
CA LYS F 221 6.40 17.29 -32.07
C LYS F 221 6.78 16.25 -31.02
N TYR F 222 5.97 15.19 -30.91
CA TYR F 222 6.34 14.05 -30.07
C TYR F 222 7.67 13.47 -30.52
N ALA F 223 7.93 13.43 -31.82
CA ALA F 223 9.26 13.02 -32.27
C ALA F 223 10.32 13.98 -31.78
N ILE F 224 10.08 15.30 -31.94
CA ILE F 224 11.02 16.29 -31.44
C ILE F 224 11.21 16.14 -29.95
N ALA F 225 10.09 15.92 -29.24
CA ALA F 225 10.16 15.78 -27.79
C ALA F 225 11.09 14.63 -27.38
N VAL F 226 10.78 13.40 -27.83
CA VAL F 226 11.58 12.23 -27.49
C VAL F 226 12.96 12.25 -28.11
N ASN F 227 13.19 13.11 -29.09
CA ASN F 227 14.55 13.22 -29.63
C ASN F 227 15.45 14.01 -28.70
N ASP F 228 14.92 15.08 -28.09
CA ASP F 228 15.71 16.00 -27.27
C ASP F 228 15.87 15.52 -25.83
N LEU F 229 14.85 14.89 -25.25
CA LEU F 229 14.94 14.49 -23.86
C LEU F 229 14.83 12.99 -23.64
N GLY F 230 14.35 12.21 -24.60
CA GLY F 230 14.27 10.78 -24.42
C GLY F 230 12.94 10.25 -23.93
N THR F 231 12.50 9.14 -24.53
CA THR F 231 11.34 8.33 -24.14
C THR F 231 10.96 8.42 -22.67
N GLU F 232 11.92 8.15 -21.79
CA GLU F 232 11.62 8.03 -20.36
C GLU F 232 11.09 9.33 -19.80
N TYR F 233 11.84 10.44 -19.97
CA TYR F 233 11.37 11.73 -19.46
C TYR F 233 10.02 12.06 -20.04
N VAL F 234 9.90 11.96 -21.37
CA VAL F 234 8.68 12.33 -22.06
C VAL F 234 7.48 11.57 -21.50
N HIS F 235 7.67 10.30 -21.15
CA HIS F 235 6.51 9.51 -20.75
C HIS F 235 6.27 9.55 -19.23
N ARG F 236 6.88 10.51 -18.53
CA ARG F 236 6.42 10.89 -17.21
C ARG F 236 5.23 11.84 -17.28
N TYR F 237 4.93 12.35 -18.48
CA TYR F 237 3.88 13.32 -18.70
C TYR F 237 2.79 12.79 -19.63
N VAL F 238 3.00 11.65 -20.28
CA VAL F 238 2.07 11.18 -21.29
C VAL F 238 2.12 9.65 -21.36
N GLY F 239 0.93 9.03 -21.39
CA GLY F 239 0.85 7.61 -21.54
C GLY F 239 1.28 7.19 -22.92
N LYS F 240 1.32 5.85 -23.12
CA LYS F 240 1.77 5.29 -24.39
C LYS F 240 0.81 4.26 -24.97
N GLU F 241 -0.47 4.26 -24.59
CA GLU F 241 -1.45 3.43 -25.31
C GLU F 241 -2.61 4.25 -25.86
N PRO F 242 -3.50 3.64 -26.64
CA PRO F 242 -4.83 4.24 -26.82
C PRO F 242 -5.71 3.88 -25.62
N SER F 243 -6.81 4.63 -25.50
CA SER F 243 -7.60 4.58 -24.28
C SER F 243 -8.79 3.62 -24.36
N GLY F 244 -9.49 3.57 -25.50
CA GLY F 244 -10.72 2.79 -25.57
C GLY F 244 -11.89 3.55 -26.14
N LEU F 245 -12.67 2.91 -27.00
CA LEU F 245 -13.55 3.60 -27.95
C LEU F 245 -14.78 4.28 -27.33
N ARG F 246 -14.96 4.24 -26.01
CA ARG F 246 -15.76 5.24 -25.30
C ARG F 246 -14.99 5.67 -24.04
N PHE F 247 -13.71 5.96 -24.25
CA PHE F 247 -12.87 6.63 -23.26
C PHE F 247 -12.30 7.93 -23.86
N ASN F 248 -12.90 8.42 -24.95
CA ASN F 248 -12.37 9.45 -25.83
C ASN F 248 -12.62 10.86 -25.32
N LYS F 249 -13.60 10.98 -24.44
CA LYS F 249 -13.96 12.26 -23.87
C LYS F 249 -13.22 12.49 -22.57
N LEU F 250 -12.65 11.43 -22.00
CA LEU F 250 -11.75 11.59 -20.87
C LEU F 250 -10.44 12.19 -21.32
N PHE F 251 -9.79 12.88 -20.41
CA PHE F 251 -8.49 13.46 -20.72
C PHE F 251 -7.35 12.63 -20.18
N LEU F 252 -7.54 12.02 -19.01
CA LEU F 252 -6.48 11.37 -18.29
C LEU F 252 -6.78 9.88 -18.14
N ASN F 253 -5.72 9.07 -18.04
CA ASN F 253 -5.82 7.69 -17.64
C ASN F 253 -5.74 7.66 -16.11
N GLU F 254 -5.59 6.47 -15.52
CA GLU F 254 -5.58 6.40 -14.07
C GLU F 254 -4.26 6.84 -13.45
N ASP F 255 -3.23 7.08 -14.23
CA ASP F 255 -2.01 7.68 -13.71
C ASP F 255 -2.06 9.19 -13.72
N ASP F 256 -3.16 9.76 -14.23
CA ASP F 256 -3.40 11.19 -14.32
C ASP F 256 -2.47 11.88 -15.33
N LYS F 257 -1.97 11.12 -16.31
CA LYS F 257 -1.29 11.45 -17.57
C LYS F 257 -2.26 11.34 -18.74
N PRO F 258 -2.23 12.22 -19.74
CA PRO F 258 -3.08 11.99 -20.91
C PRO F 258 -2.66 10.70 -21.61
N HIS F 259 -3.62 10.08 -22.31
CA HIS F 259 -3.50 8.66 -22.61
C HIS F 259 -2.36 8.34 -23.55
N ASN F 260 -1.98 9.30 -24.40
CA ASN F 260 -0.94 9.21 -25.41
C ASN F 260 -0.80 10.56 -26.12
N PRO F 261 0.28 10.79 -26.89
CA PRO F 261 0.48 12.08 -27.55
C PRO F 261 -0.36 12.32 -28.80
N MET F 262 -1.17 11.37 -29.24
CA MET F 262 -1.96 11.62 -30.42
C MET F 262 -3.32 12.20 -30.09
N VAL F 263 -3.63 12.36 -28.80
CA VAL F 263 -4.87 12.96 -28.33
C VAL F 263 -4.59 14.40 -27.86
N ASN F 264 -5.62 15.26 -27.94
CA ASN F 264 -5.44 16.68 -27.64
C ASN F 264 -5.04 16.88 -26.18
N ALA F 265 -5.51 16.02 -25.29
CA ALA F 265 -4.98 16.08 -23.93
C ALA F 265 -3.47 15.91 -23.92
N GLY F 266 -2.96 14.98 -24.72
CA GLY F 266 -1.55 14.59 -24.69
C GLY F 266 -0.64 15.42 -25.55
N ALA F 267 -1.10 15.74 -26.76
CA ALA F 267 -0.46 16.75 -27.59
C ALA F 267 -0.14 18.02 -26.79
N ILE F 268 -1.18 18.61 -26.18
CA ILE F 268 -0.99 19.79 -25.34
C ILE F 268 0.12 19.57 -24.31
N VAL F 269 0.19 18.36 -23.74
CA VAL F 269 1.22 18.10 -22.74
C VAL F 269 2.58 17.94 -23.40
N VAL F 270 2.64 17.20 -24.53
CA VAL F 270 3.88 17.17 -25.31
C VAL F 270 4.37 18.58 -25.55
N THR F 271 3.49 19.45 -26.04
CA THR F 271 3.86 20.82 -26.39
C THR F 271 4.59 21.51 -25.24
N SER F 272 4.21 21.23 -23.99
CA SER F 272 4.86 21.88 -22.86
C SER F 272 6.28 21.41 -22.66
N LEU F 273 6.62 20.23 -23.18
CA LEU F 273 7.92 19.65 -22.95
C LEU F 273 9.03 20.21 -23.87
N ILE F 274 8.66 20.67 -25.07
CA ILE F 274 9.65 21.09 -26.06
C ILE F 274 10.28 22.43 -25.70
N LYS F 275 11.61 22.45 -25.68
CA LYS F 275 12.42 23.66 -25.52
C LYS F 275 11.92 24.50 -24.35
N GLN F 276 11.72 23.83 -23.21
CA GLN F 276 11.23 24.53 -22.02
C GLN F 276 12.16 25.69 -21.70
N GLY F 277 11.61 26.71 -21.05
CA GLY F 277 12.41 27.78 -20.49
C GLY F 277 12.71 28.93 -21.44
N VAL F 278 12.62 28.73 -22.75
CA VAL F 278 12.72 29.84 -23.69
C VAL F 278 11.30 30.28 -24.05
N ASN F 279 11.19 31.43 -24.71
CA ASN F 279 9.89 32.02 -24.90
C ASN F 279 9.21 31.42 -26.13
N ASN F 280 7.96 31.84 -26.35
CA ASN F 280 7.16 31.20 -27.38
C ASN F 280 7.64 31.54 -28.79
N ALA F 281 8.42 32.62 -28.98
CA ALA F 281 8.89 32.93 -30.32
C ALA F 281 10.04 32.01 -30.74
N GLU F 282 11.09 31.94 -29.91
CA GLU F 282 12.18 31.00 -30.22
C GLU F 282 11.66 29.58 -30.24
N LYS F 283 10.79 29.22 -29.29
CA LYS F 283 10.21 27.87 -29.23
C LYS F 283 9.62 27.49 -30.58
N PHE F 284 8.73 28.33 -31.12
CA PHE F 284 8.19 28.08 -32.46
C PHE F 284 9.30 28.03 -33.49
N ASP F 285 10.31 28.90 -33.36
CA ASP F 285 11.42 28.92 -34.32
C ASP F 285 12.16 27.59 -34.32
N TYR F 286 12.55 27.10 -33.13
CA TYR F 286 13.18 25.78 -33.01
C TYR F 286 12.37 24.75 -33.78
N VAL F 287 11.08 24.61 -33.44
CA VAL F 287 10.21 23.63 -34.11
C VAL F 287 10.21 23.86 -35.61
N MET F 288 10.06 25.11 -36.04
CA MET F 288 10.13 25.42 -37.47
C MET F 288 11.41 24.88 -38.10
N GLN F 289 12.57 25.22 -37.51
CA GLN F 289 13.86 24.72 -38.01
C GLN F 289 13.88 23.20 -38.09
N PHE F 290 13.45 22.53 -37.02
CA PHE F 290 13.38 21.08 -37.02
C PHE F 290 12.55 20.60 -38.20
N LEU F 291 11.36 21.16 -38.37
CA LEU F 291 10.48 20.67 -39.42
C LEU F 291 11.06 20.93 -40.80
N ASN F 292 11.86 21.99 -40.95
CA ASN F 292 12.58 22.18 -42.21
C ASN F 292 13.48 21.00 -42.51
N LYS F 293 14.32 20.62 -41.55
CA LYS F 293 15.26 19.54 -41.82
C LYS F 293 14.52 18.23 -42.11
N MET F 294 13.31 18.07 -41.56
CA MET F 294 12.49 16.88 -41.77
C MET F 294 11.94 16.80 -43.18
N ALA F 295 11.74 17.94 -43.82
CA ALA F 295 11.16 17.93 -45.16
C ALA F 295 12.21 18.24 -46.23
N GLY F 296 13.49 18.18 -45.86
CA GLY F 296 14.54 18.60 -46.78
C GLY F 296 14.31 19.97 -47.37
N ASN F 297 13.81 20.89 -46.56
CA ASN F 297 13.68 22.31 -46.92
C ASN F 297 12.69 22.49 -48.07
N GLU F 298 11.67 21.64 -48.14
CA GLU F 298 10.56 21.88 -49.06
C GLU F 298 9.51 22.72 -48.31
N TYR F 299 8.31 22.92 -48.88
CA TYR F 299 7.44 23.99 -48.40
C TYR F 299 6.93 23.73 -46.98
N VAL F 300 7.34 24.59 -46.07
CA VAL F 300 6.74 24.67 -44.74
C VAL F 300 6.45 26.14 -44.47
N GLY F 301 5.31 26.41 -43.86
CA GLY F 301 4.86 27.76 -43.57
C GLY F 301 3.90 27.81 -42.39
N PHE F 302 2.97 28.77 -42.43
CA PHE F 302 2.17 29.14 -41.26
C PHE F 302 0.92 29.89 -41.71
N SER F 303 -0.21 29.55 -41.13
CA SER F 303 -1.44 30.27 -41.41
C SER F 303 -1.80 31.07 -40.17
N ASN F 304 -1.39 32.35 -40.14
CA ASN F 304 -1.84 33.22 -39.05
C ASN F 304 -3.35 33.34 -39.04
N ALA F 305 -3.99 33.20 -40.23
CA ALA F 305 -5.45 33.12 -40.30
C ALA F 305 -5.98 31.95 -39.48
N THR F 306 -5.56 30.72 -39.81
CA THR F 306 -6.05 29.55 -39.07
C THR F 306 -5.73 29.67 -37.58
N PHE F 307 -4.53 30.16 -37.26
CA PHE F 307 -4.12 30.23 -35.86
C PHE F 307 -4.99 31.20 -35.09
N GLN F 308 -5.47 32.26 -35.74
CA GLN F 308 -6.34 33.20 -35.04
C GLN F 308 -7.68 32.53 -34.68
N SER F 309 -8.39 32.02 -35.68
CA SER F 309 -9.69 31.45 -35.37
C SER F 309 -9.61 30.13 -34.63
N GLU F 310 -8.42 29.53 -34.54
CA GLU F 310 -8.24 28.32 -33.75
C GLU F 310 -8.05 28.62 -32.27
N ARG F 311 -7.60 29.83 -31.92
CA ARG F 311 -7.44 30.21 -30.52
C ARG F 311 -8.72 30.83 -29.96
N GLU F 312 -9.55 31.43 -30.81
CA GLU F 312 -10.83 32.00 -30.38
C GLU F 312 -11.91 30.95 -30.19
N SER F 313 -11.61 29.68 -30.48
CA SER F 313 -12.62 28.63 -30.50
C SER F 313 -12.21 27.40 -29.75
N GLY F 314 -11.00 27.37 -29.19
CA GLY F 314 -10.55 26.17 -28.52
C GLY F 314 -11.04 26.05 -27.09
N ASP F 315 -12.32 26.39 -26.85
CA ASP F 315 -12.86 26.32 -25.50
C ASP F 315 -12.60 24.95 -24.89
N ARG F 316 -12.83 23.87 -25.65
CA ARG F 316 -12.43 22.56 -25.15
C ARG F 316 -10.93 22.51 -24.92
N ASN F 317 -10.16 23.05 -25.86
CA ASN F 317 -8.72 23.03 -25.70
C ASN F 317 -8.33 23.72 -24.40
N PHE F 318 -8.96 24.85 -24.10
CA PHE F 318 -8.72 25.50 -22.81
C PHE F 318 -9.25 24.65 -21.68
N ALA F 319 -10.49 24.15 -21.82
CA ALA F 319 -11.03 23.20 -20.86
C ALA F 319 -9.99 22.14 -20.52
N ILE F 320 -9.36 21.56 -21.54
CA ILE F 320 -8.29 20.58 -21.33
C ILE F 320 -7.13 21.21 -20.60
N GLY F 321 -6.65 22.37 -21.09
CA GLY F 321 -5.49 23.00 -20.46
C GLY F 321 -5.71 23.28 -18.99
N TYR F 322 -6.89 23.76 -18.63
CA TYR F 322 -7.17 23.96 -17.22
C TYR F 322 -7.15 22.64 -16.46
N TYR F 323 -7.88 21.64 -16.96
CA TYR F 323 -7.92 20.35 -16.26
C TYR F 323 -6.53 19.82 -15.98
N LEU F 324 -5.63 19.86 -16.97
CA LEU F 324 -4.26 19.35 -16.81
C LEU F 324 -3.47 20.18 -15.81
N LYS F 325 -3.71 21.50 -15.76
CA LYS F 325 -3.09 22.34 -14.74
C LYS F 325 -3.57 21.92 -13.35
N GLU F 326 -4.89 21.94 -13.13
CA GLU F 326 -5.40 21.56 -11.82
C GLU F 326 -4.92 20.16 -11.43
N LYS F 327 -4.68 19.28 -12.40
CA LYS F 327 -4.17 17.95 -12.09
C LYS F 327 -2.66 17.85 -12.14
N LYS F 328 -1.96 18.99 -12.31
CA LYS F 328 -0.49 19.09 -12.23
C LYS F 328 0.20 18.20 -13.26
N CYS F 329 -0.35 18.14 -14.49
CA CYS F 329 0.17 17.30 -15.57
C CYS F 329 1.39 17.84 -16.28
N PHE F 330 1.71 19.13 -16.11
CA PHE F 330 2.76 19.90 -16.77
C PHE F 330 4.07 19.89 -15.98
N PRO F 331 5.19 20.18 -16.65
CA PRO F 331 6.45 20.29 -15.92
C PRO F 331 6.47 21.57 -15.09
N GLU F 332 7.35 21.56 -14.08
CA GLU F 332 7.51 22.70 -13.18
C GLU F 332 7.66 23.97 -14.01
N GLY F 333 7.13 25.07 -13.48
CA GLY F 333 7.34 26.36 -14.11
C GLY F 333 6.72 26.56 -15.49
N THR F 334 5.51 26.06 -15.69
CA THR F 334 4.81 26.20 -16.96
C THR F 334 3.92 27.43 -16.91
N ASP F 335 3.81 28.12 -18.04
CA ASP F 335 2.74 29.11 -18.30
C ASP F 335 1.72 28.39 -19.16
N MET F 336 0.72 27.82 -18.51
CA MET F 336 -0.24 27.01 -19.25
C MET F 336 -0.85 27.77 -20.42
N VAL F 337 -1.35 28.98 -20.17
CA VAL F 337 -2.07 29.69 -21.22
C VAL F 337 -1.20 29.99 -22.43
N GLY F 338 0.13 29.97 -22.28
CA GLY F 338 0.96 30.14 -23.44
C GLY F 338 1.21 28.85 -24.19
N ILE F 339 1.29 27.74 -23.47
CA ILE F 339 1.36 26.45 -24.13
C ILE F 339 0.20 26.24 -25.08
N LEU F 340 -1.00 26.72 -24.72
CA LEU F 340 -2.11 26.62 -25.65
C LEU F 340 -1.90 27.51 -26.88
N ASP F 341 -1.41 28.74 -26.68
CA ASP F 341 -1.02 29.59 -27.81
C ASP F 341 0.02 28.89 -28.69
N PHE F 342 1.07 28.32 -28.06
CA PHE F 342 2.11 27.62 -28.80
C PHE F 342 1.54 26.44 -29.57
N TYR F 343 0.63 25.68 -28.93
CA TYR F 343 -0.01 24.51 -29.51
C TYR F 343 -0.92 24.91 -30.67
N PHE F 344 -1.76 25.93 -30.47
CA PHE F 344 -2.57 26.46 -31.54
C PHE F 344 -1.72 26.79 -32.76
N GLN F 345 -0.62 27.53 -32.55
CA GLN F 345 0.30 27.85 -33.63
C GLN F 345 0.73 26.60 -34.39
N LEU F 346 1.23 25.60 -33.66
CA LEU F 346 1.72 24.37 -34.27
C LEU F 346 0.68 23.72 -35.16
N CYS F 347 -0.58 23.71 -34.73
CA CYS F 347 -1.68 23.18 -35.54
C CYS F 347 -1.97 24.03 -36.76
N SER F 348 -1.34 25.18 -36.93
CA SER F 348 -1.55 25.97 -38.13
C SER F 348 -0.30 26.02 -38.99
N ILE F 349 0.70 25.18 -38.70
CA ILE F 349 1.85 25.02 -39.58
C ILE F 349 1.34 24.55 -40.94
N GLU F 350 1.83 25.16 -42.00
CA GLU F 350 1.34 24.81 -43.32
C GLU F 350 2.32 23.89 -44.04
N VAL F 351 1.77 23.08 -44.96
CA VAL F 351 2.51 22.10 -45.75
C VAL F 351 1.81 21.99 -47.10
N THR F 352 2.39 21.22 -48.00
CA THR F 352 1.75 20.76 -49.22
C THR F 352 1.80 19.25 -49.21
N CYS F 353 1.13 18.63 -50.17
CA CYS F 353 1.23 17.18 -50.21
C CYS F 353 2.68 16.77 -50.38
N GLU F 354 3.40 17.42 -51.31
CA GLU F 354 4.77 17.03 -51.61
C GLU F 354 5.69 17.22 -50.42
N SER F 355 5.70 18.42 -49.83
CA SER F 355 6.63 18.69 -48.75
C SER F 355 6.37 17.79 -47.55
N ALA F 356 5.11 17.56 -47.23
CA ALA F 356 4.80 16.79 -46.03
C ALA F 356 5.11 15.31 -46.21
N SER F 357 4.90 14.74 -47.41
CA SER F 357 5.25 13.34 -47.66
C SER F 357 6.74 13.08 -47.43
N VAL F 358 7.58 14.12 -47.54
CA VAL F 358 8.99 13.97 -47.26
C VAL F 358 9.21 13.86 -45.76
N MET F 359 8.41 14.60 -44.98
CA MET F 359 8.46 14.46 -43.52
C MET F 359 8.14 13.02 -43.12
N ALA F 360 7.13 12.42 -43.76
CA ALA F 360 6.78 11.02 -43.52
C ALA F 360 7.89 10.08 -43.97
N ALA F 361 8.65 10.48 -45.00
CA ALA F 361 9.76 9.66 -45.48
C ALA F 361 10.94 9.71 -44.54
N THR F 362 11.14 10.82 -43.84
CA THR F 362 12.11 10.81 -42.75
C THR F 362 11.72 9.84 -41.65
N LEU F 363 10.42 9.57 -41.49
CA LEU F 363 9.93 8.64 -40.47
C LEU F 363 10.09 7.19 -40.90
N ALA F 364 9.88 6.91 -42.20
CA ALA F 364 10.11 5.58 -42.76
C ALA F 364 11.59 5.18 -42.74
N ASN F 365 12.50 6.15 -42.62
CA ASN F 365 13.93 5.97 -42.91
C ASN F 365 14.85 6.09 -41.67
N GLY F 366 14.40 5.67 -40.49
CA GLY F 366 15.26 5.65 -39.32
C GLY F 366 15.61 6.99 -38.72
N GLY F 367 15.01 8.07 -39.21
CA GLY F 367 15.36 9.41 -38.76
C GLY F 367 16.23 10.20 -39.72
N PHE F 368 16.67 9.61 -40.82
CA PHE F 368 17.47 10.33 -41.80
C PHE F 368 16.56 10.81 -42.93
N CYS F 369 16.67 12.10 -43.29
CA CYS F 369 15.85 12.69 -44.36
C CYS F 369 16.27 12.10 -45.71
N PRO F 370 15.39 11.38 -46.40
CA PRO F 370 15.85 10.62 -47.57
C PRO F 370 16.35 11.47 -48.73
N ILE F 371 16.03 12.77 -48.82
CA ILE F 371 16.51 13.59 -49.94
C ILE F 371 17.59 14.56 -49.53
N THR F 372 17.98 14.58 -48.27
CA THR F 372 19.18 15.33 -47.93
C THR F 372 20.28 14.45 -47.36
N GLY F 373 19.93 13.34 -46.69
CA GLY F 373 20.90 12.44 -46.09
C GLY F 373 21.16 12.69 -44.62
N GLU F 374 20.56 13.74 -44.07
CA GLU F 374 20.85 14.22 -42.73
C GLU F 374 20.06 13.44 -41.67
N ARG F 375 20.75 13.07 -40.60
CA ARG F 375 20.07 12.54 -39.43
C ARG F 375 19.29 13.66 -38.72
N VAL F 376 17.98 13.45 -38.53
CA VAL F 376 17.12 14.50 -38.04
C VAL F 376 16.39 14.05 -36.78
N LEU F 377 16.16 12.75 -36.65
CA LEU F 377 15.53 12.19 -35.47
C LEU F 377 16.31 10.96 -35.01
N SER F 378 16.41 10.79 -33.69
CA SER F 378 17.11 9.62 -33.15
C SER F 378 16.27 8.38 -33.40
N PRO F 379 16.88 7.28 -33.81
CA PRO F 379 16.08 6.05 -34.07
C PRO F 379 15.21 5.62 -32.89
N GLU F 380 15.44 6.20 -31.72
CA GLU F 380 14.53 5.99 -30.61
C GLU F 380 13.22 6.75 -30.82
N ALA F 381 13.30 8.02 -31.23
CA ALA F 381 12.10 8.86 -31.38
C ALA F 381 11.21 8.38 -32.52
N VAL F 382 11.81 7.89 -33.60
CA VAL F 382 11.05 7.50 -34.77
C VAL F 382 10.37 6.17 -34.52
N ARG F 383 10.92 5.34 -33.65
CA ARG F 383 10.19 4.12 -33.33
C ARG F 383 8.98 4.46 -32.47
N ASN F 384 9.19 5.18 -31.37
CA ASN F 384 8.10 5.52 -30.48
C ASN F 384 6.96 6.18 -31.23
N THR F 385 7.27 7.03 -32.20
CA THR F 385 6.19 7.72 -32.90
C THR F 385 5.46 6.78 -33.84
N LEU F 386 6.20 5.99 -34.64
CA LEU F 386 5.57 5.04 -35.55
C LEU F 386 4.72 4.05 -34.76
N SER F 387 5.19 3.68 -33.57
CA SER F 387 4.39 2.92 -32.63
C SER F 387 3.03 3.60 -32.39
N LEU F 388 3.06 4.86 -31.97
CA LEU F 388 1.83 5.47 -31.50
C LEU F 388 0.98 6.02 -32.63
N MET F 389 1.50 6.06 -33.86
CA MET F 389 0.64 6.32 -35.01
C MET F 389 -0.09 5.08 -35.44
N HIS F 390 0.55 3.92 -35.25
CA HIS F 390 -0.12 2.65 -35.51
C HIS F 390 -1.41 2.53 -34.70
N SER F 391 -1.40 2.92 -33.41
CA SER F 391 -2.55 2.64 -32.56
C SER F 391 -3.46 3.82 -32.28
N CYS F 392 -3.01 5.04 -32.53
CA CYS F 392 -3.69 6.20 -31.96
C CYS F 392 -3.96 7.31 -32.96
N GLY F 393 -3.56 7.13 -34.20
CA GLY F 393 -3.47 8.25 -35.11
C GLY F 393 -4.67 8.55 -35.95
N MET F 394 -5.73 7.76 -35.86
CA MET F 394 -6.90 7.97 -36.73
C MET F 394 -8.16 8.16 -35.89
N TYR F 395 -7.99 8.69 -34.68
CA TYR F 395 -9.08 8.98 -33.76
C TYR F 395 -9.87 7.70 -33.52
N ASP F 396 -11.20 7.78 -33.44
CA ASP F 396 -11.99 6.59 -33.16
C ASP F 396 -11.90 5.52 -34.25
N PHE F 397 -11.27 5.82 -35.39
CA PHE F 397 -11.06 4.82 -36.43
C PHE F 397 -9.71 4.14 -36.29
N SER F 398 -8.96 4.46 -35.23
CA SER F 398 -7.61 3.92 -35.02
C SER F 398 -7.61 2.40 -34.91
N GLY F 399 -8.54 1.84 -34.15
CA GLY F 399 -8.62 0.39 -34.05
C GLY F 399 -8.85 -0.28 -35.39
N GLN F 400 -9.86 0.20 -36.14
CA GLN F 400 -10.12 -0.41 -37.44
C GLN F 400 -8.99 -0.16 -38.42
N PHE F 401 -8.35 1.01 -38.34
CA PHE F 401 -7.34 1.38 -39.32
C PHE F 401 -6.10 0.51 -39.19
N ALA F 402 -5.64 0.28 -37.95
CA ALA F 402 -4.56 -0.68 -37.72
C ALA F 402 -4.93 -2.04 -38.27
N PHE F 403 -6.11 -2.56 -37.87
CA PHE F 403 -6.53 -3.88 -38.35
C PHE F 403 -6.40 -3.99 -39.86
N HIS F 404 -7.06 -3.10 -40.60
CA HIS F 404 -7.11 -3.29 -42.05
C HIS F 404 -5.90 -2.73 -42.78
N VAL F 405 -5.48 -1.51 -42.48
CA VAL F 405 -4.40 -0.95 -43.30
C VAL F 405 -3.07 -1.41 -42.79
N GLY F 406 -2.96 -1.59 -41.48
CA GLY F 406 -1.71 -1.99 -40.85
C GLY F 406 -0.55 -1.09 -41.19
N LEU F 407 -0.73 0.23 -41.17
CA LEU F 407 0.34 1.19 -41.40
C LEU F 407 0.15 2.34 -40.43
N PRO F 408 1.24 2.95 -39.97
CA PRO F 408 1.12 4.07 -39.03
C PRO F 408 0.76 5.33 -39.79
N ALA F 409 -0.41 5.90 -39.49
CA ALA F 409 -0.80 7.15 -40.11
C ALA F 409 -1.25 8.15 -39.05
N LYS F 410 -1.16 9.44 -39.38
CA LYS F 410 -1.79 10.46 -38.56
C LYS F 410 -2.75 11.27 -39.41
N SER F 411 -3.99 11.38 -38.96
CA SER F 411 -4.92 12.28 -39.62
C SER F 411 -5.05 13.60 -38.85
N GLY F 412 -5.56 14.60 -39.56
CA GLY F 412 -5.84 15.90 -38.99
C GLY F 412 -7.02 16.51 -39.72
N VAL F 413 -7.65 17.49 -39.05
CA VAL F 413 -8.99 17.92 -39.43
C VAL F 413 -9.02 18.69 -40.77
N ALA F 414 -7.88 19.17 -41.24
CA ALA F 414 -7.84 19.91 -42.49
C ALA F 414 -7.92 19.01 -43.73
N GLY F 415 -8.04 17.70 -43.55
CA GLY F 415 -8.12 16.76 -44.68
C GLY F 415 -6.86 15.99 -45.02
N GLY F 416 -5.80 16.08 -44.20
CA GLY F 416 -4.54 15.42 -44.50
C GLY F 416 -4.39 14.09 -43.77
N ILE F 417 -3.75 13.13 -44.43
CA ILE F 417 -3.36 11.87 -43.79
C ILE F 417 -1.87 11.70 -44.08
N LEU F 418 -1.06 11.77 -43.04
CA LEU F 418 0.37 11.61 -43.16
C LEU F 418 0.72 10.16 -42.81
N LEU F 419 1.08 9.41 -43.83
CA LEU F 419 1.18 7.96 -43.74
C LEU F 419 2.61 7.49 -43.97
N VAL F 420 3.03 6.51 -43.19
CA VAL F 420 4.35 5.89 -43.30
C VAL F 420 4.14 4.45 -43.77
N VAL F 421 4.92 4.02 -44.77
CA VAL F 421 5.09 2.59 -44.96
C VAL F 421 6.52 2.28 -44.58
N PRO F 422 6.78 1.78 -43.39
CA PRO F 422 8.14 1.76 -42.86
C PRO F 422 9.09 1.00 -43.77
N ASN F 423 10.28 1.56 -43.94
CA ASN F 423 11.39 0.98 -44.71
C ASN F 423 11.13 0.95 -46.21
N VAL F 424 10.25 1.84 -46.71
CA VAL F 424 9.85 1.89 -48.11
C VAL F 424 9.65 3.33 -48.52
N MET F 425 8.61 3.96 -47.97
CA MET F 425 8.15 5.25 -48.46
C MET F 425 7.30 5.91 -47.41
N GLY F 426 7.15 7.22 -47.53
CA GLY F 426 6.21 8.00 -46.75
C GLY F 426 5.22 8.66 -47.68
N MET F 427 4.05 9.07 -47.19
CA MET F 427 3.07 9.68 -48.06
C MET F 427 2.46 10.90 -47.39
N MET F 428 1.70 11.65 -48.19
CA MET F 428 0.69 12.55 -47.65
C MET F 428 -0.48 12.56 -48.62
N CYS F 429 -1.65 12.13 -48.12
CA CYS F 429 -2.90 12.20 -48.85
C CYS F 429 -3.72 13.34 -48.28
N TRP F 430 -4.31 14.14 -49.15
CA TRP F 430 -5.03 15.32 -48.71
C TRP F 430 -6.26 15.59 -49.59
N SER F 431 -7.44 15.68 -48.94
CA SER F 431 -8.74 15.99 -49.53
C SER F 431 -9.67 16.43 -48.40
N PRO F 432 -10.08 17.70 -48.32
CA PRO F 432 -10.58 18.26 -47.04
C PRO F 432 -11.91 17.67 -46.57
N PRO F 433 -12.74 17.04 -47.41
CA PRO F 433 -13.96 16.44 -46.84
C PRO F 433 -13.66 15.30 -45.88
N LEU F 434 -14.08 15.44 -44.62
CA LEU F 434 -13.88 14.45 -43.59
C LEU F 434 -15.04 13.46 -43.51
N ASP F 435 -14.92 12.44 -42.65
CA ASP F 435 -16.06 11.55 -42.37
C ASP F 435 -16.46 11.71 -40.89
N LYS F 436 -17.29 10.79 -40.41
CA LYS F 436 -17.89 10.96 -39.09
C LYS F 436 -17.00 10.48 -37.95
N MET F 437 -15.70 10.34 -38.18
CA MET F 437 -14.73 10.18 -37.10
C MET F 437 -13.57 11.13 -37.28
N GLY F 438 -13.57 11.91 -38.36
CA GLY F 438 -12.65 13.02 -38.51
C GLY F 438 -11.61 12.87 -39.58
N ASN F 439 -11.71 11.85 -40.44
CA ASN F 439 -10.67 11.45 -41.39
C ASN F 439 -11.08 11.76 -42.82
N SER F 440 -10.11 12.20 -43.64
CA SER F 440 -10.36 12.47 -45.05
C SER F 440 -10.95 11.23 -45.71
N VAL F 441 -12.12 11.39 -46.32
CA VAL F 441 -12.79 10.24 -46.92
C VAL F 441 -11.92 9.61 -48.00
N LYS F 442 -11.47 10.43 -48.97
CA LYS F 442 -10.60 9.91 -50.03
C LYS F 442 -9.29 9.40 -49.46
N GLY F 443 -8.70 10.17 -48.53
CA GLY F 443 -7.48 9.73 -47.87
C GLY F 443 -7.62 8.38 -47.22
N ILE F 444 -8.76 8.13 -46.57
CA ILE F 444 -9.02 6.80 -46.01
C ILE F 444 -9.16 5.77 -47.12
N HIS F 445 -10.03 6.04 -48.09
CA HIS F 445 -10.26 5.07 -49.15
C HIS F 445 -8.95 4.66 -49.81
N PHE F 446 -8.12 5.65 -50.15
CA PHE F 446 -6.84 5.40 -50.81
C PHE F 446 -5.94 4.50 -49.98
N CYS F 447 -5.95 4.69 -48.66
CA CYS F 447 -5.16 3.83 -47.78
C CYS F 447 -5.58 2.37 -47.83
N HIS F 448 -6.89 2.09 -47.71
CA HIS F 448 -7.33 0.70 -47.85
C HIS F 448 -6.92 0.14 -49.21
N ASP F 449 -7.19 0.90 -50.28
CA ASP F 449 -6.83 0.43 -51.60
C ASP F 449 -5.36 0.13 -51.69
N LEU F 450 -4.51 1.00 -51.13
CA LEU F 450 -3.08 0.82 -51.28
C LEU F 450 -2.64 -0.54 -50.75
N VAL F 451 -3.04 -0.86 -49.51
CA VAL F 451 -2.68 -2.15 -48.90
C VAL F 451 -3.48 -3.34 -49.46
N SER F 452 -4.65 -3.12 -50.06
CA SER F 452 -5.30 -4.20 -50.80
C SER F 452 -4.49 -4.60 -52.03
N LEU F 453 -3.64 -3.69 -52.53
CA LEU F 453 -2.81 -3.87 -53.72
C LEU F 453 -1.43 -4.44 -53.40
N CYS F 454 -0.79 -3.91 -52.38
CA CYS F 454 0.62 -4.16 -52.14
C CYS F 454 0.81 -4.73 -50.74
N ASN F 455 1.77 -5.65 -50.61
CA ASN F 455 1.98 -6.30 -49.31
C ASN F 455 2.62 -5.36 -48.30
N PHE F 456 2.10 -4.14 -48.22
CA PHE F 456 2.66 -3.15 -47.31
C PHE F 456 2.08 -3.22 -45.92
N HIS F 457 1.02 -4.00 -45.73
CA HIS F 457 0.42 -4.15 -44.41
C HIS F 457 1.46 -4.67 -43.45
N ASN F 458 1.43 -4.16 -42.22
CA ASN F 458 2.58 -4.33 -41.32
C ASN F 458 2.81 -5.77 -40.89
N TYR F 459 1.78 -6.62 -40.97
CA TYR F 459 1.88 -8.04 -40.62
C TYR F 459 1.65 -8.93 -41.85
N ASP F 460 1.95 -8.38 -43.02
CA ASP F 460 2.03 -9.16 -44.25
C ASP F 460 3.35 -9.92 -44.29
N ASN F 461 3.31 -11.12 -44.83
CA ASN F 461 4.55 -11.82 -45.10
C ASN F 461 5.22 -11.23 -46.34
N LEU F 462 6.53 -11.11 -46.30
CA LEU F 462 7.25 -10.55 -47.44
C LEU F 462 7.75 -11.63 -48.41
N ARG F 463 7.35 -12.88 -48.20
CA ARG F 463 7.81 -14.00 -49.02
C ARG F 463 6.63 -14.85 -49.50
N HIS F 464 5.59 -14.99 -48.68
CA HIS F 464 4.38 -15.76 -48.97
C HIS F 464 3.15 -14.84 -48.83
N PHE F 465 2.92 -13.99 -49.84
CA PHE F 465 1.92 -12.94 -49.73
C PHE F 465 0.85 -13.02 -50.80
N ALA F 466 0.38 -14.23 -51.12
CA ALA F 466 -0.86 -14.37 -51.89
C ALA F 466 -0.71 -13.69 -53.26
N LYS F 467 -1.81 -13.13 -53.75
CA LYS F 467 -1.86 -12.41 -55.03
C LYS F 467 -1.56 -10.92 -54.87
N LYS F 468 -1.25 -10.49 -53.65
CA LYS F 468 -0.82 -9.13 -53.43
C LYS F 468 0.48 -8.86 -54.20
N LEU F 469 0.74 -7.58 -54.48
CA LEU F 469 1.79 -7.15 -55.39
C LEU F 469 2.89 -6.45 -54.60
N ASP F 470 4.16 -6.78 -54.89
CA ASP F 470 5.27 -6.21 -54.14
C ASP F 470 6.09 -5.29 -55.03
N PRO F 471 6.14 -3.99 -54.73
CA PRO F 471 6.95 -3.07 -55.54
C PRO F 471 8.44 -3.13 -55.24
N ARG F 472 8.86 -3.88 -54.23
CA ARG F 472 10.27 -4.04 -53.92
C ARG F 472 10.96 -5.13 -54.73
N ARG F 473 10.19 -6.04 -55.31
CA ARG F 473 10.73 -7.14 -56.09
C ARG F 473 10.70 -6.78 -57.57
N GLU F 474 11.61 -7.42 -58.31
CA GLU F 474 11.80 -7.11 -59.72
C GLU F 474 10.88 -7.93 -60.61
N GLY F 475 10.76 -9.23 -60.34
CA GLY F 475 9.98 -10.13 -61.19
C GLY F 475 9.68 -11.41 -60.44
N PRO G 66 -36.93 0.14 67.16
CA PRO G 66 -36.35 0.20 65.82
C PRO G 66 -35.97 -1.20 65.28
N SER G 67 -36.00 -1.47 63.96
CA SER G 67 -35.61 -2.80 63.48
C SER G 67 -35.27 -2.80 61.98
N LEU G 68 -34.22 -3.56 61.65
CA LEU G 68 -33.64 -3.54 60.31
C LEU G 68 -34.57 -4.17 59.29
N GLU G 69 -35.08 -5.38 59.58
CA GLU G 69 -36.05 -6.01 58.68
C GLU G 69 -37.31 -5.17 58.56
N ASP G 70 -37.82 -4.67 59.69
CA ASP G 70 -39.13 -4.04 59.66
C ASP G 70 -39.08 -2.70 58.95
N LEU G 71 -38.13 -1.82 59.31
CA LEU G 71 -38.09 -0.52 58.67
C LEU G 71 -37.88 -0.66 57.17
N LEU G 72 -36.94 -1.52 56.76
CA LEU G 72 -36.82 -1.88 55.35
C LEU G 72 -38.17 -2.30 54.76
N PHE G 73 -38.97 -3.06 55.53
CA PHE G 73 -40.29 -3.49 55.08
C PHE G 73 -41.25 -2.33 54.87
N TYR G 74 -41.14 -1.26 55.68
CA TYR G 74 -41.93 -0.07 55.40
C TYR G 74 -41.43 0.63 54.15
N THR G 75 -40.11 0.63 53.91
CA THR G 75 -39.55 1.33 52.75
C THR G 75 -40.20 0.83 51.47
N ILE G 76 -40.36 -0.49 51.37
CA ILE G 76 -40.98 -1.06 50.18
C ILE G 76 -42.49 -1.28 50.36
N ALA G 77 -42.99 -1.30 51.60
CA ALA G 77 -44.44 -1.35 51.82
C ALA G 77 -45.13 -0.22 51.08
N GLU G 78 -44.60 1.00 51.21
CA GLU G 78 -45.24 2.23 50.73
C GLU G 78 -46.53 2.48 51.51
N GLY G 79 -46.40 2.53 52.83
CA GLY G 79 -47.50 2.86 53.72
C GLY G 79 -48.57 1.79 53.82
N GLN G 80 -48.76 1.03 52.75
CA GLN G 80 -49.86 0.09 52.69
C GLN G 80 -49.59 -1.13 53.59
N GLU G 81 -50.58 -2.03 53.61
CA GLU G 81 -50.70 -3.09 54.62
C GLU G 81 -49.83 -4.30 54.28
N LYS G 82 -49.79 -4.67 53.01
CA LYS G 82 -49.20 -5.93 52.59
C LYS G 82 -48.45 -5.71 51.29
N ILE G 83 -47.31 -6.39 51.17
CA ILE G 83 -46.46 -6.32 49.98
C ILE G 83 -46.73 -7.56 49.15
N PRO G 84 -47.15 -7.42 47.90
CA PRO G 84 -47.22 -8.58 47.01
C PRO G 84 -45.84 -9.19 46.78
N VAL G 85 -45.83 -10.43 46.28
CA VAL G 85 -44.56 -11.12 46.08
C VAL G 85 -43.77 -10.46 44.96
N HIS G 86 -44.32 -10.47 43.74
CA HIS G 86 -43.67 -9.86 42.57
C HIS G 86 -43.15 -8.46 42.86
N LYS G 87 -43.91 -7.66 43.62
CA LYS G 87 -43.53 -6.27 43.88
C LYS G 87 -42.18 -6.20 44.58
N PHE G 88 -41.95 -7.11 45.52
CA PHE G 88 -40.63 -7.25 46.12
C PHE G 88 -39.60 -7.71 45.09
N ILE G 89 -39.90 -8.80 44.38
CA ILE G 89 -38.92 -9.36 43.45
C ILE G 89 -38.54 -8.37 42.37
N THR G 90 -39.45 -7.48 41.97
CA THR G 90 -39.09 -6.50 40.95
C THR G 90 -38.37 -5.29 41.56
N ALA G 91 -38.77 -4.87 42.77
CA ALA G 91 -37.97 -3.89 43.51
C ALA G 91 -36.54 -4.40 43.72
N LEU G 92 -36.36 -5.70 43.75
CA LEU G 92 -35.05 -6.31 43.94
C LEU G 92 -34.26 -6.31 42.64
N LYS G 93 -34.86 -6.84 41.57
CA LYS G 93 -34.24 -6.77 40.24
C LYS G 93 -33.86 -5.34 39.90
N SER G 94 -34.66 -4.38 40.39
CA SER G 94 -34.39 -2.98 40.10
C SER G 94 -33.04 -2.54 40.62
N THR G 95 -32.55 -3.15 41.70
CA THR G 95 -31.25 -2.76 42.21
C THR G 95 -30.12 -3.46 41.48
N GLY G 96 -30.44 -4.41 40.59
CA GLY G 96 -29.45 -5.09 39.80
C GLY G 96 -29.04 -6.45 40.32
N LEU G 97 -29.37 -6.78 41.57
CA LEU G 97 -29.13 -8.14 42.02
C LEU G 97 -29.99 -9.09 41.21
N ARG G 98 -29.48 -10.28 40.96
CA ARG G 98 -30.29 -11.31 40.32
C ARG G 98 -30.90 -12.20 41.38
N THR G 99 -32.12 -12.66 41.11
CA THR G 99 -32.76 -13.57 42.05
C THR G 99 -31.88 -14.78 42.35
N SER G 100 -31.12 -15.22 41.36
CA SER G 100 -30.14 -16.32 41.45
C SER G 100 -28.82 -15.93 42.15
N ASP G 101 -28.74 -14.78 42.81
CA ASP G 101 -27.55 -14.43 43.59
C ASP G 101 -27.29 -15.45 44.70
N PRO G 102 -26.07 -15.98 44.80
CA PRO G 102 -25.74 -16.91 45.90
C PRO G 102 -25.97 -16.33 47.29
N ARG G 103 -25.74 -15.05 47.51
CA ARG G 103 -25.86 -14.47 48.84
C ARG G 103 -27.31 -14.13 49.23
N LEU G 104 -28.28 -14.41 48.36
CA LEU G 104 -29.68 -14.27 48.72
C LEU G 104 -30.42 -15.59 48.76
N LYS G 105 -29.70 -16.72 48.62
CA LYS G 105 -30.36 -18.01 48.49
C LYS G 105 -31.23 -18.31 49.71
N GLU G 106 -30.69 -18.08 50.91
CA GLU G 106 -31.48 -18.33 52.11
C GLU G 106 -32.79 -17.57 52.06
N CYS G 107 -32.78 -16.39 51.44
CA CYS G 107 -33.99 -15.59 51.32
C CYS G 107 -34.93 -16.18 50.28
N MET G 108 -34.44 -16.40 49.06
CA MET G 108 -35.31 -17.00 48.06
C MET G 108 -35.74 -18.42 48.45
N ASP G 109 -35.02 -19.05 49.37
CA ASP G 109 -35.47 -20.34 49.89
C ASP G 109 -36.67 -20.16 50.81
N MET G 110 -36.58 -19.21 51.73
CA MET G 110 -37.74 -18.88 52.55
C MET G 110 -38.88 -18.42 51.65
N LEU G 111 -38.58 -17.68 50.57
CA LEU G 111 -39.61 -17.36 49.59
C LEU G 111 -40.13 -18.60 48.89
N ARG G 112 -39.26 -19.58 48.66
CA ARG G 112 -39.65 -20.82 47.98
C ARG G 112 -40.65 -21.61 48.83
N LEU G 113 -40.35 -21.76 50.13
CA LEU G 113 -41.30 -22.43 51.03
C LEU G 113 -42.62 -21.68 51.08
N THR G 114 -42.59 -20.44 51.57
CA THR G 114 -43.81 -19.66 51.76
C THR G 114 -44.75 -19.68 50.54
N LEU G 115 -44.22 -19.78 49.32
CA LEU G 115 -45.10 -19.76 48.15
C LEU G 115 -45.67 -21.12 47.79
N GLN G 116 -45.96 -21.97 48.79
CA GLN G 116 -46.85 -23.14 48.72
C GLN G 116 -47.74 -23.28 49.95
N THR G 117 -47.29 -22.84 51.14
CA THR G 117 -48.09 -22.88 52.36
C THR G 117 -49.39 -22.10 52.18
N THR G 118 -49.28 -20.88 51.71
CA THR G 118 -50.41 -19.97 51.54
C THR G 118 -50.38 -19.51 50.07
N SER G 119 -50.85 -20.38 49.16
CA SER G 119 -51.08 -19.98 47.78
C SER G 119 -52.18 -18.92 47.69
N ASP G 120 -53.01 -18.80 48.74
CA ASP G 120 -54.03 -17.76 48.93
C ASP G 120 -53.41 -16.47 49.47
N GLY G 121 -52.41 -15.98 48.75
CA GLY G 121 -51.90 -14.64 49.00
C GLY G 121 -52.01 -13.86 47.71
N VAL G 122 -50.88 -13.70 47.02
CA VAL G 122 -49.60 -14.19 47.53
C VAL G 122 -48.86 -12.99 48.15
N MET G 123 -49.22 -12.67 49.38
CA MET G 123 -48.86 -11.42 50.01
C MET G 123 -48.25 -11.67 51.38
N LEU G 124 -47.49 -10.70 51.87
CA LEU G 124 -46.64 -10.89 53.05
C LEU G 124 -47.00 -9.89 54.15
N ASP G 125 -46.81 -10.33 55.39
CA ASP G 125 -46.95 -9.51 56.58
C ASP G 125 -45.61 -8.83 56.91
N LYS G 126 -45.68 -7.79 57.75
CA LYS G 126 -44.46 -7.30 58.40
C LYS G 126 -43.71 -8.45 59.06
N ASP G 127 -44.45 -9.48 59.47
CA ASP G 127 -43.94 -10.61 60.22
C ASP G 127 -43.34 -11.68 59.31
N LEU G 128 -43.91 -11.87 58.13
CA LEU G 128 -43.59 -13.01 57.28
C LEU G 128 -42.55 -12.63 56.21
N PHE G 129 -42.65 -11.41 55.69
CA PHE G 129 -41.52 -10.76 55.02
C PHE G 129 -40.26 -10.92 55.86
N LYS G 130 -40.34 -10.50 57.13
CA LYS G 130 -39.20 -10.59 58.04
C LYS G 130 -38.70 -12.02 58.21
N LYS G 131 -39.59 -13.00 58.07
CA LYS G 131 -39.15 -14.40 58.08
C LYS G 131 -38.26 -14.71 56.88
N CYS G 132 -38.56 -14.12 55.72
CA CYS G 132 -37.76 -14.46 54.54
C CYS G 132 -36.46 -13.67 54.49
N VAL G 133 -36.47 -12.41 54.92
CA VAL G 133 -35.33 -11.53 54.67
C VAL G 133 -34.33 -11.52 55.81
N GLN G 134 -34.60 -12.24 56.90
CA GLN G 134 -33.76 -12.10 58.10
C GLN G 134 -32.30 -12.40 57.80
N SER G 135 -32.04 -13.52 57.09
CA SER G 135 -30.66 -13.97 56.88
C SER G 135 -29.89 -13.07 55.93
N ASN G 136 -30.57 -12.46 54.96
CA ASN G 136 -29.93 -11.64 53.93
C ASN G 136 -30.27 -10.16 54.10
N ILE G 137 -30.38 -9.71 55.35
CA ILE G 137 -30.93 -8.37 55.57
C ILE G 137 -29.89 -7.30 55.27
N VAL G 138 -28.65 -7.51 55.72
CA VAL G 138 -27.61 -6.50 55.52
C VAL G 138 -27.41 -6.28 54.04
N LEU G 139 -27.41 -7.35 53.25
CA LEU G 139 -27.25 -7.21 51.81
C LEU G 139 -28.49 -6.59 51.18
N LEU G 140 -29.67 -7.04 51.59
CA LEU G 140 -30.89 -6.49 51.03
C LEU G 140 -31.05 -5.01 51.35
N THR G 141 -30.69 -4.60 52.57
CA THR G 141 -30.84 -3.21 52.95
C THR G 141 -29.93 -2.32 52.11
N GLN G 142 -28.65 -2.72 51.97
CA GLN G 142 -27.71 -1.95 51.17
C GLN G 142 -28.24 -1.73 49.76
N ALA G 143 -28.79 -2.78 49.15
CA ALA G 143 -29.33 -2.69 47.81
C ALA G 143 -30.50 -1.72 47.74
N PHE G 144 -31.29 -1.64 48.80
CA PHE G 144 -32.54 -0.90 48.77
C PHE G 144 -32.41 0.52 49.36
N ARG G 145 -31.31 0.81 50.04
CA ARG G 145 -30.99 2.19 50.36
C ARG G 145 -29.92 2.76 49.43
N ARG G 146 -29.80 2.20 48.23
CA ARG G 146 -28.94 2.73 47.18
C ARG G 146 -27.53 2.97 47.71
N LYS G 147 -27.03 1.99 48.45
CA LYS G 147 -25.67 2.03 48.95
C LYS G 147 -24.68 1.39 47.97
N PHE G 148 -25.15 0.57 47.04
CA PHE G 148 -24.24 -0.10 46.11
C PHE G 148 -23.41 0.90 45.30
N VAL G 149 -22.35 0.36 44.68
CA VAL G 149 -21.32 1.20 44.09
C VAL G 149 -21.89 2.09 43.01
N ILE G 150 -22.94 1.62 42.36
CA ILE G 150 -23.71 2.40 41.39
C ILE G 150 -25.13 2.49 41.95
N PRO G 151 -25.59 3.65 42.47
CA PRO G 151 -26.91 3.68 43.13
C PRO G 151 -28.04 3.49 42.14
N ASP G 152 -28.05 4.29 41.08
CA ASP G 152 -29.03 4.19 40.00
C ASP G 152 -28.51 3.25 38.90
N PHE G 153 -28.60 1.96 39.20
CA PHE G 153 -28.20 0.93 38.24
C PHE G 153 -29.14 0.87 37.04
N MET G 154 -30.40 1.27 37.20
CA MET G 154 -31.32 1.14 36.07
C MET G 154 -31.00 2.13 34.97
N SER G 155 -30.47 3.31 35.32
CA SER G 155 -30.08 4.20 34.25
C SER G 155 -28.78 3.76 33.60
N PHE G 156 -27.81 3.29 34.41
CA PHE G 156 -26.53 2.81 33.89
C PHE G 156 -26.73 1.75 32.81
N THR G 157 -27.66 0.82 33.03
CA THR G 157 -27.95 -0.20 32.03
C THR G 157 -28.59 0.39 30.76
N SER G 158 -29.21 1.56 30.81
CA SER G 158 -29.62 2.20 29.57
C SER G 158 -28.42 2.60 28.74
N HIS G 159 -27.41 3.19 29.39
CA HIS G 159 -26.19 3.57 28.67
C HIS G 159 -25.41 2.37 28.19
N ILE G 160 -25.34 1.30 29.00
CA ILE G 160 -24.66 0.10 28.54
C ILE G 160 -25.36 -0.44 27.30
N ASP G 161 -26.68 -0.27 27.21
CA ASP G 161 -27.41 -0.71 26.03
C ASP G 161 -27.12 0.17 24.82
N GLU G 162 -27.15 1.49 24.99
CA GLU G 162 -26.80 2.39 23.88
C GLU G 162 -25.38 2.11 23.38
N LEU G 163 -24.39 2.01 24.28
CA LEU G 163 -23.03 1.68 23.86
C LEU G 163 -23.03 0.39 23.04
N TYR G 164 -23.77 -0.62 23.50
CA TYR G 164 -23.82 -1.90 22.80
C TYR G 164 -24.39 -1.75 21.40
N GLU G 165 -25.33 -0.82 21.21
CA GLU G 165 -25.91 -0.63 19.88
C GLU G 165 -24.99 0.18 18.98
N SER G 166 -24.17 1.06 19.57
CA SER G 166 -23.27 1.82 18.73
C SER G 166 -22.12 0.96 18.27
N ALA G 167 -21.86 -0.12 19.00
CA ALA G 167 -20.81 -1.05 18.61
C ALA G 167 -21.36 -2.14 17.71
N LYS G 168 -22.63 -2.51 17.90
CA LYS G 168 -23.24 -3.50 17.03
C LYS G 168 -23.11 -3.07 15.56
N LYS G 169 -23.00 -1.77 15.31
CA LYS G 169 -22.85 -1.16 13.99
C LYS G 169 -21.43 -1.25 13.42
N GLN G 170 -20.46 -1.72 14.19
CA GLN G 170 -19.07 -1.74 13.74
C GLN G 170 -18.75 -3.14 13.20
N SER G 171 -18.95 -3.29 11.89
CA SER G 171 -19.03 -4.60 11.24
C SER G 171 -17.72 -5.03 10.59
N GLY G 172 -16.64 -4.27 10.78
CA GLY G 172 -15.34 -4.65 10.27
C GLY G 172 -14.75 -5.83 11.01
N GLY G 173 -13.52 -6.17 10.63
CA GLY G 173 -12.76 -7.24 11.28
C GLY G 173 -12.86 -8.56 10.54
N LYS G 174 -11.87 -9.42 10.77
CA LYS G 174 -11.88 -10.79 10.28
C LYS G 174 -11.85 -11.75 11.46
N VAL G 175 -12.74 -12.73 11.42
CA VAL G 175 -12.79 -13.77 12.44
C VAL G 175 -11.54 -14.64 12.35
N ALA G 176 -10.91 -14.89 13.50
CA ALA G 176 -9.79 -15.81 13.54
C ALA G 176 -10.13 -17.12 12.81
N ASP G 177 -9.31 -17.46 11.82
CA ASP G 177 -9.54 -18.67 11.04
C ASP G 177 -8.44 -19.71 11.17
N TYR G 178 -7.37 -19.44 11.92
CA TYR G 178 -6.20 -20.31 11.85
C TYR G 178 -6.50 -21.72 12.36
N ILE G 179 -7.57 -21.91 13.14
CA ILE G 179 -8.11 -23.24 13.39
C ILE G 179 -9.60 -23.22 13.08
N PRO G 180 -10.19 -24.40 12.80
CA PRO G 180 -11.60 -24.41 12.34
C PRO G 180 -12.61 -24.06 13.42
N GLN G 181 -12.24 -24.16 14.70
CA GLN G 181 -13.16 -23.90 15.81
C GLN G 181 -13.42 -22.41 16.02
N LEU G 182 -12.45 -21.57 15.69
CA LEU G 182 -12.67 -20.14 15.78
C LEU G 182 -13.39 -19.59 14.56
N ALA G 183 -13.14 -20.18 13.39
CA ALA G 183 -13.73 -19.68 12.16
C ALA G 183 -15.15 -20.17 11.94
N LYS G 184 -15.63 -21.10 12.77
CA LYS G 184 -17.04 -21.51 12.71
C LYS G 184 -17.96 -20.51 13.38
N PHE G 185 -17.43 -19.62 14.22
CA PHE G 185 -18.27 -18.68 14.93
C PHE G 185 -18.77 -17.57 13.99
N SER G 186 -19.98 -17.10 14.26
CA SER G 186 -20.58 -16.08 13.43
C SER G 186 -19.91 -14.72 13.67
N PRO G 187 -19.73 -13.93 12.60
CA PRO G 187 -19.20 -12.57 12.73
C PRO G 187 -20.17 -11.57 13.34
N ASP G 188 -21.34 -12.01 13.78
CA ASP G 188 -22.37 -11.14 14.34
C ASP G 188 -22.69 -11.42 15.79
N LEU G 189 -22.18 -12.50 16.36
CA LEU G 189 -22.24 -12.65 17.79
C LEU G 189 -21.52 -11.49 18.45
N TRP G 190 -22.16 -10.92 19.48
CA TRP G 190 -21.68 -9.70 20.12
C TRP G 190 -22.36 -9.62 21.48
N GLY G 191 -21.58 -9.70 22.55
CA GLY G 191 -22.17 -9.61 23.88
C GLY G 191 -21.37 -8.82 24.89
N VAL G 192 -22.06 -8.01 25.69
CA VAL G 192 -21.42 -7.30 26.78
C VAL G 192 -22.05 -7.76 28.09
N SER G 193 -21.25 -7.81 29.16
CA SER G 193 -21.74 -8.29 30.45
C SER G 193 -21.08 -7.52 31.57
N VAL G 194 -21.87 -7.09 32.52
CA VAL G 194 -21.39 -6.31 33.64
C VAL G 194 -21.67 -7.06 34.92
N CYS G 195 -20.79 -6.88 35.90
CA CYS G 195 -21.01 -7.33 37.27
C CYS G 195 -20.15 -6.42 38.14
N THR G 196 -20.75 -5.85 39.19
CA THR G 196 -20.06 -4.81 39.94
C THR G 196 -19.38 -5.40 41.17
N ALA G 197 -18.69 -4.55 41.93
CA ALA G 197 -18.13 -4.97 43.21
C ALA G 197 -19.23 -5.39 44.19
N ASP G 198 -20.48 -5.04 43.93
CA ASP G 198 -21.63 -5.35 44.77
C ASP G 198 -22.53 -6.44 44.21
N GLY G 199 -22.21 -7.00 43.04
CA GLY G 199 -23.01 -8.07 42.47
C GLY G 199 -24.17 -7.65 41.61
N GLN G 200 -24.21 -6.38 41.17
CA GLN G 200 -25.26 -5.91 40.28
C GLN G 200 -24.98 -6.39 38.85
N ARG G 201 -25.97 -6.98 38.19
CA ARG G 201 -25.73 -7.68 36.93
C ARG G 201 -26.54 -7.08 35.78
N HIS G 202 -25.94 -7.07 34.58
CA HIS G 202 -26.66 -6.63 33.38
C HIS G 202 -25.98 -7.17 32.13
N SER G 203 -26.78 -7.51 31.11
CA SER G 203 -26.27 -8.08 29.87
C SER G 203 -27.10 -7.63 28.67
N THR G 204 -26.41 -7.33 27.57
CA THR G 204 -27.01 -7.10 26.26
C THR G 204 -26.31 -8.02 25.28
N GLY G 205 -27.07 -8.70 24.44
CA GLY G 205 -26.49 -9.56 23.41
C GLY G 205 -26.32 -11.00 23.83
N ASP G 206 -25.35 -11.63 23.19
CA ASP G 206 -25.15 -13.09 23.28
C ASP G 206 -24.20 -13.42 24.43
N THR G 207 -24.71 -13.21 25.63
CA THR G 207 -23.86 -13.28 26.79
C THR G 207 -23.84 -14.65 27.45
N LYS G 208 -24.63 -15.60 26.94
CA LYS G 208 -24.65 -16.97 27.43
C LYS G 208 -24.13 -17.99 26.42
N VAL G 209 -23.51 -17.54 25.33
CA VAL G 209 -22.83 -18.38 24.34
C VAL G 209 -21.44 -18.76 24.83
N PRO G 210 -21.10 -20.03 24.99
CA PRO G 210 -19.74 -20.36 25.45
C PRO G 210 -18.73 -20.15 24.34
N PHE G 211 -17.60 -19.55 24.70
CA PHE G 211 -16.45 -19.42 23.82
C PHE G 211 -15.18 -19.65 24.64
N CYS G 212 -14.03 -19.52 23.99
CA CYS G 212 -12.76 -19.89 24.60
C CYS G 212 -12.02 -18.63 25.05
N LEU G 213 -11.59 -18.65 26.32
CA LEU G 213 -10.74 -17.59 26.87
C LEU G 213 -9.58 -17.25 25.95
N GLN G 214 -8.84 -18.27 25.52
CA GLN G 214 -7.58 -18.11 24.80
C GLN G 214 -6.69 -17.25 25.69
N SER G 215 -6.02 -16.23 25.17
CA SER G 215 -5.08 -15.50 25.99
C SER G 215 -5.76 -14.57 26.98
N CYS G 216 -7.09 -14.61 27.08
CA CYS G 216 -7.74 -14.00 28.24
C CYS G 216 -7.43 -14.77 29.53
N VAL G 217 -7.10 -16.05 29.41
CA VAL G 217 -6.75 -16.83 30.60
C VAL G 217 -5.44 -16.35 31.20
N LYS G 218 -4.55 -15.75 30.40
CA LYS G 218 -3.20 -15.40 30.84
C LYS G 218 -3.16 -14.66 32.16
N PRO G 219 -3.92 -13.57 32.36
CA PRO G 219 -3.89 -12.89 33.68
C PRO G 219 -4.36 -13.79 34.80
N LEU G 220 -5.35 -14.64 34.53
CA LEU G 220 -5.97 -15.45 35.58
C LEU G 220 -5.01 -16.49 36.13
N LYS G 221 -4.10 -17.04 35.30
CA LYS G 221 -3.14 -18.02 35.81
C LYS G 221 -1.96 -17.35 36.49
N TYR G 222 -1.43 -16.30 35.84
CA TYR G 222 -0.54 -15.37 36.53
C TYR G 222 -1.09 -15.00 37.88
N ALA G 223 -2.39 -14.66 37.95
CA ALA G 223 -3.03 -14.40 39.24
C ALA G 223 -2.87 -15.59 40.17
N ILE G 224 -3.30 -16.77 39.72
CA ILE G 224 -3.13 -17.99 40.50
C ILE G 224 -1.67 -18.16 40.89
N ALA G 225 -0.77 -17.92 39.93
CA ALA G 225 0.65 -18.15 40.19
C ALA G 225 1.13 -17.33 41.40
N VAL G 226 1.02 -16.00 41.31
CA VAL G 226 1.44 -15.09 42.38
C VAL G 226 0.62 -15.30 43.66
N ASN G 227 -0.63 -15.75 43.54
CA ASN G 227 -1.42 -15.99 44.75
C ASN G 227 -0.83 -17.12 45.59
N ASP G 228 -0.32 -18.16 44.93
CA ASP G 228 0.18 -19.36 45.59
C ASP G 228 1.64 -19.26 46.03
N LEU G 229 2.49 -18.63 45.23
CA LEU G 229 3.90 -18.54 45.55
C LEU G 229 4.34 -17.15 45.99
N GLY G 230 3.87 -16.11 45.31
CA GLY G 230 4.27 -14.76 45.62
C GLY G 230 4.78 -14.00 44.42
N THR G 231 4.66 -12.68 44.48
CA THR G 231 5.35 -11.78 43.55
C THR G 231 6.82 -12.14 43.33
N GLU G 232 7.56 -12.34 44.42
CA GLU G 232 9.01 -12.48 44.33
C GLU G 232 9.38 -13.76 43.60
N TYR G 233 8.83 -14.89 44.01
CA TYR G 233 9.20 -16.14 43.34
C TYR G 233 8.80 -16.09 41.88
N VAL G 234 7.59 -15.57 41.59
CA VAL G 234 7.11 -15.60 40.22
C VAL G 234 7.96 -14.74 39.30
N HIS G 235 8.55 -13.66 39.81
CA HIS G 235 9.27 -12.76 38.91
C HIS G 235 10.77 -13.06 38.84
N ARG G 236 11.23 -14.19 39.39
CA ARG G 236 12.50 -14.77 38.94
C ARG G 236 12.39 -15.32 37.52
N TYR G 237 11.18 -15.68 37.09
CA TYR G 237 10.98 -16.35 35.80
C TYR G 237 10.28 -15.44 34.79
N VAL G 238 9.88 -14.23 35.15
CA VAL G 238 9.12 -13.42 34.22
C VAL G 238 9.26 -11.93 34.53
N GLY G 239 9.59 -11.16 33.50
CA GLY G 239 9.73 -9.73 33.64
C GLY G 239 8.41 -9.15 34.06
N LYS G 240 8.42 -7.82 34.30
CA LYS G 240 7.20 -7.09 34.65
C LYS G 240 6.93 -5.86 33.78
N GLU G 241 7.55 -5.73 32.61
CA GLU G 241 7.30 -4.58 31.75
C GLU G 241 6.79 -5.02 30.39
N PRO G 242 6.23 -4.11 29.60
CA PRO G 242 6.06 -4.37 28.17
C PRO G 242 7.34 -4.01 27.44
N SER G 243 7.53 -4.64 26.29
CA SER G 243 8.88 -4.78 25.75
C SER G 243 9.25 -3.70 24.73
N GLY G 244 8.29 -3.18 23.98
CA GLY G 244 8.59 -2.30 22.87
C GLY G 244 7.99 -2.78 21.56
N LEU G 245 7.43 -1.87 20.77
CA LEU G 245 6.56 -2.25 19.66
C LEU G 245 7.31 -2.81 18.45
N ARG G 246 8.62 -2.67 18.36
CA ARG G 246 9.40 -3.50 17.43
C ARG G 246 10.00 -4.73 18.12
N PHE G 247 9.88 -4.82 19.45
CA PHE G 247 10.51 -5.88 20.23
C PHE G 247 9.53 -7.01 20.60
N ASN G 248 8.36 -7.12 19.93
CA ASN G 248 7.37 -8.16 20.20
C ASN G 248 7.59 -9.46 19.42
N LYS G 249 8.55 -9.48 18.48
CA LYS G 249 8.96 -10.73 17.87
C LYS G 249 9.89 -11.52 18.78
N LEU G 250 10.60 -10.84 19.69
CA LEU G 250 11.54 -11.49 20.58
C LEU G 250 10.82 -12.25 21.69
N PHE G 251 11.51 -13.24 22.24
CA PHE G 251 10.94 -14.00 23.35
C PHE G 251 11.38 -13.46 24.70
N LEU G 252 12.65 -13.08 24.81
CA LEU G 252 13.26 -12.78 26.09
C LEU G 252 13.75 -11.34 26.16
N ASN G 253 13.85 -10.84 27.39
CA ASN G 253 14.43 -9.55 27.68
C ASN G 253 15.94 -9.75 27.93
N GLU G 254 16.62 -8.71 28.43
CA GLU G 254 18.05 -8.82 28.68
C GLU G 254 18.36 -9.78 29.82
N ASP G 255 17.53 -9.81 30.85
CA ASP G 255 17.77 -10.72 31.97
C ASP G 255 17.44 -12.18 31.62
N ASP G 256 17.10 -12.44 30.35
CA ASP G 256 16.83 -13.79 29.83
C ASP G 256 15.55 -14.42 30.40
N LYS G 257 14.61 -13.58 30.97
CA LYS G 257 13.24 -13.86 31.38
C LYS G 257 12.26 -13.36 30.30
N PRO G 258 11.09 -13.98 30.08
CA PRO G 258 10.14 -13.40 29.13
C PRO G 258 9.58 -12.11 29.70
N HIS G 259 9.19 -11.21 28.79
CA HIS G 259 9.11 -9.80 29.15
C HIS G 259 8.06 -9.52 30.22
N ASN G 260 7.01 -10.31 30.25
CA ASN G 260 5.87 -10.17 31.15
C ASN G 260 4.96 -11.38 30.94
N PRO G 261 3.97 -11.61 31.81
CA PRO G 261 3.12 -12.80 31.67
C PRO G 261 2.01 -12.68 30.66
N MET G 262 1.85 -11.55 30.00
CA MET G 262 0.79 -11.40 29.02
C MET G 262 1.23 -11.78 27.62
N VAL G 263 2.52 -12.03 27.45
CA VAL G 263 3.06 -12.50 26.19
C VAL G 263 3.08 -14.02 26.22
N ASN G 264 3.24 -14.65 25.04
CA ASN G 264 3.17 -16.10 24.97
C ASN G 264 4.38 -16.74 25.61
N ALA G 265 5.56 -16.17 25.43
CA ALA G 265 6.71 -16.70 26.16
C ALA G 265 6.47 -16.65 27.65
N GLY G 266 5.91 -15.54 28.13
CA GLY G 266 5.71 -15.35 29.57
C GLY G 266 4.61 -16.23 30.14
N ALA G 267 3.46 -16.26 29.45
CA ALA G 267 2.41 -17.22 29.75
C ALA G 267 2.96 -18.64 29.84
N ILE G 268 3.55 -19.14 28.73
CA ILE G 268 4.19 -20.45 28.70
C ILE G 268 5.12 -20.66 29.91
N VAL G 269 5.73 -19.59 30.41
CA VAL G 269 6.56 -19.72 31.59
C VAL G 269 5.72 -19.69 32.85
N VAL G 270 4.71 -18.81 32.91
CA VAL G 270 3.83 -18.81 34.08
C VAL G 270 3.27 -20.20 34.30
N THR G 271 2.80 -20.84 33.23
CA THR G 271 2.16 -22.14 33.36
C THR G 271 3.06 -23.14 34.07
N SER G 272 4.38 -22.98 33.97
CA SER G 272 5.27 -23.95 34.60
C SER G 272 5.38 -23.75 36.11
N LEU G 273 4.84 -22.68 36.65
CA LEU G 273 4.98 -22.46 38.07
C LEU G 273 3.81 -23.01 38.91
N ILE G 274 2.61 -23.09 38.32
CA ILE G 274 1.40 -23.52 39.00
C ILE G 274 1.50 -25.01 39.38
N LYS G 275 1.39 -25.28 40.67
CA LYS G 275 1.28 -26.64 41.19
C LYS G 275 2.35 -27.56 40.58
N GLN G 276 3.61 -27.16 40.78
CA GLN G 276 4.75 -27.98 40.37
C GLN G 276 4.75 -29.29 41.16
N GLY G 277 5.32 -30.33 40.55
CA GLY G 277 5.38 -31.62 41.22
C GLY G 277 4.10 -32.42 41.18
N VAL G 278 3.19 -32.08 40.27
CA VAL G 278 1.88 -32.71 40.13
C VAL G 278 1.65 -32.91 38.63
N ASN G 279 0.83 -33.89 38.29
CA ASN G 279 0.61 -34.22 36.89
C ASN G 279 -0.41 -33.28 36.24
N ASN G 280 -0.46 -33.35 34.91
CA ASN G 280 -1.26 -32.41 34.14
C ASN G 280 -2.76 -32.61 34.32
N ALA G 281 -3.19 -33.69 34.97
CA ALA G 281 -4.62 -33.84 35.25
C ALA G 281 -5.01 -33.03 36.47
N GLU G 282 -4.34 -33.26 37.59
CA GLU G 282 -4.65 -32.50 38.80
C GLU G 282 -4.32 -31.04 38.61
N LYS G 283 -3.21 -30.74 37.92
CA LYS G 283 -2.84 -29.36 37.61
C LYS G 283 -4.01 -28.61 36.97
N PHE G 284 -4.54 -29.15 35.86
CA PHE G 284 -5.75 -28.59 35.25
C PHE G 284 -6.88 -28.44 36.28
N ASP G 285 -7.12 -29.51 37.07
CA ASP G 285 -8.24 -29.53 38.00
C ASP G 285 -8.12 -28.42 39.04
N TYR G 286 -6.92 -28.25 39.61
CA TYR G 286 -6.69 -27.12 40.51
C TYR G 286 -7.10 -25.83 39.82
N VAL G 287 -6.54 -25.56 38.63
CA VAL G 287 -6.86 -24.32 37.91
C VAL G 287 -8.36 -24.21 37.67
N MET G 288 -9.00 -25.31 37.28
CA MET G 288 -10.45 -25.30 37.13
C MET G 288 -11.15 -24.92 38.43
N GLN G 289 -10.90 -25.66 39.52
CA GLN G 289 -11.42 -25.29 40.84
C GLN G 289 -11.17 -23.82 41.15
N PHE G 290 -9.94 -23.34 40.92
CA PHE G 290 -9.63 -21.95 41.19
C PHE G 290 -10.53 -21.02 40.39
N LEU G 291 -10.72 -21.32 39.10
CA LEU G 291 -11.52 -20.42 38.29
C LEU G 291 -12.98 -20.44 38.74
N ASN G 292 -13.44 -21.59 39.25
CA ASN G 292 -14.82 -21.66 39.75
C ASN G 292 -15.06 -20.58 40.79
N LYS G 293 -14.28 -20.62 41.87
CA LYS G 293 -14.43 -19.59 42.90
C LYS G 293 -14.46 -18.19 42.31
N MET G 294 -13.75 -17.96 41.19
CA MET G 294 -13.67 -16.61 40.60
C MET G 294 -14.97 -16.19 39.94
N ALA G 295 -15.62 -17.09 39.20
CA ALA G 295 -16.87 -16.75 38.55
C ALA G 295 -18.09 -17.06 39.43
N GLY G 296 -17.88 -17.30 40.73
CA GLY G 296 -18.99 -17.65 41.61
C GLY G 296 -19.79 -18.82 41.11
N ASN G 297 -19.11 -19.77 40.47
CA ASN G 297 -19.69 -21.04 40.06
C ASN G 297 -20.69 -20.86 38.91
N GLU G 298 -20.51 -19.77 38.16
CA GLU G 298 -21.25 -19.64 36.91
C GLU G 298 -20.50 -20.47 35.86
N TYR G 299 -20.70 -20.20 34.57
CA TYR G 299 -20.30 -21.17 33.55
C TYR G 299 -18.80 -21.14 33.31
N VAL G 300 -18.14 -22.23 33.65
CA VAL G 300 -16.79 -22.52 33.17
C VAL G 300 -16.80 -23.91 32.53
N GLY G 301 -16.09 -24.03 31.41
CA GLY G 301 -15.99 -25.30 30.72
C GLY G 301 -14.72 -25.49 29.93
N PHE G 302 -14.78 -26.34 28.91
CA PHE G 302 -13.60 -26.76 28.15
C PHE G 302 -14.01 -27.19 26.77
N SER G 303 -13.10 -27.04 25.83
CA SER G 303 -13.35 -27.44 24.44
C SER G 303 -12.22 -28.35 24.00
N ASN G 304 -12.39 -29.65 24.19
CA ASN G 304 -11.44 -30.59 23.64
C ASN G 304 -11.24 -30.35 22.15
N ALA G 305 -12.29 -29.93 21.44
CA ALA G 305 -12.19 -29.52 20.04
C ALA G 305 -11.09 -28.50 19.82
N THR G 306 -11.15 -27.35 20.52
CA THR G 306 -10.13 -26.31 20.40
C THR G 306 -8.77 -26.80 20.88
N PHE G 307 -8.74 -27.48 22.02
CA PHE G 307 -7.45 -27.90 22.59
C PHE G 307 -6.73 -28.86 21.64
N GLN G 308 -7.48 -29.60 20.85
CA GLN G 308 -6.83 -30.44 19.84
C GLN G 308 -6.26 -29.58 18.71
N SER G 309 -7.11 -28.82 18.02
CA SER G 309 -6.62 -28.02 16.90
C SER G 309 -5.54 -27.03 17.31
N GLU G 310 -5.40 -26.74 18.60
CA GLU G 310 -4.41 -25.76 19.01
C GLU G 310 -3.04 -26.38 19.29
N ARG G 311 -2.99 -27.68 19.64
CA ARG G 311 -1.71 -28.33 19.92
C ARG G 311 -1.04 -28.85 18.65
N GLU G 312 -1.82 -29.21 17.62
CA GLU G 312 -1.22 -29.60 16.36
C GLU G 312 -0.59 -28.44 15.61
N SER G 313 -0.80 -27.21 16.08
CA SER G 313 -0.59 -26.03 15.25
C SER G 313 0.29 -24.98 15.90
N GLY G 314 0.45 -25.01 17.21
CA GLY G 314 1.30 -24.03 17.88
C GLY G 314 2.76 -24.32 17.65
N ASP G 315 3.15 -24.45 16.38
CA ASP G 315 4.56 -24.60 16.06
C ASP G 315 5.35 -23.45 16.67
N ARG G 316 4.77 -22.24 16.66
CA ARG G 316 5.48 -21.14 17.31
C ARG G 316 5.54 -21.37 18.79
N ASN G 317 4.44 -21.85 19.37
CA ASN G 317 4.45 -22.14 20.79
C ASN G 317 5.55 -23.14 21.11
N PHE G 318 5.71 -24.16 20.26
CA PHE G 318 6.80 -25.12 20.43
C PHE G 318 8.16 -24.45 20.25
N ALA G 319 8.28 -23.65 19.19
CA ALA G 319 9.48 -22.83 19.00
C ALA G 319 9.85 -22.14 20.31
N ILE G 320 8.88 -21.43 20.88
CA ILE G 320 9.09 -20.73 22.14
C ILE G 320 9.48 -21.70 23.23
N GLY G 321 8.75 -22.80 23.33
CA GLY G 321 9.02 -23.76 24.39
C GLY G 321 10.42 -24.31 24.29
N TYR G 322 10.86 -24.61 23.07
CA TYR G 322 12.22 -25.07 22.92
C TYR G 322 13.22 -23.96 23.25
N TYR G 323 12.97 -22.73 22.78
CA TYR G 323 13.87 -21.62 23.11
C TYR G 323 14.05 -21.46 24.61
N LEU G 324 12.94 -21.49 25.36
CA LEU G 324 12.96 -21.20 26.79
C LEU G 324 13.68 -22.30 27.55
N LYS G 325 13.54 -23.54 27.04
CA LYS G 325 14.27 -24.68 27.60
C LYS G 325 15.77 -24.52 27.38
N GLU G 326 16.17 -24.16 26.15
CA GLU G 326 17.59 -23.95 25.88
C GLU G 326 18.18 -22.93 26.83
N LYS G 327 17.53 -21.74 26.97
CA LYS G 327 18.00 -20.67 27.82
C LYS G 327 17.63 -20.86 29.30
N LYS G 328 17.16 -22.06 29.66
CA LYS G 328 17.01 -22.51 31.05
C LYS G 328 16.04 -21.62 31.83
N CYS G 329 14.89 -21.31 31.21
CA CYS G 329 13.95 -20.34 31.75
C CYS G 329 12.93 -20.90 32.72
N PHE G 330 12.65 -22.21 32.65
CA PHE G 330 11.73 -22.93 33.54
C PHE G 330 12.38 -23.28 34.88
N PRO G 331 11.58 -23.65 35.88
CA PRO G 331 12.16 -24.09 37.15
C PRO G 331 12.69 -25.51 37.07
N GLU G 332 13.54 -25.84 38.05
CA GLU G 332 14.24 -27.13 38.06
C GLU G 332 13.23 -28.26 37.88
N GLY G 333 13.62 -29.27 37.11
CA GLY G 333 12.77 -30.44 36.95
C GLY G 333 11.48 -30.25 36.18
N THR G 334 11.45 -29.34 35.22
CA THR G 334 10.29 -29.16 34.36
C THR G 334 10.25 -30.24 33.28
N ASP G 335 9.04 -30.54 32.79
CA ASP G 335 8.80 -31.29 31.56
C ASP G 335 8.24 -30.29 30.55
N MET G 336 9.06 -29.88 29.61
CA MET G 336 8.63 -28.79 28.75
C MET G 336 7.43 -29.18 27.88
N VAL G 337 7.46 -30.36 27.27
CA VAL G 337 6.40 -30.70 26.34
C VAL G 337 5.06 -30.85 27.05
N GLY G 338 5.07 -31.16 28.34
CA GLY G 338 3.81 -31.23 29.06
C GLY G 338 3.22 -29.90 29.45
N ILE G 339 4.08 -28.95 29.84
CA ILE G 339 3.58 -27.61 30.16
C ILE G 339 2.94 -26.99 28.93
N LEU G 340 3.41 -27.32 27.74
CA LEU G 340 2.74 -26.83 26.55
C LEU G 340 1.35 -27.44 26.41
N ASP G 341 1.21 -28.74 26.65
CA ASP G 341 -0.13 -29.34 26.70
C ASP G 341 -0.99 -28.62 27.73
N PHE G 342 -0.41 -28.27 28.89
CA PHE G 342 -1.15 -27.59 29.95
C PHE G 342 -1.56 -26.17 29.53
N TYR G 343 -0.62 -25.40 28.94
CA TYR G 343 -0.94 -24.07 28.41
C TYR G 343 -1.97 -24.15 27.28
N PHE G 344 -1.91 -25.20 26.48
CA PHE G 344 -2.93 -25.41 25.46
C PHE G 344 -4.30 -25.67 26.09
N GLN G 345 -4.35 -26.61 27.04
CA GLN G 345 -5.59 -26.82 27.80
C GLN G 345 -6.13 -25.49 28.32
N LEU G 346 -5.28 -24.74 29.06
CA LEU G 346 -5.71 -23.50 29.68
C LEU G 346 -6.31 -22.55 28.67
N CYS G 347 -5.72 -22.44 27.48
CA CYS G 347 -6.27 -21.57 26.44
C CYS G 347 -7.61 -22.05 25.90
N SER G 348 -7.96 -23.31 26.14
CA SER G 348 -9.20 -23.85 25.62
C SER G 348 -10.28 -23.97 26.69
N ILE G 349 -10.08 -23.30 27.83
CA ILE G 349 -11.11 -23.18 28.85
C ILE G 349 -12.22 -22.29 28.31
N GLU G 350 -13.47 -22.64 28.61
CA GLU G 350 -14.62 -21.94 28.06
C GLU G 350 -15.32 -21.11 29.12
N VAL G 351 -15.99 -20.05 28.63
CA VAL G 351 -16.70 -19.07 29.43
C VAL G 351 -17.86 -18.55 28.58
N THR G 352 -18.82 -17.92 29.24
CA THR G 352 -19.79 -17.08 28.57
C THR G 352 -19.46 -15.63 28.90
N CYS G 353 -20.15 -14.72 28.21
CA CYS G 353 -19.93 -13.32 28.59
C CYS G 353 -20.22 -13.15 30.06
N GLU G 354 -21.39 -13.62 30.51
CA GLU G 354 -21.80 -13.39 31.89
C GLU G 354 -20.81 -13.99 32.87
N SER G 355 -20.49 -15.28 32.71
CA SER G 355 -19.66 -15.95 33.70
C SER G 355 -18.28 -15.31 33.83
N ALA G 356 -17.69 -14.88 32.72
CA ALA G 356 -16.34 -14.31 32.75
C ALA G 356 -16.32 -12.88 33.29
N SER G 357 -17.38 -12.09 33.05
CA SER G 357 -17.47 -10.76 33.65
C SER G 357 -17.50 -10.83 35.17
N VAL G 358 -17.90 -11.97 35.74
CA VAL G 358 -17.82 -12.17 37.17
C VAL G 358 -16.39 -12.41 37.58
N MET G 359 -15.65 -13.20 36.78
CA MET G 359 -14.21 -13.30 36.95
C MET G 359 -13.57 -11.91 36.95
N ALA G 360 -13.90 -11.09 35.94
CA ALA G 360 -13.39 -9.73 35.88
C ALA G 360 -13.79 -8.91 37.11
N ALA G 361 -14.93 -9.21 37.72
CA ALA G 361 -15.33 -8.46 38.90
C ALA G 361 -14.63 -8.92 40.18
N THR G 362 -14.11 -10.15 40.22
CA THR G 362 -13.27 -10.51 41.35
C THR G 362 -11.95 -9.76 41.32
N LEU G 363 -11.48 -9.43 40.12
CA LEU G 363 -10.28 -8.61 39.95
C LEU G 363 -10.54 -7.17 40.36
N ALA G 364 -11.71 -6.64 39.99
CA ALA G 364 -12.12 -5.30 40.41
C ALA G 364 -12.27 -5.16 41.93
N ASN G 365 -12.40 -6.26 42.68
CA ASN G 365 -12.85 -6.23 44.07
C ASN G 365 -11.81 -6.73 45.11
N GLY G 366 -10.51 -6.52 44.88
CA GLY G 366 -9.52 -6.91 45.85
C GLY G 366 -9.28 -8.39 45.95
N GLY G 367 -9.78 -9.16 44.98
CA GLY G 367 -9.76 -10.60 45.03
C GLY G 367 -10.93 -11.26 45.75
N PHE G 368 -11.96 -10.50 46.11
CA PHE G 368 -13.15 -11.05 46.74
C PHE G 368 -14.26 -11.15 45.69
N CYS G 369 -14.87 -12.33 45.56
CA CYS G 369 -15.85 -12.56 44.49
C CYS G 369 -17.16 -11.82 44.77
N PRO G 370 -17.54 -10.82 43.96
CA PRO G 370 -18.64 -9.95 44.35
C PRO G 370 -19.97 -10.66 44.56
N ILE G 371 -20.20 -11.85 44.00
CA ILE G 371 -21.50 -12.51 44.16
C ILE G 371 -21.44 -13.71 45.09
N THR G 372 -20.27 -14.03 45.63
CA THR G 372 -20.25 -15.04 46.69
C THR G 372 -19.64 -14.53 48.00
N GLY G 373 -18.80 -13.49 47.95
CA GLY G 373 -18.17 -12.93 49.14
C GLY G 373 -16.90 -13.62 49.58
N GLU G 374 -16.44 -14.61 48.82
CA GLU G 374 -15.26 -15.39 49.12
C GLU G 374 -13.99 -14.67 48.68
N ARG G 375 -12.98 -14.66 49.54
CA ARG G 375 -11.63 -14.29 49.14
C ARG G 375 -11.05 -15.35 48.19
N VAL G 376 -10.61 -14.95 47.01
CA VAL G 376 -10.08 -15.87 46.00
C VAL G 376 -8.62 -15.58 45.65
N LEU G 377 -8.24 -14.30 45.57
CA LEU G 377 -6.88 -13.89 45.28
C LEU G 377 -6.39 -12.91 46.34
N SER G 378 -5.19 -13.15 46.85
CA SER G 378 -4.55 -12.21 47.78
C SER G 378 -4.42 -10.85 47.11
N PRO G 379 -4.80 -9.76 47.78
CA PRO G 379 -4.83 -8.44 47.11
C PRO G 379 -3.49 -8.05 46.48
N GLU G 380 -2.44 -8.80 46.81
CA GLU G 380 -1.16 -8.70 46.11
C GLU G 380 -1.25 -9.23 44.68
N ALA G 381 -1.80 -10.45 44.51
CA ALA G 381 -1.93 -11.01 43.16
C ALA G 381 -2.84 -10.17 42.27
N VAL G 382 -3.89 -9.59 42.85
CA VAL G 382 -4.85 -8.88 42.01
C VAL G 382 -4.28 -7.52 41.66
N ARG G 383 -3.43 -6.96 42.52
CA ARG G 383 -2.76 -5.72 42.13
C ARG G 383 -1.83 -5.97 40.95
N ASN G 384 -0.88 -6.89 41.13
CA ASN G 384 0.08 -7.24 40.09
C ASN G 384 -0.61 -7.48 38.75
N THR G 385 -1.67 -8.27 38.74
CA THR G 385 -2.30 -8.62 37.46
C THR G 385 -2.97 -7.41 36.83
N LEU G 386 -3.60 -6.55 37.65
CA LEU G 386 -4.22 -5.33 37.12
C LEU G 386 -3.16 -4.38 36.57
N SER G 387 -2.00 -4.33 37.23
CA SER G 387 -0.85 -3.64 36.68
C SER G 387 -0.47 -4.20 35.30
N LEU G 388 -0.21 -5.50 35.22
CA LEU G 388 0.32 -6.00 33.96
C LEU G 388 -0.74 -6.06 32.87
N MET G 389 -2.04 -6.13 33.24
CA MET G 389 -3.08 -5.96 32.23
C MET G 389 -3.19 -4.53 31.76
N HIS G 390 -2.90 -3.57 32.63
CA HIS G 390 -2.92 -2.16 32.21
C HIS G 390 -1.99 -1.91 31.02
N SER G 391 -0.80 -2.54 31.00
CA SER G 391 0.28 -2.16 30.09
C SER G 391 0.63 -3.19 29.04
N CYS G 392 0.19 -4.45 29.20
CA CYS G 392 0.66 -5.55 28.37
C CYS G 392 -0.49 -6.37 27.80
N GLY G 393 -1.73 -5.89 27.91
CA GLY G 393 -2.88 -6.75 27.75
C GLY G 393 -3.54 -6.79 26.39
N MET G 394 -3.15 -5.89 25.49
CA MET G 394 -3.83 -5.79 24.19
C MET G 394 -2.83 -5.92 23.05
N TYR G 395 -1.77 -6.69 23.26
CA TYR G 395 -0.70 -6.88 22.26
C TYR G 395 -0.26 -5.48 21.82
N ASP G 396 0.18 -5.36 20.56
CA ASP G 396 0.71 -4.11 20.03
C ASP G 396 -0.24 -2.93 20.16
N PHE G 397 -1.47 -3.15 20.61
CA PHE G 397 -2.36 -2.03 20.90
C PHE G 397 -2.31 -1.62 22.38
N SER G 398 -1.40 -2.21 23.17
CA SER G 398 -1.42 -2.01 24.63
C SER G 398 -1.09 -0.57 25.03
N GLY G 399 -0.08 0.03 24.40
CA GLY G 399 0.23 1.42 24.69
C GLY G 399 -0.90 2.35 24.30
N GLN G 400 -1.43 2.18 23.07
CA GLN G 400 -2.56 3.01 22.67
C GLN G 400 -3.75 2.81 23.59
N PHE G 401 -3.96 1.56 24.06
CA PHE G 401 -5.12 1.25 24.87
C PHE G 401 -5.06 1.96 26.22
N ALA G 402 -3.92 1.90 26.89
CA ALA G 402 -3.77 2.60 28.17
C ALA G 402 -3.94 4.10 27.99
N PHE G 403 -3.39 4.66 26.91
CA PHE G 403 -3.54 6.10 26.72
C PHE G 403 -5.01 6.50 26.60
N HIS G 404 -5.77 5.82 25.75
CA HIS G 404 -7.12 6.32 25.50
C HIS G 404 -8.18 5.73 26.43
N VAL G 405 -8.16 4.42 26.70
CA VAL G 405 -9.14 3.83 27.60
C VAL G 405 -8.67 3.92 29.05
N GLY G 406 -7.39 3.67 29.25
CA GLY G 406 -6.83 3.69 30.59
C GLY G 406 -7.55 2.77 31.54
N LEU G 407 -7.75 1.49 31.16
CA LEU G 407 -8.29 0.45 32.04
C LEU G 407 -7.54 -0.85 31.77
N PRO G 408 -7.30 -1.64 32.78
CA PRO G 408 -6.64 -2.93 32.54
C PRO G 408 -7.54 -3.87 31.76
N ALA G 409 -7.25 -4.09 30.50
CA ALA G 409 -8.01 -5.09 29.76
C ALA G 409 -7.19 -6.34 29.50
N LYS G 410 -7.81 -7.34 28.87
CA LYS G 410 -7.07 -8.47 28.31
C LYS G 410 -7.86 -9.05 27.14
N SER G 411 -7.24 -9.07 25.97
CA SER G 411 -7.89 -9.58 24.77
C SER G 411 -7.56 -11.07 24.55
N GLY G 412 -8.28 -11.66 23.60
CA GLY G 412 -8.10 -13.06 23.23
C GLY G 412 -8.57 -13.29 21.82
N VAL G 413 -7.97 -14.28 21.15
CA VAL G 413 -8.13 -14.40 19.70
C VAL G 413 -9.53 -14.89 19.31
N ALA G 414 -10.29 -15.45 20.26
CA ALA G 414 -11.70 -15.76 20.04
C ALA G 414 -12.58 -14.52 20.02
N GLY G 415 -12.07 -13.36 20.42
CA GLY G 415 -12.86 -12.14 20.44
C GLY G 415 -13.32 -11.67 21.80
N GLY G 416 -12.81 -12.23 22.89
CA GLY G 416 -13.12 -11.74 24.23
C GLY G 416 -12.19 -10.61 24.64
N ILE G 417 -12.78 -9.58 25.26
CA ILE G 417 -12.02 -8.59 26.05
C ILE G 417 -12.53 -8.66 27.48
N LEU G 418 -11.67 -9.09 28.39
CA LEU G 418 -11.96 -9.17 29.80
C LEU G 418 -11.51 -7.85 30.42
N LEU G 419 -12.46 -6.96 30.65
CA LEU G 419 -12.16 -5.61 31.08
C LEU G 419 -12.47 -5.43 32.56
N VAL G 420 -11.57 -4.76 33.28
CA VAL G 420 -11.78 -4.38 34.66
C VAL G 420 -11.91 -2.86 34.72
N VAL G 421 -12.85 -2.37 35.53
CA VAL G 421 -12.85 -1.01 36.04
C VAL G 421 -12.69 -1.09 37.54
N PRO G 422 -11.49 -0.90 38.04
CA PRO G 422 -11.21 -1.16 39.45
C PRO G 422 -12.13 -0.39 40.37
N ASN G 423 -12.59 -1.08 41.42
CA ASN G 423 -13.44 -0.52 42.49
C ASN G 423 -14.85 -0.18 42.02
N VAL G 424 -15.27 -0.72 40.87
CA VAL G 424 -16.57 -0.44 40.27
C VAL G 424 -17.20 -1.71 39.74
N MET G 425 -16.61 -2.27 38.68
CA MET G 425 -17.25 -3.37 37.95
C MET G 425 -16.20 -4.06 37.08
N GLY G 426 -16.54 -5.27 36.65
CA GLY G 426 -15.75 -5.97 35.65
C GLY G 426 -16.65 -6.29 34.49
N MET G 427 -16.10 -6.61 33.30
CA MET G 427 -16.92 -6.86 32.12
C MET G 427 -16.37 -8.02 31.34
N MET G 428 -17.11 -8.43 30.31
CA MET G 428 -16.57 -9.26 29.24
C MET G 428 -17.30 -8.90 27.96
N CYS G 429 -16.54 -8.50 26.92
CA CYS G 429 -17.10 -8.05 25.65
C CYS G 429 -16.65 -9.03 24.57
N TRP G 430 -17.60 -9.69 23.93
CA TRP G 430 -17.26 -10.79 23.03
C TRP G 430 -17.94 -10.63 21.67
N SER G 431 -17.12 -10.45 20.62
CA SER G 431 -17.45 -10.39 19.20
C SER G 431 -16.25 -10.94 18.43
N PRO G 432 -16.40 -12.03 17.67
CA PRO G 432 -15.21 -12.77 17.17
C PRO G 432 -14.45 -12.08 16.05
N PRO G 433 -15.00 -11.06 15.39
CA PRO G 433 -14.16 -10.31 14.43
C PRO G 433 -13.01 -9.56 15.10
N LEU G 434 -11.78 -9.96 14.82
CA LEU G 434 -10.60 -9.24 15.28
C LEU G 434 -10.13 -8.21 14.25
N ASP G 435 -9.29 -7.27 14.69
CA ASP G 435 -8.62 -6.30 13.82
C ASP G 435 -7.16 -6.74 13.59
N LYS G 436 -6.39 -5.90 12.89
CA LYS G 436 -5.07 -6.37 12.45
C LYS G 436 -4.10 -6.57 13.62
N MET G 437 -4.41 -6.05 14.81
CA MET G 437 -3.55 -6.26 15.98
C MET G 437 -4.06 -7.36 16.89
N GLY G 438 -5.25 -7.91 16.62
CA GLY G 438 -5.71 -9.09 17.31
C GLY G 438 -6.87 -8.92 18.28
N ASN G 439 -7.58 -7.77 18.26
CA ASN G 439 -8.59 -7.38 19.22
C ASN G 439 -9.97 -7.29 18.56
N SER G 440 -11.01 -7.63 19.32
CA SER G 440 -12.37 -7.53 18.82
C SER G 440 -12.70 -6.07 18.46
N VAL G 441 -13.25 -5.86 17.26
CA VAL G 441 -13.58 -4.51 16.85
C VAL G 441 -14.65 -3.91 17.77
N LYS G 442 -15.81 -4.56 17.83
CA LYS G 442 -16.87 -4.11 18.73
C LYS G 442 -16.37 -4.06 20.17
N GLY G 443 -15.58 -5.07 20.57
CA GLY G 443 -14.92 -5.02 21.87
C GLY G 443 -14.14 -3.73 22.07
N ILE G 444 -13.26 -3.40 21.11
CA ILE G 444 -12.45 -2.20 21.24
C ILE G 444 -13.32 -0.95 21.19
N HIS G 445 -14.21 -0.88 20.19
CA HIS G 445 -15.09 0.28 20.03
C HIS G 445 -15.86 0.57 21.32
N PHE G 446 -16.36 -0.50 21.95
CA PHE G 446 -17.13 -0.37 23.18
C PHE G 446 -16.33 0.29 24.29
N CYS G 447 -15.12 -0.23 24.55
CA CYS G 447 -14.25 0.35 25.57
C CYS G 447 -14.02 1.84 25.36
N HIS G 448 -13.67 2.24 24.12
CA HIS G 448 -13.50 3.66 23.87
C HIS G 448 -14.77 4.43 24.20
N ASP G 449 -15.91 3.99 23.67
CA ASP G 449 -17.15 4.71 23.94
C ASP G 449 -17.48 4.71 25.43
N LEU G 450 -17.29 3.57 26.11
CA LEU G 450 -17.56 3.54 27.55
C LEU G 450 -16.86 4.68 28.27
N VAL G 451 -15.57 4.88 27.99
CA VAL G 451 -14.81 5.91 28.70
C VAL G 451 -15.03 7.30 28.13
N SER G 452 -15.36 7.43 26.84
CA SER G 452 -15.86 8.71 26.37
C SER G 452 -17.04 9.19 27.21
N LEU G 453 -17.83 8.26 27.76
CA LEU G 453 -19.04 8.55 28.50
C LEU G 453 -18.83 8.69 30.02
N CYS G 454 -18.06 7.83 30.64
CA CYS G 454 -17.97 7.82 32.10
C CYS G 454 -16.55 8.07 32.59
N ASN G 455 -16.43 8.71 33.76
CA ASN G 455 -15.10 9.09 34.28
C ASN G 455 -14.36 7.87 34.82
N PHE G 456 -14.37 6.78 34.06
CA PHE G 456 -13.76 5.52 34.43
C PHE G 456 -12.31 5.38 33.99
N HIS G 457 -11.81 6.28 33.14
CA HIS G 457 -10.41 6.24 32.74
C HIS G 457 -9.57 6.32 34.00
N ASN G 458 -8.53 5.50 34.05
CA ASN G 458 -7.74 5.31 35.27
C ASN G 458 -7.19 6.62 35.85
N TYR G 459 -7.07 7.67 35.03
CA TYR G 459 -6.52 8.94 35.50
C TYR G 459 -7.52 10.09 35.33
N ASP G 460 -8.80 9.77 35.25
CA ASP G 460 -9.81 10.80 35.39
C ASP G 460 -9.81 11.27 36.83
N ASN G 461 -10.09 12.55 37.02
CA ASN G 461 -10.28 13.04 38.37
C ASN G 461 -11.70 12.70 38.85
N LEU G 462 -11.82 12.08 40.00
CA LEU G 462 -13.15 11.76 40.48
C LEU G 462 -13.89 12.95 41.11
N ARG G 463 -13.46 14.19 40.91
CA ARG G 463 -14.15 15.36 41.43
C ARG G 463 -14.39 16.45 40.39
N HIS G 464 -13.43 16.67 39.48
CA HIS G 464 -13.53 17.62 38.37
C HIS G 464 -13.35 16.85 37.07
N PHE G 465 -14.42 16.25 36.58
CA PHE G 465 -14.33 15.41 35.39
C PHE G 465 -15.12 15.97 34.21
N ALA G 466 -15.17 17.29 34.08
CA ALA G 466 -15.75 17.94 32.89
C ALA G 466 -17.20 17.45 32.71
N LYS G 467 -17.62 17.08 31.49
CA LYS G 467 -18.98 16.64 31.22
C LYS G 467 -19.10 15.12 31.11
N LYS G 468 -18.06 14.39 31.49
CA LYS G 468 -18.17 12.95 31.62
C LYS G 468 -19.18 12.60 32.70
N LEU G 469 -19.90 11.51 32.50
CA LEU G 469 -20.91 11.04 33.42
C LEU G 469 -20.27 10.11 34.45
N ASP G 470 -20.73 10.19 35.71
CA ASP G 470 -20.24 9.34 36.80
C ASP G 470 -21.35 8.46 37.35
N PRO G 471 -21.34 7.15 37.04
CA PRO G 471 -22.37 6.24 37.59
C PRO G 471 -22.28 6.01 39.10
N ARG G 472 -21.23 6.47 39.76
CA ARG G 472 -21.13 6.26 41.19
C ARG G 472 -21.90 7.29 41.98
N ARG G 473 -22.41 8.34 41.34
CA ARG G 473 -22.99 9.47 42.03
C ARG G 473 -24.48 9.57 41.70
N GLU G 474 -25.21 10.24 42.58
CA GLU G 474 -26.67 10.21 42.50
C GLU G 474 -27.24 11.37 41.68
N GLY G 475 -26.72 12.58 41.88
CA GLY G 475 -27.27 13.75 41.19
C GLY G 475 -26.53 15.03 41.44
N PRO H 66 -70.67 7.83 32.48
CA PRO H 66 -70.19 7.92 31.09
C PRO H 66 -69.73 6.56 30.55
N SER H 67 -70.11 6.20 29.31
CA SER H 67 -69.85 4.86 28.82
C SER H 67 -69.54 4.84 27.33
N LEU H 68 -68.41 4.22 26.97
CA LEU H 68 -67.90 4.25 25.60
C LEU H 68 -68.92 3.72 24.59
N GLU H 69 -69.54 2.56 24.88
CA GLU H 69 -70.45 1.94 23.89
C GLU H 69 -71.78 2.68 23.82
N ASP H 70 -72.29 3.14 24.96
CA ASP H 70 -73.58 3.81 24.94
C ASP H 70 -73.47 5.17 24.26
N LEU H 71 -72.36 5.86 24.47
CA LEU H 71 -72.14 7.14 23.81
C LEU H 71 -72.15 6.99 22.29
N LEU H 72 -71.31 6.09 21.77
CA LEU H 72 -71.32 5.73 20.35
C LEU H 72 -72.71 5.32 19.88
N PHE H 73 -73.47 4.62 20.75
CA PHE H 73 -74.81 4.17 20.36
C PHE H 73 -75.71 5.35 20.01
N TYR H 74 -75.54 6.48 20.72
CA TYR H 74 -76.34 7.66 20.40
C TYR H 74 -75.80 8.40 19.19
N THR H 75 -74.47 8.48 19.04
CA THR H 75 -73.90 9.16 17.89
C THR H 75 -74.34 8.52 16.57
N ILE H 76 -74.82 7.28 16.59
CA ILE H 76 -75.36 6.62 15.40
C ILE H 76 -76.88 6.64 15.51
N ALA H 77 -77.38 6.71 16.74
CA ALA H 77 -78.80 6.53 17.00
C ALA H 77 -79.64 7.56 16.29
N GLU H 78 -79.07 8.74 16.04
CA GLU H 78 -79.84 9.83 15.41
C GLU H 78 -80.98 10.26 16.33
N GLY H 79 -80.80 10.08 17.64
CA GLY H 79 -81.84 10.38 18.60
C GLY H 79 -82.99 9.40 18.58
N GLN H 80 -83.04 8.57 17.55
CA GLN H 80 -84.05 7.53 17.46
C GLN H 80 -83.86 6.50 18.58
N GLU H 81 -84.93 5.76 18.88
CA GLU H 81 -84.89 4.80 19.98
C GLU H 81 -84.15 3.53 19.60
N LYS H 82 -84.15 3.16 18.32
CA LYS H 82 -83.47 1.94 17.90
C LYS H 82 -82.60 2.22 16.67
N ILE H 83 -81.63 1.33 16.46
CA ILE H 83 -80.69 1.40 15.35
C ILE H 83 -80.89 0.21 14.43
N PRO H 84 -81.42 0.41 13.23
CA PRO H 84 -81.52 -0.72 12.28
C PRO H 84 -80.15 -1.32 12.03
N VAL H 85 -80.11 -2.63 11.76
CA VAL H 85 -78.82 -3.27 11.55
C VAL H 85 -78.14 -2.68 10.32
N HIS H 86 -78.88 -2.61 9.22
CA HIS H 86 -78.36 -2.05 7.98
C HIS H 86 -77.85 -0.61 8.17
N LYS H 87 -78.53 0.18 9.00
CA LYS H 87 -78.10 1.55 9.24
C LYS H 87 -76.78 1.61 10.01
N PHE H 88 -76.38 0.52 10.66
CA PHE H 88 -75.06 0.47 11.28
C PHE H 88 -74.01 0.04 10.30
N ILE H 89 -74.36 -0.94 9.46
CA ILE H 89 -73.43 -1.59 8.55
C ILE H 89 -73.00 -0.64 7.42
N THR H 90 -73.88 0.27 7.00
CA THR H 90 -73.46 1.32 6.05
C THR H 90 -72.70 2.42 6.77
N ALA H 91 -73.11 2.77 8.00
CA ALA H 91 -72.34 3.71 8.80
C ALA H 91 -70.93 3.22 9.04
N LEU H 92 -70.74 1.90 9.06
CA LEU H 92 -69.40 1.36 9.21
C LEU H 92 -68.64 1.45 7.90
N LYS H 93 -69.27 1.00 6.80
CA LYS H 93 -68.61 0.91 5.52
C LYS H 93 -68.10 2.26 5.03
N SER H 94 -68.69 3.35 5.52
CA SER H 94 -68.36 4.70 5.10
C SER H 94 -67.19 5.31 5.87
N THR H 95 -66.75 4.70 6.97
CA THR H 95 -65.49 5.13 7.55
C THR H 95 -64.28 4.58 6.79
N GLY H 96 -64.53 3.78 5.74
CA GLY H 96 -63.49 3.13 4.98
C GLY H 96 -63.27 1.67 5.34
N LEU H 97 -63.88 1.21 6.43
CA LEU H 97 -63.62 -0.13 6.88
C LEU H 97 -64.46 -1.12 6.10
N ARG H 98 -63.94 -2.33 6.00
CA ARG H 98 -64.63 -3.48 5.42
C ARG H 98 -65.21 -4.34 6.52
N THR H 99 -66.44 -4.83 6.31
CA THR H 99 -67.07 -5.67 7.33
C THR H 99 -66.21 -6.90 7.66
N SER H 100 -65.55 -7.46 6.64
CA SER H 100 -64.63 -8.59 6.75
C SER H 100 -63.33 -8.29 7.53
N ASP H 101 -63.15 -7.09 8.06
CA ASP H 101 -61.91 -6.76 8.76
C ASP H 101 -61.58 -7.78 9.84
N PRO H 102 -60.37 -8.35 9.85
CA PRO H 102 -59.98 -9.26 10.95
C PRO H 102 -60.17 -8.66 12.34
N ARG H 103 -59.80 -7.40 12.55
CA ARG H 103 -59.94 -6.77 13.85
C ARG H 103 -61.38 -6.64 14.33
N LEU H 104 -62.36 -6.95 13.48
CA LEU H 104 -63.75 -6.67 13.76
C LEU H 104 -64.60 -7.93 13.97
N LYS H 105 -64.03 -9.12 13.77
CA LYS H 105 -64.85 -10.33 13.67
C LYS H 105 -65.79 -10.50 14.87
N GLU H 106 -65.29 -10.26 16.08
CA GLU H 106 -66.09 -10.52 17.26
C GLU H 106 -67.34 -9.64 17.29
N CYS H 107 -67.21 -8.39 16.84
CA CYS H 107 -68.40 -7.57 16.65
C CYS H 107 -69.26 -8.12 15.53
N MET H 108 -68.66 -8.74 14.53
CA MET H 108 -69.45 -9.25 13.42
C MET H 108 -70.07 -10.60 13.74
N ASP H 109 -69.38 -11.43 14.51
CA ASP H 109 -69.94 -12.71 14.89
C ASP H 109 -71.16 -12.52 15.77
N MET H 110 -71.13 -11.50 16.61
CA MET H 110 -72.29 -11.23 17.44
C MET H 110 -73.35 -10.43 16.70
N LEU H 111 -73.07 -9.99 15.48
CA LEU H 111 -74.14 -9.61 14.57
C LEU H 111 -74.69 -10.83 13.84
N ARG H 112 -73.82 -11.76 13.41
CA ARG H 112 -74.28 -13.03 12.86
C ARG H 112 -75.13 -13.81 13.86
N LEU H 113 -74.79 -13.71 15.14
CA LEU H 113 -75.57 -14.36 16.18
C LEU H 113 -76.97 -13.77 16.22
N THR H 114 -77.10 -12.51 16.66
CA THR H 114 -78.42 -11.93 16.91
C THR H 114 -79.29 -11.79 15.66
N LEU H 115 -78.74 -12.00 14.45
CA LEU H 115 -79.56 -11.96 13.25
C LEU H 115 -80.24 -13.30 12.95
N GLN H 116 -80.40 -14.16 13.96
CA GLN H 116 -81.23 -15.36 13.90
C GLN H 116 -82.18 -15.41 15.11
N THR H 117 -81.70 -14.90 16.24
CA THR H 117 -82.42 -14.99 17.51
C THR H 117 -83.75 -14.25 17.46
N THR H 118 -83.69 -12.95 17.16
CA THR H 118 -84.87 -12.11 16.99
C THR H 118 -84.90 -11.71 15.50
N SER H 119 -85.54 -12.55 14.68
CA SER H 119 -85.76 -12.17 13.29
C SER H 119 -86.75 -11.02 13.16
N ASP H 120 -87.58 -10.78 14.19
CA ASP H 120 -88.49 -9.63 14.28
C ASP H 120 -87.73 -8.41 14.81
N GLY H 121 -86.88 -7.86 13.95
CA GLY H 121 -86.20 -6.62 14.21
C GLY H 121 -86.15 -5.79 12.94
N VAL H 122 -84.96 -5.64 12.38
CA VAL H 122 -83.75 -6.12 13.02
C VAL H 122 -83.09 -4.95 13.75
N MET H 123 -83.73 -4.49 14.82
CA MET H 123 -83.31 -3.32 15.56
C MET H 123 -82.36 -3.68 16.68
N LEU H 124 -81.54 -2.71 17.09
CA LEU H 124 -80.58 -2.88 18.16
C LEU H 124 -80.97 -1.99 19.32
N ASP H 125 -81.05 -2.58 20.52
CA ASP H 125 -81.29 -1.82 21.73
C ASP H 125 -80.07 -0.94 22.02
N LYS H 126 -80.09 -0.23 23.14
CA LYS H 126 -78.82 0.22 23.71
C LYS H 126 -78.06 -0.98 24.25
N ASP H 127 -78.79 -1.94 24.82
CA ASP H 127 -78.22 -3.18 25.34
C ASP H 127 -77.68 -4.06 24.22
N LEU H 128 -78.51 -4.31 23.20
CA LEU H 128 -78.17 -5.24 22.12
C LEU H 128 -77.03 -4.71 21.27
N PHE H 129 -77.04 -3.40 20.98
CA PHE H 129 -75.91 -2.76 20.34
C PHE H 129 -74.64 -3.06 21.13
N LYS H 130 -74.62 -2.66 22.41
CA LYS H 130 -73.43 -2.87 23.24
C LYS H 130 -73.09 -4.35 23.35
N LYS H 131 -74.08 -5.23 23.21
CA LYS H 131 -73.81 -6.67 23.15
C LYS H 131 -72.82 -7.00 22.04
N CYS H 132 -72.95 -6.35 20.88
CA CYS H 132 -72.10 -6.65 19.73
C CYS H 132 -70.80 -5.85 19.72
N VAL H 133 -70.84 -4.59 20.16
CA VAL H 133 -69.77 -3.64 19.87
C VAL H 133 -68.73 -3.53 20.97
N GLN H 134 -68.95 -4.14 22.14
CA GLN H 134 -68.02 -3.85 23.23
C GLN H 134 -66.63 -4.45 22.95
N SER H 135 -66.59 -5.65 22.35
CA SER H 135 -65.31 -6.29 22.08
C SER H 135 -64.40 -5.38 21.25
N ASN H 136 -64.96 -4.75 20.21
CA ASN H 136 -64.21 -3.88 19.31
C ASN H 136 -64.65 -2.41 19.42
N ILE H 137 -64.63 -1.82 20.62
CA ILE H 137 -65.23 -0.49 20.75
C ILE H 137 -64.18 0.61 20.58
N VAL H 138 -62.95 0.39 21.03
CA VAL H 138 -61.94 1.43 20.86
C VAL H 138 -61.79 1.77 19.40
N LEU H 139 -61.66 0.74 18.55
CA LEU H 139 -61.44 0.91 17.11
C LEU H 139 -62.73 1.29 16.37
N LEU H 140 -63.89 0.83 16.86
CA LEU H 140 -65.16 1.29 16.31
C LEU H 140 -65.39 2.77 16.58
N THR H 141 -64.90 3.28 17.72
CA THR H 141 -65.13 4.68 18.06
C THR H 141 -64.20 5.58 17.27
N GLN H 142 -62.94 5.20 17.14
CA GLN H 142 -62.03 6.00 16.33
C GLN H 142 -62.55 6.16 14.90
N ALA H 143 -63.17 5.12 14.35
CA ALA H 143 -63.79 5.24 13.04
C ALA H 143 -64.92 6.27 13.05
N PHE H 144 -65.76 6.22 14.07
CA PHE H 144 -66.98 7.02 14.04
C PHE H 144 -66.76 8.44 14.55
N ARG H 145 -65.66 8.69 15.26
CA ARG H 145 -65.26 10.03 15.64
C ARG H 145 -64.17 10.59 14.72
N ARG H 146 -63.94 9.93 13.59
CA ARG H 146 -63.07 10.44 12.54
C ARG H 146 -61.63 10.59 12.98
N LYS H 147 -61.18 9.70 13.87
CA LYS H 147 -59.78 9.66 14.27
C LYS H 147 -58.89 8.97 13.24
N PHE H 148 -59.47 8.40 12.18
CA PHE H 148 -58.66 7.71 11.18
C PHE H 148 -57.82 8.72 10.40
N VAL H 149 -56.70 8.23 9.86
CA VAL H 149 -55.65 9.08 9.28
C VAL H 149 -56.18 9.91 8.14
N ILE H 150 -57.12 9.38 7.36
CA ILE H 150 -57.91 10.16 6.41
C ILE H 150 -59.33 10.21 6.94
N PRO H 151 -59.80 11.36 7.46
CA PRO H 151 -61.03 11.36 8.26
C PRO H 151 -62.29 11.25 7.41
N ASP H 152 -62.36 12.09 6.38
CA ASP H 152 -63.42 12.00 5.39
C ASP H 152 -62.93 11.07 4.27
N PHE H 153 -63.03 9.77 4.55
CA PHE H 153 -62.57 8.78 3.59
C PHE H 153 -63.46 8.73 2.36
N MET H 154 -64.74 9.07 2.50
CA MET H 154 -65.63 8.97 1.36
C MET H 154 -65.19 9.88 0.22
N SER H 155 -64.81 11.13 0.53
CA SER H 155 -64.34 12.04 -0.51
C SER H 155 -63.07 11.52 -1.18
N PHE H 156 -62.10 11.07 -0.37
CA PHE H 156 -60.79 10.68 -0.88
C PHE H 156 -60.89 9.57 -1.93
N THR H 157 -61.74 8.57 -1.70
CA THR H 157 -61.90 7.51 -2.70
C THR H 157 -62.52 8.04 -3.98
N SER H 158 -63.35 9.09 -3.91
CA SER H 158 -63.86 9.72 -5.12
C SER H 158 -62.73 10.33 -5.95
N HIS H 159 -61.70 10.83 -5.29
CA HIS H 159 -60.52 11.30 -6.00
C HIS H 159 -59.68 10.13 -6.49
N ILE H 160 -59.60 9.05 -5.70
CA ILE H 160 -58.88 7.87 -6.17
C ILE H 160 -59.52 7.35 -7.44
N ASP H 161 -60.85 7.44 -7.50
CA ASP H 161 -61.60 7.01 -8.68
C ASP H 161 -61.33 7.94 -9.86
N GLU H 162 -61.46 9.27 -9.65
CA GLU H 162 -61.09 10.21 -10.70
C GLU H 162 -59.67 9.96 -11.19
N LEU H 163 -58.71 9.83 -10.25
CA LEU H 163 -57.33 9.56 -10.65
C LEU H 163 -57.22 8.26 -11.42
N TYR H 164 -57.99 7.26 -11.01
CA TYR H 164 -58.03 5.98 -11.72
C TYR H 164 -58.46 6.15 -13.18
N GLU H 165 -59.67 6.67 -13.39
CA GLU H 165 -60.17 6.87 -14.76
C GLU H 165 -59.22 7.75 -15.58
N SER H 166 -58.57 8.71 -14.93
CA SER H 166 -57.64 9.58 -15.64
C SER H 166 -56.45 8.79 -16.16
N ALA H 167 -56.04 7.74 -15.44
CA ALA H 167 -54.97 6.91 -15.98
C ALA H 167 -55.52 5.85 -16.91
N LYS H 168 -56.75 5.40 -16.65
CA LYS H 168 -57.36 4.34 -17.45
C LYS H 168 -57.41 4.67 -18.93
N LYS H 169 -57.14 5.91 -19.32
CA LYS H 169 -57.16 6.33 -20.72
C LYS H 169 -55.78 6.28 -21.37
N GLN H 170 -54.76 5.84 -20.64
CA GLN H 170 -53.37 5.91 -21.11
C GLN H 170 -52.98 4.60 -21.79
N SER H 171 -53.37 4.50 -23.06
CA SER H 171 -53.43 3.23 -23.77
C SER H 171 -52.06 2.72 -24.17
N GLY H 172 -51.08 3.60 -24.31
CA GLY H 172 -49.77 3.18 -24.78
C GLY H 172 -49.13 2.16 -23.88
N GLY H 173 -48.01 1.61 -24.37
CA GLY H 173 -47.19 0.64 -23.66
C GLY H 173 -47.33 -0.76 -24.25
N LYS H 174 -46.33 -1.60 -23.93
CA LYS H 174 -46.23 -2.98 -24.40
C LYS H 174 -46.27 -3.96 -23.24
N VAL H 175 -47.04 -5.03 -23.40
CA VAL H 175 -47.08 -6.08 -22.39
C VAL H 175 -45.83 -6.90 -22.52
N ALA H 176 -45.21 -7.23 -21.41
CA ALA H 176 -44.00 -8.05 -21.46
C ALA H 176 -44.26 -9.32 -22.27
N ASP H 177 -43.46 -9.51 -23.33
CA ASP H 177 -43.64 -10.65 -24.23
C ASP H 177 -42.78 -11.84 -23.86
N TYR H 178 -41.79 -11.65 -22.97
CA TYR H 178 -40.64 -12.54 -22.91
C TYR H 178 -40.98 -13.90 -22.30
N ILE H 179 -42.12 -14.02 -21.63
CA ILE H 179 -42.66 -15.31 -21.21
C ILE H 179 -44.12 -15.34 -21.66
N PRO H 180 -44.65 -16.51 -22.06
CA PRO H 180 -46.05 -16.56 -22.51
C PRO H 180 -47.08 -16.19 -21.45
N GLN H 181 -46.77 -16.36 -20.15
CA GLN H 181 -47.76 -16.18 -19.10
C GLN H 181 -48.11 -14.72 -18.85
N LEU H 182 -47.24 -13.78 -19.22
CA LEU H 182 -47.58 -12.36 -19.19
C LEU H 182 -48.03 -11.85 -20.55
N ALA H 183 -47.56 -12.48 -21.65
CA ALA H 183 -48.05 -12.14 -22.99
C ALA H 183 -49.52 -12.50 -23.17
N LYS H 184 -50.06 -13.35 -22.31
CA LYS H 184 -51.46 -13.78 -22.32
C LYS H 184 -52.38 -12.84 -21.53
N PHE H 185 -51.82 -12.00 -20.66
CA PHE H 185 -52.62 -11.02 -19.90
C PHE H 185 -53.05 -9.87 -20.80
N SER H 186 -54.30 -9.45 -20.63
CA SER H 186 -54.87 -8.42 -21.48
C SER H 186 -54.29 -7.05 -21.15
N PRO H 187 -53.84 -6.29 -22.16
CA PRO H 187 -53.46 -4.87 -21.91
C PRO H 187 -54.60 -3.99 -21.37
N ASP H 188 -55.85 -4.47 -21.41
CA ASP H 188 -56.99 -3.68 -20.96
C ASP H 188 -57.15 -3.66 -19.45
N LEU H 189 -56.37 -4.46 -18.71
CA LEU H 189 -56.55 -4.58 -17.27
C LEU H 189 -55.91 -3.41 -16.55
N TRP H 190 -56.54 -3.00 -15.45
CA TRP H 190 -56.12 -1.82 -14.72
C TRP H 190 -56.88 -1.78 -13.40
N GLY H 191 -56.17 -2.05 -12.32
CA GLY H 191 -56.76 -2.00 -10.99
C GLY H 191 -55.90 -1.17 -10.06
N VAL H 192 -56.58 -0.52 -9.12
CA VAL H 192 -55.93 0.30 -8.10
C VAL H 192 -56.59 -0.01 -6.77
N SER H 193 -55.78 -0.35 -5.77
CA SER H 193 -56.28 -0.65 -4.44
C SER H 193 -55.55 0.18 -3.37
N VAL H 194 -56.33 0.80 -2.49
CA VAL H 194 -55.85 1.62 -1.39
C VAL H 194 -56.00 0.85 -0.07
N CYS H 195 -55.07 1.10 0.84
CA CYS H 195 -55.18 0.60 2.20
C CYS H 195 -54.44 1.58 3.11
N THR H 196 -55.17 2.19 4.07
CA THR H 196 -54.56 3.16 4.97
C THR H 196 -53.84 2.47 6.13
N ALA H 197 -53.05 3.27 6.86
CA ALA H 197 -52.40 2.80 8.08
C ALA H 197 -53.47 2.43 9.14
N ASP H 198 -54.73 2.67 8.82
CA ASP H 198 -55.87 2.41 9.71
C ASP H 198 -56.85 1.40 9.13
N GLY H 199 -56.51 0.73 8.04
CA GLY H 199 -57.37 -0.27 7.46
C GLY H 199 -58.51 0.24 6.59
N GLN H 200 -58.60 1.55 6.35
CA GLN H 200 -59.66 2.07 5.49
C GLN H 200 -59.36 1.70 4.04
N ARG H 201 -60.28 1.01 3.37
CA ARG H 201 -59.94 0.40 2.09
C ARG H 201 -60.85 0.86 0.98
N HIS H 202 -60.27 0.95 -0.21
CA HIS H 202 -61.03 1.25 -1.41
C HIS H 202 -60.39 0.56 -2.60
N SER H 203 -61.22 0.11 -3.55
CA SER H 203 -60.68 -0.47 -4.79
C SER H 203 -61.46 0.04 -6.00
N THR H 204 -60.75 0.15 -7.12
CA THR H 204 -61.33 0.48 -8.42
C THR H 204 -60.69 -0.41 -9.46
N GLY H 205 -61.51 -1.00 -10.32
CA GLY H 205 -61.02 -1.79 -11.43
C GLY H 205 -60.76 -3.24 -11.05
N ASP H 206 -59.91 -3.86 -11.87
CA ASP H 206 -59.58 -5.27 -11.73
C ASP H 206 -58.58 -5.42 -10.60
N THR H 207 -59.13 -5.33 -9.39
CA THR H 207 -58.35 -5.41 -8.17
C THR H 207 -58.37 -6.79 -7.51
N LYS H 208 -59.15 -7.74 -8.06
CA LYS H 208 -59.17 -9.11 -7.53
C LYS H 208 -58.65 -10.14 -8.55
N VAL H 209 -57.84 -9.71 -9.51
CA VAL H 209 -57.26 -10.58 -10.53
C VAL H 209 -55.84 -10.92 -10.11
N PRO H 210 -55.52 -12.19 -9.85
CA PRO H 210 -54.16 -12.52 -9.41
C PRO H 210 -53.11 -12.24 -10.49
N PHE H 211 -51.93 -11.84 -10.03
CA PHE H 211 -50.78 -11.58 -10.89
C PHE H 211 -49.50 -11.71 -10.08
N CYS H 212 -48.40 -11.86 -10.80
CA CYS H 212 -47.14 -12.12 -10.13
C CYS H 212 -46.49 -10.83 -9.64
N LEU H 213 -45.82 -10.93 -8.48
CA LEU H 213 -45.07 -9.78 -7.96
C LEU H 213 -43.95 -9.41 -8.90
N GLN H 214 -43.28 -10.42 -9.45
CA GLN H 214 -41.97 -10.27 -10.08
C GLN H 214 -41.10 -9.42 -9.16
N SER H 215 -40.58 -8.27 -9.62
CA SER H 215 -39.64 -7.53 -8.77
C SER H 215 -40.33 -6.70 -7.69
N CYS H 216 -41.67 -6.64 -7.66
CA CYS H 216 -42.36 -6.15 -6.46
C CYS H 216 -42.05 -6.98 -5.22
N VAL H 217 -41.56 -8.21 -5.40
CA VAL H 217 -41.17 -9.03 -4.26
C VAL H 217 -39.82 -8.59 -3.68
N LYS H 218 -38.97 -7.94 -4.48
CA LYS H 218 -37.62 -7.63 -4.03
C LYS H 218 -37.59 -6.87 -2.72
N PRO H 219 -38.34 -5.78 -2.52
CA PRO H 219 -38.31 -5.13 -1.21
C PRO H 219 -38.91 -5.99 -0.10
N LEU H 220 -39.95 -6.77 -0.42
CA LEU H 220 -40.57 -7.66 0.55
C LEU H 220 -39.55 -8.67 1.10
N LYS H 221 -38.84 -9.38 0.21
CA LYS H 221 -37.82 -10.28 0.73
C LYS H 221 -36.65 -9.52 1.36
N TYR H 222 -36.34 -8.31 0.87
CA TYR H 222 -35.34 -7.48 1.54
C TYR H 222 -35.78 -7.16 2.97
N ALA H 223 -37.07 -6.84 3.14
CA ALA H 223 -37.55 -6.53 4.47
C ALA H 223 -37.46 -7.76 5.36
N ILE H 224 -37.87 -8.91 4.81
CA ILE H 224 -37.77 -10.17 5.54
C ILE H 224 -36.33 -10.39 6.01
N ALA H 225 -35.36 -10.23 5.11
CA ALA H 225 -33.99 -10.62 5.46
C ALA H 225 -33.40 -9.70 6.52
N VAL H 226 -33.58 -8.37 6.37
CA VAL H 226 -33.13 -7.43 7.39
C VAL H 226 -33.85 -7.66 8.70
N ASN H 227 -35.13 -8.03 8.63
CA ASN H 227 -35.90 -8.24 9.86
C ASN H 227 -35.31 -9.34 10.74
N ASP H 228 -34.76 -10.37 10.10
CA ASP H 228 -34.24 -11.55 10.78
C ASP H 228 -32.76 -11.48 11.08
N LEU H 229 -31.96 -10.99 10.14
CA LEU H 229 -30.52 -11.08 10.24
C LEU H 229 -29.87 -9.79 10.71
N GLY H 230 -30.52 -8.64 10.51
CA GLY H 230 -29.91 -7.36 10.82
C GLY H 230 -29.34 -6.60 9.65
N THR H 231 -29.58 -5.28 9.67
CA THR H 231 -28.91 -4.34 8.76
C THR H 231 -27.47 -4.72 8.41
N GLU H 232 -26.65 -4.98 9.44
CA GLU H 232 -25.20 -5.03 9.27
C GLU H 232 -24.78 -6.33 8.61
N TYR H 233 -25.44 -7.45 8.95
CA TYR H 233 -25.14 -8.69 8.24
C TYR H 233 -25.52 -8.58 6.79
N VAL H 234 -26.72 -8.07 6.51
CA VAL H 234 -27.18 -8.05 5.12
C VAL H 234 -26.33 -7.10 4.28
N HIS H 235 -25.83 -6.02 4.86
CA HIS H 235 -25.08 -5.07 4.07
C HIS H 235 -23.57 -5.32 4.10
N ARG H 236 -23.14 -6.53 4.42
CA ARG H 236 -21.87 -7.06 3.93
C ARG H 236 -22.02 -7.68 2.55
N TYR H 237 -23.25 -8.04 2.18
CA TYR H 237 -23.49 -8.83 0.99
C TYR H 237 -24.06 -8.03 -0.17
N VAL H 238 -24.74 -6.90 0.10
CA VAL H 238 -25.39 -6.08 -0.91
C VAL H 238 -25.16 -4.61 -0.53
N GLY H 239 -24.83 -3.77 -1.53
CA GLY H 239 -24.63 -2.36 -1.27
C GLY H 239 -25.91 -1.68 -0.80
N LYS H 240 -25.90 -0.34 -0.60
CA LYS H 240 -27.17 0.29 -0.26
C LYS H 240 -27.45 1.60 -1.01
N GLU H 241 -26.76 1.87 -2.13
CA GLU H 241 -27.02 3.05 -2.96
C GLU H 241 -27.59 2.64 -4.31
N PRO H 242 -28.02 3.57 -5.16
CA PRO H 242 -28.24 3.23 -6.57
C PRO H 242 -27.02 3.51 -7.44
N SER H 243 -26.93 2.77 -8.56
CA SER H 243 -25.67 2.60 -9.28
C SER H 243 -25.29 3.80 -10.14
N GLY H 244 -26.20 4.27 -11.00
CA GLY H 244 -25.89 5.32 -11.96
C GLY H 244 -26.46 5.05 -13.35
N LEU H 245 -27.04 6.07 -14.00
CA LEU H 245 -27.97 5.83 -15.10
C LEU H 245 -27.36 5.12 -16.31
N ARG H 246 -26.04 4.93 -16.35
CA ARG H 246 -25.47 3.89 -17.18
C ARG H 246 -24.36 3.19 -16.39
N PHE H 247 -24.68 2.86 -15.14
CA PHE H 247 -24.15 1.68 -14.48
C PHE H 247 -25.24 0.60 -14.34
N ASN H 248 -26.34 0.77 -15.09
CA ASN H 248 -27.43 -0.21 -15.19
C ASN H 248 -26.92 -1.63 -15.48
N LYS H 249 -25.83 -1.76 -16.25
CA LYS H 249 -25.42 -3.03 -16.82
C LYS H 249 -24.42 -3.79 -15.96
N LEU H 250 -23.67 -3.10 -15.11
CA LEU H 250 -22.79 -3.75 -14.14
C LEU H 250 -23.59 -4.56 -13.12
N PHE H 251 -22.94 -5.58 -12.56
CA PHE H 251 -23.55 -6.34 -11.46
C PHE H 251 -23.06 -5.87 -10.11
N LEU H 252 -21.78 -5.53 -10.04
CA LEU H 252 -21.08 -5.27 -8.80
C LEU H 252 -20.64 -3.82 -8.77
N ASN H 253 -20.63 -3.25 -7.57
CA ASN H 253 -20.13 -1.90 -7.35
C ASN H 253 -18.62 -1.98 -7.08
N GLU H 254 -18.02 -0.94 -6.49
CA GLU H 254 -16.57 -0.89 -6.29
C GLU H 254 -16.08 -1.82 -5.19
N ASP H 255 -16.97 -2.38 -4.37
CA ASP H 255 -16.58 -3.24 -3.28
C ASP H 255 -16.91 -4.70 -3.55
N ASP H 256 -17.41 -5.00 -4.76
CA ASP H 256 -17.68 -6.35 -5.27
C ASP H 256 -18.87 -7.03 -4.58
N LYS H 257 -19.83 -6.20 -4.04
CA LYS H 257 -21.22 -6.47 -3.69
C LYS H 257 -22.12 -5.93 -4.78
N PRO H 258 -23.31 -6.49 -5.02
CA PRO H 258 -24.28 -5.83 -5.90
C PRO H 258 -24.68 -4.48 -5.33
N HIS H 259 -25.34 -3.67 -6.16
CA HIS H 259 -25.43 -2.24 -5.84
C HIS H 259 -26.49 -1.92 -4.78
N ASN H 260 -27.54 -2.75 -4.67
CA ASN H 260 -28.68 -2.54 -3.79
C ASN H 260 -29.64 -3.73 -3.92
N PRO H 261 -30.48 -4.00 -2.92
CA PRO H 261 -31.37 -5.15 -3.03
C PRO H 261 -32.52 -4.98 -4.01
N MET H 262 -32.60 -3.88 -4.76
CA MET H 262 -33.66 -3.75 -5.75
C MET H 262 -33.21 -4.12 -7.15
N VAL H 263 -31.91 -4.36 -7.35
CA VAL H 263 -31.41 -4.81 -8.64
C VAL H 263 -31.21 -6.32 -8.59
N ASN H 264 -31.21 -6.94 -9.78
CA ASN H 264 -31.25 -8.40 -9.85
C ASN H 264 -30.00 -9.02 -9.22
N ALA H 265 -28.83 -8.39 -9.40
CA ALA H 265 -27.65 -8.90 -8.71
C ALA H 265 -27.87 -8.91 -7.20
N GLY H 266 -28.42 -7.83 -6.64
CA GLY H 266 -28.62 -7.76 -5.20
C GLY H 266 -29.77 -8.62 -4.70
N ALA H 267 -30.84 -8.74 -5.50
CA ALA H 267 -31.99 -9.52 -5.09
C ALA H 267 -31.61 -11.00 -4.98
N ILE H 268 -31.13 -11.58 -6.08
CA ILE H 268 -30.44 -12.86 -6.10
C ILE H 268 -29.46 -13.01 -4.94
N VAL H 269 -28.86 -11.91 -4.48
CA VAL H 269 -28.04 -12.05 -3.28
C VAL H 269 -28.91 -12.06 -2.02
N VAL H 270 -29.91 -11.17 -1.94
CA VAL H 270 -30.76 -11.15 -0.75
C VAL H 270 -31.38 -12.52 -0.51
N THR H 271 -31.75 -13.20 -1.60
CA THR H 271 -32.41 -14.50 -1.54
C THR H 271 -31.54 -15.57 -0.88
N SER H 272 -30.22 -15.54 -1.11
CA SER H 272 -29.33 -16.49 -0.43
C SER H 272 -29.15 -16.21 1.06
N LEU H 273 -29.75 -15.17 1.64
CA LEU H 273 -29.58 -14.92 3.07
C LEU H 273 -30.77 -15.44 3.90
N ILE H 274 -31.92 -15.63 3.26
CA ILE H 274 -33.15 -15.92 3.96
C ILE H 274 -33.18 -17.39 4.31
N LYS H 275 -33.17 -17.70 5.60
CA LYS H 275 -33.43 -19.04 6.10
C LYS H 275 -32.38 -20.03 5.59
N GLN H 276 -31.11 -19.71 5.86
CA GLN H 276 -30.03 -20.62 5.46
C GLN H 276 -30.09 -21.89 6.28
N GLY H 277 -29.37 -22.91 5.81
CA GLY H 277 -29.34 -24.20 6.47
C GLY H 277 -30.64 -25.00 6.40
N VAL H 278 -31.62 -24.55 5.62
CA VAL H 278 -32.90 -25.19 5.41
C VAL H 278 -33.10 -25.33 3.90
N ASN H 279 -33.88 -26.32 3.46
CA ASN H 279 -33.92 -26.52 2.02
C ASN H 279 -34.89 -25.55 1.33
N ASN H 280 -34.86 -25.60 0.00
CA ASN H 280 -35.52 -24.56 -0.81
C ASN H 280 -37.05 -24.64 -0.75
N ALA H 281 -37.62 -25.80 -0.46
CA ALA H 281 -39.07 -25.89 -0.35
C ALA H 281 -39.59 -25.33 0.99
N GLU H 282 -38.81 -25.47 2.06
CA GLU H 282 -39.20 -24.87 3.34
C GLU H 282 -38.88 -23.40 3.40
N LYS H 283 -37.72 -23.00 2.85
CA LYS H 283 -37.43 -21.60 2.56
C LYS H 283 -38.64 -20.90 1.93
N PHE H 284 -39.19 -21.50 0.87
CA PHE H 284 -40.36 -20.91 0.22
C PHE H 284 -41.52 -20.78 1.20
N ASP H 285 -41.88 -21.89 1.87
CA ASP H 285 -42.97 -21.85 2.86
C ASP H 285 -42.77 -20.74 3.88
N TYR H 286 -41.53 -20.53 4.34
CA TYR H 286 -41.27 -19.47 5.31
C TYR H 286 -41.63 -18.11 4.73
N VAL H 287 -41.15 -17.81 3.51
CA VAL H 287 -41.44 -16.52 2.88
C VAL H 287 -42.93 -16.40 2.57
N MET H 288 -43.58 -17.50 2.21
CA MET H 288 -45.03 -17.51 2.12
C MET H 288 -45.68 -17.16 3.46
N GLN H 289 -45.26 -17.84 4.55
CA GLN H 289 -45.73 -17.49 5.88
C GLN H 289 -45.59 -15.99 6.15
N PHE H 290 -44.39 -15.45 5.89
CA PHE H 290 -44.12 -14.05 6.19
C PHE H 290 -44.95 -13.11 5.30
N LEU H 291 -44.98 -13.37 3.99
CA LEU H 291 -45.84 -12.53 3.14
C LEU H 291 -47.30 -12.63 3.56
N ASN H 292 -47.69 -13.73 4.18
CA ASN H 292 -49.07 -13.87 4.63
C ASN H 292 -49.39 -12.89 5.75
N LYS H 293 -48.48 -12.77 6.72
CA LYS H 293 -48.70 -11.86 7.84
C LYS H 293 -48.82 -10.43 7.35
N MET H 294 -48.13 -10.12 6.23
CA MET H 294 -48.09 -8.77 5.68
C MET H 294 -49.44 -8.38 5.07
N ALA H 295 -49.93 -9.16 4.13
CA ALA H 295 -51.25 -8.86 3.61
C ALA H 295 -52.39 -9.26 4.59
N GLY H 296 -52.09 -9.51 5.86
CA GLY H 296 -53.18 -9.84 6.77
C GLY H 296 -54.10 -10.92 6.25
N ASN H 297 -53.52 -11.92 5.60
CA ASN H 297 -54.14 -13.19 5.24
C ASN H 297 -55.09 -13.05 4.06
N GLU H 298 -54.91 -11.99 3.26
CA GLU H 298 -55.53 -11.84 1.96
C GLU H 298 -54.68 -12.59 0.93
N TYR H 299 -55.06 -12.46 -0.35
CA TYR H 299 -54.58 -13.40 -1.35
C TYR H 299 -53.06 -13.35 -1.47
N VAL H 300 -52.43 -14.50 -1.30
CA VAL H 300 -51.03 -14.69 -1.66
C VAL H 300 -50.96 -16.05 -2.34
N GLY H 301 -50.46 -16.07 -3.57
CA GLY H 301 -50.47 -17.32 -4.32
C GLY H 301 -49.19 -17.64 -5.08
N PHE H 302 -49.26 -18.61 -5.99
CA PHE H 302 -48.09 -19.00 -6.77
C PHE H 302 -48.53 -19.64 -8.08
N SER H 303 -48.09 -19.06 -9.18
CA SER H 303 -48.37 -19.57 -10.51
C SER H 303 -47.20 -20.42 -10.98
N ASN H 304 -47.29 -21.75 -10.81
CA ASN H 304 -46.20 -22.62 -11.24
C ASN H 304 -45.83 -22.38 -12.70
N ALA H 305 -46.83 -22.04 -13.54
CA ALA H 305 -46.66 -21.65 -14.93
C ALA H 305 -45.55 -20.64 -15.12
N THR H 306 -45.79 -19.42 -14.63
CA THR H 306 -44.80 -18.34 -14.72
C THR H 306 -43.44 -18.83 -14.25
N PHE H 307 -43.43 -19.68 -13.21
CA PHE H 307 -42.17 -20.12 -12.65
C PHE H 307 -41.39 -20.94 -13.66
N GLN H 308 -42.07 -21.80 -14.41
CA GLN H 308 -41.41 -22.60 -15.44
C GLN H 308 -40.75 -21.71 -16.50
N SER H 309 -41.49 -20.72 -17.01
CA SER H 309 -40.92 -19.84 -18.03
C SER H 309 -39.76 -19.03 -17.50
N GLU H 310 -39.90 -18.47 -16.28
CA GLU H 310 -38.78 -17.76 -15.66
C GLU H 310 -37.61 -18.64 -15.36
N ARG H 311 -37.79 -19.96 -15.40
CA ARG H 311 -36.71 -20.93 -15.21
C ARG H 311 -35.99 -21.23 -16.51
N GLU H 312 -36.75 -21.46 -17.59
CA GLU H 312 -36.16 -21.82 -18.86
C GLU H 312 -35.39 -20.66 -19.50
N SER H 313 -35.59 -19.45 -19.02
CA SER H 313 -35.26 -18.25 -19.78
C SER H 313 -34.37 -17.26 -19.05
N GLY H 314 -33.95 -17.54 -17.84
CA GLY H 314 -33.14 -16.56 -17.15
C GLY H 314 -31.66 -16.75 -17.38
N ASP H 315 -31.26 -16.97 -18.64
CA ASP H 315 -29.84 -16.99 -18.95
C ASP H 315 -29.13 -15.78 -18.34
N ARG H 316 -29.85 -14.64 -18.25
CA ARG H 316 -29.28 -13.47 -17.60
C ARG H 316 -29.06 -13.70 -16.11
N ASN H 317 -30.05 -14.25 -15.42
CA ASN H 317 -29.86 -14.46 -14.00
C ASN H 317 -28.85 -15.54 -13.73
N PHE H 318 -28.77 -16.53 -14.62
CA PHE H 318 -27.66 -17.48 -14.56
C PHE H 318 -26.33 -16.74 -14.75
N ALA H 319 -26.24 -15.93 -15.79
CA ALA H 319 -25.09 -15.05 -15.98
C ALA H 319 -24.72 -14.30 -14.68
N ILE H 320 -25.67 -13.54 -14.13
CA ILE H 320 -25.42 -12.84 -12.86
C ILE H 320 -24.99 -13.83 -11.79
N GLY H 321 -25.75 -14.92 -11.66
CA GLY H 321 -25.49 -15.85 -10.58
C GLY H 321 -24.08 -16.35 -10.59
N TYR H 322 -23.62 -16.82 -11.76
CA TYR H 322 -22.27 -17.36 -11.85
C TYR H 322 -21.21 -16.28 -11.58
N TYR H 323 -21.45 -15.04 -12.04
CA TYR H 323 -20.50 -13.96 -11.76
C TYR H 323 -20.35 -13.77 -10.25
N LEU H 324 -21.49 -13.81 -9.53
CA LEU H 324 -21.49 -13.68 -8.08
C LEU H 324 -20.73 -14.82 -7.42
N LYS H 325 -20.88 -16.05 -7.94
CA LYS H 325 -20.17 -17.20 -7.37
C LYS H 325 -18.66 -17.04 -7.51
N GLU H 326 -18.18 -16.86 -8.75
CA GLU H 326 -16.75 -16.61 -9.00
C GLU H 326 -16.23 -15.50 -8.09
N LYS H 327 -16.94 -14.38 -8.02
CA LYS H 327 -16.49 -13.22 -7.28
C LYS H 327 -16.80 -13.29 -5.78
N LYS H 328 -17.40 -14.39 -5.29
CA LYS H 328 -17.41 -14.77 -3.85
C LYS H 328 -18.30 -13.86 -2.98
N CYS H 329 -19.54 -13.64 -3.44
CA CYS H 329 -20.49 -12.75 -2.78
C CYS H 329 -21.59 -13.46 -1.99
N PHE H 330 -21.84 -14.74 -2.23
CA PHE H 330 -22.79 -15.47 -1.42
C PHE H 330 -22.17 -15.86 -0.08
N PRO H 331 -22.98 -16.23 0.92
CA PRO H 331 -22.40 -16.69 2.17
C PRO H 331 -21.81 -18.10 2.05
N GLU H 332 -20.86 -18.36 2.94
CA GLU H 332 -20.16 -19.63 2.95
C GLU H 332 -21.16 -20.77 2.98
N GLY H 333 -21.03 -21.70 2.03
CA GLY H 333 -21.91 -22.85 2.00
C GLY H 333 -23.15 -22.68 1.17
N THR H 334 -23.14 -21.73 0.23
CA THR H 334 -24.27 -21.54 -0.67
C THR H 334 -24.23 -22.58 -1.78
N ASP H 335 -25.42 -22.92 -2.29
CA ASP H 335 -25.56 -23.71 -3.52
C ASP H 335 -26.23 -22.79 -4.56
N MET H 336 -25.40 -22.10 -5.34
CA MET H 336 -25.88 -21.02 -6.20
C MET H 336 -27.04 -21.44 -7.10
N VAL H 337 -26.84 -22.47 -7.94
CA VAL H 337 -27.88 -22.85 -8.89
C VAL H 337 -29.23 -23.02 -8.18
N GLY H 338 -29.21 -23.56 -6.96
CA GLY H 338 -30.44 -23.71 -6.19
C GLY H 338 -31.18 -22.41 -5.94
N ILE H 339 -30.50 -21.39 -5.43
CA ILE H 339 -31.23 -20.19 -5.08
C ILE H 339 -31.68 -19.40 -6.32
N LEU H 340 -31.03 -19.58 -7.46
CA LEU H 340 -31.63 -19.09 -8.69
C LEU H 340 -33.05 -19.63 -8.85
N ASP H 341 -33.24 -20.92 -8.53
CA ASP H 341 -34.56 -21.53 -8.47
C ASP H 341 -35.43 -20.90 -7.40
N PHE H 342 -34.88 -20.70 -6.20
CA PHE H 342 -35.64 -20.02 -5.17
C PHE H 342 -36.06 -18.65 -5.67
N TYR H 343 -35.10 -17.89 -6.25
CA TYR H 343 -35.37 -16.54 -6.74
C TYR H 343 -36.43 -16.55 -7.84
N PHE H 344 -36.33 -17.50 -8.78
CA PHE H 344 -37.39 -17.63 -9.78
C PHE H 344 -38.74 -17.89 -9.13
N GLN H 345 -38.77 -18.72 -8.08
CA GLN H 345 -40.03 -18.98 -7.39
C GLN H 345 -40.59 -17.71 -6.78
N LEU H 346 -39.76 -16.99 -6.01
CA LEU H 346 -40.17 -15.76 -5.34
C LEU H 346 -40.80 -14.75 -6.30
N CYS H 347 -40.31 -14.67 -7.54
CA CYS H 347 -40.86 -13.74 -8.53
C CYS H 347 -42.21 -14.22 -9.08
N SER H 348 -42.52 -15.52 -8.98
CA SER H 348 -43.78 -16.04 -9.49
C SER H 348 -44.80 -16.22 -8.38
N ILE H 349 -44.63 -15.53 -7.27
CA ILE H 349 -45.63 -15.48 -6.21
C ILE H 349 -46.75 -14.57 -6.67
N GLU H 350 -47.99 -14.94 -6.38
CA GLU H 350 -49.14 -14.22 -6.91
C GLU H 350 -49.78 -13.36 -5.83
N VAL H 351 -50.30 -12.20 -6.27
CA VAL H 351 -51.02 -11.24 -5.44
C VAL H 351 -52.23 -10.76 -6.23
N THR H 352 -53.15 -10.11 -5.53
CA THR H 352 -54.16 -9.29 -6.18
C THR H 352 -53.78 -7.85 -5.93
N CYS H 353 -54.44 -6.93 -6.62
CA CYS H 353 -54.26 -5.54 -6.24
C CYS H 353 -54.51 -5.39 -4.75
N GLU H 354 -55.65 -5.90 -4.29
CA GLU H 354 -56.07 -5.64 -2.93
C GLU H 354 -55.08 -6.20 -1.93
N SER H 355 -54.64 -7.44 -2.12
CA SER H 355 -53.86 -8.08 -1.08
C SER H 355 -52.50 -7.41 -0.95
N ALA H 356 -51.92 -6.97 -2.05
CA ALA H 356 -50.61 -6.33 -1.98
C ALA H 356 -50.71 -4.94 -1.35
N SER H 357 -51.78 -4.20 -1.65
CA SER H 357 -51.97 -2.91 -1.00
C SER H 357 -51.92 -3.02 0.52
N VAL H 358 -52.12 -4.21 1.07
CA VAL H 358 -51.98 -4.39 2.51
C VAL H 358 -50.52 -4.57 2.88
N MET H 359 -49.83 -5.46 2.16
CA MET H 359 -48.38 -5.55 2.24
C MET H 359 -47.80 -4.14 2.17
N ALA H 360 -48.33 -3.32 1.23
CA ALA H 360 -47.85 -1.95 1.07
C ALA H 360 -48.16 -1.11 2.28
N ALA H 361 -49.35 -1.28 2.86
CA ALA H 361 -49.73 -0.54 4.06
C ALA H 361 -49.01 -1.05 5.29
N THR H 362 -48.56 -2.30 5.28
CA THR H 362 -47.73 -2.81 6.37
C THR H 362 -46.41 -2.07 6.45
N LEU H 363 -45.82 -1.75 5.29
CA LEU H 363 -44.65 -0.89 5.21
C LEU H 363 -44.97 0.54 5.62
N ALA H 364 -46.16 1.04 5.24
CA ALA H 364 -46.59 2.38 5.61
C ALA H 364 -46.80 2.55 7.12
N ASN H 365 -46.82 1.46 7.89
CA ASN H 365 -47.21 1.51 9.28
C ASN H 365 -46.13 1.01 10.24
N GLY H 366 -44.86 1.27 9.94
CA GLY H 366 -43.83 0.89 10.89
C GLY H 366 -43.65 -0.61 11.04
N GLY H 367 -44.22 -1.36 10.11
CA GLY H 367 -44.18 -2.80 10.18
C GLY H 367 -45.32 -3.48 10.91
N PHE H 368 -46.41 -2.77 11.22
CA PHE H 368 -47.60 -3.37 11.85
C PHE H 368 -48.68 -3.49 10.79
N CYS H 369 -49.25 -4.69 10.63
CA CYS H 369 -50.30 -4.88 9.66
C CYS H 369 -51.54 -4.08 10.06
N PRO H 370 -52.11 -3.25 9.18
CA PRO H 370 -53.21 -2.38 9.59
C PRO H 370 -54.55 -3.07 9.73
N ILE H 371 -54.78 -4.23 9.11
CA ILE H 371 -56.06 -4.90 9.29
C ILE H 371 -56.00 -5.97 10.35
N THR H 372 -54.82 -6.21 10.93
CA THR H 372 -54.75 -7.21 11.99
C THR H 372 -54.10 -6.63 13.24
N GLY H 373 -53.25 -5.61 13.06
CA GLY H 373 -52.54 -5.02 14.18
C GLY H 373 -51.33 -5.80 14.66
N GLU H 374 -50.94 -6.83 13.92
CA GLU H 374 -49.80 -7.65 14.28
C GLU H 374 -48.48 -7.11 13.74
N ARG H 375 -47.43 -7.17 14.57
CA ARG H 375 -46.12 -6.69 14.21
C ARG H 375 -45.44 -7.71 13.29
N VAL H 376 -45.36 -7.39 12.00
CA VAL H 376 -44.85 -8.31 10.99
C VAL H 376 -43.37 -8.08 10.69
N LEU H 377 -42.93 -6.81 10.69
CA LEU H 377 -41.57 -6.42 10.35
C LEU H 377 -41.00 -5.47 11.39
N SER H 378 -39.74 -5.70 11.75
CA SER H 378 -39.06 -4.79 12.68
C SER H 378 -38.93 -3.40 12.06
N PRO H 379 -38.97 -2.35 12.87
CA PRO H 379 -39.02 -1.00 12.28
C PRO H 379 -37.76 -0.65 11.55
N GLU H 380 -36.67 -1.38 11.80
CA GLU H 380 -35.44 -1.22 11.02
C GLU H 380 -35.60 -1.72 9.59
N ALA H 381 -36.18 -2.91 9.41
CA ALA H 381 -36.43 -3.42 8.07
C ALA H 381 -37.34 -2.50 7.24
N VAL H 382 -38.38 -1.95 7.85
CA VAL H 382 -39.29 -1.14 7.06
C VAL H 382 -38.64 0.20 6.69
N ARG H 383 -37.83 0.76 7.59
CA ARG H 383 -37.15 2.01 7.23
C ARG H 383 -36.14 1.74 6.12
N ASN H 384 -35.27 0.75 6.35
CA ASN H 384 -34.30 0.31 5.35
C ASN H 384 -34.95 0.18 3.99
N THR H 385 -36.13 -0.42 3.93
CA THR H 385 -36.75 -0.73 2.64
C THR H 385 -37.31 0.51 1.97
N LEU H 386 -38.09 1.29 2.70
CA LEU H 386 -38.61 2.53 2.15
C LEU H 386 -37.46 3.46 1.73
N SER H 387 -36.28 3.33 2.37
CA SER H 387 -35.12 4.10 1.93
C SER H 387 -34.63 3.65 0.56
N LEU H 388 -34.66 2.35 0.28
CA LEU H 388 -34.08 1.85 -0.96
C LEU H 388 -35.10 1.80 -2.08
N MET H 389 -36.39 1.72 -1.75
CA MET H 389 -37.42 1.93 -2.75
C MET H 389 -37.37 3.35 -3.29
N HIS H 390 -37.04 4.34 -2.44
CA HIS H 390 -37.01 5.76 -2.82
C HIS H 390 -35.94 6.09 -3.84
N SER H 391 -34.94 5.24 -4.05
CA SER H 391 -33.82 5.62 -4.90
C SER H 391 -33.41 4.58 -5.93
N CYS H 392 -33.81 3.31 -5.76
CA CYS H 392 -33.50 2.18 -6.62
C CYS H 392 -34.75 1.40 -7.01
N GLY H 393 -35.92 2.04 -7.00
CA GLY H 393 -37.16 1.30 -7.05
C GLY H 393 -37.79 1.15 -8.41
N MET H 394 -37.50 2.04 -9.33
CA MET H 394 -38.24 2.05 -10.58
C MET H 394 -37.31 1.92 -11.76
N TYR H 395 -36.30 1.06 -11.63
CA TYR H 395 -35.36 0.79 -12.72
C TYR H 395 -34.69 2.11 -13.10
N ASP H 396 -34.44 2.38 -14.39
CA ASP H 396 -33.75 3.61 -14.78
C ASP H 396 -34.60 4.86 -14.53
N PHE H 397 -35.86 4.69 -14.16
CA PHE H 397 -36.70 5.84 -13.89
C PHE H 397 -36.63 6.26 -12.44
N SER H 398 -35.78 5.61 -11.63
CA SER H 398 -35.81 5.85 -10.19
C SER H 398 -35.49 7.30 -9.86
N GLY H 399 -34.45 7.84 -10.50
CA GLY H 399 -34.11 9.23 -10.41
C GLY H 399 -35.27 10.18 -10.68
N GLN H 400 -35.81 10.17 -11.91
CA GLN H 400 -36.95 11.05 -12.19
C GLN H 400 -38.12 10.71 -11.30
N PHE H 401 -38.28 9.44 -10.93
CA PHE H 401 -39.43 9.08 -10.11
C PHE H 401 -39.33 9.71 -8.73
N ALA H 402 -38.16 9.65 -8.08
CA ALA H 402 -38.06 10.21 -6.74
C ALA H 402 -38.19 11.72 -6.74
N PHE H 403 -37.80 12.37 -7.84
CA PHE H 403 -37.95 13.81 -7.94
C PHE H 403 -39.40 14.22 -8.00
N HIS H 404 -40.16 13.67 -8.95
CA HIS H 404 -41.51 14.16 -9.20
C HIS H 404 -42.58 13.54 -8.31
N VAL H 405 -42.27 12.44 -7.61
CA VAL H 405 -43.26 11.67 -6.88
C VAL H 405 -42.89 11.55 -5.40
N GLY H 406 -41.62 11.36 -5.09
CA GLY H 406 -41.20 11.24 -3.70
C GLY H 406 -41.74 10.05 -2.92
N LEU H 407 -42.47 9.17 -3.56
CA LEU H 407 -43.00 8.07 -2.76
C LEU H 407 -42.16 6.82 -2.98
N PRO H 408 -41.74 6.09 -1.95
CA PRO H 408 -41.07 4.82 -2.21
C PRO H 408 -42.01 3.90 -2.98
N ALA H 409 -41.54 3.38 -4.11
CA ALA H 409 -42.35 2.44 -4.86
C ALA H 409 -41.50 1.29 -5.35
N LYS H 410 -42.15 0.25 -5.86
CA LYS H 410 -41.45 -0.84 -6.54
C LYS H 410 -42.29 -1.31 -7.71
N SER H 411 -41.63 -1.57 -8.82
CA SER H 411 -42.32 -1.98 -10.04
C SER H 411 -41.98 -3.42 -10.40
N GLY H 412 -42.76 -3.95 -11.33
CA GLY H 412 -42.62 -5.32 -11.75
C GLY H 412 -43.11 -5.49 -13.17
N VAL H 413 -42.48 -6.40 -13.90
CA VAL H 413 -42.74 -6.56 -15.33
C VAL H 413 -44.15 -7.11 -15.63
N ALA H 414 -44.76 -7.84 -14.69
CA ALA H 414 -46.17 -8.18 -14.81
C ALA H 414 -47.07 -6.95 -14.89
N GLY H 415 -46.54 -5.76 -14.59
CA GLY H 415 -47.33 -4.55 -14.50
C GLY H 415 -47.57 -4.01 -13.09
N GLY H 416 -46.91 -4.57 -12.06
CA GLY H 416 -47.15 -4.14 -10.70
C GLY H 416 -46.47 -2.81 -10.42
N ILE H 417 -47.05 -2.06 -9.48
CA ILE H 417 -46.39 -0.91 -8.83
C ILE H 417 -46.84 -0.83 -7.38
N LEU H 418 -45.99 -1.30 -6.46
CA LEU H 418 -46.31 -1.37 -5.04
C LEU H 418 -45.87 -0.06 -4.40
N LEU H 419 -46.83 0.71 -3.91
CA LEU H 419 -46.64 2.10 -3.51
C LEU H 419 -46.86 2.30 -2.02
N VAL H 420 -45.94 3.00 -1.39
CA VAL H 420 -46.11 3.39 0.00
C VAL H 420 -46.26 4.90 0.06
N VAL H 421 -47.20 5.36 0.87
CA VAL H 421 -47.21 6.76 1.30
C VAL H 421 -47.02 6.74 2.80
N PRO H 422 -45.78 6.88 3.29
CA PRO H 422 -45.48 6.66 4.71
C PRO H 422 -46.38 7.46 5.64
N ASN H 423 -46.98 6.74 6.59
CA ASN H 423 -47.84 7.25 7.65
C ASN H 423 -49.24 7.61 7.17
N VAL H 424 -49.59 7.26 5.93
CA VAL H 424 -50.93 7.50 5.37
C VAL H 424 -51.59 6.20 4.94
N MET H 425 -50.93 5.46 4.05
CA MET H 425 -51.54 4.38 3.29
C MET H 425 -50.46 3.71 2.43
N GLY H 426 -50.73 2.46 2.03
CA GLY H 426 -49.96 1.76 1.01
C GLY H 426 -50.89 1.41 -0.13
N MET H 427 -50.35 1.15 -1.34
CA MET H 427 -51.15 0.93 -2.54
C MET H 427 -50.61 -0.23 -3.36
N MET H 428 -51.43 -0.70 -4.32
CA MET H 428 -50.96 -1.55 -5.42
C MET H 428 -51.68 -1.17 -6.69
N CYS H 429 -50.93 -0.86 -7.75
CA CYS H 429 -51.51 -0.47 -9.03
C CYS H 429 -51.05 -1.44 -10.10
N TRP H 430 -51.94 -1.77 -11.02
CA TRP H 430 -51.66 -2.89 -11.89
C TRP H 430 -52.24 -2.68 -13.29
N SER H 431 -51.36 -2.39 -14.24
CA SER H 431 -51.68 -2.46 -15.67
C SER H 431 -50.55 -3.23 -16.36
N PRO H 432 -50.86 -4.29 -17.10
CA PRO H 432 -49.81 -5.12 -17.69
C PRO H 432 -48.92 -4.39 -18.70
N PRO H 433 -49.43 -3.38 -19.45
CA PRO H 433 -48.53 -2.67 -20.39
C PRO H 433 -47.45 -1.83 -19.69
N LEU H 434 -46.19 -2.06 -20.07
CA LEU H 434 -45.05 -1.33 -19.53
C LEU H 434 -44.54 -0.27 -20.50
N ASP H 435 -43.85 0.73 -19.95
CA ASP H 435 -43.22 1.70 -20.81
C ASP H 435 -41.85 1.14 -21.20
N LYS H 436 -41.06 1.96 -21.90
CA LYS H 436 -39.76 1.55 -22.45
C LYS H 436 -38.68 1.41 -21.37
N MET H 437 -38.98 1.77 -20.13
CA MET H 437 -38.07 1.49 -19.02
C MET H 437 -38.53 0.35 -18.14
N GLY H 438 -39.74 -0.17 -18.31
CA GLY H 438 -40.19 -1.34 -17.57
C GLY H 438 -41.30 -1.13 -16.53
N ASN H 439 -41.98 0.01 -16.57
CA ASN H 439 -42.95 0.40 -15.56
C ASN H 439 -44.33 0.54 -16.18
N SER H 440 -45.33 0.06 -15.46
CA SER H 440 -46.73 0.20 -15.84
C SER H 440 -46.99 1.59 -16.36
N VAL H 441 -47.42 1.68 -17.61
CA VAL H 441 -47.72 2.99 -18.17
C VAL H 441 -48.77 3.71 -17.32
N LYS H 442 -49.90 3.04 -17.01
CA LYS H 442 -50.93 3.67 -16.19
C LYS H 442 -50.46 3.87 -14.75
N GLY H 443 -49.83 2.85 -14.17
CA GLY H 443 -49.11 2.96 -12.92
C GLY H 443 -48.33 4.25 -12.79
N ILE H 444 -47.40 4.55 -13.71
CA ILE H 444 -46.61 5.78 -13.60
C ILE H 444 -47.52 6.99 -13.70
N HIS H 445 -48.42 6.97 -14.68
CA HIS H 445 -49.31 8.10 -14.90
C HIS H 445 -50.21 8.34 -13.69
N PHE H 446 -50.49 7.30 -12.93
CA PHE H 446 -51.26 7.46 -11.70
C PHE H 446 -50.45 8.22 -10.65
N CYS H 447 -49.31 7.64 -10.23
CA CYS H 447 -48.50 8.22 -9.16
C CYS H 447 -48.20 9.69 -9.38
N HIS H 448 -47.90 10.08 -10.62
CA HIS H 448 -47.77 11.49 -10.92
C HIS H 448 -49.05 12.25 -10.55
N ASP H 449 -50.21 11.76 -11.00
CA ASP H 449 -51.46 12.47 -10.74
C ASP H 449 -51.75 12.55 -9.24
N LEU H 450 -51.40 11.51 -8.50
CA LEU H 450 -51.63 11.51 -7.05
C LEU H 450 -50.83 12.62 -6.37
N VAL H 451 -49.51 12.61 -6.56
CA VAL H 451 -48.67 13.64 -5.94
C VAL H 451 -49.08 15.03 -6.43
N SER H 452 -49.37 15.16 -7.73
CA SER H 452 -49.96 16.40 -8.22
C SER H 452 -51.07 16.87 -7.29
N LEU H 453 -52.03 15.99 -7.01
CA LEU H 453 -53.23 16.39 -6.27
C LEU H 453 -52.97 16.47 -4.77
N CYS H 454 -52.30 15.49 -4.18
CA CYS H 454 -52.20 15.40 -2.74
C CYS H 454 -50.79 15.71 -2.30
N ASN H 455 -50.66 16.51 -1.23
CA ASN H 455 -49.35 16.80 -0.65
C ASN H 455 -48.67 15.56 -0.09
N PHE H 456 -48.74 14.44 -0.81
CA PHE H 456 -48.12 13.21 -0.36
C PHE H 456 -46.65 13.11 -0.75
N HIS H 457 -46.14 14.04 -1.56
CA HIS H 457 -44.72 14.03 -1.91
C HIS H 457 -43.90 14.02 -0.63
N ASN H 458 -42.89 13.14 -0.60
CA ASN H 458 -42.03 13.00 0.56
C ASN H 458 -41.55 14.33 1.12
N TYR H 459 -41.33 15.31 0.26
CA TYR H 459 -40.76 16.59 0.65
C TYR H 459 -41.69 17.74 0.36
N ASP H 460 -42.99 17.45 0.31
CA ASP H 460 -43.95 18.51 0.47
C ASP H 460 -43.86 19.03 1.90
N ASN H 461 -44.57 20.11 2.16
CA ASN H 461 -44.69 20.64 3.51
C ASN H 461 -46.11 20.40 3.98
N LEU H 462 -46.25 19.86 5.20
CA LEU H 462 -47.57 19.55 5.74
C LEU H 462 -48.37 20.78 6.11
N ARG H 463 -47.71 21.92 6.37
CA ARG H 463 -48.34 23.15 6.83
C ARG H 463 -48.54 24.20 5.74
N HIS H 464 -47.62 24.32 4.79
CA HIS H 464 -47.75 25.27 3.68
C HIS H 464 -47.62 24.50 2.38
N PHE H 465 -48.74 24.13 1.76
CA PHE H 465 -48.66 23.23 0.62
C PHE H 465 -49.43 23.75 -0.58
N ALA H 466 -49.37 25.04 -0.84
CA ALA H 466 -49.82 25.60 -2.13
C ALA H 466 -51.29 25.24 -2.36
N LYS H 467 -51.67 24.78 -3.55
CA LYS H 467 -53.05 24.47 -3.92
C LYS H 467 -53.36 22.98 -3.82
N LYS H 468 -52.37 22.15 -3.53
CA LYS H 468 -52.63 20.72 -3.35
C LYS H 468 -53.56 20.49 -2.16
N LEU H 469 -54.29 19.38 -2.22
CA LEU H 469 -55.25 18.93 -1.21
C LEU H 469 -54.61 17.97 -0.21
N ASP H 470 -55.01 18.06 1.06
CA ASP H 470 -54.45 17.21 2.12
C ASP H 470 -55.53 16.32 2.69
N PRO H 471 -55.51 15.03 2.42
CA PRO H 471 -56.63 14.17 2.85
C PRO H 471 -56.69 13.93 4.35
N ARG H 472 -55.59 14.14 5.08
CA ARG H 472 -55.55 14.00 6.52
C ARG H 472 -56.32 15.09 7.24
N ARG H 473 -56.67 16.15 6.56
CA ARG H 473 -57.24 17.33 7.18
C ARG H 473 -58.73 17.37 6.86
N GLU H 474 -59.48 18.02 7.77
CA GLU H 474 -60.95 18.04 7.70
C GLU H 474 -61.47 19.18 6.82
N GLY H 475 -61.22 20.42 7.23
CA GLY H 475 -61.66 21.58 6.47
C GLY H 475 -60.77 22.81 6.64
C10 Q9A I . -21.12 -8.45 -16.59
N12 Q9A I . -19.35 -7.22 -15.94
C13 Q9A I . -20.19 -6.41 -17.04
C17 Q9A I . -18.04 -5.50 -12.62
C20 Q9A I . -16.50 -3.00 -10.07
C01 Q9A I . -21.10 -1.57 -23.80
C02 Q9A I . -21.06 -2.88 -23.01
C04 Q9A I . -20.92 -4.14 -20.94
C07 Q9A I . -21.22 -6.23 -19.54
C09 Q9A I . -21.32 -7.09 -17.21
C11 Q9A I . -19.65 -8.47 -16.08
C14 Q9A I . -18.79 -6.62 -14.77
C19 Q9A I . -16.89 -3.72 -11.36
N03 Q9A I . -20.97 -2.86 -21.59
N05 Q9A I . -20.12 -5.19 -21.26
N06 Q9A I . -20.27 -6.30 -20.50
N08 Q9A I . -21.58 -7.26 -18.60
N15 Q9A I . -17.49 -6.33 -14.68
N16 Q9A I . -17.10 -5.74 -13.53
N18 Q9A I . -17.75 -4.87 -11.36
O21 Q9A I . -16.46 -3.28 -12.40
O24 Q9A I . -21.10 -3.96 -23.59
S22 Q9A I . -19.54 -6.09 -13.31
S23 Q9A I . -21.90 -4.65 -19.62
C10 Q9A J . 13.43 -16.06 17.85
N12 Q9A J . 13.28 -13.96 17.04
C13 Q9A J . 14.66 -14.14 17.83
C17 Q9A J . 12.92 -12.60 13.30
C20 Q9A J . 12.09 -9.71 10.91
C01 Q9A J . 17.47 -9.69 24.51
C02 Q9A J . 17.31 -10.65 23.32
C04 Q9A J . 16.01 -12.47 22.20
C07 Q9A J . 15.26 -14.26 20.56
C09 Q9A J . 14.68 -15.36 18.37
C11 Q9A J . 12.47 -14.88 17.51
C14 Q9A J . 13.28 -13.54 15.65
C19 Q9A J . 12.51 -10.52 12.13
N03 Q9A J . 16.20 -11.54 23.28
N05 Q9A J . 16.84 -12.71 21.17
N06 Q9A J . 16.44 -13.67 20.30
N08 Q9A J . 14.62 -15.30 19.80
N15 Q9A J . 14.21 -13.85 14.72
N16 Q9A J . 14.02 -13.35 13.48
N18 Q9A J . 12.50 -11.95 12.09
O21 Q9A J . 12.84 -9.96 13.15
O24 Q9A J . 18.13 -10.65 22.43
S22 Q9A J . 12.12 -12.57 14.84
S23 Q9A J . 14.66 -13.56 22.03
C10 Q9A K . 20.50 8.70 16.57
N12 Q9A K . 21.21 6.58 17.07
C13 Q9A K . 20.84 6.80 15.52
C17 Q9A K . 23.78 4.22 18.96
C20 Q9A K . 25.14 1.34 21.26
C01 Q9A K . 12.27 3.64 13.95
C02 Q9A K . 13.70 4.12 14.14
C04 Q9A K . 15.40 5.73 14.89
C07 Q9A K . 17.68 6.57 15.64
C09 Q9A K . 19.89 7.72 15.60
C11 Q9A K . 20.94 7.70 17.69
C14 Q9A K . 22.24 5.70 17.54
C19 Q9A K . 24.38 2.05 20.15
N03 Q9A K . 14.02 5.38 14.74
N05 Q9A K . 16.45 5.47 14.06
N06 Q9A K . 17.67 5.92 14.46
N08 Q9A K . 18.80 7.14 16.32
N15 Q9A K . 23.27 5.14 16.90
N16 Q9A K . 24.09 4.36 17.65
N18 Q9A K . 24.47 3.48 20.00
O21 Q9A K . 23.70 1.44 19.37
O24 Q9A K . 14.61 3.40 13.76
S22 Q9A K . 22.35 5.19 19.17
S23 Q9A K . 16.06 6.57 16.23
C10 Q9A L . -14.00 16.30 -18.76
N12 Q9A L . -13.43 14.39 -17.59
C13 Q9A L . -13.96 14.12 -19.08
C17 Q9A L . -10.92 11.74 -16.10
C20 Q9A L . -8.92 8.63 -15.08
C01 Q9A L . -21.64 11.10 -21.99
C02 Q9A L . -20.69 11.79 -21.02
C04 Q9A L . -18.90 13.37 -20.45
C07 Q9A L . -17.10 14.40 -18.98
C09 Q9A L . -14.80 15.12 -19.27
C11 Q9A L . -13.30 15.70 -17.49
C14 Q9A L . -12.61 13.44 -16.90
C19 Q9A L . -10.09 9.57 -15.31
N03 Q9A L . -19.75 12.77 -21.44
N05 Q9A L . -19.31 13.83 -19.24
N06 Q9A L . -18.34 14.37 -18.46
N08 Q9A L . -15.90 14.91 -18.40
N15 Q9A L . -12.84 12.89 -15.69
N16 Q9A L . -11.94 11.99 -15.27
N18 Q9A L . -9.84 10.83 -15.89
O21 Q9A L . -11.22 9.27 -15.01
O24 Q9A L . -20.73 11.51 -19.86
S22 Q9A L . -11.16 12.73 -17.49
S23 Q9A L . -17.20 13.68 -20.55
#